data_9J5U
#
_entry.id   9J5U
#
_cell.length_a   1.00
_cell.length_b   1.00
_cell.length_c   1.00
_cell.angle_alpha   90.00
_cell.angle_beta   90.00
_cell.angle_gamma   90.00
#
_symmetry.space_group_name_H-M   'P 1'
#
loop_
_entity.id
_entity.type
_entity.pdbx_description
1 polymer 'Spike glycoprotein'
2 branched beta-D-mannopyranose-(1-4)-2-acetamido-2-deoxy-beta-D-glucopyranose-(1-4)-2-acetamido-2-deoxy-beta-D-glucopyranose
3 branched alpha-D-mannopyranose-(1-3)-beta-D-mannopyranose-(1-4)-2-acetamido-2-deoxy-beta-D-glucopyranose-(1-4)-2-acetamido-2-deoxy-beta-D-glucopyranose
4 branched alpha-D-mannopyranose-(1-6)-beta-D-mannopyranose-(1-4)-2-acetamido-2-deoxy-beta-D-glucopyranose-(1-4)-2-acetamido-2-deoxy-beta-D-glucopyranose
5 branched 2-acetamido-2-deoxy-beta-D-glucopyranose-(1-4)-2-acetamido-2-deoxy-beta-D-glucopyranose
6 branched beta-D-mannopyranose-(1-4)-2-acetamido-2-deoxy-beta-D-glucopyranose
7 non-polymer 2-acetamido-2-deoxy-beta-D-glucopyranose
8 non-polymer 'BILIVERDINE IX ALPHA'
9 non-polymer 'LINOLEIC ACID'
#
_entity_poly.entity_id   1
_entity_poly.type   'polypeptide(L)'
_entity_poly.pdbx_seq_one_letter_code
;GAQDGCATLSTKLTPTQLQVNSTRRGFYYFDDIYRSSLRVLVPGYFLPFGTNITRYQAQVINWTAIFFDNPVIPFNDGVY
FAALEHSNVVRGWIFGTTLDNTTQSAIVVNNATHILISVCYFNVCKEPMFAVSNFKPYKSWVYDRANNCTFNRAYPLNIS
TTPEPGKFKALREQVFRYQDGFLYIYHSYESINSDTLPPGFSVLKPMLKLPLGLNITRFRVVMAMHSLTTSNFNTHSVNY
FVGHLKPLTMLVEFSPNGTIIDAIDCSQDPLSELKCTTKSFSVEKGIYQTSNFRVSPSLDVVRFPNMTNICPFDQVFNKT
QFPSVYAWERVRISDCVSDYTVLYNSSASFSTFKCYGVSPTKLNDLCFSGVYADYFVVKGDHVHQIAPGQTGVIADYNYK
LPSEFVGCILAWNTRTIDSKRGFYYRLFRHGNIRPYERDTSNVPYNAAGGTCNQPGTHNCYEPLQDYGFTSTSGVGYQPF
RVVVLSFELLNAPATVCGPKQSTDLVKNKCVNFNFNGLTGTGVLTDSNKKFQPFQQFGRDSADFTDSVKDPKTLEILDIT
PCSYGGVSVITPGTNTSDSVAVLYQDVNCTDVPTMLHMDQVSNDWRVYAVNTDGNMFQTQAGCLVGATYDNTSYECDIPV
GAGVCAKFQTTTRAKQSSILAYTMSLGEDSNVAYSNNSIAIPTNFTISVTTEVLPVSMTKTAVDCNMYICGDSTECSSLL
LQYGSFCQQLNRALAGVSVEQDKNTQDVFAQVKSIYKVSAIKDFGGFNFSQILPDPAKPSKRSPIEDLLYNKVTLADPGF
MKQYGDCLGGVNARDLICAQKFNGLTVLPPLLTDDMIAAYTSALVSGTALSGFTFGAGPALQIPFPMQMAYRFNGIGVTQ
NVLYENQKQIANQFNKAISQIQESLTTTPTALGKLQDVINQNAIALNTLVKQLSSNFGAISSVLNDILSRLDPPEAEVQI
DRLITGRLQSLQTYVTQQLIRAADIRASANLAATKMSECVLGQSKRVDFCGKGYHLMSFPQAAPHGVVFLHVTYVPSQDK
NFTTAPAICHKGKAYFPREGVFVTNGTHWFVTQRNFYQPEVITTENTFESGNCDVVIGIVNNTVYDPLQPELESFKEELD
KYFKNHTSPDVDFDDISGINASVVDIKKEIEHLNEIAKSLNESLIDLQELGKYEQYIKWPWGGGSGGGSGYIPEAPRDGQ
AYVRKDGEWVLLSTFLGGGSAWSHPQFEK
;
_entity_poly.pdbx_strand_id   A,B,C
#
# COMPACT_ATOMS: atom_id res chain seq x y z
N GLN A 3 -32.60 -33.76 49.43
CA GLN A 3 -33.53 -34.74 48.86
C GLN A 3 -34.46 -35.32 49.93
N ASP A 4 -34.18 -35.00 51.19
CA ASP A 4 -34.99 -35.51 52.29
C ASP A 4 -36.31 -34.75 52.40
N GLY A 5 -36.24 -33.43 52.45
CA GLY A 5 -37.41 -32.62 52.17
C GLY A 5 -38.10 -31.96 53.34
N CYS A 6 -38.74 -30.82 53.06
CA CYS A 6 -39.59 -30.09 54.00
C CYS A 6 -38.79 -29.42 55.10
N ALA A 7 -39.18 -28.17 55.42
CA ALA A 7 -38.84 -27.46 56.66
C ALA A 7 -39.51 -26.08 56.68
N THR A 8 -39.85 -25.58 57.87
CA THR A 8 -40.74 -24.39 58.00
C THR A 8 -40.19 -23.42 59.04
N LEU A 9 -40.22 -22.12 58.72
CA LEU A 9 -39.62 -21.08 59.60
C LEU A 9 -40.57 -19.88 59.71
N SER A 10 -41.12 -19.67 60.90
CA SER A 10 -42.11 -18.58 61.14
C SER A 10 -41.40 -17.37 61.74
N THR A 11 -40.26 -17.62 62.39
CA THR A 11 -39.51 -16.56 63.13
C THR A 11 -38.97 -15.51 62.16
N LYS A 12 -39.25 -15.65 60.86
CA LYS A 12 -38.56 -14.87 59.81
C LYS A 12 -38.90 -13.38 59.92
N LEU A 13 -38.16 -12.54 59.21
CA LEU A 13 -38.41 -11.07 59.17
C LEU A 13 -38.02 -10.53 57.80
N THR A 14 -38.39 -9.28 57.52
CA THR A 14 -38.13 -8.68 56.18
C THR A 14 -36.62 -8.47 56.01
N PRO A 15 -36.05 -8.83 54.85
CA PRO A 15 -34.70 -8.41 54.47
C PRO A 15 -34.49 -6.90 54.53
N THR A 16 -33.28 -6.48 54.86
CA THR A 16 -32.96 -5.07 55.06
C THR A 16 -32.47 -4.42 53.77
N GLN A 17 -31.70 -5.16 52.97
CA GLN A 17 -31.25 -4.71 51.65
C GLN A 17 -30.33 -3.50 51.74
N LEU A 18 -29.22 -3.63 52.47
CA LEU A 18 -28.30 -2.52 52.61
C LEU A 18 -27.55 -2.28 51.30
N GLN A 19 -26.89 -1.12 51.19
CA GLN A 19 -26.07 -0.81 50.04
C GLN A 19 -24.66 -0.40 50.47
N VAL A 20 -23.66 -0.87 49.72
CA VAL A 20 -22.26 -0.71 50.09
C VAL A 20 -21.47 -0.37 48.82
N ASN A 21 -20.33 0.27 48.98
CA ASN A 21 -19.37 0.59 47.89
C ASN A 21 -18.62 -0.69 47.49
N SER A 22 -18.23 -0.77 46.22
CA SER A 22 -17.62 -1.95 45.61
C SER A 22 -16.13 -1.79 45.39
N THR A 23 -15.58 -0.61 45.70
CA THR A 23 -14.16 -0.29 45.52
C THR A 23 -13.66 -0.68 44.13
N ARG A 24 -12.68 -1.59 44.08
CA ARG A 24 -12.08 -2.02 42.82
C ARG A 24 -12.05 -3.55 42.75
N ARG A 25 -13.14 -4.20 43.12
CA ARG A 25 -13.20 -5.65 43.11
C ARG A 25 -13.99 -6.15 41.91
N GLY A 26 -13.80 -7.42 41.58
CA GLY A 26 -14.62 -8.08 40.59
C GLY A 26 -14.03 -8.14 39.19
N PHE A 27 -12.75 -8.46 39.10
CA PHE A 27 -12.08 -8.65 37.82
C PHE A 27 -11.59 -10.09 37.73
N TYR A 28 -11.53 -10.61 36.51
CA TYR A 28 -11.25 -12.03 36.30
C TYR A 28 -10.46 -12.22 35.01
N TYR A 29 -9.94 -13.43 34.85
CA TYR A 29 -9.19 -13.78 33.64
C TYR A 29 -10.20 -14.12 32.54
N PHE A 30 -10.23 -13.28 31.50
CA PHE A 30 -11.29 -13.34 30.51
C PHE A 30 -10.98 -14.24 29.32
N ASP A 31 -9.77 -14.76 29.24
CA ASP A 31 -9.41 -15.61 28.09
C ASP A 31 -8.47 -16.71 28.54
N ASP A 32 -8.01 -17.54 27.61
CA ASP A 32 -7.08 -18.62 27.90
C ASP A 32 -5.76 -18.46 27.17
N ILE A 33 -5.37 -17.22 26.85
CA ILE A 33 -4.13 -16.96 26.14
C ILE A 33 -3.09 -16.45 27.14
N TYR A 34 -1.94 -17.12 27.17
CA TYR A 34 -0.84 -16.71 28.04
C TYR A 34 -0.13 -15.51 27.42
N ARG A 35 0.11 -14.48 28.23
CA ARG A 35 0.74 -13.25 27.78
C ARG A 35 1.90 -12.91 28.70
N SER A 36 2.86 -12.16 28.19
CA SER A 36 4.04 -11.79 28.96
C SER A 36 4.45 -10.36 28.58
N SER A 37 4.41 -9.46 29.56
CA SER A 37 4.87 -8.09 29.40
C SER A 37 4.17 -7.39 28.24
N LEU A 38 2.84 -7.37 28.25
CA LEU A 38 2.10 -6.78 27.16
C LEU A 38 0.93 -5.99 27.77
N ARG A 39 0.54 -4.93 27.08
CA ARG A 39 -0.55 -4.08 27.51
C ARG A 39 -1.65 -4.08 26.45
N VAL A 40 -2.87 -4.43 26.86
CA VAL A 40 -3.93 -4.77 25.91
C VAL A 40 -5.17 -3.95 26.21
N LEU A 41 -6.00 -3.78 25.18
CA LEU A 41 -7.32 -3.17 25.28
C LEU A 41 -8.37 -4.24 25.02
N VAL A 42 -9.26 -4.44 25.99
CA VAL A 42 -10.23 -5.53 25.89
C VAL A 42 -11.66 -5.04 26.10
N PRO A 43 -12.59 -5.38 25.21
CA PRO A 43 -14.01 -5.14 25.49
C PRO A 43 -14.66 -6.36 26.13
N GLY A 44 -15.71 -6.15 26.92
CA GLY A 44 -16.34 -7.28 27.56
C GLY A 44 -17.40 -6.84 28.55
N TYR A 45 -17.70 -7.73 29.49
CA TYR A 45 -18.66 -7.47 30.55
C TYR A 45 -17.92 -7.47 31.88
N PHE A 46 -17.96 -6.34 32.58
CA PHE A 46 -17.26 -6.18 33.84
C PHE A 46 -18.09 -5.34 34.80
N LEU A 47 -17.76 -5.44 36.08
CA LEU A 47 -18.42 -4.67 37.13
C LEU A 47 -17.71 -3.35 37.31
N PRO A 48 -18.37 -2.20 37.09
CA PRO A 48 -17.67 -0.92 37.10
C PRO A 48 -17.15 -0.56 38.49
N PHE A 49 -16.06 0.21 38.49
CA PHE A 49 -15.43 0.60 39.74
C PHE A 49 -16.21 1.73 40.42
N GLY A 50 -16.48 1.54 41.71
CA GLY A 50 -17.12 2.57 42.51
C GLY A 50 -18.63 2.49 42.58
N THR A 51 -19.23 1.52 41.90
CA THR A 51 -20.68 1.39 41.87
C THR A 51 -21.21 0.93 43.23
N ASN A 52 -22.52 1.03 43.40
CA ASN A 52 -23.12 0.48 44.63
C ASN A 52 -23.43 -0.97 44.38
N ILE A 53 -23.44 -1.72 45.46
CA ILE A 53 -23.91 -3.10 45.40
C ILE A 53 -24.66 -3.44 46.68
N THR A 54 -25.39 -4.56 46.69
CA THR A 54 -26.38 -4.80 47.73
C THR A 54 -25.90 -5.83 48.74
N ARG A 55 -26.35 -5.68 49.98
CA ARG A 55 -25.90 -6.49 51.10
C ARG A 55 -27.08 -7.07 51.86
N TYR A 56 -26.93 -8.34 52.25
CA TYR A 56 -27.89 -9.05 53.08
C TYR A 56 -27.15 -9.79 54.19
N GLN A 57 -27.87 -10.08 55.29
CA GLN A 57 -27.27 -10.63 56.50
C GLN A 57 -28.12 -11.79 57.02
N ALA A 58 -27.58 -12.50 58.01
CA ALA A 58 -28.32 -13.54 58.70
C ALA A 58 -27.81 -13.80 60.10
N GLN A 59 -28.66 -13.58 61.12
CA GLN A 59 -28.33 -13.84 62.51
C GLN A 59 -29.59 -13.75 63.37
N VAL A 60 -29.54 -14.38 64.55
CA VAL A 60 -30.60 -14.28 65.55
C VAL A 60 -30.37 -13.01 66.37
N ILE A 61 -31.32 -12.08 66.37
CA ILE A 61 -31.01 -10.80 66.99
C ILE A 61 -31.11 -10.92 68.50
N ASN A 62 -32.33 -11.24 68.94
CA ASN A 62 -32.51 -11.50 70.39
C ASN A 62 -33.91 -12.02 70.72
N TRP A 63 -34.94 -11.69 69.95
CA TRP A 63 -36.27 -12.02 70.43
C TRP A 63 -36.72 -13.41 70.04
N THR A 64 -36.04 -14.45 70.53
CA THR A 64 -36.41 -15.85 70.31
C THR A 64 -36.81 -16.11 68.87
N ALA A 65 -36.09 -15.53 67.92
CA ALA A 65 -36.50 -15.57 66.52
C ALA A 65 -35.32 -15.31 65.60
N ILE A 66 -35.32 -15.95 64.43
CA ILE A 66 -34.21 -15.75 63.45
C ILE A 66 -34.75 -15.17 62.15
N PHE A 67 -34.12 -14.13 61.62
CA PHE A 67 -34.55 -13.56 60.32
C PHE A 67 -33.48 -13.78 59.23
N PHE A 68 -33.75 -14.63 58.20
CA PHE A 68 -32.79 -14.88 57.07
C PHE A 68 -33.02 -13.83 55.97
N ASP A 69 -32.33 -13.98 54.85
CA ASP A 69 -32.51 -13.04 53.70
C ASP A 69 -32.19 -13.76 52.37
N ASN A 70 -33.16 -14.50 51.81
CA ASN A 70 -33.03 -15.25 50.55
C ASN A 70 -34.12 -14.86 49.56
N PRO A 71 -34.05 -13.65 49.02
CA PRO A 71 -35.00 -13.29 47.95
C PRO A 71 -34.62 -13.89 46.61
N VAL A 72 -35.34 -13.50 45.55
CA VAL A 72 -35.07 -13.95 44.19
C VAL A 72 -34.48 -12.78 43.42
N ILE A 73 -33.30 -12.99 42.81
CA ILE A 73 -32.60 -11.87 42.14
C ILE A 73 -32.51 -12.12 40.64
N PRO A 74 -32.48 -11.07 39.81
CA PRO A 74 -32.29 -11.23 38.38
C PRO A 74 -30.86 -11.64 38.03
N PHE A 75 -30.66 -12.38 36.94
CA PHE A 75 -29.32 -12.76 36.46
C PHE A 75 -29.19 -12.24 35.05
N ASN A 76 -28.88 -10.97 34.89
CA ASN A 76 -28.79 -10.37 33.55
C ASN A 76 -27.33 -10.17 33.16
N ASP A 77 -26.88 -10.79 32.08
CA ASP A 77 -25.49 -10.59 31.58
C ASP A 77 -24.40 -11.06 32.56
N GLY A 78 -24.74 -11.51 33.76
CA GLY A 78 -23.74 -12.03 34.71
C GLY A 78 -23.80 -11.45 36.10
N VAL A 79 -23.23 -12.12 37.08
CA VAL A 79 -23.31 -11.67 38.49
C VAL A 79 -21.97 -11.78 39.23
N TYR A 80 -21.67 -10.82 40.09
CA TYR A 80 -20.58 -10.80 41.06
C TYR A 80 -21.14 -11.08 42.44
N PHE A 81 -20.56 -12.07 43.13
CA PHE A 81 -21.02 -12.52 44.43
C PHE A 81 -19.88 -12.42 45.43
N ALA A 82 -20.19 -12.03 46.67
CA ALA A 82 -19.21 -12.02 47.74
C ALA A 82 -19.85 -12.51 49.03
N ALA A 83 -19.04 -13.08 49.91
CA ALA A 83 -19.53 -13.59 51.19
C ALA A 83 -18.47 -13.46 52.26
N LEU A 84 -18.86 -12.89 53.41
CA LEU A 84 -18.05 -12.86 54.63
C LEU A 84 -18.66 -13.82 55.64
N GLU A 85 -17.84 -14.79 56.07
CA GLU A 85 -18.32 -15.83 56.97
C GLU A 85 -17.18 -16.45 57.75
N HIS A 86 -17.56 -17.19 58.80
CA HIS A 86 -16.61 -17.82 59.70
C HIS A 86 -16.99 -19.22 60.14
N SER A 87 -18.11 -19.80 59.68
CA SER A 87 -18.51 -21.12 60.13
C SER A 87 -19.04 -22.00 59.00
N ASN A 88 -18.56 -21.82 57.78
CA ASN A 88 -19.01 -22.60 56.63
C ASN A 88 -20.52 -22.46 56.46
N VAL A 89 -20.98 -21.26 56.12
CA VAL A 89 -22.40 -20.97 56.10
C VAL A 89 -23.09 -21.16 54.76
N VAL A 90 -22.67 -20.41 53.73
CA VAL A 90 -23.39 -20.33 52.45
C VAL A 90 -22.99 -21.52 51.60
N ARG A 91 -23.83 -22.55 51.56
CA ARG A 91 -23.59 -23.72 50.72
C ARG A 91 -24.54 -23.73 49.52
N GLY A 92 -24.18 -23.00 48.48
CA GLY A 92 -24.73 -23.24 47.15
C GLY A 92 -25.68 -22.16 46.67
N TRP A 93 -26.29 -22.43 45.52
CA TRP A 93 -27.18 -21.52 44.82
C TRP A 93 -28.18 -22.36 44.03
N ILE A 94 -29.19 -21.69 43.48
CA ILE A 94 -30.17 -22.34 42.60
C ILE A 94 -30.38 -21.46 41.37
N PHE A 95 -30.19 -22.03 40.19
CA PHE A 95 -30.31 -21.29 38.94
C PHE A 95 -31.49 -21.85 38.13
N GLY A 96 -32.24 -20.97 37.48
CA GLY A 96 -33.39 -21.39 36.72
C GLY A 96 -34.24 -20.26 36.15
N THR A 97 -35.50 -20.54 35.84
CA THR A 97 -36.41 -19.56 35.28
C THR A 97 -37.64 -19.32 36.15
N THR A 98 -38.39 -20.38 36.48
CA THR A 98 -39.55 -20.26 37.34
C THR A 98 -39.33 -20.86 38.72
N LEU A 99 -38.27 -21.64 38.91
CA LEU A 99 -37.88 -22.19 40.20
C LEU A 99 -38.94 -23.10 40.80
N ASP A 100 -39.77 -23.71 39.96
CA ASP A 100 -40.75 -24.68 40.43
C ASP A 100 -40.68 -25.94 39.58
N ASN A 101 -41.68 -26.82 39.68
CA ASN A 101 -41.60 -28.18 39.11
C ASN A 101 -42.04 -28.21 37.65
N THR A 102 -42.21 -27.04 37.04
CA THR A 102 -42.63 -26.99 35.66
C THR A 102 -41.48 -26.70 34.70
N THR A 103 -40.28 -26.43 35.22
CA THR A 103 -39.13 -26.13 34.39
C THR A 103 -37.88 -26.73 35.04
N GLN A 104 -36.87 -26.98 34.21
CA GLN A 104 -35.61 -27.52 34.70
C GLN A 104 -34.88 -26.49 35.54
N SER A 105 -34.09 -26.99 36.49
CA SER A 105 -33.32 -26.14 37.38
C SER A 105 -31.97 -26.80 37.68
N ALA A 106 -31.03 -25.95 38.10
CA ALA A 106 -29.65 -26.35 38.38
C ALA A 106 -29.29 -25.99 39.80
N ILE A 107 -28.69 -26.93 40.53
CA ILE A 107 -28.30 -26.75 41.92
C ILE A 107 -26.80 -26.99 42.03
N VAL A 108 -26.10 -26.03 42.64
CA VAL A 108 -24.69 -26.13 42.98
C VAL A 108 -24.58 -25.96 44.49
N VAL A 109 -24.20 -27.02 45.20
CA VAL A 109 -24.19 -27.00 46.66
C VAL A 109 -23.00 -27.77 47.19
N ASN A 110 -22.88 -27.79 48.52
CA ASN A 110 -21.83 -28.52 49.23
C ASN A 110 -22.46 -29.38 50.32
N ASN A 111 -22.03 -30.61 50.46
CA ASN A 111 -22.61 -31.51 51.48
C ASN A 111 -21.53 -31.70 52.55
N ALA A 112 -20.70 -30.67 52.76
CA ALA A 112 -19.63 -30.71 53.75
C ALA A 112 -18.74 -31.93 53.50
N THR A 113 -19.06 -32.69 52.45
CA THR A 113 -18.19 -33.76 51.98
C THR A 113 -17.90 -33.69 50.49
N HIS A 114 -18.84 -33.26 49.65
CA HIS A 114 -18.61 -33.10 48.22
C HIS A 114 -19.29 -31.82 47.73
N ILE A 115 -18.84 -31.35 46.57
CA ILE A 115 -19.52 -30.28 45.84
C ILE A 115 -20.38 -30.94 44.77
N LEU A 116 -21.68 -30.64 44.83
CA LEU A 116 -22.63 -31.34 43.95
C LEU A 116 -23.28 -30.38 42.95
N ILE A 117 -23.38 -30.79 41.70
CA ILE A 117 -24.02 -30.00 40.62
C ILE A 117 -25.01 -30.91 39.90
N SER A 118 -26.31 -30.64 40.00
CA SER A 118 -27.37 -31.47 39.37
C SER A 118 -28.37 -30.61 38.56
N VAL A 119 -28.96 -31.16 37.48
CA VAL A 119 -30.00 -30.45 36.68
C VAL A 119 -31.21 -31.37 36.48
N CYS A 120 -32.38 -31.00 37.01
CA CYS A 120 -33.62 -31.81 36.90
C CYS A 120 -34.89 -31.00 37.15
N TYR A 121 -36.05 -31.66 37.12
CA TYR A 121 -37.35 -31.00 37.39
C TYR A 121 -37.54 -31.09 38.91
N PHE A 122 -37.06 -30.11 39.61
CA PHE A 122 -37.05 -29.98 41.06
C PHE A 122 -38.35 -29.40 41.60
N ASN A 123 -38.80 -29.95 42.73
CA ASN A 123 -39.83 -29.31 43.56
C ASN A 123 -39.11 -28.63 44.72
N VAL A 124 -38.95 -27.33 44.64
CA VAL A 124 -38.17 -26.58 45.63
C VAL A 124 -38.99 -26.44 46.89
N CYS A 125 -38.29 -26.38 48.03
CA CYS A 125 -38.95 -26.17 49.31
C CYS A 125 -39.11 -24.68 49.59
N LYS A 126 -39.89 -24.38 50.63
CA LYS A 126 -40.08 -22.99 51.03
C LYS A 126 -38.81 -22.41 51.61
N GLU A 127 -38.00 -23.22 52.30
CA GLU A 127 -36.73 -22.79 52.87
C GLU A 127 -35.67 -23.86 52.65
N PRO A 128 -34.74 -23.66 51.71
CA PRO A 128 -33.68 -24.65 51.49
C PRO A 128 -32.55 -24.51 52.50
N MET A 129 -32.24 -25.62 53.14
CA MET A 129 -31.08 -25.57 54.04
C MET A 129 -30.69 -26.98 54.41
N PHE A 130 -29.48 -27.13 54.91
CA PHE A 130 -29.00 -28.44 55.41
C PHE A 130 -29.30 -28.50 56.90
N ALA A 131 -28.87 -29.57 57.56
CA ALA A 131 -29.06 -29.72 59.01
C ALA A 131 -27.91 -30.56 59.56
N VAL A 132 -27.20 -30.03 60.55
CA VAL A 132 -26.11 -30.79 61.23
C VAL A 132 -26.57 -31.09 62.66
N SER A 133 -25.98 -32.11 63.27
CA SER A 133 -26.44 -32.59 64.60
C SER A 133 -25.53 -32.01 65.66
N ASN A 134 -25.70 -30.72 65.95
CA ASN A 134 -24.71 -29.94 66.73
C ASN A 134 -23.44 -29.80 65.90
N PHE A 135 -22.82 -30.94 65.58
CA PHE A 135 -21.51 -30.94 64.88
C PHE A 135 -21.42 -32.20 64.01
N LYS A 136 -22.56 -32.66 63.52
CA LYS A 136 -22.63 -33.88 62.68
C LYS A 136 -23.64 -33.67 61.55
N PRO A 137 -23.19 -33.44 60.30
CA PRO A 137 -24.08 -33.45 59.14
C PRO A 137 -25.29 -34.38 59.37
N TYR A 138 -26.45 -33.78 59.64
CA TYR A 138 -27.66 -34.57 59.98
C TYR A 138 -28.45 -34.86 58.69
N LYS A 139 -29.39 -33.98 58.35
CA LYS A 139 -30.24 -34.18 57.15
C LYS A 139 -30.11 -32.97 56.22
N SER A 140 -30.71 -33.06 55.04
CA SER A 140 -30.71 -31.92 54.11
C SER A 140 -32.12 -31.69 53.57
N TRP A 141 -32.64 -30.47 53.75
CA TRP A 141 -33.98 -30.13 53.31
C TRP A 141 -33.89 -29.00 52.29
N VAL A 142 -33.66 -29.37 51.03
CA VAL A 142 -33.53 -28.39 49.96
C VAL A 142 -34.64 -28.60 48.93
N TYR A 143 -34.98 -29.86 48.67
CA TYR A 143 -36.10 -30.21 47.81
C TYR A 143 -36.64 -31.55 48.26
N ASP A 144 -37.87 -31.85 47.87
CA ASP A 144 -38.48 -33.13 48.23
C ASP A 144 -38.59 -34.11 47.09
N ARG A 145 -38.69 -33.63 45.84
CA ARG A 145 -38.82 -34.52 44.69
C ARG A 145 -38.05 -33.96 43.51
N ALA A 146 -37.40 -34.86 42.79
CA ALA A 146 -36.62 -34.52 41.61
C ALA A 146 -36.81 -35.60 40.56
N ASN A 147 -37.23 -35.22 39.36
CA ASN A 147 -37.49 -36.19 38.30
C ASN A 147 -37.02 -35.69 36.94
N ASN A 148 -36.95 -36.65 36.02
CA ASN A 148 -36.66 -36.46 34.58
C ASN A 148 -35.41 -35.60 34.48
N CYS A 149 -34.27 -36.21 34.71
CA CYS A 149 -33.14 -35.43 35.20
C CYS A 149 -31.91 -35.66 34.31
N THR A 150 -31.24 -34.56 33.95
CA THR A 150 -30.26 -34.57 32.87
C THR A 150 -28.81 -34.61 33.33
N PHE A 151 -28.41 -33.79 34.31
CA PHE A 151 -27.01 -33.64 34.65
C PHE A 151 -26.77 -33.99 36.11
N ASN A 152 -25.67 -34.69 36.37
CA ASN A 152 -25.26 -35.02 37.73
C ASN A 152 -23.75 -35.15 37.80
N ARG A 153 -23.13 -34.40 38.71
CA ARG A 153 -21.69 -34.52 38.91
C ARG A 153 -21.33 -34.10 40.34
N ALA A 154 -20.24 -34.67 40.85
CA ALA A 154 -19.78 -34.41 42.21
C ALA A 154 -18.26 -34.36 42.25
N TYR A 155 -17.73 -33.43 43.03
CA TYR A 155 -16.29 -33.36 43.29
C TYR A 155 -16.01 -33.50 44.78
N PRO A 156 -15.21 -34.47 45.21
CA PRO A 156 -15.01 -34.68 46.65
C PRO A 156 -14.26 -33.51 47.29
N LEU A 157 -14.85 -32.94 48.32
CA LEU A 157 -14.24 -31.81 49.03
C LEU A 157 -14.77 -31.82 50.45
N ASN A 158 -13.99 -32.36 51.38
CA ASN A 158 -14.42 -32.45 52.77
C ASN A 158 -14.06 -31.16 53.51
N ILE A 159 -15.05 -30.57 54.16
CA ILE A 159 -14.88 -29.32 54.89
C ILE A 159 -15.34 -29.53 56.33
N SER A 160 -14.79 -28.75 57.25
CA SER A 160 -15.04 -28.91 58.67
C SER A 160 -16.42 -28.39 59.06
N THR A 161 -17.07 -29.11 59.98
CA THR A 161 -18.43 -28.80 60.39
C THR A 161 -18.50 -28.37 61.85
N THR A 162 -17.37 -28.01 62.46
CA THR A 162 -17.36 -27.53 63.83
C THR A 162 -17.29 -26.01 63.85
N PRO A 163 -18.34 -25.32 64.28
CA PRO A 163 -18.35 -23.86 64.18
C PRO A 163 -17.35 -23.20 65.12
N GLU A 164 -16.88 -22.03 64.70
CA GLU A 164 -16.03 -21.16 65.53
C GLU A 164 -16.61 -19.75 65.48
N PRO A 165 -17.68 -19.50 66.24
CA PRO A 165 -18.31 -18.18 66.19
C PRO A 165 -17.44 -17.09 66.81
N GLY A 166 -17.80 -15.85 66.51
CA GLY A 166 -17.00 -14.72 66.92
C GLY A 166 -16.72 -13.75 65.79
N LYS A 167 -15.47 -13.64 65.40
CA LYS A 167 -15.03 -12.76 64.33
C LYS A 167 -15.13 -13.46 62.98
N PHE A 168 -15.05 -12.66 61.91
CA PHE A 168 -15.12 -13.17 60.54
C PHE A 168 -13.72 -13.59 60.10
N LYS A 169 -13.60 -14.82 59.60
CA LYS A 169 -12.32 -15.38 59.24
C LYS A 169 -12.16 -15.67 57.75
N ALA A 170 -13.20 -15.50 56.94
CA ALA A 170 -13.09 -15.86 55.54
C ALA A 170 -13.91 -14.94 54.66
N LEU A 171 -13.30 -14.51 53.55
CA LEU A 171 -13.96 -13.79 52.48
C LEU A 171 -13.83 -14.60 51.19
N ARG A 172 -14.97 -14.92 50.58
CA ARG A 172 -15.00 -15.70 49.34
C ARG A 172 -15.77 -14.95 48.28
N GLU A 173 -15.18 -14.84 47.08
CA GLU A 173 -15.73 -14.08 45.98
C GLU A 173 -15.88 -14.96 44.75
N GLN A 174 -16.97 -14.75 44.02
CA GLN A 174 -17.30 -15.56 42.86
C GLN A 174 -17.83 -14.68 41.73
N VAL A 175 -17.64 -15.14 40.50
CA VAL A 175 -18.23 -14.51 39.32
C VAL A 175 -18.89 -15.59 38.48
N PHE A 176 -20.15 -15.36 38.11
CA PHE A 176 -20.96 -16.30 37.33
C PHE A 176 -21.27 -15.71 35.97
N ARG A 177 -21.01 -16.48 34.92
CA ARG A 177 -21.30 -16.09 33.54
C ARG A 177 -21.96 -17.25 32.82
N TYR A 178 -22.73 -16.94 31.77
CA TYR A 178 -23.41 -17.97 30.99
C TYR A 178 -23.29 -17.64 29.51
N GLN A 179 -22.79 -18.60 28.72
CA GLN A 179 -22.62 -18.40 27.29
C GLN A 179 -22.59 -19.73 26.56
N ASP A 180 -23.42 -19.84 25.53
CA ASP A 180 -23.44 -20.98 24.60
C ASP A 180 -23.61 -22.31 25.34
N GLY A 181 -24.55 -22.32 26.29
CA GLY A 181 -24.83 -23.51 27.05
C GLY A 181 -23.84 -23.81 28.15
N PHE A 182 -22.85 -22.96 28.35
CA PHE A 182 -21.80 -23.20 29.34
C PHE A 182 -21.96 -22.22 30.49
N LEU A 183 -21.95 -22.74 31.72
CA LEU A 183 -21.89 -21.94 32.93
C LEU A 183 -20.44 -21.83 33.38
N TYR A 184 -19.96 -20.60 33.50
CA TYR A 184 -18.58 -20.30 33.89
C TYR A 184 -18.57 -19.80 35.33
N ILE A 185 -17.75 -20.42 36.17
CA ILE A 185 -17.59 -20.05 37.56
C ILE A 185 -16.13 -19.68 37.80
N TYR A 186 -15.89 -18.44 38.23
CA TYR A 186 -14.59 -17.96 38.64
C TYR A 186 -14.59 -17.70 40.14
N HIS A 187 -13.48 -18.02 40.81
CA HIS A 187 -13.44 -18.08 42.27
C HIS A 187 -12.19 -17.39 42.81
N SER A 188 -12.32 -16.83 44.01
CA SER A 188 -11.19 -16.34 44.77
C SER A 188 -11.53 -16.41 46.25
N TYR A 189 -10.52 -16.67 47.07
CA TYR A 189 -10.73 -16.92 48.49
C TYR A 189 -9.59 -16.33 49.30
N GLU A 190 -9.89 -15.81 50.48
CA GLU A 190 -8.83 -15.41 51.40
C GLU A 190 -9.33 -15.42 52.83
N SER A 191 -8.38 -15.47 53.75
CA SER A 191 -8.65 -15.44 55.18
C SER A 191 -8.22 -14.10 55.74
N ILE A 192 -9.17 -13.38 56.32
CA ILE A 192 -8.91 -12.08 56.94
C ILE A 192 -9.59 -12.05 58.30
N ASN A 193 -9.27 -11.05 59.09
CA ASN A 193 -9.83 -10.87 60.44
C ASN A 193 -10.38 -9.44 60.50
N SER A 194 -11.63 -9.29 60.06
CA SER A 194 -12.29 -7.99 60.01
C SER A 194 -13.78 -8.21 59.79
N ASP A 195 -14.55 -7.12 59.88
CA ASP A 195 -16.01 -7.19 59.79
C ASP A 195 -16.56 -6.27 58.71
N THR A 196 -15.75 -5.99 57.69
CA THR A 196 -16.22 -5.33 56.46
C THR A 196 -15.48 -5.91 55.27
N LEU A 197 -15.66 -5.35 54.08
CA LEU A 197 -14.93 -5.83 52.92
C LEU A 197 -13.77 -4.89 52.62
N PRO A 198 -12.53 -5.34 52.77
CA PRO A 198 -11.38 -4.45 52.58
C PRO A 198 -11.33 -3.89 51.17
N PRO A 199 -10.99 -2.62 51.01
CA PRO A 199 -10.73 -2.08 49.68
C PRO A 199 -9.51 -2.73 49.06
N GLY A 200 -9.53 -2.84 47.74
CA GLY A 200 -8.40 -3.44 47.06
C GLY A 200 -8.73 -3.83 45.64
N PHE A 201 -7.80 -4.55 45.04
CA PHE A 201 -7.87 -4.96 43.64
C PHE A 201 -7.53 -6.44 43.59
N SER A 202 -8.56 -7.27 43.38
CA SER A 202 -8.40 -8.72 43.34
C SER A 202 -8.87 -9.25 41.99
N VAL A 203 -8.13 -10.21 41.45
CA VAL A 203 -8.42 -10.81 40.15
C VAL A 203 -8.74 -12.28 40.37
N LEU A 204 -9.83 -12.74 39.78
CA LEU A 204 -10.38 -14.05 40.06
C LEU A 204 -10.01 -15.06 38.97
N LYS A 205 -9.53 -16.22 39.41
CA LYS A 205 -9.09 -17.31 38.55
C LYS A 205 -10.26 -18.16 38.07
N PRO A 206 -10.15 -18.77 36.90
CA PRO A 206 -11.18 -19.72 36.44
C PRO A 206 -11.27 -20.95 37.31
N MET A 207 -12.45 -21.52 37.51
CA MET A 207 -12.57 -22.79 38.27
C MET A 207 -13.39 -23.81 37.50
N LEU A 208 -14.53 -23.39 36.93
CA LEU A 208 -15.38 -24.42 36.34
C LEU A 208 -16.05 -23.92 35.07
N LYS A 209 -16.25 -24.86 34.14
CA LYS A 209 -16.93 -24.64 32.86
C LYS A 209 -17.85 -25.83 32.63
N LEU A 210 -19.16 -25.63 32.87
CA LEU A 210 -20.12 -26.73 32.93
C LEU A 210 -21.10 -26.68 31.78
N PRO A 211 -21.30 -27.79 31.06
CA PRO A 211 -22.33 -27.88 30.00
C PRO A 211 -23.72 -28.25 30.51
N LEU A 212 -24.49 -27.24 30.89
CA LEU A 212 -25.82 -27.45 31.46
C LEU A 212 -26.93 -27.39 30.43
N GLY A 213 -26.86 -26.47 29.47
CA GLY A 213 -27.86 -26.36 28.42
C GLY A 213 -29.25 -25.96 28.91
N LEU A 214 -29.34 -24.95 29.77
CA LEU A 214 -30.58 -24.59 30.44
C LEU A 214 -30.75 -23.07 30.38
N ASN A 215 -32.01 -22.61 30.25
CA ASN A 215 -32.38 -21.17 30.25
C ASN A 215 -32.28 -20.63 31.68
N ILE A 216 -31.41 -19.67 31.90
CA ILE A 216 -31.18 -19.06 33.21
C ILE A 216 -31.52 -17.58 33.13
N THR A 217 -32.43 -17.13 34.01
CA THR A 217 -32.71 -15.71 34.17
C THR A 217 -32.85 -15.29 35.63
N ARG A 218 -32.78 -16.21 36.58
CA ARG A 218 -33.02 -15.86 37.98
C ARG A 218 -32.31 -16.84 38.90
N PHE A 219 -31.89 -16.43 40.10
CA PHE A 219 -31.23 -17.28 41.08
C PHE A 219 -31.60 -16.84 42.48
N ARG A 220 -31.35 -17.74 43.44
CA ARG A 220 -31.51 -17.44 44.85
C ARG A 220 -30.46 -18.23 45.62
N VAL A 221 -30.22 -17.83 46.87
CA VAL A 221 -29.13 -18.33 47.68
C VAL A 221 -29.67 -19.36 48.66
N VAL A 222 -28.94 -20.47 48.82
CA VAL A 222 -29.27 -21.49 49.79
C VAL A 222 -28.45 -21.20 51.04
N MET A 223 -29.14 -20.99 52.17
CA MET A 223 -28.49 -20.75 53.46
C MET A 223 -28.75 -21.97 54.34
N ALA A 224 -27.79 -22.90 54.29
CA ALA A 224 -27.89 -24.16 55.01
C ALA A 224 -27.35 -24.00 56.43
N MET A 225 -27.41 -22.79 56.92
CA MET A 225 -26.72 -22.40 58.14
C MET A 225 -27.25 -23.20 59.33
N HIS A 226 -28.55 -23.49 59.35
CA HIS A 226 -29.14 -24.12 60.52
C HIS A 226 -28.59 -25.52 60.66
N SER A 227 -27.59 -25.71 61.52
CA SER A 227 -27.04 -27.05 61.66
C SER A 227 -26.52 -27.33 63.07
N LEU A 228 -26.55 -26.27 63.90
CA LEU A 228 -25.89 -26.34 65.24
C LEU A 228 -26.85 -26.45 66.43
N THR A 229 -27.65 -27.51 66.47
CA THR A 229 -28.47 -27.74 67.68
C THR A 229 -28.91 -29.18 67.69
N THR A 230 -29.84 -29.51 68.56
CA THR A 230 -30.44 -30.85 68.55
C THR A 230 -31.96 -30.77 68.44
N SER A 231 -32.50 -31.25 67.31
CA SER A 231 -33.93 -31.37 67.07
C SER A 231 -34.63 -30.02 66.95
N ASN A 232 -33.92 -28.91 67.16
CA ASN A 232 -34.63 -27.61 67.17
C ASN A 232 -34.10 -26.70 66.05
N PHE A 233 -32.78 -26.74 65.80
CA PHE A 233 -32.15 -26.23 64.56
C PHE A 233 -32.34 -24.72 64.44
N ASN A 234 -31.30 -23.97 64.79
CA ASN A 234 -31.27 -22.53 64.45
C ASN A 234 -29.89 -22.15 63.93
N THR A 235 -29.71 -20.86 63.67
CA THR A 235 -28.71 -20.28 62.75
C THR A 235 -27.57 -19.47 63.38
N HIS A 236 -26.37 -19.49 62.79
CA HIS A 236 -25.29 -18.58 63.24
C HIS A 236 -25.31 -17.38 62.28
N SER A 237 -24.38 -16.44 62.36
CA SER A 237 -24.42 -15.21 61.59
C SER A 237 -23.59 -15.32 60.30
N VAL A 238 -23.92 -14.49 59.31
CA VAL A 238 -23.19 -14.46 58.03
C VAL A 238 -23.60 -13.20 57.26
N ASN A 239 -22.75 -12.78 56.31
CA ASN A 239 -23.07 -11.66 55.44
C ASN A 239 -22.75 -11.99 53.99
N TYR A 240 -23.52 -11.42 53.05
CA TYR A 240 -23.19 -11.61 51.64
C TYR A 240 -23.64 -10.41 50.81
N PHE A 241 -23.01 -10.30 49.63
CA PHE A 241 -23.05 -9.13 48.76
C PHE A 241 -23.30 -9.56 47.32
N VAL A 242 -24.07 -8.75 46.58
CA VAL A 242 -24.44 -9.06 45.20
C VAL A 242 -24.27 -7.80 44.35
N GLY A 243 -23.75 -8.01 43.13
CA GLY A 243 -23.64 -6.93 42.16
C GLY A 243 -23.71 -7.49 40.74
N HIS A 244 -23.89 -6.60 39.78
CA HIS A 244 -24.15 -7.00 38.41
C HIS A 244 -22.98 -6.65 37.50
N LEU A 245 -23.16 -6.94 36.20
CA LEU A 245 -22.12 -6.73 35.21
C LEU A 245 -22.65 -5.88 34.07
N LYS A 246 -21.78 -5.08 33.47
CA LYS A 246 -22.17 -4.16 32.42
C LYS A 246 -21.13 -4.21 31.31
N PRO A 247 -21.53 -3.93 30.07
CA PRO A 247 -20.57 -3.93 28.96
C PRO A 247 -19.65 -2.70 29.03
N LEU A 248 -18.34 -2.96 28.98
CA LEU A 248 -17.34 -1.92 29.15
C LEU A 248 -16.11 -2.26 28.30
N THR A 249 -15.14 -1.36 28.32
CA THR A 249 -13.84 -1.55 27.70
C THR A 249 -12.76 -1.17 28.70
N MET A 250 -11.71 -1.99 28.80
CA MET A 250 -10.70 -1.84 29.83
C MET A 250 -9.32 -1.88 29.21
N LEU A 251 -8.37 -1.21 29.86
CA LEU A 251 -6.94 -1.33 29.55
C LEU A 251 -6.30 -2.18 30.64
N VAL A 252 -5.67 -3.28 30.22
CA VAL A 252 -5.13 -4.26 31.16
C VAL A 252 -3.64 -4.43 30.93
N GLU A 253 -2.90 -4.47 32.04
CA GLU A 253 -1.45 -4.61 32.02
C GLU A 253 -1.05 -5.88 32.76
N PHE A 254 -0.29 -6.72 32.06
CA PHE A 254 0.16 -8.02 32.52
C PHE A 254 1.59 -7.93 33.03
N SER A 255 2.11 -9.05 33.54
CA SER A 255 3.46 -9.15 34.07
C SER A 255 4.31 -10.06 33.19
N PRO A 256 5.63 -10.08 33.38
CA PRO A 256 6.45 -11.06 32.64
C PRO A 256 6.07 -12.51 32.91
N ASN A 257 5.54 -12.80 34.09
CA ASN A 257 5.15 -14.18 34.46
C ASN A 257 3.68 -14.43 34.13
N GLY A 258 3.02 -13.45 33.52
CA GLY A 258 1.68 -13.64 33.01
C GLY A 258 0.55 -13.35 33.98
N THR A 259 0.86 -12.61 35.04
CA THR A 259 -0.14 -12.26 36.06
C THR A 259 -0.71 -10.88 35.75
N ILE A 260 -2.02 -10.74 35.88
CA ILE A 260 -2.64 -9.43 35.68
C ILE A 260 -2.31 -8.57 36.89
N ILE A 261 -1.67 -7.42 36.67
CA ILE A 261 -1.33 -6.53 37.77
C ILE A 261 -1.93 -5.15 37.63
N ASP A 262 -2.56 -4.80 36.51
CA ASP A 262 -3.27 -3.52 36.53
C ASP A 262 -4.40 -3.51 35.51
N ALA A 263 -5.43 -2.71 35.80
CA ALA A 263 -6.55 -2.53 34.91
C ALA A 263 -7.21 -1.19 35.18
N ILE A 264 -7.57 -0.50 34.10
CA ILE A 264 -8.22 0.81 34.19
C ILE A 264 -9.43 0.83 33.27
N ASP A 265 -10.54 1.37 33.77
CA ASP A 265 -11.75 1.56 33.01
C ASP A 265 -11.55 2.73 32.04
N CYS A 266 -12.17 2.64 30.87
CA CYS A 266 -11.90 3.58 29.79
C CYS A 266 -12.87 4.75 29.77
N SER A 267 -14.00 4.64 30.45
CA SER A 267 -15.10 5.59 30.32
C SER A 267 -15.38 6.37 31.60
N GLN A 268 -14.44 6.36 32.55
CA GLN A 268 -14.72 6.96 33.85
C GLN A 268 -14.47 8.46 33.86
N ASP A 269 -13.32 8.92 33.36
CA ASP A 269 -12.98 10.33 33.42
C ASP A 269 -12.02 10.69 32.30
N PRO A 270 -11.76 11.98 32.04
CA PRO A 270 -10.86 12.35 30.93
C PRO A 270 -9.47 11.75 31.01
N LEU A 271 -8.89 11.63 32.20
CA LEU A 271 -7.56 11.05 32.31
C LEU A 271 -7.55 9.58 31.90
N SER A 272 -8.58 8.82 32.30
CA SER A 272 -8.68 7.44 31.87
C SER A 272 -8.81 7.31 30.36
N GLU A 273 -9.50 8.25 29.70
CA GLU A 273 -9.69 8.22 28.24
C GLU A 273 -8.37 8.49 27.57
N LEU A 274 -7.63 9.41 28.14
CA LEU A 274 -6.30 9.68 27.60
C LEU A 274 -5.39 8.47 27.71
N LYS A 275 -5.40 7.79 28.86
CA LYS A 275 -4.59 6.58 28.99
C LYS A 275 -5.04 5.50 28.02
N CYS A 276 -6.35 5.36 27.83
CA CYS A 276 -6.88 4.40 26.87
C CYS A 276 -6.46 4.72 25.45
N THR A 277 -6.47 5.99 25.06
CA THR A 277 -6.06 6.40 23.72
C THR A 277 -4.58 6.18 23.47
N THR A 278 -3.71 6.54 24.42
CA THR A 278 -2.27 6.37 24.22
C THR A 278 -1.77 4.98 24.56
N LYS A 279 -2.60 4.11 25.14
CA LYS A 279 -2.22 2.76 25.53
C LYS A 279 -1.02 2.72 26.45
N SER A 280 -1.08 3.47 27.55
CA SER A 280 -0.03 3.46 28.55
C SER A 280 -0.63 3.93 29.86
N PHE A 281 -0.06 3.48 30.97
CA PHE A 281 -0.52 3.89 32.28
C PHE A 281 0.17 5.14 32.79
N SER A 282 1.20 5.63 32.10
CA SER A 282 1.89 6.86 32.44
C SER A 282 1.91 7.77 31.23
N VAL A 283 1.56 9.04 31.43
CA VAL A 283 1.45 10.00 30.35
C VAL A 283 2.41 11.15 30.60
N GLU A 284 3.11 11.55 29.55
CA GLU A 284 4.02 12.68 29.62
C GLU A 284 3.25 14.00 29.48
N LYS A 285 3.96 15.11 29.69
CA LYS A 285 3.35 16.43 29.64
C LYS A 285 2.95 16.80 28.22
N GLY A 286 1.84 17.51 28.09
CA GLY A 286 1.44 18.04 26.81
C GLY A 286 -0.06 18.01 26.62
N ILE A 287 -0.47 18.27 25.38
CA ILE A 287 -1.87 18.29 24.97
C ILE A 287 -2.07 17.23 23.90
N TYR A 288 -3.10 16.39 24.08
CA TYR A 288 -3.32 15.26 23.20
C TYR A 288 -4.76 15.27 22.73
N GLN A 289 -5.00 14.58 21.62
CA GLN A 289 -6.31 14.42 21.01
C GLN A 289 -6.83 13.00 21.29
N THR A 290 -8.06 12.91 21.79
CA THR A 290 -8.58 11.67 22.30
C THR A 290 -9.77 11.18 21.47
N SER A 291 -9.98 9.87 21.52
CA SER A 291 -11.12 9.22 20.88
C SER A 291 -12.32 9.24 21.83
N ASN A 292 -13.44 8.71 21.33
CA ASN A 292 -14.70 8.76 22.09
C ASN A 292 -14.86 7.48 22.89
N PHE A 293 -14.83 7.59 24.22
CA PHE A 293 -15.20 6.51 25.11
C PHE A 293 -16.27 6.95 26.11
N ARG A 294 -16.84 8.14 25.94
CA ARG A 294 -17.76 8.72 26.91
C ARG A 294 -19.15 8.10 26.81
N VAL A 295 -19.80 8.29 25.66
CA VAL A 295 -21.20 7.95 25.48
C VAL A 295 -21.29 6.67 24.66
N SER A 296 -22.11 5.73 25.13
CA SER A 296 -22.46 4.53 24.40
C SER A 296 -23.98 4.41 24.36
N PRO A 297 -24.53 3.88 23.27
CA PRO A 297 -25.99 3.76 23.17
C PRO A 297 -26.52 2.66 24.06
N SER A 298 -27.69 2.90 24.65
CA SER A 298 -28.34 1.95 25.53
C SER A 298 -29.71 1.52 25.05
N LEU A 299 -30.44 2.39 24.37
CA LEU A 299 -31.82 2.15 24.00
C LEU A 299 -31.90 1.74 22.53
N ASP A 300 -32.92 0.93 22.20
CA ASP A 300 -33.14 0.45 20.84
C ASP A 300 -34.46 1.01 20.34
N VAL A 301 -34.41 1.65 19.17
CA VAL A 301 -35.59 2.21 18.52
C VAL A 301 -35.84 1.42 17.24
N VAL A 302 -37.01 0.83 17.11
CA VAL A 302 -37.36 0.02 15.95
C VAL A 302 -38.75 0.42 15.49
N ARG A 303 -38.88 0.81 14.22
CA ARG A 303 -40.18 1.16 13.67
C ARG A 303 -40.36 0.55 12.29
N PHE A 304 -41.50 -0.07 12.07
CA PHE A 304 -41.87 -0.83 10.89
C PHE A 304 -43.21 -0.34 10.39
N PRO A 305 -43.68 -0.82 9.23
CA PRO A 305 -45.02 -0.42 8.77
C PRO A 305 -46.16 -0.89 9.67
N ASN A 306 -47.37 -0.48 9.35
CA ASN A 306 -48.57 -0.70 10.21
C ASN A 306 -49.20 -2.07 9.88
N MET A 307 -48.86 -2.69 8.76
CA MET A 307 -49.59 -3.85 8.26
C MET A 307 -49.51 -5.01 9.25
N THR A 308 -50.52 -5.88 9.20
CA THR A 308 -50.59 -7.02 10.10
C THR A 308 -50.87 -8.36 9.41
N ASN A 309 -51.57 -8.37 8.27
CA ASN A 309 -51.95 -9.62 7.63
C ASN A 309 -50.74 -10.39 7.10
N ILE A 310 -50.86 -11.71 7.05
CA ILE A 310 -49.76 -12.62 6.73
C ILE A 310 -49.87 -13.01 5.26
N CYS A 311 -48.71 -13.22 4.62
CA CYS A 311 -48.66 -13.52 3.19
C CYS A 311 -49.33 -14.86 2.88
N PRO A 312 -49.83 -15.04 1.65
CA PRO A 312 -50.56 -16.27 1.29
C PRO A 312 -49.65 -17.47 1.11
N PHE A 313 -49.19 -18.02 2.23
CA PHE A 313 -48.37 -19.23 2.16
C PHE A 313 -49.20 -20.48 1.84
N ASP A 314 -50.50 -20.44 2.05
CA ASP A 314 -51.35 -21.60 1.83
C ASP A 314 -51.95 -21.65 0.43
N GLN A 315 -51.94 -20.54 -0.29
CA GLN A 315 -52.47 -20.49 -1.64
C GLN A 315 -51.41 -20.80 -2.69
N VAL A 316 -50.15 -20.48 -2.44
CA VAL A 316 -49.07 -20.82 -3.36
C VAL A 316 -48.47 -22.19 -3.08
N PHE A 317 -48.71 -22.77 -1.92
CA PHE A 317 -48.06 -24.01 -1.54
C PHE A 317 -49.00 -25.19 -1.42
N ASN A 318 -50.31 -25.00 -1.22
CA ASN A 318 -51.21 -26.18 -1.00
C ASN A 318 -52.41 -26.17 -1.93
N LYS A 319 -52.75 -25.04 -2.53
CA LYS A 319 -54.02 -25.01 -3.30
C LYS A 319 -53.82 -24.56 -4.75
N THR A 320 -52.69 -24.84 -5.39
CA THR A 320 -52.60 -24.40 -6.80
C THR A 320 -52.04 -25.55 -7.65
N GLN A 321 -52.76 -25.96 -8.73
CA GLN A 321 -52.25 -27.02 -9.63
C GLN A 321 -50.97 -26.48 -10.25
N PHE A 322 -49.86 -27.20 -10.09
CA PHE A 322 -48.58 -26.65 -10.60
C PHE A 322 -48.45 -27.05 -12.07
N PRO A 323 -47.96 -26.14 -12.93
CA PRO A 323 -47.80 -26.35 -14.38
C PRO A 323 -46.56 -27.14 -14.74
N SER A 324 -46.36 -27.38 -16.04
CA SER A 324 -45.15 -28.02 -16.53
C SER A 324 -44.00 -27.02 -16.57
N VAL A 325 -42.79 -27.55 -16.69
CA VAL A 325 -41.61 -26.69 -16.66
C VAL A 325 -41.50 -25.82 -17.90
N TYR A 326 -41.89 -26.31 -19.07
CA TYR A 326 -41.79 -25.49 -20.27
C TYR A 326 -42.77 -24.32 -20.22
N ALA A 327 -43.96 -24.53 -19.68
CA ALA A 327 -44.91 -23.46 -19.43
C ALA A 327 -44.95 -23.13 -17.94
N TRP A 328 -43.91 -22.47 -17.45
CA TRP A 328 -43.86 -22.12 -16.04
C TRP A 328 -44.63 -20.84 -15.78
N GLU A 329 -44.96 -20.61 -14.51
CA GLU A 329 -45.87 -19.54 -14.12
C GLU A 329 -45.25 -18.65 -13.04
N ARG A 330 -45.65 -17.38 -13.06
CA ARG A 330 -45.12 -16.34 -12.18
C ARG A 330 -46.26 -15.62 -11.47
N VAL A 331 -46.02 -15.23 -10.22
CA VAL A 331 -47.01 -14.50 -9.43
C VAL A 331 -46.29 -13.44 -8.61
N ARG A 332 -46.97 -12.30 -8.41
CA ARG A 332 -46.45 -11.20 -7.62
C ARG A 332 -47.05 -11.20 -6.22
N ILE A 333 -46.21 -10.97 -5.23
CA ILE A 333 -46.59 -10.94 -3.81
C ILE A 333 -46.45 -9.52 -3.31
N SER A 334 -47.51 -9.00 -2.69
CA SER A 334 -47.50 -7.60 -2.26
C SER A 334 -48.36 -7.41 -1.02
N ASP A 335 -47.95 -6.47 -0.17
CA ASP A 335 -48.69 -6.00 1.00
C ASP A 335 -49.00 -7.10 2.01
N CYS A 336 -47.98 -7.63 2.67
CA CYS A 336 -48.18 -8.68 3.66
C CYS A 336 -46.94 -8.83 4.53
N VAL A 337 -47.11 -9.53 5.66
CA VAL A 337 -46.02 -9.84 6.58
C VAL A 337 -45.55 -11.27 6.33
N SER A 338 -44.24 -11.48 6.37
CA SER A 338 -43.62 -12.75 6.02
C SER A 338 -43.32 -13.55 7.29
N ASP A 339 -44.34 -14.25 7.79
CA ASP A 339 -44.20 -15.16 8.91
C ASP A 339 -44.22 -16.59 8.38
N TYR A 340 -43.05 -17.14 8.06
CA TYR A 340 -43.00 -18.43 7.40
C TYR A 340 -43.12 -19.60 8.37
N THR A 341 -43.21 -19.34 9.67
CA THR A 341 -43.45 -20.40 10.64
C THR A 341 -44.81 -21.08 10.45
N VAL A 342 -45.71 -20.47 9.68
CA VAL A 342 -46.97 -21.12 9.33
C VAL A 342 -46.77 -22.29 8.38
N LEU A 343 -45.57 -22.44 7.81
CA LEU A 343 -45.27 -23.57 6.94
C LEU A 343 -44.84 -24.82 7.70
N TYR A 344 -44.58 -24.71 9.00
CA TYR A 344 -44.15 -25.85 9.79
C TYR A 344 -45.30 -26.81 10.08
N ASN A 345 -46.55 -26.34 10.08
CA ASN A 345 -47.72 -27.19 10.41
C ASN A 345 -48.28 -27.87 9.16
N SER A 346 -47.72 -27.57 7.99
CA SER A 346 -48.24 -28.05 6.73
C SER A 346 -47.56 -29.35 6.32
N SER A 347 -47.86 -29.81 5.12
CA SER A 347 -47.36 -31.09 4.61
C SER A 347 -46.32 -30.91 3.50
N ALA A 348 -45.64 -29.76 3.45
CA ALA A 348 -44.66 -29.50 2.41
C ALA A 348 -43.46 -30.44 2.49
N SER A 349 -42.84 -30.54 3.66
CA SER A 349 -41.68 -31.41 3.89
C SER A 349 -40.54 -31.12 2.92
N PHE A 350 -39.95 -29.93 3.02
CA PHE A 350 -38.91 -29.51 2.08
C PHE A 350 -37.66 -30.37 2.24
N SER A 351 -37.11 -30.80 1.11
CA SER A 351 -35.84 -31.51 1.09
C SER A 351 -34.68 -30.63 0.66
N THR A 352 -34.93 -29.62 -0.16
CA THR A 352 -33.93 -28.67 -0.60
C THR A 352 -34.43 -27.25 -0.42
N PHE A 353 -33.63 -26.43 0.27
CA PHE A 353 -33.92 -25.02 0.50
C PHE A 353 -32.58 -24.28 0.54
N LYS A 354 -32.32 -23.45 -0.46
CA LYS A 354 -31.03 -22.77 -0.56
C LYS A 354 -31.22 -21.40 -1.17
N CYS A 355 -30.54 -20.39 -0.56
CA CYS A 355 -30.66 -18.92 -0.87
C CYS A 355 -29.34 -18.21 -1.26
N TYR A 356 -29.34 -17.20 -2.15
CA TYR A 356 -28.18 -16.45 -2.59
C TYR A 356 -28.41 -14.96 -2.38
N GLY A 357 -27.40 -14.27 -1.90
CA GLY A 357 -27.46 -12.84 -1.68
C GLY A 357 -27.94 -12.43 -0.32
N VAL A 358 -28.47 -13.34 0.46
CA VAL A 358 -29.02 -13.00 1.78
C VAL A 358 -28.76 -14.23 2.63
N SER A 359 -28.58 -14.07 3.93
CA SER A 359 -28.43 -15.29 4.71
C SER A 359 -29.75 -15.68 5.37
N PRO A 360 -29.99 -16.99 5.51
CA PRO A 360 -31.30 -17.43 6.03
C PRO A 360 -31.64 -16.94 7.42
N THR A 361 -30.64 -16.77 8.29
CA THR A 361 -30.90 -16.37 9.66
C THR A 361 -31.24 -14.89 9.79
N LYS A 362 -31.33 -14.16 8.69
CA LYS A 362 -31.58 -12.73 8.72
C LYS A 362 -32.90 -12.34 8.07
N LEU A 363 -33.57 -13.29 7.42
CA LEU A 363 -34.79 -13.02 6.69
C LEU A 363 -35.89 -12.40 7.56
N ASN A 364 -35.88 -12.67 8.86
CA ASN A 364 -36.90 -12.15 9.75
C ASN A 364 -36.72 -10.67 10.07
N ASP A 365 -35.59 -10.07 9.70
CA ASP A 365 -35.30 -8.70 10.05
C ASP A 365 -35.29 -7.77 8.84
N LEU A 366 -35.77 -8.24 7.69
CA LEU A 366 -35.61 -7.53 6.44
C LEU A 366 -36.97 -7.14 5.85
N CYS A 367 -36.98 -6.02 5.13
CA CYS A 367 -38.12 -5.57 4.35
C CYS A 367 -37.72 -5.49 2.88
N PHE A 368 -38.61 -5.92 2.01
CA PHE A 368 -38.36 -5.94 0.58
C PHE A 368 -39.27 -4.97 -0.15
N SER A 369 -38.77 -4.43 -1.26
CA SER A 369 -39.55 -3.57 -2.13
C SER A 369 -40.26 -4.33 -3.24
N GLY A 370 -39.89 -5.57 -3.51
CA GLY A 370 -40.56 -6.35 -4.54
C GLY A 370 -40.18 -7.81 -4.43
N VAL A 371 -41.17 -8.68 -4.56
CA VAL A 371 -40.99 -10.13 -4.50
C VAL A 371 -41.77 -10.77 -5.63
N TYR A 372 -41.13 -11.68 -6.36
CA TYR A 372 -41.81 -12.52 -7.35
C TYR A 372 -41.62 -13.98 -7.00
N ALA A 373 -42.58 -14.81 -7.43
CA ALA A 373 -42.51 -16.25 -7.19
C ALA A 373 -42.83 -17.00 -8.47
N ASP A 374 -41.90 -17.84 -8.91
CA ASP A 374 -42.08 -18.71 -10.06
C ASP A 374 -42.24 -20.14 -9.58
N TYR A 375 -43.17 -20.88 -10.18
CA TYR A 375 -43.43 -22.23 -9.67
C TYR A 375 -43.67 -23.21 -10.79
N PHE A 376 -43.13 -24.43 -10.63
CA PHE A 376 -43.34 -25.50 -11.60
C PHE A 376 -43.05 -26.88 -11.03
N VAL A 377 -43.05 -27.90 -11.89
CA VAL A 377 -42.84 -29.29 -11.50
C VAL A 377 -41.72 -29.88 -12.35
N VAL A 378 -40.78 -30.57 -11.70
CA VAL A 378 -39.72 -31.31 -12.40
C VAL A 378 -39.63 -32.71 -11.82
N LYS A 379 -38.65 -33.49 -12.28
CA LYS A 379 -38.37 -34.78 -11.67
C LYS A 379 -37.18 -34.67 -10.74
N GLY A 380 -37.01 -35.70 -9.91
CA GLY A 380 -36.04 -35.64 -8.83
C GLY A 380 -34.61 -35.46 -9.28
N ASP A 381 -34.25 -36.00 -10.43
CA ASP A 381 -32.89 -35.89 -10.93
C ASP A 381 -32.61 -34.55 -11.60
N HIS A 382 -33.64 -33.74 -11.83
CA HIS A 382 -33.49 -32.43 -12.44
C HIS A 382 -33.53 -31.28 -11.44
N VAL A 383 -33.63 -31.58 -10.14
CA VAL A 383 -33.77 -30.51 -9.15
C VAL A 383 -32.47 -29.74 -8.99
N HIS A 384 -31.32 -30.42 -9.01
CA HIS A 384 -30.05 -29.73 -8.84
C HIS A 384 -29.72 -28.81 -10.00
N GLN A 385 -30.48 -28.89 -11.08
CA GLN A 385 -30.33 -28.09 -12.28
C GLN A 385 -30.91 -26.68 -12.11
N ILE A 386 -31.69 -26.45 -11.07
CA ILE A 386 -32.34 -25.15 -10.86
C ILE A 386 -31.42 -24.36 -9.95
N ALA A 387 -30.45 -23.69 -10.56
CA ALA A 387 -29.48 -22.89 -9.83
C ALA A 387 -28.76 -21.99 -10.83
N PRO A 388 -28.28 -20.83 -10.40
CA PRO A 388 -27.54 -19.96 -11.31
C PRO A 388 -26.24 -20.62 -11.76
N GLY A 389 -25.94 -20.49 -13.05
CA GLY A 389 -24.70 -20.98 -13.60
C GLY A 389 -24.64 -22.47 -13.86
N GLN A 390 -25.76 -23.12 -14.15
CA GLN A 390 -25.79 -24.55 -14.42
C GLN A 390 -26.03 -24.81 -15.90
N THR A 391 -25.78 -26.05 -16.29
CA THR A 391 -25.98 -26.51 -17.65
C THR A 391 -26.79 -27.81 -17.64
N GLY A 392 -27.37 -28.12 -18.78
CA GLY A 392 -28.18 -29.30 -18.96
C GLY A 392 -29.47 -28.94 -19.65
N VAL A 393 -30.33 -29.94 -19.83
CA VAL A 393 -31.50 -29.74 -20.67
C VAL A 393 -32.47 -28.72 -20.07
N ILE A 394 -32.73 -28.81 -18.77
CA ILE A 394 -33.64 -27.87 -18.13
C ILE A 394 -33.07 -26.47 -18.04
N ALA A 395 -31.79 -26.34 -17.69
CA ALA A 395 -31.15 -25.04 -17.58
C ALA A 395 -30.90 -24.38 -18.92
N ASP A 396 -30.95 -25.12 -20.02
CA ASP A 396 -30.64 -24.58 -21.33
C ASP A 396 -31.87 -24.37 -22.21
N TYR A 397 -32.90 -25.20 -22.07
CA TYR A 397 -34.05 -25.13 -22.96
C TYR A 397 -35.36 -24.76 -22.28
N ASN A 398 -35.44 -24.83 -20.95
CA ASN A 398 -36.73 -24.69 -20.28
C ASN A 398 -36.79 -23.50 -19.33
N TYR A 399 -35.87 -23.44 -18.38
CA TYR A 399 -35.89 -22.41 -17.35
C TYR A 399 -34.46 -22.08 -16.94
N LYS A 400 -34.07 -20.81 -17.06
CA LYS A 400 -32.71 -20.38 -16.76
C LYS A 400 -32.73 -19.16 -15.87
N LEU A 401 -31.83 -19.14 -14.90
CA LEU A 401 -31.64 -18.09 -13.90
C LEU A 401 -30.45 -17.20 -14.25
N PRO A 402 -30.51 -15.91 -13.95
CA PRO A 402 -29.36 -15.04 -14.23
C PRO A 402 -28.19 -15.28 -13.29
N SER A 403 -27.02 -14.83 -13.72
CA SER A 403 -25.82 -14.96 -12.91
C SER A 403 -25.89 -14.15 -11.62
N GLU A 404 -26.51 -12.98 -11.63
CA GLU A 404 -26.57 -12.11 -10.48
C GLU A 404 -27.86 -12.28 -9.68
N PHE A 405 -28.31 -13.53 -9.57
CA PHE A 405 -29.55 -13.85 -8.86
C PHE A 405 -29.45 -13.49 -7.38
N VAL A 406 -30.56 -12.98 -6.83
CA VAL A 406 -30.70 -12.69 -5.40
C VAL A 406 -32.06 -13.21 -4.95
N GLY A 407 -32.07 -14.27 -4.14
CA GLY A 407 -33.33 -14.83 -3.70
C GLY A 407 -33.16 -16.29 -3.30
N CYS A 408 -34.26 -16.93 -3.00
CA CYS A 408 -34.23 -18.31 -2.45
C CYS A 408 -34.89 -19.31 -3.40
N ILE A 409 -34.65 -20.58 -3.18
CA ILE A 409 -35.17 -21.70 -3.96
C ILE A 409 -35.58 -22.81 -3.00
N LEU A 410 -36.79 -23.34 -3.18
CA LEU A 410 -37.34 -24.42 -2.36
C LEU A 410 -37.91 -25.51 -3.26
N ALA A 411 -37.79 -26.77 -2.84
CA ALA A 411 -38.43 -27.85 -3.58
C ALA A 411 -38.79 -28.99 -2.65
N TRP A 412 -39.86 -29.71 -3.01
CA TRP A 412 -40.35 -30.80 -2.16
C TRP A 412 -41.07 -31.88 -2.97
N ASN A 413 -41.13 -33.08 -2.40
CA ASN A 413 -41.67 -34.25 -3.11
C ASN A 413 -43.18 -34.29 -3.06
N THR A 414 -43.79 -34.72 -4.17
CA THR A 414 -45.24 -34.80 -4.32
C THR A 414 -45.64 -36.11 -4.98
N ARG A 415 -45.12 -37.22 -4.46
CA ARG A 415 -45.35 -38.53 -5.05
C ARG A 415 -46.83 -38.94 -5.04
N THR A 416 -47.57 -38.59 -3.99
CA THR A 416 -48.95 -39.02 -3.84
C THR A 416 -49.95 -38.04 -4.42
N ILE A 417 -49.50 -37.00 -5.11
CA ILE A 417 -50.36 -35.94 -5.61
C ILE A 417 -50.26 -35.81 -7.13
N ASP A 418 -49.04 -35.84 -7.67
CA ASP A 418 -48.79 -35.63 -9.10
C ASP A 418 -48.20 -36.84 -9.81
N SER A 419 -48.66 -38.04 -9.46
CA SER A 419 -48.19 -39.25 -10.13
C SER A 419 -49.18 -39.64 -11.23
N LYS A 420 -49.23 -38.78 -12.24
CA LYS A 420 -50.15 -38.98 -13.37
C LYS A 420 -49.43 -38.64 -14.66
N ARG A 421 -50.13 -38.64 -15.77
CA ARG A 421 -49.57 -38.29 -17.07
C ARG A 421 -50.05 -36.92 -17.50
N GLY A 422 -49.16 -36.16 -18.14
CA GLY A 422 -49.50 -34.83 -18.60
C GLY A 422 -48.47 -33.78 -18.26
N PHE A 423 -47.33 -34.19 -17.74
CA PHE A 423 -46.22 -33.28 -17.45
C PHE A 423 -45.12 -33.47 -18.48
N TYR A 424 -44.73 -32.38 -19.14
CA TYR A 424 -43.80 -32.43 -20.25
C TYR A 424 -42.61 -31.50 -20.01
N TYR A 425 -41.49 -31.82 -20.65
CA TYR A 425 -40.36 -30.92 -20.78
C TYR A 425 -39.85 -30.93 -22.21
N ARG A 426 -39.28 -29.80 -22.63
CA ARG A 426 -38.74 -29.68 -23.98
C ARG A 426 -37.37 -30.32 -24.08
N LEU A 427 -37.19 -31.17 -25.09
CA LEU A 427 -35.98 -31.95 -25.24
C LEU A 427 -35.13 -31.56 -26.44
N PHE A 428 -35.72 -30.99 -27.48
CA PHE A 428 -34.99 -30.53 -28.66
C PHE A 428 -35.22 -29.04 -28.87
N ARG A 429 -34.15 -28.32 -29.22
CA ARG A 429 -34.29 -26.90 -29.53
C ARG A 429 -33.05 -26.44 -30.28
N HIS A 430 -33.21 -25.37 -31.06
CA HIS A 430 -32.11 -24.76 -31.81
C HIS A 430 -31.62 -23.55 -31.02
N GLY A 431 -30.61 -23.75 -30.20
CA GLY A 431 -30.04 -22.65 -29.46
C GLY A 431 -30.56 -22.58 -28.03
N ASN A 432 -29.76 -22.00 -27.16
CA ASN A 432 -30.09 -21.85 -25.75
C ASN A 432 -31.07 -20.70 -25.54
N ILE A 433 -31.85 -20.81 -24.48
CA ILE A 433 -32.76 -19.74 -24.09
C ILE A 433 -32.03 -18.76 -23.16
N ARG A 434 -32.63 -17.59 -23.00
CA ARG A 434 -32.08 -16.50 -22.20
C ARG A 434 -32.78 -16.43 -20.86
N PRO A 435 -32.17 -15.79 -19.86
CA PRO A 435 -32.75 -15.80 -18.51
C PRO A 435 -34.15 -15.20 -18.47
N TYR A 436 -35.01 -15.83 -17.66
CA TYR A 436 -36.40 -15.41 -17.46
C TYR A 436 -37.19 -15.37 -18.77
N GLU A 437 -37.05 -16.42 -19.57
CA GLU A 437 -37.77 -16.56 -20.83
C GLU A 437 -38.50 -17.89 -20.86
N ARG A 438 -39.58 -17.96 -21.66
CA ARG A 438 -40.29 -19.20 -21.85
C ARG A 438 -40.52 -19.42 -23.34
N ASP A 439 -40.60 -20.69 -23.73
CA ASP A 439 -40.92 -21.09 -25.09
C ASP A 439 -42.06 -22.09 -25.03
N THR A 440 -43.25 -21.68 -25.49
CA THR A 440 -44.45 -22.49 -25.42
C THR A 440 -44.88 -23.03 -26.78
N SER A 441 -43.98 -23.07 -27.75
CA SER A 441 -44.31 -23.55 -29.09
C SER A 441 -44.34 -25.07 -29.14
N ASN A 442 -45.03 -25.60 -30.15
CA ASN A 442 -45.18 -27.04 -30.33
C ASN A 442 -45.07 -27.40 -31.81
N VAL A 443 -44.06 -26.85 -32.49
CA VAL A 443 -43.85 -27.12 -33.91
C VAL A 443 -42.84 -28.26 -34.07
N PRO A 444 -42.94 -29.07 -35.11
CA PRO A 444 -41.97 -30.17 -35.29
C PRO A 444 -40.55 -29.67 -35.48
N TYR A 445 -39.61 -30.47 -35.02
CA TYR A 445 -38.20 -30.12 -34.98
C TYR A 445 -37.44 -30.93 -36.04
N ASN A 446 -36.65 -30.23 -36.86
CA ASN A 446 -35.86 -30.86 -37.91
C ASN A 446 -34.40 -30.84 -37.47
N ALA A 447 -33.79 -32.02 -37.41
CA ALA A 447 -32.44 -32.12 -36.88
C ALA A 447 -31.37 -31.69 -37.88
N ALA A 448 -31.73 -31.50 -39.14
CA ALA A 448 -30.79 -31.05 -40.16
C ALA A 448 -30.60 -29.55 -40.17
N GLY A 449 -31.45 -28.79 -39.49
CA GLY A 449 -31.24 -27.36 -39.36
C GLY A 449 -32.37 -26.48 -39.86
N GLY A 450 -33.42 -27.09 -40.39
CA GLY A 450 -34.49 -26.31 -41.00
C GLY A 450 -35.86 -26.51 -40.38
N THR A 451 -36.83 -26.86 -41.22
CA THR A 451 -38.20 -27.11 -40.79
C THR A 451 -38.63 -28.52 -41.19
N CYS A 452 -39.85 -28.88 -40.79
CA CYS A 452 -40.36 -30.22 -41.01
C CYS A 452 -41.88 -30.19 -40.93
N ASN A 453 -42.51 -31.29 -41.35
CA ASN A 453 -43.97 -31.37 -41.37
C ASN A 453 -44.55 -32.62 -40.71
N GLN A 454 -43.88 -33.77 -40.78
CA GLN A 454 -44.46 -34.97 -40.18
C GLN A 454 -43.48 -35.60 -39.20
N PRO A 455 -43.74 -35.52 -37.89
CA PRO A 455 -42.91 -36.26 -36.94
C PRO A 455 -43.03 -37.76 -37.15
N GLY A 456 -41.95 -38.46 -36.85
CA GLY A 456 -41.89 -39.91 -36.98
C GLY A 456 -41.09 -40.40 -38.16
N THR A 457 -40.88 -39.50 -39.13
CA THR A 457 -40.07 -39.81 -40.33
C THR A 457 -38.61 -39.47 -40.06
N HIS A 458 -37.75 -39.62 -41.06
CA HIS A 458 -36.32 -39.35 -40.90
C HIS A 458 -36.09 -37.89 -40.57
N ASN A 459 -35.35 -37.63 -39.49
CA ASN A 459 -34.94 -36.31 -39.04
C ASN A 459 -36.11 -35.41 -38.67
N CYS A 460 -37.27 -35.99 -38.36
CA CYS A 460 -38.41 -35.23 -37.85
C CYS A 460 -38.78 -35.78 -36.48
N TYR A 461 -38.86 -34.90 -35.49
CA TYR A 461 -39.08 -35.30 -34.12
C TYR A 461 -40.05 -34.36 -33.42
N GLU A 462 -40.75 -34.88 -32.42
CA GLU A 462 -41.57 -34.08 -31.53
C GLU A 462 -40.68 -33.35 -30.52
N PRO A 463 -40.89 -32.05 -30.30
CA PRO A 463 -40.01 -31.30 -29.42
C PRO A 463 -40.24 -31.51 -27.93
N LEU A 464 -41.37 -32.08 -27.52
CA LEU A 464 -41.72 -32.21 -26.11
C LEU A 464 -41.75 -33.68 -25.72
N GLN A 465 -41.36 -33.95 -24.47
CA GLN A 465 -41.31 -35.30 -23.95
C GLN A 465 -42.07 -35.39 -22.64
N ASP A 466 -42.83 -36.47 -22.47
CA ASP A 466 -43.56 -36.76 -21.25
C ASP A 466 -42.65 -37.38 -20.20
N TYR A 467 -42.89 -37.00 -18.95
CA TYR A 467 -42.14 -37.57 -17.83
C TYR A 467 -42.57 -38.99 -17.52
N GLY A 468 -43.85 -39.29 -17.66
CA GLY A 468 -44.35 -40.64 -17.40
C GLY A 468 -44.30 -41.05 -15.95
N PHE A 469 -44.83 -40.23 -15.06
CA PHE A 469 -44.84 -40.56 -13.64
C PHE A 469 -45.82 -41.69 -13.36
N THR A 470 -45.37 -42.68 -12.60
CA THR A 470 -46.18 -43.80 -12.16
C THR A 470 -45.99 -44.00 -10.67
N SER A 471 -46.71 -44.97 -10.11
CA SER A 471 -46.65 -45.22 -8.68
C SER A 471 -45.48 -46.11 -8.28
N THR A 472 -44.77 -46.71 -9.23
CA THR A 472 -43.71 -47.65 -8.93
C THR A 472 -42.35 -47.15 -9.41
N SER A 473 -42.19 -45.83 -9.53
CA SER A 473 -40.93 -45.27 -10.00
C SER A 473 -39.93 -45.17 -8.86
N GLY A 474 -38.66 -45.05 -9.23
CA GLY A 474 -37.62 -44.80 -8.27
C GLY A 474 -37.64 -43.38 -7.76
N VAL A 475 -36.79 -43.11 -6.76
CA VAL A 475 -36.79 -41.80 -6.13
C VAL A 475 -36.31 -40.73 -7.11
N GLY A 476 -35.47 -41.13 -8.07
CA GLY A 476 -34.98 -40.18 -9.05
C GLY A 476 -35.92 -39.89 -10.19
N TYR A 477 -36.98 -40.68 -10.35
CA TYR A 477 -37.96 -40.47 -11.39
C TYR A 477 -39.28 -39.93 -10.86
N GLN A 478 -39.34 -39.58 -9.60
CA GLN A 478 -40.55 -39.14 -8.92
C GLN A 478 -40.73 -37.63 -9.08
N PRO A 479 -41.97 -37.14 -9.04
CA PRO A 479 -42.21 -35.71 -9.24
C PRO A 479 -41.86 -34.85 -8.04
N PHE A 480 -41.37 -33.66 -8.32
CA PHE A 480 -41.03 -32.65 -7.32
C PHE A 480 -41.63 -31.31 -7.72
N ARG A 481 -42.12 -30.57 -6.72
CA ARG A 481 -42.59 -29.21 -6.91
C ARG A 481 -41.53 -28.21 -6.48
N VAL A 482 -41.32 -27.20 -7.32
CA VAL A 482 -40.25 -26.23 -7.14
C VAL A 482 -40.82 -24.82 -7.15
N VAL A 483 -40.40 -24.01 -6.17
CA VAL A 483 -40.76 -22.60 -6.06
C VAL A 483 -39.48 -21.78 -5.93
N VAL A 484 -39.37 -20.74 -6.77
CA VAL A 484 -38.22 -19.82 -6.79
C VAL A 484 -38.73 -18.43 -6.45
N LEU A 485 -38.13 -17.81 -5.42
CA LEU A 485 -38.52 -16.49 -4.97
C LEU A 485 -37.40 -15.51 -5.30
N SER A 486 -37.76 -14.43 -6.00
CA SER A 486 -36.83 -13.38 -6.40
C SER A 486 -37.12 -12.10 -5.64
N PHE A 487 -36.07 -11.51 -5.06
CA PHE A 487 -36.17 -10.35 -4.19
C PHE A 487 -35.61 -9.11 -4.87
N GLU A 488 -36.11 -7.95 -4.44
CA GLU A 488 -35.59 -6.66 -4.84
C GLU A 488 -35.36 -5.80 -3.61
N LEU A 489 -34.26 -5.05 -3.60
CA LEU A 489 -33.87 -4.22 -2.46
C LEU A 489 -33.46 -2.84 -2.99
N LEU A 490 -34.43 -1.94 -3.09
CA LEU A 490 -34.21 -0.61 -3.66
C LEU A 490 -34.63 0.46 -2.67
N ASN A 491 -34.48 1.71 -3.10
CA ASN A 491 -34.91 2.86 -2.30
C ASN A 491 -36.35 3.20 -2.70
N ALA A 492 -37.25 2.29 -2.35
CA ALA A 492 -38.64 2.35 -2.76
C ALA A 492 -39.49 1.88 -1.59
N PRO A 493 -40.79 2.17 -1.60
CA PRO A 493 -41.65 1.75 -0.49
C PRO A 493 -41.65 0.25 -0.28
N ALA A 494 -41.73 -0.16 0.98
CA ALA A 494 -41.68 -1.57 1.34
C ALA A 494 -43.02 -2.24 1.09
N THR A 495 -42.99 -3.40 0.44
CA THR A 495 -44.19 -4.18 0.21
C THR A 495 -44.29 -5.44 1.08
N VAL A 496 -43.16 -6.09 1.36
CA VAL A 496 -43.15 -7.29 2.20
C VAL A 496 -42.18 -7.03 3.35
N CYS A 497 -42.63 -7.23 4.58
CA CYS A 497 -41.84 -6.99 5.76
C CYS A 497 -41.94 -8.14 6.74
N GLY A 498 -40.93 -8.24 7.61
CA GLY A 498 -40.86 -9.31 8.58
C GLY A 498 -41.66 -9.02 9.83
N PRO A 499 -41.85 -10.04 10.65
CA PRO A 499 -42.69 -9.96 11.87
C PRO A 499 -41.93 -9.40 13.07
N LYS A 500 -41.66 -8.10 13.04
CA LYS A 500 -40.91 -7.46 14.13
C LYS A 500 -41.82 -6.48 14.84
N GLN A 501 -41.61 -6.30 16.12
CA GLN A 501 -42.40 -5.40 16.95
C GLN A 501 -41.77 -4.02 16.99
N SER A 502 -42.61 -2.99 17.07
CA SER A 502 -42.18 -1.61 17.02
C SER A 502 -42.06 -1.01 18.42
N THR A 503 -41.34 0.11 18.50
CA THR A 503 -41.04 0.79 19.75
C THR A 503 -41.24 2.29 19.55
N ASP A 504 -41.45 3.05 20.62
CA ASP A 504 -41.69 4.48 20.54
C ASP A 504 -40.44 5.21 20.06
N LEU A 505 -40.65 6.41 19.51
CA LEU A 505 -39.57 7.24 18.99
C LEU A 505 -38.94 8.04 20.13
N VAL A 506 -37.69 7.74 20.44
CA VAL A 506 -36.93 8.50 21.43
C VAL A 506 -36.00 9.43 20.66
N LYS A 507 -36.03 10.72 21.02
CA LYS A 507 -35.37 11.76 20.25
C LYS A 507 -34.30 12.41 21.10
N ASN A 508 -33.29 12.98 20.43
CA ASN A 508 -32.23 13.76 21.06
C ASN A 508 -31.37 12.92 22.00
N LYS A 509 -31.20 11.64 21.70
CA LYS A 509 -30.29 10.78 22.46
C LYS A 509 -29.48 9.90 21.50
N CYS A 510 -28.35 9.43 22.00
CA CYS A 510 -27.48 8.52 21.25
C CYS A 510 -28.05 7.12 21.35
N VAL A 511 -28.74 6.66 20.29
CA VAL A 511 -29.50 5.43 20.31
C VAL A 511 -29.20 4.62 19.05
N ASN A 512 -29.54 3.33 19.11
CA ASN A 512 -29.57 2.46 17.95
C ASN A 512 -30.96 2.47 17.32
N PHE A 513 -31.02 2.46 16.00
CA PHE A 513 -32.28 2.53 15.29
C PHE A 513 -32.34 1.49 14.16
N ASN A 514 -33.58 1.13 13.82
CA ASN A 514 -33.89 0.21 12.73
C ASN A 514 -35.13 0.74 12.02
N PHE A 515 -34.95 1.29 10.82
CA PHE A 515 -36.05 1.82 10.02
C PHE A 515 -36.20 0.92 8.80
N ASN A 516 -37.28 0.13 8.77
CA ASN A 516 -37.61 -0.75 7.64
C ASN A 516 -36.45 -1.62 7.21
N GLY A 517 -35.64 -2.06 8.17
CA GLY A 517 -34.53 -2.94 7.89
C GLY A 517 -33.18 -2.26 7.71
N LEU A 518 -33.14 -0.93 7.65
CA LEU A 518 -31.86 -0.22 7.59
C LEU A 518 -31.53 0.25 9.01
N THR A 519 -30.38 -0.17 9.51
CA THR A 519 -30.02 0.00 10.91
C THR A 519 -28.88 1.00 11.07
N GLY A 520 -28.68 1.44 12.31
CA GLY A 520 -27.60 2.37 12.56
C GLY A 520 -27.52 2.75 14.02
N THR A 521 -26.64 3.73 14.30
CA THR A 521 -26.46 4.29 15.62
C THR A 521 -26.22 5.79 15.48
N GLY A 522 -26.92 6.59 16.27
CA GLY A 522 -26.72 8.02 16.22
C GLY A 522 -27.80 8.78 16.96
N VAL A 523 -27.94 10.05 16.57
CA VAL A 523 -28.88 10.98 17.18
C VAL A 523 -29.90 11.42 16.14
N LEU A 524 -31.18 11.34 16.50
CA LEU A 524 -32.29 11.64 15.61
C LEU A 524 -32.91 12.99 15.95
N THR A 525 -33.19 13.78 14.93
CA THR A 525 -33.69 15.15 15.12
C THR A 525 -34.68 15.47 14.00
N ASP A 526 -35.54 16.44 14.24
CA ASP A 526 -36.49 16.93 13.26
C ASP A 526 -35.77 17.50 12.04
N SER A 527 -36.50 17.61 10.93
CA SER A 527 -35.89 17.85 9.63
C SER A 527 -36.45 19.10 8.97
N ASN A 528 -35.70 19.59 7.98
CA ASN A 528 -36.13 20.64 7.08
C ASN A 528 -36.00 20.24 5.62
N LYS A 529 -35.56 19.02 5.35
CA LYS A 529 -35.28 18.56 3.99
C LYS A 529 -36.56 18.18 3.26
N LYS A 530 -36.44 18.04 1.94
CA LYS A 530 -37.55 17.67 1.08
C LYS A 530 -37.17 16.43 0.28
N PHE A 531 -38.07 15.46 0.25
CA PHE A 531 -37.85 14.20 -0.44
C PHE A 531 -38.72 14.12 -1.69
N GLN A 532 -38.36 13.20 -2.57
CA GLN A 532 -39.19 12.81 -3.70
C GLN A 532 -40.35 11.97 -3.20
N PRO A 533 -41.41 11.81 -4.00
CA PRO A 533 -42.61 11.16 -3.47
C PRO A 533 -42.44 9.68 -3.10
N PHE A 534 -41.37 9.03 -3.53
CA PHE A 534 -41.18 7.61 -3.23
C PHE A 534 -39.82 7.32 -2.60
N GLN A 535 -39.17 8.33 -2.03
CA GLN A 535 -37.92 8.10 -1.31
C GLN A 535 -38.18 7.55 0.08
N GLN A 536 -37.14 6.92 0.62
CA GLN A 536 -37.13 6.48 2.01
C GLN A 536 -35.95 6.99 2.81
N PHE A 537 -34.86 7.39 2.18
CA PHE A 537 -33.70 7.90 2.91
C PHE A 537 -32.85 8.76 2.00
N GLY A 538 -31.94 9.50 2.61
CA GLY A 538 -31.03 10.36 1.88
C GLY A 538 -29.59 10.12 2.27
N ARG A 539 -28.70 10.23 1.28
CA ARG A 539 -27.28 10.02 1.47
C ARG A 539 -26.51 11.23 0.95
N ASP A 540 -25.35 11.49 1.55
CA ASP A 540 -24.51 12.61 1.21
C ASP A 540 -23.30 12.14 0.39
N SER A 541 -22.34 13.04 0.17
CA SER A 541 -21.21 12.76 -0.71
C SER A 541 -20.28 11.68 -0.17
N ALA A 542 -20.42 11.34 1.10
CA ALA A 542 -19.64 10.27 1.72
C ALA A 542 -20.41 8.96 1.80
N ASP A 543 -21.57 8.87 1.14
CA ASP A 543 -22.49 7.74 1.30
C ASP A 543 -22.86 7.52 2.75
N PHE A 544 -23.02 8.61 3.49
CA PHE A 544 -23.44 8.59 4.88
C PHE A 544 -24.91 8.94 4.95
N THR A 545 -25.73 8.01 5.45
CA THR A 545 -27.17 8.20 5.51
C THR A 545 -27.49 9.30 6.51
N ASP A 546 -27.96 10.44 6.02
CA ASP A 546 -28.20 11.58 6.89
C ASP A 546 -29.68 11.88 7.12
N SER A 547 -30.54 11.30 6.31
CA SER A 547 -31.97 11.56 6.49
C SER A 547 -32.74 10.26 6.38
N VAL A 548 -33.89 10.20 7.03
CA VAL A 548 -34.75 9.02 6.97
C VAL A 548 -36.21 9.46 7.05
N LYS A 549 -37.10 8.57 6.63
CA LYS A 549 -38.54 8.81 6.62
C LYS A 549 -39.23 7.83 7.56
N ASP A 550 -40.05 8.34 8.45
CA ASP A 550 -40.70 7.48 9.42
C ASP A 550 -41.86 6.75 8.78
N PRO A 551 -41.91 5.41 8.83
CA PRO A 551 -42.96 4.66 8.14
C PRO A 551 -44.34 4.82 8.75
N LYS A 552 -44.47 5.34 9.96
CA LYS A 552 -45.78 5.52 10.59
C LYS A 552 -46.29 6.96 10.51
N THR A 553 -45.48 7.93 10.94
CA THR A 553 -45.92 9.32 10.96
C THR A 553 -45.59 10.09 9.69
N LEU A 554 -44.86 9.48 8.75
CA LEU A 554 -44.51 10.07 7.47
C LEU A 554 -43.70 11.36 7.59
N GLU A 555 -42.95 11.54 8.67
CA GLU A 555 -42.11 12.71 8.86
C GLU A 555 -40.67 12.40 8.50
N ILE A 556 -39.89 13.45 8.28
CA ILE A 556 -38.49 13.32 7.89
C ILE A 556 -37.62 13.61 9.10
N LEU A 557 -36.55 12.86 9.26
CA LEU A 557 -35.63 13.01 10.39
C LEU A 557 -34.19 13.07 9.90
N ASP A 558 -33.37 13.80 10.65
CA ASP A 558 -31.93 13.87 10.45
C ASP A 558 -31.19 13.00 11.46
N ILE A 559 -30.13 12.37 10.98
CA ILE A 559 -29.27 11.50 11.77
C ILE A 559 -27.91 12.18 11.86
N THR A 560 -27.44 12.39 13.09
CA THR A 560 -26.14 12.97 13.36
C THR A 560 -25.29 11.96 14.13
N PRO A 561 -23.99 11.86 13.81
CA PRO A 561 -23.12 10.95 14.56
C PRO A 561 -23.11 11.27 16.04
N CYS A 562 -22.97 10.24 16.88
CA CYS A 562 -23.28 10.37 18.30
C CYS A 562 -22.23 11.18 19.04
N SER A 563 -20.99 11.22 18.55
CA SER A 563 -19.99 12.15 19.01
C SER A 563 -19.18 12.62 17.81
N TYR A 564 -19.15 13.94 17.58
CA TYR A 564 -18.34 14.52 16.50
C TYR A 564 -17.84 15.87 16.97
N GLY A 565 -16.71 16.30 16.44
CA GLY A 565 -16.16 17.61 16.74
C GLY A 565 -14.73 17.62 17.20
N GLY A 566 -14.34 16.65 18.03
CA GLY A 566 -12.98 16.58 18.52
C GLY A 566 -12.78 17.26 19.86
N VAL A 567 -12.27 16.50 20.84
CA VAL A 567 -11.95 17.02 22.17
C VAL A 567 -10.47 16.79 22.43
N SER A 568 -9.87 17.65 23.24
CA SER A 568 -8.46 17.55 23.57
C SER A 568 -8.26 17.62 25.08
N VAL A 569 -7.20 16.96 25.56
CA VAL A 569 -6.90 16.89 26.98
C VAL A 569 -5.49 17.41 27.22
N ILE A 570 -5.36 18.32 28.19
CA ILE A 570 -4.09 18.92 28.57
C ILE A 570 -3.69 18.36 29.94
N THR A 571 -2.47 17.83 30.01
CA THR A 571 -1.94 17.29 31.25
C THR A 571 -0.51 17.78 31.49
N PRO A 572 -0.15 18.03 32.75
CA PRO A 572 1.25 18.33 33.09
C PRO A 572 2.14 17.11 33.32
N GLY A 573 1.62 15.91 33.17
CA GLY A 573 2.36 14.70 33.41
C GLY A 573 1.89 14.00 34.67
N THR A 574 1.64 12.70 34.57
CA THR A 574 1.18 11.91 35.69
C THR A 574 2.24 11.74 36.77
N ASN A 575 3.50 11.97 36.43
CA ASN A 575 4.56 11.96 37.44
C ASN A 575 4.58 13.24 38.27
N THR A 576 3.76 14.23 37.91
CA THR A 576 3.68 15.50 38.60
C THR A 576 2.34 15.73 39.30
N SER A 577 1.24 15.50 38.60
CA SER A 577 -0.08 15.68 39.18
C SER A 577 -1.06 14.79 38.45
N ASP A 578 -2.32 14.84 38.88
CA ASP A 578 -3.40 14.08 38.25
C ASP A 578 -4.54 14.98 37.78
N SER A 579 -4.29 16.28 37.64
CA SER A 579 -5.31 17.18 37.13
C SER A 579 -5.18 17.36 35.63
N VAL A 580 -6.31 17.49 34.96
CA VAL A 580 -6.35 17.65 33.50
C VAL A 580 -7.26 18.82 33.17
N ALA A 581 -7.15 19.31 31.93
CA ALA A 581 -8.10 20.27 31.40
C ALA A 581 -8.60 19.79 30.04
N VAL A 582 -9.82 20.20 29.69
CA VAL A 582 -10.49 19.68 28.51
C VAL A 582 -10.83 20.84 27.59
N LEU A 583 -10.52 20.67 26.30
CA LEU A 583 -10.78 21.67 25.27
C LEU A 583 -11.79 21.11 24.28
N TYR A 584 -12.89 21.84 24.06
CA TYR A 584 -13.94 21.46 23.12
C TYR A 584 -13.78 22.33 21.88
N GLN A 585 -13.32 21.73 20.79
CA GLN A 585 -12.85 22.48 19.64
C GLN A 585 -14.00 23.02 18.81
N ASP A 586 -13.94 24.31 18.50
CA ASP A 586 -14.90 24.99 17.63
C ASP A 586 -16.32 24.88 18.16
N VAL A 587 -16.49 25.10 19.49
CA VAL A 587 -17.82 25.04 20.17
C VAL A 587 -18.00 26.22 21.15
N ASN A 588 -19.15 26.91 21.14
CA ASN A 588 -19.44 28.04 22.06
C ASN A 588 -19.67 27.39 23.43
N CYS A 589 -19.55 28.13 24.53
CA CYS A 589 -19.58 27.49 25.88
C CYS A 589 -21.00 27.18 26.36
N THR A 590 -22.02 27.78 25.77
CA THR A 590 -23.44 27.51 26.14
C THR A 590 -23.94 26.21 25.54
N ASP A 591 -23.24 25.66 24.55
CA ASP A 591 -23.70 24.44 23.85
C ASP A 591 -22.87 23.21 24.24
N VAL A 592 -22.06 23.28 25.29
CA VAL A 592 -21.34 22.08 25.71
C VAL A 592 -22.27 21.01 26.26
N PRO A 593 -23.24 21.31 27.13
CA PRO A 593 -24.11 20.23 27.62
C PRO A 593 -24.84 19.48 26.52
N THR A 594 -25.21 20.17 25.44
CA THR A 594 -25.91 19.54 24.32
C THR A 594 -24.97 18.72 23.44
N MET A 595 -23.66 18.93 23.53
CA MET A 595 -22.70 18.19 22.67
C MET A 595 -22.02 17.06 23.43
N LEU A 596 -21.97 17.10 24.76
CA LEU A 596 -21.43 16.01 25.55
C LEU A 596 -22.48 14.96 25.92
N HIS A 597 -23.77 15.27 25.75
CA HIS A 597 -24.86 14.41 26.22
C HIS A 597 -24.72 14.14 27.72
N MET A 598 -24.90 15.21 28.50
CA MET A 598 -24.68 15.15 29.94
C MET A 598 -25.50 14.06 30.60
N ASP A 599 -26.68 13.75 30.09
CA ASP A 599 -27.53 12.74 30.70
C ASP A 599 -27.02 11.32 30.50
N GLN A 600 -26.02 11.13 29.65
CA GLN A 600 -25.55 9.78 29.32
C GLN A 600 -24.09 9.57 29.67
N VAL A 601 -23.48 10.46 30.47
CA VAL A 601 -22.08 10.35 30.82
C VAL A 601 -21.98 10.10 32.32
N SER A 602 -20.81 9.65 32.75
CA SER A 602 -20.56 9.36 34.15
C SER A 602 -20.56 10.65 34.97
N ASN A 603 -20.65 10.49 36.29
CA ASN A 603 -20.69 11.64 37.19
C ASN A 603 -19.39 12.43 37.16
N ASP A 604 -18.26 11.76 37.12
CA ASP A 604 -16.96 12.47 37.00
C ASP A 604 -16.92 13.29 35.72
N TRP A 605 -17.45 12.76 34.61
CA TRP A 605 -17.38 13.47 33.34
C TRP A 605 -18.26 14.70 33.31
N ARG A 606 -19.19 14.82 34.24
CA ARG A 606 -20.17 15.90 34.23
C ARG A 606 -19.63 17.19 34.83
N VAL A 607 -18.72 17.10 35.79
CA VAL A 607 -18.12 18.31 36.36
C VAL A 607 -17.37 19.09 35.31
N TYR A 608 -16.84 18.43 34.27
CA TYR A 608 -16.16 19.09 33.17
C TYR A 608 -17.14 19.66 32.15
N ALA A 609 -18.40 19.78 32.51
CA ALA A 609 -19.36 20.44 31.61
C ALA A 609 -20.17 21.53 32.28
N VAL A 610 -19.75 22.05 33.43
CA VAL A 610 -20.48 23.09 34.14
C VAL A 610 -19.48 24.15 34.60
N ASN A 611 -20.00 25.35 34.88
CA ASN A 611 -19.12 26.49 35.15
C ASN A 611 -18.39 26.33 36.47
N THR A 612 -19.08 25.90 37.52
CA THR A 612 -18.50 25.68 38.85
C THR A 612 -17.92 27.02 39.33
N ASP A 613 -16.72 27.04 39.91
CA ASP A 613 -16.15 28.25 40.49
C ASP A 613 -15.28 28.94 39.44
N GLY A 614 -15.91 29.32 38.32
CA GLY A 614 -15.22 30.06 37.28
C GLY A 614 -14.00 29.39 36.69
N ASN A 615 -14.13 28.14 36.26
CA ASN A 615 -13.03 27.41 35.63
C ASN A 615 -13.42 26.97 34.24
N MET A 616 -14.36 27.68 33.62
CA MET A 616 -14.85 27.38 32.29
C MET A 616 -14.92 28.67 31.49
N PHE A 617 -14.18 28.76 30.39
CA PHE A 617 -14.09 30.02 29.69
C PHE A 617 -13.76 29.82 28.22
N GLN A 618 -13.99 30.86 27.44
CA GLN A 618 -13.98 30.78 25.98
C GLN A 618 -12.70 31.33 25.39
N THR A 619 -12.11 30.59 24.45
CA THR A 619 -10.99 31.05 23.65
C THR A 619 -11.40 31.02 22.18
N GLN A 620 -10.45 31.36 21.30
CA GLN A 620 -10.71 31.37 19.87
C GLN A 620 -10.62 30.00 19.22
N ALA A 621 -10.18 28.98 19.97
CA ALA A 621 -10.13 27.62 19.49
C ALA A 621 -11.26 26.76 20.04
N GLY A 622 -11.96 27.25 21.04
CA GLY A 622 -13.05 26.52 21.66
C GLY A 622 -13.13 26.90 23.11
N CYS A 623 -13.97 26.18 23.86
CA CYS A 623 -14.12 26.41 25.28
C CYS A 623 -13.21 25.47 26.06
N LEU A 624 -12.58 26.02 27.08
CA LEU A 624 -11.64 25.32 27.93
C LEU A 624 -12.26 25.19 29.31
N VAL A 625 -12.28 23.96 29.84
CA VAL A 625 -12.87 23.65 31.13
C VAL A 625 -11.83 22.96 31.99
N GLY A 626 -11.63 23.47 33.20
CA GLY A 626 -10.67 22.89 34.12
C GLY A 626 -9.43 23.72 34.37
N ALA A 627 -9.42 24.98 33.90
CA ALA A 627 -8.28 25.85 34.07
C ALA A 627 -8.73 27.24 34.48
N THR A 628 -7.86 27.95 35.18
CA THR A 628 -8.09 29.31 35.62
C THR A 628 -7.33 30.28 34.73
N TYR A 629 -7.99 31.39 34.37
CA TYR A 629 -7.39 32.39 33.51
C TYR A 629 -6.53 33.36 34.32
N ASP A 630 -5.39 33.74 33.76
CA ASP A 630 -4.51 34.75 34.32
C ASP A 630 -4.37 35.91 33.36
N ASN A 631 -4.29 37.12 33.93
CA ASN A 631 -4.17 38.34 33.14
C ASN A 631 -2.72 38.73 32.85
N THR A 632 -1.75 38.05 33.42
CA THR A 632 -0.35 38.31 33.13
C THR A 632 0.14 37.39 32.02
N SER A 633 1.24 37.80 31.39
CA SER A 633 1.80 37.09 30.24
C SER A 633 3.12 36.44 30.63
N TYR A 634 3.36 35.26 30.08
CA TYR A 634 4.59 34.51 30.28
C TYR A 634 5.03 33.90 28.95
N GLU A 635 6.02 33.01 29.02
CA GLU A 635 6.45 32.22 27.87
C GLU A 635 5.62 30.96 27.77
N CYS A 636 5.49 30.45 26.55
CA CYS A 636 4.62 29.30 26.32
C CYS A 636 5.24 28.03 26.90
N ASP A 637 4.42 27.28 27.63
CA ASP A 637 4.79 25.95 28.11
C ASP A 637 4.09 24.86 27.32
N ILE A 638 2.76 24.83 27.30
CA ILE A 638 1.97 23.88 26.54
C ILE A 638 1.13 24.67 25.55
N PRO A 639 1.30 24.49 24.26
CA PRO A 639 0.52 25.27 23.30
C PRO A 639 -0.92 24.81 23.19
N VAL A 640 -1.86 25.64 23.64
CA VAL A 640 -3.28 25.31 23.54
C VAL A 640 -3.85 25.75 22.22
N GLY A 641 -3.58 26.99 21.81
CA GLY A 641 -3.95 27.44 20.48
C GLY A 641 -4.44 28.88 20.46
N ALA A 642 -4.38 29.48 19.28
CA ALA A 642 -4.88 30.81 19.00
C ALA A 642 -4.34 31.85 19.98
N GLY A 643 -3.06 31.76 20.30
CA GLY A 643 -2.43 32.68 21.22
C GLY A 643 -2.58 32.35 22.69
N VAL A 644 -3.07 31.17 23.03
CA VAL A 644 -3.31 30.77 24.42
C VAL A 644 -2.42 29.59 24.75
N CYS A 645 -1.70 29.68 25.86
CA CYS A 645 -0.88 28.62 26.41
C CYS A 645 -1.32 28.33 27.84
N ALA A 646 -0.75 27.27 28.42
CA ALA A 646 -1.10 26.84 29.77
C ALA A 646 0.12 26.22 30.45
N LYS A 647 0.10 26.22 31.78
CA LYS A 647 1.16 25.60 32.56
C LYS A 647 0.63 25.11 33.89
N PHE A 648 1.51 24.53 34.69
CA PHE A 648 1.17 23.95 35.97
C PHE A 648 1.70 24.82 37.10
N GLN A 649 0.89 25.03 38.12
CA GLN A 649 1.28 25.78 39.30
C GLN A 649 0.95 24.98 40.56
N THR A 650 1.78 25.14 41.59
CA THR A 650 1.53 24.52 42.88
C THR A 650 0.74 25.50 43.74
N THR A 651 -0.51 25.14 44.07
CA THR A 651 -1.40 26.07 44.73
C THR A 651 -1.56 25.70 46.20
N THR A 652 -2.03 26.67 46.99
CA THR A 652 -2.35 26.44 48.40
C THR A 652 -3.79 26.89 48.65
N ARG A 653 -4.20 27.93 47.95
CA ARG A 653 -5.55 28.46 48.09
C ARG A 653 -6.59 27.44 47.63
N ALA A 654 -7.69 27.36 48.37
CA ALA A 654 -8.75 26.43 48.02
C ALA A 654 -9.55 26.96 46.83
N LYS A 655 -10.28 26.05 46.19
CA LYS A 655 -11.11 26.36 45.03
C LYS A 655 -10.30 26.99 43.90
N GLN A 656 -9.07 26.51 43.70
CA GLN A 656 -8.18 27.01 42.66
C GLN A 656 -7.65 25.82 41.85
N SER A 657 -7.71 25.96 40.53
CA SER A 657 -7.17 24.91 39.68
C SER A 657 -5.64 24.96 39.67
N SER A 658 -5.05 23.79 39.48
CA SER A 658 -3.60 23.64 39.41
C SER A 658 -3.05 23.92 38.02
N ILE A 659 -3.91 24.05 37.02
CA ILE A 659 -3.51 24.40 35.67
C ILE A 659 -3.94 25.84 35.41
N LEU A 660 -2.98 26.66 34.96
CA LEU A 660 -3.21 28.08 34.75
C LEU A 660 -3.06 28.40 33.28
N ALA A 661 -4.02 29.13 32.71
CA ALA A 661 -4.06 29.46 31.30
C ALA A 661 -3.82 30.95 31.10
N TYR A 662 -3.15 31.30 30.00
CA TYR A 662 -2.75 32.68 29.77
C TYR A 662 -2.52 32.92 28.29
N THR A 663 -2.34 34.19 27.93
CA THR A 663 -1.95 34.58 26.59
C THR A 663 -0.46 34.89 26.55
N MET A 664 0.25 34.25 25.64
CA MET A 664 1.70 34.28 25.64
C MET A 664 2.23 35.67 25.27
N SER A 665 3.40 35.98 25.80
CA SER A 665 4.04 37.27 25.58
C SER A 665 4.93 37.21 24.35
N LEU A 666 4.98 38.30 23.61
CA LEU A 666 5.77 38.40 22.38
C LEU A 666 7.19 38.89 22.63
N GLY A 667 7.48 39.43 23.80
CA GLY A 667 8.78 39.99 24.12
C GLY A 667 8.66 41.31 24.85
N GLU A 668 9.80 41.77 25.36
CA GLU A 668 9.86 42.99 26.14
C GLU A 668 9.83 44.23 25.25
N ASP A 669 9.32 45.32 25.80
CA ASP A 669 9.18 46.58 25.07
C ASP A 669 10.38 47.48 25.35
N SER A 670 10.77 48.24 24.32
CA SER A 670 11.95 49.09 24.39
C SER A 670 11.58 50.55 24.19
N ASN A 671 12.32 51.44 24.83
CA ASN A 671 12.01 52.87 24.84
C ASN A 671 13.03 53.70 24.06
N VAL A 672 13.54 53.17 22.95
CA VAL A 672 14.48 53.90 22.13
C VAL A 672 13.70 54.86 21.24
N ALA A 673 14.13 56.13 21.23
CA ALA A 673 13.44 57.18 20.51
C ALA A 673 14.28 57.67 19.35
N TYR A 674 13.61 58.34 18.40
CA TYR A 674 14.26 58.84 17.21
C TYR A 674 14.97 60.16 17.49
N SER A 675 16.06 60.38 16.77
CA SER A 675 16.81 61.64 16.86
C SER A 675 17.39 61.94 15.49
N ASN A 676 17.60 63.23 15.22
CA ASN A 676 18.17 63.69 13.93
C ASN A 676 19.50 64.41 14.13
N ASN A 677 20.06 64.44 15.34
CA ASN A 677 21.38 65.03 15.54
C ASN A 677 22.27 64.22 16.47
N SER A 678 21.79 63.13 17.07
CA SER A 678 22.55 62.39 18.07
C SER A 678 22.87 60.99 17.56
N ILE A 679 23.93 60.41 18.13
CA ILE A 679 24.41 59.10 17.74
C ILE A 679 25.00 58.39 18.96
N ALA A 680 24.89 57.07 18.99
CA ALA A 680 25.41 56.26 20.09
C ALA A 680 26.55 55.38 19.58
N ILE A 681 27.64 55.30 20.34
CA ILE A 681 28.81 54.53 19.97
C ILE A 681 29.21 53.69 21.19
N PRO A 682 29.58 52.42 21.01
CA PRO A 682 30.00 51.60 22.15
C PRO A 682 31.36 52.04 22.70
N THR A 683 31.60 51.68 23.96
CA THR A 683 32.86 51.95 24.63
C THR A 683 33.62 50.69 25.02
N ASN A 684 32.94 49.64 25.44
CA ASN A 684 33.66 48.37 25.70
C ASN A 684 33.10 47.27 24.80
N PHE A 685 33.46 46.01 25.07
CA PHE A 685 32.97 44.87 24.34
C PHE A 685 33.00 43.64 25.22
N THR A 686 32.37 42.57 24.72
CA THR A 686 32.30 41.28 25.39
C THR A 686 32.62 40.17 24.40
N ILE A 687 33.41 39.21 24.86
CA ILE A 687 33.70 37.99 24.10
C ILE A 687 32.71 36.93 24.56
N SER A 688 31.91 36.41 23.63
CA SER A 688 30.91 35.41 23.95
C SER A 688 31.18 34.12 23.19
N VAL A 689 30.82 32.99 23.80
CA VAL A 689 30.93 31.67 23.18
C VAL A 689 29.55 31.03 23.22
N THR A 690 29.10 30.55 22.06
CA THR A 690 27.76 29.98 21.90
C THR A 690 27.88 28.61 21.25
N THR A 691 26.92 27.73 21.54
CA THR A 691 26.92 26.38 21.02
C THR A 691 25.90 26.24 19.89
N GLU A 692 26.16 25.27 19.01
CA GLU A 692 25.20 24.90 17.97
C GLU A 692 25.32 23.41 17.68
N VAL A 693 24.21 22.67 17.74
CA VAL A 693 24.19 21.23 17.57
C VAL A 693 23.53 20.89 16.25
N LEU A 694 24.15 19.99 15.48
CA LEU A 694 23.59 19.57 14.21
C LEU A 694 23.77 18.07 14.01
N PRO A 695 22.70 17.34 13.73
CA PRO A 695 22.82 15.92 13.37
C PRO A 695 23.40 15.72 11.98
N VAL A 696 24.13 14.61 11.85
CA VAL A 696 24.80 14.27 10.58
C VAL A 696 24.43 12.91 10.04
N SER A 697 24.07 11.92 10.86
CA SER A 697 23.83 10.59 10.34
C SER A 697 22.85 9.85 11.26
N MET A 698 22.28 8.77 10.73
CA MET A 698 21.43 7.88 11.48
C MET A 698 21.92 6.44 11.32
N THR A 699 21.32 5.54 12.08
CA THR A 699 21.79 4.16 12.10
C THR A 699 21.48 3.46 10.77
N LYS A 700 22.34 2.53 10.39
CA LYS A 700 22.16 1.74 9.18
C LYS A 700 21.50 0.41 9.53
N THR A 701 20.43 0.08 8.82
CA THR A 701 19.66 -1.13 9.05
C THR A 701 19.61 -1.97 7.78
N ALA A 702 19.31 -3.26 7.95
CA ALA A 702 19.17 -4.20 6.85
C ALA A 702 18.09 -5.22 7.18
N VAL A 703 17.35 -5.64 6.15
CA VAL A 703 16.19 -6.51 6.29
C VAL A 703 16.33 -7.70 5.36
N ASP A 704 16.06 -8.90 5.88
CA ASP A 704 15.93 -10.11 5.07
C ASP A 704 14.45 -10.37 4.86
N CYS A 705 14.02 -10.34 3.60
CA CYS A 705 12.60 -10.49 3.29
C CYS A 705 12.04 -11.84 3.68
N ASN A 706 12.72 -12.92 3.30
CA ASN A 706 12.20 -14.24 3.56
C ASN A 706 12.03 -14.50 5.05
N MET A 707 13.03 -14.13 5.82
CA MET A 707 13.01 -14.43 7.25
C MET A 707 11.90 -13.62 7.92
N TYR A 708 11.62 -12.41 7.43
CA TYR A 708 10.59 -11.58 8.06
C TYR A 708 9.20 -12.04 7.66
N ILE A 709 8.97 -12.29 6.38
CA ILE A 709 7.64 -12.62 5.91
C ILE A 709 7.27 -14.08 6.18
N CYS A 710 8.15 -15.01 5.83
CA CYS A 710 7.79 -16.43 5.85
C CYS A 710 8.51 -17.24 6.92
N GLY A 711 9.57 -16.71 7.53
CA GLY A 711 10.31 -17.50 8.49
C GLY A 711 10.97 -18.69 7.81
N ASP A 712 10.99 -19.82 8.50
CA ASP A 712 11.51 -21.07 7.96
C ASP A 712 10.32 -21.93 7.53
N SER A 713 9.76 -21.61 6.36
CA SER A 713 8.61 -22.33 5.84
C SER A 713 8.75 -22.36 4.32
N THR A 714 9.05 -23.55 3.80
CA THR A 714 9.27 -23.71 2.35
C THR A 714 8.00 -23.32 1.60
N GLU A 715 6.86 -23.72 2.13
CA GLU A 715 5.56 -23.49 1.46
C GLU A 715 5.40 -21.99 1.22
N CYS A 716 5.43 -21.21 2.30
CA CYS A 716 5.27 -19.74 2.20
C CYS A 716 6.30 -19.20 1.22
N SER A 717 7.54 -19.65 1.33
CA SER A 717 8.62 -19.14 0.47
C SER A 717 8.21 -19.30 -0.99
N SER A 718 7.84 -20.53 -1.36
CA SER A 718 7.42 -20.85 -2.73
C SER A 718 6.36 -19.85 -3.20
N LEU A 719 5.46 -19.45 -2.32
CA LEU A 719 4.34 -18.60 -2.74
C LEU A 719 4.85 -17.17 -2.92
N LEU A 720 5.79 -16.74 -2.08
CA LEU A 720 6.27 -15.35 -2.12
C LEU A 720 6.85 -15.09 -3.50
N LEU A 721 7.40 -16.11 -4.16
CA LEU A 721 8.04 -15.92 -5.48
C LEU A 721 7.02 -15.38 -6.49
N GLN A 722 5.73 -15.55 -6.23
CA GLN A 722 4.69 -15.20 -7.22
C GLN A 722 4.14 -13.81 -6.93
N TYR A 723 4.80 -13.07 -6.04
CA TYR A 723 4.39 -11.66 -5.79
C TYR A 723 5.43 -10.73 -6.39
N GLY A 724 6.49 -11.31 -6.96
CA GLY A 724 7.37 -10.55 -7.86
C GLY A 724 8.58 -9.97 -7.15
N SER A 725 9.05 -8.83 -7.61
CA SER A 725 10.35 -8.29 -7.16
C SER A 725 10.14 -7.30 -6.02
N PHE A 726 9.04 -7.39 -5.28
CA PHE A 726 8.91 -6.42 -4.21
C PHE A 726 10.07 -6.46 -3.24
N CYS A 727 10.82 -7.57 -3.22
CA CYS A 727 11.81 -7.77 -2.20
C CYS A 727 13.25 -7.53 -2.63
N GLN A 728 13.58 -7.68 -3.90
CA GLN A 728 14.85 -7.16 -4.38
C GLN A 728 14.77 -5.66 -4.63
N GLN A 729 13.58 -5.09 -4.52
CA GLN A 729 13.38 -3.66 -4.64
C GLN A 729 13.34 -2.98 -3.28
N LEU A 730 12.94 -3.68 -2.23
CA LEU A 730 12.93 -3.16 -0.87
C LEU A 730 14.31 -3.16 -0.24
N ASN A 731 15.25 -3.91 -0.81
CA ASN A 731 16.62 -4.00 -0.31
C ASN A 731 17.55 -2.96 -0.92
N ARG A 732 17.35 -2.62 -2.20
CA ARG A 732 18.17 -1.60 -2.83
C ARG A 732 17.97 -0.24 -2.18
N ALA A 733 16.74 0.10 -1.83
CA ALA A 733 16.48 1.39 -1.19
C ALA A 733 17.18 1.49 0.15
N LEU A 734 17.07 0.45 0.97
CA LEU A 734 17.75 0.40 2.26
C LEU A 734 19.25 0.41 2.13
N ALA A 735 19.81 -0.23 1.10
CA ALA A 735 21.24 -0.16 0.84
C ALA A 735 21.71 1.23 0.43
N GLY A 736 20.94 1.93 -0.39
CA GLY A 736 21.28 3.30 -0.70
C GLY A 736 21.26 4.21 0.51
N VAL A 737 20.25 4.07 1.37
CA VAL A 737 20.22 4.84 2.60
C VAL A 737 21.43 4.54 3.47
N SER A 738 21.88 3.29 3.53
CA SER A 738 23.05 2.92 4.31
C SER A 738 24.36 3.46 3.73
N VAL A 739 24.52 3.45 2.41
CA VAL A 739 25.76 3.98 1.83
C VAL A 739 25.79 5.50 1.83
N GLU A 740 24.65 6.16 1.96
CA GLU A 740 24.66 7.62 2.04
C GLU A 740 25.13 8.13 3.39
N GLN A 741 24.94 7.37 4.46
CA GLN A 741 25.25 7.84 5.80
C GLN A 741 26.75 7.97 6.04
N ASP A 742 27.58 7.15 5.41
CA ASP A 742 29.02 7.31 5.49
C ASP A 742 29.54 8.50 4.70
N LYS A 743 28.98 8.74 3.51
CA LYS A 743 29.36 9.91 2.74
C LYS A 743 28.95 11.19 3.46
N ASN A 744 27.85 11.14 4.21
CA ASN A 744 27.45 12.29 5.02
C ASN A 744 28.55 12.68 6.01
N THR A 745 29.08 11.71 6.75
CA THR A 745 30.16 11.96 7.70
C THR A 745 31.45 12.38 7.02
N GLN A 746 31.78 11.74 5.90
CA GLN A 746 32.98 12.06 5.14
C GLN A 746 32.95 13.48 4.57
N ASP A 747 31.75 14.00 4.27
CA ASP A 747 31.66 15.35 3.74
C ASP A 747 31.76 16.40 4.81
N VAL A 748 31.62 16.01 6.08
CA VAL A 748 31.68 16.98 7.17
C VAL A 748 33.04 16.97 7.86
N PHE A 749 33.59 15.80 8.14
CA PHE A 749 34.81 15.72 8.95
C PHE A 749 36.10 15.61 8.14
N ALA A 750 36.09 14.88 7.03
CA ALA A 750 37.33 14.64 6.29
C ALA A 750 37.48 15.54 5.07
N GLN A 751 37.73 16.83 5.29
CA GLN A 751 38.04 17.74 4.19
C GLN A 751 39.46 18.27 4.25
N VAL A 752 40.21 17.98 5.31
CA VAL A 752 41.64 18.26 5.38
C VAL A 752 42.37 16.93 5.52
N LYS A 753 43.33 16.69 4.62
CA LYS A 753 44.09 15.43 4.61
C LYS A 753 45.48 15.58 5.19
N SER A 754 45.67 16.49 6.15
CA SER A 754 46.90 16.62 6.89
C SER A 754 46.59 16.58 8.38
N ILE A 755 47.37 15.84 9.14
CA ILE A 755 47.19 15.72 10.58
C ILE A 755 48.19 16.66 11.23
N TYR A 756 47.67 17.74 11.82
CA TYR A 756 48.48 18.66 12.59
C TYR A 756 48.38 18.34 14.07
N LYS A 757 49.49 18.55 14.78
CA LYS A 757 49.59 18.20 16.19
C LYS A 757 50.18 19.36 16.97
N VAL A 758 49.59 19.68 18.11
CA VAL A 758 50.04 20.74 19.00
C VAL A 758 49.85 20.31 20.45
N SER A 759 50.85 20.58 21.28
CA SER A 759 50.74 20.32 22.70
C SER A 759 49.73 21.28 23.35
N ALA A 760 48.91 20.73 24.24
CA ALA A 760 47.81 21.47 24.85
C ALA A 760 48.24 22.31 26.04
N ILE A 761 49.40 22.02 26.63
CA ILE A 761 49.86 22.75 27.81
C ILE A 761 50.71 23.95 27.42
N LYS A 762 50.77 24.25 26.13
CA LYS A 762 51.57 25.35 25.63
C LYS A 762 50.85 26.66 25.97
N ASP A 763 51.56 27.79 25.85
CA ASP A 763 51.08 29.06 26.38
C ASP A 763 50.04 29.73 25.50
N PHE A 764 50.40 30.05 24.27
CA PHE A 764 49.57 30.71 23.26
C PHE A 764 49.22 32.14 23.63
N GLY A 765 49.97 32.77 24.52
CA GLY A 765 49.75 34.17 24.84
C GLY A 765 48.62 34.44 25.80
N GLY A 766 48.23 33.47 26.62
CA GLY A 766 47.18 33.64 27.60
C GLY A 766 45.93 32.84 27.34
N PHE A 767 45.84 32.16 26.20
CA PHE A 767 44.67 31.36 25.86
C PHE A 767 44.93 29.91 26.25
N ASN A 768 43.95 29.28 26.91
CA ASN A 768 44.24 27.99 27.57
C ASN A 768 44.20 26.85 26.54
N PHE A 769 43.12 26.70 25.79
CA PHE A 769 42.98 25.65 24.78
C PHE A 769 43.17 24.27 25.36
N SER A 770 42.74 24.02 26.59
CA SER A 770 43.00 22.71 27.24
C SER A 770 41.74 21.87 27.29
N GLN A 771 40.57 22.51 27.25
CA GLN A 771 39.30 21.78 27.35
C GLN A 771 38.78 21.45 25.94
N ILE A 772 39.56 21.75 24.91
CA ILE A 772 39.12 21.52 23.51
C ILE A 772 40.13 20.66 22.77
N LEU A 773 41.37 20.57 23.25
CA LEU A 773 42.42 19.75 22.58
C LEU A 773 42.60 18.47 23.37
N PRO A 774 42.91 17.33 22.72
CA PRO A 774 43.01 16.06 23.42
C PRO A 774 44.02 16.08 24.57
N ASP A 775 43.69 15.39 25.67
CA ASP A 775 44.59 15.30 26.86
C ASP A 775 45.92 14.68 26.46
N PRO A 776 47.04 15.03 27.11
CA PRO A 776 48.33 14.54 26.65
C PRO A 776 48.63 13.15 27.21
N ALA A 777 48.58 13.00 28.53
CA ALA A 777 48.89 11.71 29.17
C ALA A 777 47.64 10.84 29.24
N LYS A 778 46.61 11.30 29.95
CA LYS A 778 45.40 10.47 30.16
C LYS A 778 45.07 9.57 28.97
N PRO A 779 44.85 8.27 29.17
CA PRO A 779 44.48 7.38 28.10
C PRO A 779 43.55 7.89 26.99
N SER A 780 42.50 8.63 27.36
CA SER A 780 41.50 9.13 26.37
C SER A 780 42.15 9.73 25.14
N LYS A 781 41.57 9.49 23.97
CA LYS A 781 42.07 10.11 22.73
C LYS A 781 41.11 11.24 22.36
N ARG A 782 40.13 11.49 23.21
CA ARG A 782 39.17 12.59 22.97
C ARG A 782 39.54 13.75 23.88
N SER A 783 38.69 14.76 23.94
CA SER A 783 38.98 15.98 24.72
C SER A 783 38.07 16.05 25.94
N PRO A 784 38.32 16.96 26.90
CA PRO A 784 37.44 17.11 28.05
C PRO A 784 35.97 17.49 27.80
N ILE A 785 35.63 18.06 26.65
CA ILE A 785 34.25 18.42 26.30
C ILE A 785 33.57 17.28 25.53
N GLU A 786 34.29 16.62 24.63
CA GLU A 786 33.70 15.49 23.92
C GLU A 786 33.42 14.33 24.86
N ASP A 787 34.26 14.14 25.88
CA ASP A 787 34.00 13.10 26.87
C ASP A 787 32.72 13.37 27.65
N LEU A 788 32.40 14.64 27.88
CA LEU A 788 31.14 14.97 28.55
C LEU A 788 29.96 14.85 27.60
N LEU A 789 30.15 15.17 26.32
CA LEU A 789 29.08 15.02 25.34
C LEU A 789 28.71 13.56 25.13
N TYR A 790 29.69 12.66 25.16
CA TYR A 790 29.44 11.25 24.95
C TYR A 790 28.80 10.57 26.16
N ASN A 791 28.67 11.26 27.28
CA ASN A 791 28.03 10.71 28.47
C ASN A 791 26.64 11.30 28.71
N LYS A 792 26.08 12.00 27.72
CA LYS A 792 24.74 12.62 27.86
C LYS A 792 23.78 12.15 26.75
N VAL A 793 24.12 11.13 25.97
CA VAL A 793 23.20 10.53 25.00
C VAL A 793 23.11 9.05 25.34
N THR A 794 21.88 8.58 25.48
CA THR A 794 21.66 7.17 25.89
C THR A 794 21.51 6.30 24.65
N LEU A 795 22.62 5.98 24.00
CA LEU A 795 22.58 5.10 22.79
C LEU A 795 21.72 3.88 23.09
N ALA A 796 21.16 3.25 22.05
CA ALA A 796 20.22 2.12 22.28
C ALA A 796 20.88 0.79 21.91
N ASP A 797 21.49 0.11 22.88
CA ASP A 797 22.12 -1.23 22.66
C ASP A 797 23.34 -1.11 21.75
N PRO A 798 24.49 -1.71 22.14
CA PRO A 798 25.69 -1.70 21.30
C PRO A 798 25.88 -2.97 20.48
N GLY A 799 25.00 -3.98 20.66
CA GLY A 799 25.15 -5.26 19.94
C GLY A 799 25.37 -6.41 20.90
N PHE A 800 24.31 -7.16 21.23
CA PHE A 800 24.41 -8.26 22.22
C PHE A 800 25.62 -9.15 21.91
N MET A 801 25.52 -9.97 20.87
CA MET A 801 26.62 -10.92 20.59
C MET A 801 27.93 -10.16 20.37
N LYS A 802 27.90 -8.82 20.40
CA LYS A 802 29.15 -8.04 20.28
C LYS A 802 29.48 -7.35 21.60
N GLN A 803 28.60 -7.51 22.61
CA GLN A 803 28.81 -6.87 23.94
C GLN A 803 28.62 -7.94 25.02
N TYR A 804 29.37 -9.05 24.91
CA TYR A 804 29.26 -10.15 25.90
C TYR A 804 27.80 -10.63 25.96
N GLY A 805 27.04 -10.46 24.88
CA GLY A 805 25.62 -10.84 24.90
C GLY A 805 25.37 -12.14 24.15
N ASP A 806 24.25 -12.78 24.45
CA ASP A 806 23.89 -14.03 23.72
C ASP A 806 22.37 -14.13 23.71
N CYS A 807 21.80 -14.31 22.52
CA CYS A 807 20.33 -14.43 22.41
C CYS A 807 19.96 -15.90 22.67
N LEU A 808 20.90 -16.67 23.19
CA LEU A 808 20.59 -18.09 23.55
C LEU A 808 20.80 -18.25 25.05
N GLY A 809 19.72 -18.57 25.77
CA GLY A 809 19.83 -18.74 27.23
C GLY A 809 19.95 -17.41 27.93
N GLY A 810 20.91 -16.59 27.51
CA GLY A 810 21.07 -15.23 28.07
C GLY A 810 20.16 -14.24 27.38
N VAL A 811 19.00 -14.70 26.89
CA VAL A 811 18.04 -13.81 26.18
C VAL A 811 17.25 -13.00 27.20
N ASN A 812 17.56 -13.18 28.49
CA ASN A 812 16.79 -12.49 29.56
C ASN A 812 15.33 -12.89 29.44
N ALA A 813 14.43 -12.09 29.99
CA ALA A 813 12.99 -12.38 29.79
C ALA A 813 12.77 -12.42 28.27
N ARG A 814 13.30 -11.43 27.55
CA ARG A 814 13.20 -11.40 26.07
C ARG A 814 13.79 -10.06 25.60
N ASP A 815 15.06 -10.05 25.21
CA ASP A 815 15.70 -8.77 24.81
C ASP A 815 15.12 -8.32 23.47
N LEU A 816 14.72 -7.05 23.37
CA LEU A 816 14.25 -6.52 22.09
C LEU A 816 15.25 -6.93 21.01
N ILE A 817 16.52 -6.59 21.19
CA ILE A 817 17.55 -6.88 20.16
C ILE A 817 17.38 -8.31 19.64
N CYS A 818 17.14 -9.25 20.54
CA CYS A 818 17.13 -10.68 20.14
C CYS A 818 15.95 -10.95 19.22
N ALA A 819 14.80 -10.36 19.52
CA ALA A 819 13.60 -10.57 18.71
C ALA A 819 13.82 -10.01 17.31
N GLN A 820 14.59 -8.94 17.21
CA GLN A 820 14.91 -8.35 15.90
C GLN A 820 15.77 -9.33 15.09
N LYS A 821 16.84 -9.86 15.67
CA LYS A 821 17.73 -10.72 14.89
C LYS A 821 17.04 -12.02 14.50
N PHE A 822 16.16 -12.53 15.35
CA PHE A 822 15.42 -13.75 15.04
C PHE A 822 14.42 -13.55 13.92
N ASN A 823 14.25 -12.33 13.43
CA ASN A 823 13.20 -12.01 12.49
C ASN A 823 13.70 -11.25 11.28
N GLY A 824 15.02 -11.09 11.14
CA GLY A 824 15.60 -10.59 9.91
C GLY A 824 16.05 -9.15 9.90
N LEU A 825 16.07 -8.48 11.06
CA LEU A 825 16.44 -7.07 11.14
C LEU A 825 17.81 -6.94 11.79
N THR A 826 18.77 -6.35 11.07
CA THR A 826 20.13 -6.19 11.56
C THR A 826 20.56 -4.74 11.48
N VAL A 827 21.49 -4.37 12.36
CA VAL A 827 22.08 -3.03 12.41
C VAL A 827 23.55 -3.13 12.05
N LEU A 828 24.00 -2.27 11.12
CA LEU A 828 25.38 -2.31 10.66
C LEU A 828 26.21 -1.20 11.29
N PRO A 829 27.49 -1.42 11.52
CA PRO A 829 28.32 -0.42 12.19
C PRO A 829 28.81 0.63 11.20
N PRO A 830 29.10 1.83 11.67
CA PRO A 830 29.65 2.85 10.77
C PRO A 830 31.08 2.56 10.36
N LEU A 831 31.49 3.15 9.24
CA LEU A 831 32.82 2.93 8.68
C LEU A 831 33.90 3.68 9.45
N LEU A 832 33.59 4.87 9.93
CA LEU A 832 34.55 5.68 10.68
C LEU A 832 34.29 5.48 12.17
N THR A 833 35.33 5.12 12.91
CA THR A 833 35.21 4.86 14.33
C THR A 833 35.22 6.18 15.11
N ASP A 834 34.66 6.14 16.32
CA ASP A 834 34.62 7.32 17.17
C ASP A 834 36.02 7.81 17.51
N ASP A 835 36.96 6.92 17.75
CA ASP A 835 38.36 7.32 18.03
C ASP A 835 38.96 7.90 16.77
N MET A 836 38.42 7.56 15.64
CA MET A 836 38.96 8.00 14.37
C MET A 836 38.26 9.23 13.83
N ILE A 837 37.01 9.46 14.23
CA ILE A 837 36.37 10.76 14.04
C ILE A 837 36.98 11.81 14.95
N ALA A 838 37.28 11.47 16.21
CA ALA A 838 37.89 12.41 17.14
C ALA A 838 39.31 12.79 16.77
N ALA A 839 39.94 12.05 15.85
CA ALA A 839 41.25 12.43 15.35
C ALA A 839 41.15 13.57 14.33
N TYR A 840 40.05 13.63 13.57
CA TYR A 840 39.89 14.70 12.60
C TYR A 840 39.66 16.03 13.29
N THR A 841 38.94 16.03 14.41
CA THR A 841 38.66 17.25 15.15
C THR A 841 39.87 17.79 15.89
N SER A 842 40.78 16.93 16.32
CA SER A 842 42.01 17.38 16.94
C SER A 842 42.99 17.99 15.95
N ALA A 843 42.97 17.53 14.69
CA ALA A 843 43.75 18.12 13.63
C ALA A 843 43.11 19.36 13.04
N LEU A 844 41.86 19.64 13.37
CA LEU A 844 41.17 20.81 12.88
C LEU A 844 41.22 21.96 13.87
N VAL A 845 41.40 21.68 15.16
CA VAL A 845 41.60 22.72 16.16
C VAL A 845 43.06 23.10 16.30
N SER A 846 43.98 22.15 16.13
CA SER A 846 45.41 22.42 16.18
C SER A 846 45.94 23.00 14.88
N GLY A 847 45.11 23.11 13.86
CA GLY A 847 45.51 23.74 12.63
C GLY A 847 45.19 25.22 12.62
N THR A 848 44.20 25.62 13.42
CA THR A 848 43.88 27.02 13.60
C THR A 848 44.63 27.66 14.75
N ALA A 849 45.36 26.85 15.54
CA ALA A 849 46.27 27.37 16.55
C ALA A 849 47.70 27.42 16.04
N LEU A 850 47.90 27.17 14.75
CA LEU A 850 49.22 27.11 14.15
C LEU A 850 49.31 28.04 12.95
N SER A 851 48.23 28.07 12.17
CA SER A 851 48.24 28.77 10.86
C SER A 851 47.09 29.73 10.65
N GLY A 852 46.05 29.68 11.47
CA GLY A 852 44.86 30.50 11.23
C GLY A 852 43.94 29.78 10.24
N PHE A 853 43.52 30.47 9.18
CA PHE A 853 42.68 29.82 8.14
C PHE A 853 43.44 29.86 6.82
N THR A 854 44.65 29.33 6.83
CA THR A 854 45.48 29.28 5.61
C THR A 854 45.55 27.79 5.23
N PHE A 855 45.28 26.92 6.19
CA PHE A 855 45.33 25.47 5.93
C PHE A 855 44.15 25.08 5.04
N GLY A 856 43.20 25.99 4.83
CA GLY A 856 42.00 25.67 4.06
C GLY A 856 42.02 26.26 2.67
N ALA A 857 43.17 26.78 2.25
CA ALA A 857 43.33 27.33 0.89
C ALA A 857 44.69 26.91 0.33
N GLY A 858 45.39 26.02 1.02
CA GLY A 858 46.72 25.65 0.58
C GLY A 858 47.57 25.12 1.72
N PRO A 859 48.87 25.31 1.62
CA PRO A 859 49.77 24.87 2.69
C PRO A 859 49.63 25.73 3.93
N ALA A 860 49.91 25.11 5.08
CA ALA A 860 49.82 25.81 6.35
C ALA A 860 50.96 26.82 6.48
N LEU A 861 50.62 28.05 6.85
CA LEU A 861 51.59 29.12 7.03
C LEU A 861 51.53 29.55 8.49
N GLN A 862 52.63 29.33 9.20
CA GLN A 862 52.70 29.58 10.64
C GLN A 862 52.54 31.05 10.97
N ILE A 863 51.91 31.36 12.09
CA ILE A 863 51.76 32.74 12.54
C ILE A 863 51.66 32.73 14.06
N PRO A 864 52.18 33.73 14.76
CA PRO A 864 51.92 33.83 16.20
C PRO A 864 50.44 34.02 16.48
N PHE A 865 49.97 33.41 17.58
CA PHE A 865 48.53 33.43 17.85
C PHE A 865 47.97 34.84 18.07
N PRO A 866 48.56 35.69 18.93
CA PRO A 866 48.00 37.04 19.09
C PRO A 866 48.06 37.84 17.81
N MET A 867 48.98 37.51 16.91
CA MET A 867 49.00 38.14 15.60
C MET A 867 47.85 37.67 14.72
N GLN A 868 47.41 36.43 14.90
CA GLN A 868 46.23 35.92 14.21
C GLN A 868 44.93 36.53 14.72
N MET A 869 44.83 36.82 16.01
CA MET A 869 43.65 37.44 16.59
C MET A 869 43.56 38.92 16.27
N ALA A 870 44.68 39.57 15.94
CA ALA A 870 44.66 40.94 15.45
C ALA A 870 44.21 41.06 14.00
N TYR A 871 44.52 40.07 13.17
CA TYR A 871 43.96 39.98 11.83
C TYR A 871 42.46 39.78 11.84
N ARG A 872 41.92 39.06 12.82
CA ARG A 872 40.50 38.83 12.93
C ARG A 872 39.73 40.04 13.45
N PHE A 873 40.33 40.83 14.32
CA PHE A 873 39.73 42.11 14.72
C PHE A 873 39.70 43.11 13.58
N ASN A 874 40.64 43.05 12.65
CA ASN A 874 40.60 43.89 11.47
C ASN A 874 39.47 43.50 10.52
N GLY A 875 38.95 42.27 10.65
CA GLY A 875 37.91 41.78 9.79
C GLY A 875 36.51 42.20 10.14
N ILE A 876 36.26 42.59 11.38
CA ILE A 876 34.96 43.11 11.78
C ILE A 876 34.96 44.63 11.93
N GLY A 877 35.99 45.32 11.48
CA GLY A 877 36.00 46.76 11.42
C GLY A 877 36.75 47.45 12.54
N VAL A 878 37.45 46.72 13.38
CA VAL A 878 38.12 47.29 14.53
C VAL A 878 39.63 47.23 14.31
N THR A 879 40.33 48.29 14.72
CA THR A 879 41.76 48.44 14.51
C THR A 879 42.56 47.46 15.35
N GLN A 880 43.82 47.25 14.95
CA GLN A 880 44.65 46.21 15.55
C GLN A 880 45.13 46.55 16.95
N ASN A 881 45.12 47.81 17.34
CA ASN A 881 45.67 48.18 18.63
C ASN A 881 44.79 47.78 19.80
N VAL A 882 43.47 47.71 19.60
CA VAL A 882 42.59 47.41 20.73
C VAL A 882 42.78 45.99 21.23
N LEU A 883 43.43 45.12 20.46
CA LEU A 883 43.71 43.79 20.97
C LEU A 883 45.04 43.76 21.71
N TYR A 884 46.05 44.44 21.16
CA TYR A 884 47.36 44.45 21.81
C TYR A 884 47.32 45.20 23.12
N GLU A 885 46.41 46.17 23.25
CA GLU A 885 46.34 46.96 24.47
C GLU A 885 45.47 46.33 25.55
N ASN A 886 44.54 45.46 25.21
CA ASN A 886 43.70 44.79 26.20
C ASN A 886 43.77 43.27 26.03
N GLN A 887 44.93 42.77 25.62
CA GLN A 887 45.15 41.33 25.46
C GLN A 887 44.85 40.52 26.70
N LYS A 888 45.24 40.99 27.89
CA LYS A 888 45.07 40.21 29.10
C LYS A 888 43.63 40.10 29.56
N GLN A 889 42.73 40.97 29.11
CA GLN A 889 41.32 40.83 29.48
C GLN A 889 40.53 40.06 28.44
N ILE A 890 40.91 40.14 27.16
CA ILE A 890 40.38 39.25 26.14
C ILE A 890 40.80 37.81 26.39
N ALA A 891 42.00 37.57 26.91
CA ALA A 891 42.44 36.21 27.21
C ALA A 891 41.82 35.68 28.49
N ASN A 892 41.11 36.51 29.25
CA ASN A 892 40.40 36.07 30.44
C ASN A 892 38.91 35.90 30.22
N GLN A 893 38.28 36.82 29.48
CA GLN A 893 36.88 36.62 29.09
C GLN A 893 36.74 35.36 28.24
N PHE A 894 37.65 35.17 27.29
CA PHE A 894 37.69 33.96 26.49
C PHE A 894 37.86 32.71 27.35
N ASN A 895 38.78 32.76 28.32
CA ASN A 895 39.03 31.61 29.18
C ASN A 895 37.85 31.29 30.08
N LYS A 896 37.13 32.31 30.53
CA LYS A 896 36.00 32.11 31.44
C LYS A 896 34.79 31.60 30.67
N ALA A 897 34.66 32.00 29.41
CA ALA A 897 33.51 31.57 28.63
C ALA A 897 33.55 30.09 28.30
N ILE A 898 34.74 29.55 28.03
CA ILE A 898 34.87 28.14 27.68
C ILE A 898 34.83 27.26 28.92
N SER A 899 35.12 27.85 30.08
CA SER A 899 35.05 27.11 31.34
C SER A 899 33.63 27.09 31.89
N GLN A 900 32.69 27.77 31.22
CA GLN A 900 31.31 27.79 31.65
C GLN A 900 30.38 27.02 30.72
N ILE A 901 30.88 26.56 29.57
CA ILE A 901 30.12 25.62 28.77
C ILE A 901 30.08 24.24 29.43
N GLN A 902 31.12 23.88 30.16
CA GLN A 902 31.12 22.60 30.88
C GLN A 902 29.99 22.54 31.90
N GLU A 903 29.90 23.53 32.77
CA GLU A 903 28.91 23.48 33.86
C GLU A 903 27.56 24.04 33.43
N SER A 904 27.33 24.12 32.12
CA SER A 904 26.02 24.43 31.57
C SER A 904 25.53 23.23 30.80
N LEU A 905 26.41 22.25 30.59
CA LEU A 905 26.01 20.97 30.00
C LEU A 905 25.96 19.85 31.03
N THR A 906 26.84 19.87 32.02
CA THR A 906 26.91 18.80 33.02
C THR A 906 25.78 18.86 34.02
N THR A 907 24.98 19.92 34.01
CA THR A 907 23.85 20.03 34.92
C THR A 907 22.54 19.91 34.16
N THR A 908 22.38 20.73 33.13
CA THR A 908 21.19 20.72 32.30
C THR A 908 21.14 19.45 31.45
N PRO A 909 20.05 18.69 31.49
CA PRO A 909 19.99 17.44 30.73
C PRO A 909 19.63 17.65 29.27
N THR A 910 18.91 18.74 28.98
CA THR A 910 18.45 19.02 27.62
C THR A 910 19.48 19.81 26.82
N ALA A 911 19.03 20.36 25.70
CA ALA A 911 19.79 21.19 24.76
C ALA A 911 20.72 20.35 23.89
N LEU A 912 20.93 19.09 24.25
CA LEU A 912 21.34 18.07 23.28
C LEU A 912 20.13 17.28 22.82
N GLY A 913 19.06 17.97 22.44
CA GLY A 913 17.78 17.35 22.18
C GLY A 913 17.45 17.11 20.73
N LYS A 914 18.36 17.38 19.80
CA LYS A 914 18.17 16.99 18.42
C LYS A 914 18.95 15.74 18.07
N LEU A 915 19.90 15.36 18.91
CA LEU A 915 20.65 14.12 18.73
C LEU A 915 19.97 12.94 19.39
N GLN A 916 19.22 13.17 20.46
CA GLN A 916 18.51 12.10 21.14
C GLN A 916 17.30 11.61 20.35
N ASP A 917 16.58 12.53 19.69
CA ASP A 917 15.44 12.15 18.87
C ASP A 917 15.85 11.29 17.68
N VAL A 918 17.04 11.47 17.13
CA VAL A 918 17.48 10.60 16.04
C VAL A 918 17.56 9.16 16.53
N ILE A 919 18.07 8.94 17.73
CA ILE A 919 18.14 7.58 18.27
C ILE A 919 16.75 7.06 18.60
N ASN A 920 15.92 7.91 19.22
CA ASN A 920 14.59 7.47 19.63
C ASN A 920 13.70 7.08 18.47
N GLN A 921 13.69 7.85 17.38
CA GLN A 921 12.87 7.50 16.23
C GLN A 921 13.31 6.21 15.55
N ASN A 922 14.62 5.95 15.47
CA ASN A 922 15.07 4.66 14.97
C ASN A 922 14.62 3.52 15.87
N ALA A 923 14.75 3.68 17.19
CA ALA A 923 14.36 2.61 18.09
C ALA A 923 12.87 2.30 18.03
N ILE A 924 12.02 3.32 18.15
CA ILE A 924 10.57 3.08 18.16
C ILE A 924 10.03 2.67 16.81
N ALA A 925 10.76 2.90 15.72
CA ALA A 925 10.34 2.44 14.41
C ALA A 925 10.82 1.04 14.10
N LEU A 926 11.97 0.63 14.63
CA LEU A 926 12.38 -0.76 14.51
C LEU A 926 11.61 -1.68 15.43
N ASN A 927 11.14 -1.17 16.57
CA ASN A 927 10.37 -2.01 17.49
C ASN A 927 8.91 -2.15 17.10
N THR A 928 8.38 -1.22 16.31
CA THR A 928 7.01 -1.29 15.82
C THR A 928 6.85 -2.30 14.68
N LEU A 929 7.90 -2.54 13.92
CA LEU A 929 7.92 -3.56 12.87
C LEU A 929 7.89 -4.98 13.41
N VAL A 930 8.55 -5.24 14.53
CA VAL A 930 8.58 -6.56 15.15
C VAL A 930 7.23 -6.90 15.78
N LYS A 931 6.60 -5.93 16.41
CA LYS A 931 5.38 -6.18 17.17
C LYS A 931 4.19 -6.27 16.22
N GLN A 932 4.46 -6.15 14.93
CA GLN A 932 3.40 -6.23 13.93
C GLN A 932 3.32 -7.61 13.29
N LEU A 933 4.19 -8.52 13.67
CA LEU A 933 4.20 -9.90 13.15
C LEU A 933 3.25 -10.67 14.06
N SER A 934 2.63 -10.01 15.03
CA SER A 934 1.70 -10.64 15.99
C SER A 934 0.24 -10.36 15.62
N SER A 935 -0.02 -9.76 14.47
CA SER A 935 -1.39 -9.45 14.01
C SER A 935 -1.87 -10.51 13.01
N ASN A 936 -3.18 -10.74 12.93
CA ASN A 936 -3.76 -11.83 12.10
C ASN A 936 -4.29 -11.25 10.80
N PHE A 937 -4.40 -9.93 10.74
CA PHE A 937 -4.85 -9.24 9.50
C PHE A 937 -6.09 -9.93 8.94
N GLY A 938 -6.87 -10.57 9.80
CA GLY A 938 -8.20 -11.07 9.39
C GLY A 938 -8.24 -12.57 9.16
N ALA A 939 -7.11 -13.28 9.31
CA ALA A 939 -7.10 -14.73 9.08
C ALA A 939 -7.31 -15.47 10.39
N ILE A 940 -7.17 -16.79 10.38
CA ILE A 940 -7.57 -17.65 11.53
C ILE A 940 -6.52 -17.54 12.63
N SER A 941 -5.27 -17.22 12.28
CA SER A 941 -4.18 -17.08 13.27
C SER A 941 -3.08 -16.19 12.71
N SER A 942 -2.11 -15.81 13.55
CA SER A 942 -0.98 -14.96 13.13
C SER A 942 0.22 -15.85 12.89
N VAL A 943 0.10 -17.12 13.28
CA VAL A 943 1.19 -18.11 13.09
C VAL A 943 0.88 -18.89 11.82
N LEU A 944 1.88 -19.17 10.98
CA LEU A 944 1.63 -19.81 9.67
C LEU A 944 1.72 -21.32 9.82
N ASN A 945 2.26 -21.80 10.92
CA ASN A 945 2.45 -23.26 11.08
C ASN A 945 1.20 -23.83 11.74
N ASP A 946 0.22 -22.98 12.02
CA ASP A 946 -1.07 -23.43 12.62
C ASP A 946 -2.15 -23.36 11.55
N ILE A 947 -1.88 -22.73 10.40
CA ILE A 947 -2.81 -22.68 9.26
C ILE A 947 -2.46 -23.87 8.40
N LEU A 948 -1.22 -24.34 8.47
CA LEU A 948 -0.74 -25.45 7.62
C LEU A 948 -0.84 -26.77 8.36
N SER A 949 -1.20 -26.75 9.64
CA SER A 949 -1.40 -27.97 10.46
C SER A 949 -2.88 -28.32 10.53
N ARG A 950 -3.76 -27.57 9.88
CA ARG A 950 -5.22 -27.81 10.00
C ARG A 950 -5.99 -27.56 8.72
N LEU A 951 -5.40 -26.95 7.71
CA LEU A 951 -6.10 -26.75 6.43
C LEU A 951 -5.29 -27.41 5.32
N ASP A 952 -5.92 -27.73 4.20
CA ASP A 952 -5.26 -28.48 3.11
C ASP A 952 -4.79 -27.54 2.01
N PRO A 953 -3.82 -27.95 1.16
CA PRO A 953 -3.26 -27.07 0.14
C PRO A 953 -4.23 -26.08 -0.50
N PRO A 954 -5.46 -26.43 -0.93
CA PRO A 954 -6.34 -25.41 -1.52
C PRO A 954 -6.89 -24.31 -0.61
N GLU A 955 -7.23 -24.58 0.65
CA GLU A 955 -7.88 -23.56 1.52
C GLU A 955 -6.86 -22.84 2.40
N ALA A 956 -5.67 -23.40 2.56
CA ALA A 956 -4.60 -22.75 3.33
C ALA A 956 -4.08 -21.58 2.53
N GLU A 957 -4.14 -21.66 1.21
CA GLU A 957 -3.54 -20.60 0.35
C GLU A 957 -4.37 -19.33 0.40
N VAL A 958 -5.67 -19.42 0.65
CA VAL A 958 -6.50 -18.19 0.78
C VAL A 958 -6.23 -17.51 2.12
N GLN A 959 -5.72 -18.24 3.11
CA GLN A 959 -5.45 -17.67 4.44
C GLN A 959 -3.99 -17.21 4.55
N ILE A 960 -3.09 -17.80 3.79
CA ILE A 960 -1.65 -17.44 3.81
C ILE A 960 -1.39 -16.32 2.81
N ASP A 961 -2.44 -15.76 2.21
CA ASP A 961 -2.32 -14.63 1.27
C ASP A 961 -2.72 -13.39 2.01
N ARG A 962 -3.55 -13.55 3.03
CA ARG A 962 -3.99 -12.40 3.83
C ARG A 962 -2.85 -11.96 4.74
N LEU A 963 -1.93 -12.86 5.09
CA LEU A 963 -0.76 -12.55 5.94
C LEU A 963 0.40 -12.06 5.08
N ILE A 964 0.66 -12.69 3.95
CA ILE A 964 1.74 -12.24 3.03
C ILE A 964 1.44 -10.84 2.51
N THR A 965 0.19 -10.39 2.59
CA THR A 965 -0.20 -9.07 2.05
C THR A 965 -0.03 -8.01 3.14
N GLY A 966 -0.37 -8.29 4.38
CA GLY A 966 -0.15 -7.37 5.49
C GLY A 966 1.29 -7.19 5.87
N ARG A 967 2.08 -8.26 5.87
CA ARG A 967 3.49 -8.16 6.23
C ARG A 967 4.32 -7.50 5.15
N LEU A 968 3.86 -7.50 3.90
CA LEU A 968 4.50 -6.72 2.86
C LEU A 968 4.19 -5.23 2.98
N GLN A 969 2.95 -4.88 3.31
CA GLN A 969 2.57 -3.50 3.55
C GLN A 969 3.29 -2.88 4.74
N SER A 970 3.47 -3.63 5.83
CA SER A 970 4.24 -3.10 6.96
C SER A 970 5.67 -2.75 6.57
N LEU A 971 6.35 -3.66 5.86
CA LEU A 971 7.71 -3.40 5.42
C LEU A 971 7.77 -2.22 4.47
N GLN A 972 6.83 -2.15 3.53
CA GLN A 972 6.81 -1.04 2.59
C GLN A 972 6.66 0.28 3.32
N THR A 973 5.78 0.33 4.32
CA THR A 973 5.63 1.54 5.12
C THR A 973 6.92 1.90 5.85
N TYR A 974 7.57 0.91 6.45
CA TYR A 974 8.82 1.18 7.15
C TYR A 974 9.85 1.83 6.23
N VAL A 975 10.09 1.26 5.04
CA VAL A 975 11.10 1.83 4.17
C VAL A 975 10.69 3.16 3.54
N THR A 976 9.40 3.40 3.29
CA THR A 976 9.06 4.70 2.76
C THR A 976 9.16 5.79 3.82
N GLN A 977 8.97 5.47 5.10
CA GLN A 977 9.29 6.45 6.13
C GLN A 977 10.78 6.65 6.33
N GLN A 978 11.60 5.60 6.22
CA GLN A 978 13.05 5.79 6.30
C GLN A 978 13.62 6.62 5.17
N LEU A 979 13.13 6.43 3.94
CA LEU A 979 13.60 7.22 2.82
C LEU A 979 13.31 8.70 3.00
N ILE A 980 12.19 9.04 3.63
CA ILE A 980 11.85 10.44 3.88
C ILE A 980 12.72 11.05 4.97
N ARG A 981 13.00 10.31 6.05
CA ARG A 981 13.89 10.77 7.11
C ARG A 981 15.32 10.98 6.63
N ALA A 982 15.82 10.12 5.75
CA ALA A 982 17.16 10.31 5.21
C ALA A 982 17.30 11.64 4.47
N ALA A 983 16.27 12.07 3.75
CA ALA A 983 16.31 13.33 3.04
C ALA A 983 16.39 14.53 3.98
N ASP A 984 15.75 14.45 5.14
CA ASP A 984 15.89 15.49 6.15
C ASP A 984 17.25 15.46 6.83
N ILE A 985 17.84 14.27 6.99
CA ILE A 985 19.17 14.23 7.58
C ILE A 985 20.21 14.78 6.60
N ARG A 986 19.99 14.62 5.29
CA ARG A 986 20.97 15.07 4.31
C ARG A 986 21.06 16.59 4.23
N ALA A 987 19.94 17.30 4.38
CA ALA A 987 19.96 18.75 4.42
C ALA A 987 20.77 19.29 5.60
N SER A 988 20.59 18.75 6.80
CA SER A 988 21.40 19.13 7.93
C SER A 988 22.86 18.74 7.79
N ALA A 989 23.15 17.59 7.17
CA ALA A 989 24.55 17.26 6.89
C ALA A 989 25.19 18.26 5.95
N ASN A 990 24.47 18.68 4.91
CA ASN A 990 25.01 19.69 3.99
C ASN A 990 25.22 21.03 4.68
N LEU A 991 24.29 21.42 5.55
CA LEU A 991 24.47 22.66 6.30
C LEU A 991 25.66 22.59 7.27
N ALA A 992 25.85 21.44 7.92
CA ALA A 992 27.04 21.26 8.74
C ALA A 992 28.32 21.32 7.92
N ALA A 993 28.30 20.73 6.73
CA ALA A 993 29.48 20.78 5.87
C ALA A 993 29.81 22.20 5.42
N THR A 994 28.79 23.01 5.13
CA THR A 994 29.08 24.37 4.70
C THR A 994 29.48 25.25 5.88
N LYS A 995 28.97 24.97 7.09
CA LYS A 995 29.45 25.70 8.25
C LYS A 995 30.86 25.31 8.65
N MET A 996 31.27 24.07 8.44
CA MET A 996 32.65 23.68 8.68
C MET A 996 33.61 24.37 7.73
N SER A 997 33.16 24.77 6.56
CA SER A 997 34.02 25.46 5.62
C SER A 997 34.02 26.97 5.81
N GLU A 998 32.87 27.59 6.10
CA GLU A 998 32.80 29.04 6.21
C GLU A 998 33.02 29.58 7.62
N CYS A 999 32.84 28.77 8.66
CA CYS A 999 32.97 29.30 10.04
C CYS A 999 34.28 28.82 10.68
N VAL A 1000 34.79 27.66 10.29
CA VAL A 1000 36.01 27.08 10.95
C VAL A 1000 37.23 27.30 10.08
N LEU A 1001 37.12 27.17 8.77
CA LEU A 1001 38.27 27.41 7.87
C LEU A 1001 38.18 28.81 7.26
N GLY A 1002 37.38 29.70 7.84
CA GLY A 1002 37.32 31.10 7.40
C GLY A 1002 36.74 32.01 8.46
N GLN A 1003 36.65 33.31 8.18
CA GLN A 1003 35.86 34.23 9.03
C GLN A 1003 34.72 34.66 8.13
N SER A 1004 33.49 34.56 8.61
CA SER A 1004 32.33 34.82 7.75
C SER A 1004 31.77 36.20 7.97
N LYS A 1005 31.36 36.84 6.89
CA LYS A 1005 30.69 38.11 7.06
C LYS A 1005 29.17 38.00 7.07
N ARG A 1006 28.63 36.82 6.75
CA ARG A 1006 27.21 36.56 6.90
C ARG A 1006 26.80 36.76 8.36
N VAL A 1007 25.63 37.37 8.57
CA VAL A 1007 25.31 37.92 9.87
C VAL A 1007 25.05 36.86 10.94
N ASP A 1008 23.91 36.16 10.83
CA ASP A 1008 23.60 35.12 11.82
C ASP A 1008 23.95 33.73 11.33
N PHE A 1009 25.16 33.51 10.85
CA PHE A 1009 25.56 32.21 10.34
C PHE A 1009 26.49 31.48 11.29
N CYS A 1010 27.37 32.20 11.98
CA CYS A 1010 28.32 31.59 12.88
C CYS A 1010 28.17 32.19 14.27
N GLY A 1011 26.95 32.40 14.71
CA GLY A 1011 26.68 32.92 16.04
C GLY A 1011 25.89 34.22 16.01
N LYS A 1012 25.70 34.78 17.20
CA LYS A 1012 24.93 35.99 17.40
C LYS A 1012 25.89 37.13 17.75
N GLY A 1013 26.18 37.98 16.77
CA GLY A 1013 27.14 39.06 16.93
C GLY A 1013 28.07 39.16 15.75
N TYR A 1014 29.28 39.65 15.96
CA TYR A 1014 30.32 39.65 14.93
C TYR A 1014 31.25 38.48 15.15
N HIS A 1015 31.48 37.70 14.09
CA HIS A 1015 32.13 36.41 14.20
C HIS A 1015 33.65 36.55 14.19
N LEU A 1016 34.32 35.80 15.08
CA LEU A 1016 35.77 35.72 15.11
C LEU A 1016 36.29 34.32 14.78
N MET A 1017 35.89 33.31 15.54
CA MET A 1017 36.41 31.96 15.35
C MET A 1017 35.30 30.95 15.63
N SER A 1018 35.55 29.70 15.24
CA SER A 1018 34.70 28.58 15.57
C SER A 1018 35.54 27.33 15.76
N PHE A 1019 35.06 26.44 16.64
CA PHE A 1019 35.73 25.18 16.93
C PHE A 1019 34.75 24.02 16.80
N PRO A 1020 35.13 22.94 16.13
CA PRO A 1020 34.26 21.76 16.07
C PRO A 1020 34.54 20.77 17.18
N GLN A 1021 33.47 20.10 17.63
CA GLN A 1021 33.58 18.99 18.58
C GLN A 1021 32.66 17.87 18.15
N ALA A 1022 33.16 16.64 18.26
CA ALA A 1022 32.40 15.47 17.85
C ALA A 1022 31.36 15.12 18.88
N ALA A 1023 30.16 14.79 18.41
CA ALA A 1023 29.05 14.32 19.23
C ALA A 1023 28.43 13.12 18.54
N PRO A 1024 27.82 12.21 19.31
CA PRO A 1024 27.24 11.01 18.70
C PRO A 1024 26.18 11.32 17.66
N HIS A 1025 26.40 10.85 16.44
CA HIS A 1025 25.55 11.07 15.28
C HIS A 1025 25.52 12.51 14.81
N GLY A 1026 26.39 13.37 15.32
CA GLY A 1026 26.30 14.78 15.01
C GLY A 1026 27.58 15.56 15.24
N VAL A 1027 27.43 16.88 15.39
CA VAL A 1027 28.56 17.77 15.57
C VAL A 1027 28.09 18.96 16.40
N VAL A 1028 29.02 19.54 17.18
CA VAL A 1028 28.73 20.71 18.01
C VAL A 1028 29.75 21.78 17.67
N PHE A 1029 29.28 22.97 17.32
CA PHE A 1029 30.13 24.09 16.97
C PHE A 1029 30.17 25.06 18.14
N LEU A 1030 31.37 25.49 18.52
CA LEU A 1030 31.56 26.55 19.51
C LEU A 1030 31.95 27.82 18.75
N HIS A 1031 31.11 28.85 18.86
CA HIS A 1031 31.29 30.09 18.13
C HIS A 1031 31.77 31.17 19.08
N VAL A 1032 32.81 31.91 18.66
CA VAL A 1032 33.35 33.03 19.42
C VAL A 1032 32.93 34.33 18.73
N THR A 1033 32.44 35.29 19.52
CA THR A 1033 31.76 36.45 18.96
C THR A 1033 32.09 37.70 19.78
N TYR A 1034 32.15 38.84 19.07
CA TYR A 1034 32.39 40.16 19.64
C TYR A 1034 31.06 40.89 19.75
N VAL A 1035 30.72 41.35 20.96
CA VAL A 1035 29.47 42.06 21.20
C VAL A 1035 29.77 43.43 21.81
N PRO A 1036 29.31 44.53 21.20
CA PRO A 1036 29.55 45.85 21.80
C PRO A 1036 28.76 46.05 23.08
N SER A 1037 29.26 46.94 23.94
CA SER A 1037 28.61 47.24 25.20
C SER A 1037 29.03 48.62 25.68
N GLN A 1038 28.22 49.17 26.60
CA GLN A 1038 28.44 50.46 27.23
C GLN A 1038 28.48 51.61 26.23
N ASP A 1039 27.34 51.88 25.60
CA ASP A 1039 27.22 52.95 24.62
C ASP A 1039 27.16 54.31 25.31
N LYS A 1040 27.30 55.37 24.52
CA LYS A 1040 27.28 56.73 25.02
C LYS A 1040 26.78 57.64 23.90
N ASN A 1041 26.15 58.74 24.29
CA ASN A 1041 25.48 59.62 23.35
C ASN A 1041 26.42 60.75 22.95
N PHE A 1042 26.38 61.12 21.67
CA PHE A 1042 27.23 62.16 21.12
C PHE A 1042 26.43 62.96 20.10
N THR A 1043 26.88 64.18 19.83
CA THR A 1043 26.29 65.02 18.80
C THR A 1043 27.11 64.94 17.53
N THR A 1044 26.42 64.84 16.39
CA THR A 1044 27.08 64.57 15.12
C THR A 1044 26.55 65.51 14.04
N ALA A 1045 27.33 65.64 12.97
CA ALA A 1045 26.96 66.43 11.81
C ALA A 1045 27.37 65.68 10.55
N PRO A 1046 26.64 65.84 9.45
CA PRO A 1046 26.99 65.10 8.22
C PRO A 1046 28.29 65.57 7.58
N ALA A 1047 28.65 66.84 7.70
CA ALA A 1047 29.85 67.35 7.05
C ALA A 1047 30.37 68.61 7.74
N ILE A 1048 31.69 68.79 7.68
CA ILE A 1048 32.36 70.01 8.23
C ILE A 1048 32.71 70.97 7.09
N CYS A 1049 32.49 72.28 7.27
CA CYS A 1049 32.87 73.32 6.27
C CYS A 1049 34.14 74.09 6.65
N HIS A 1050 35.18 74.07 5.82
CA HIS A 1050 36.42 74.85 6.11
C HIS A 1050 36.77 75.59 4.83
N LYS A 1051 37.24 76.84 4.94
CA LYS A 1051 37.42 77.65 3.72
C LYS A 1051 36.02 77.72 3.10
N GLY A 1052 35.87 77.49 1.81
CA GLY A 1052 34.52 77.46 1.25
C GLY A 1052 34.19 76.07 0.75
N LYS A 1053 35.05 75.11 1.04
CA LYS A 1053 34.87 73.72 0.56
C LYS A 1053 34.33 72.86 1.69
N ALA A 1054 33.66 71.75 1.36
CA ALA A 1054 33.02 70.88 2.38
C ALA A 1054 33.73 69.53 2.43
N TYR A 1055 33.89 68.99 3.62
CA TYR A 1055 34.63 67.70 3.76
C TYR A 1055 33.70 66.65 4.35
N PHE A 1056 33.49 65.57 3.60
CA PHE A 1056 32.65 64.45 4.06
C PHE A 1056 33.61 63.38 4.54
N PRO A 1057 33.20 62.50 5.47
CA PRO A 1057 34.11 61.50 5.99
C PRO A 1057 34.36 60.35 5.00
N ARG A 1058 35.54 59.72 5.04
CA ARG A 1058 35.85 58.57 4.14
C ARG A 1058 35.25 57.26 4.65
N GLU A 1059 35.32 56.99 5.96
CA GLU A 1059 34.71 55.79 6.57
C GLU A 1059 34.58 56.04 8.07
N GLY A 1060 33.46 56.55 8.55
CA GLY A 1060 33.32 56.86 9.98
C GLY A 1060 32.29 57.91 10.23
N VAL A 1061 32.33 58.55 11.41
CA VAL A 1061 31.32 59.58 11.76
C VAL A 1061 32.01 60.78 12.42
N PHE A 1062 31.50 61.99 12.23
CA PHE A 1062 32.01 63.21 12.86
C PHE A 1062 31.37 63.32 14.23
N VAL A 1063 32.18 63.55 15.26
CA VAL A 1063 31.69 63.66 16.62
C VAL A 1063 32.30 64.88 17.27
N THR A 1064 31.59 65.38 18.28
CA THR A 1064 32.05 66.58 19.02
C THR A 1064 32.11 66.34 20.52
N ASN A 1065 33.17 66.82 21.16
CA ASN A 1065 33.36 66.76 22.63
C ASN A 1065 32.45 67.82 23.20
N GLY A 1066 32.47 68.99 22.60
CA GLY A 1066 31.64 70.13 23.04
C GLY A 1066 32.15 71.37 22.35
N THR A 1067 33.43 71.36 21.99
CA THR A 1067 34.04 72.52 21.32
C THR A 1067 35.00 72.04 20.23
N HIS A 1068 35.34 70.75 20.22
CA HIS A 1068 36.21 70.19 19.15
C HIS A 1068 35.45 69.29 18.19
N TRP A 1069 36.16 68.64 17.28
CA TRP A 1069 35.59 67.84 16.20
C TRP A 1069 36.56 66.74 15.79
N PHE A 1070 36.08 65.50 15.79
CA PHE A 1070 36.90 64.35 15.42
C PHE A 1070 36.11 63.41 14.51
N VAL A 1071 36.82 62.42 13.98
CA VAL A 1071 36.25 61.29 13.27
C VAL A 1071 36.46 60.06 14.13
N THR A 1072 35.45 59.19 14.20
CA THR A 1072 35.65 57.93 14.90
C THR A 1072 35.12 56.77 14.06
N GLN A 1073 35.39 55.57 14.52
CA GLN A 1073 34.87 54.35 13.93
C GLN A 1073 33.68 53.88 14.75
N ARG A 1074 32.68 53.30 14.07
CA ARG A 1074 31.39 53.08 14.70
C ARG A 1074 31.40 51.96 15.75
N ASN A 1075 32.23 50.93 15.59
CA ASN A 1075 32.16 49.75 16.44
C ASN A 1075 32.91 49.91 17.76
N PHE A 1076 33.71 50.97 17.91
CA PHE A 1076 34.46 51.16 19.15
C PHE A 1076 34.94 52.61 19.21
N TYR A 1077 34.64 53.31 20.31
CA TYR A 1077 34.89 54.75 20.38
C TYR A 1077 36.38 55.03 20.49
N GLN A 1078 36.92 55.77 19.52
CA GLN A 1078 38.33 56.15 19.52
C GLN A 1078 38.48 57.36 18.61
N PRO A 1079 38.45 58.57 19.19
CA PRO A 1079 38.43 59.79 18.36
C PRO A 1079 39.81 60.13 17.82
N GLU A 1080 39.84 60.54 16.56
CA GLU A 1080 41.07 60.82 15.83
C GLU A 1080 41.02 62.24 15.26
N VAL A 1081 42.19 62.85 15.14
CA VAL A 1081 42.32 64.24 14.69
C VAL A 1081 42.01 64.30 13.20
N ILE A 1082 41.18 65.28 12.82
CA ILE A 1082 40.75 65.41 11.44
C ILE A 1082 41.90 65.88 10.57
N THR A 1083 42.12 65.20 9.46
CA THR A 1083 43.25 65.48 8.58
C THR A 1083 42.93 65.09 7.14
N THR A 1084 43.93 65.12 6.26
CA THR A 1084 43.71 64.97 4.82
C THR A 1084 43.47 63.52 4.39
N GLU A 1085 44.12 62.55 5.02
CA GLU A 1085 43.99 61.16 4.60
C GLU A 1085 42.73 60.48 5.09
N ASN A 1086 42.09 61.01 6.13
CA ASN A 1086 40.86 60.41 6.66
C ASN A 1086 39.64 61.28 6.37
N THR A 1087 39.73 62.18 5.40
CA THR A 1087 38.62 63.05 5.07
C THR A 1087 38.64 63.31 3.57
N PHE A 1088 37.47 63.28 2.96
CA PHE A 1088 37.30 63.46 1.52
C PHE A 1088 36.61 64.79 1.27
N GLU A 1089 37.29 65.63 0.51
CA GLU A 1089 36.79 67.00 0.25
C GLU A 1089 36.24 67.09 -1.15
N SER A 1090 35.00 67.51 -1.27
CA SER A 1090 34.39 67.62 -2.59
C SER A 1090 33.19 68.56 -2.59
N GLY A 1091 33.35 69.73 -3.19
CA GLY A 1091 32.25 70.68 -3.32
C GLY A 1091 32.48 71.95 -2.53
N ASN A 1092 31.38 72.67 -2.35
CA ASN A 1092 31.37 73.93 -1.59
C ASN A 1092 30.42 73.82 -0.41
N CYS A 1093 30.56 74.76 0.52
CA CYS A 1093 29.80 74.71 1.76
C CYS A 1093 28.35 75.13 1.56
N ASP A 1094 27.64 74.44 0.69
CA ASP A 1094 26.22 74.69 0.45
C ASP A 1094 25.53 73.34 0.32
N VAL A 1095 24.30 73.38 -0.22
CA VAL A 1095 23.54 72.19 -0.59
C VAL A 1095 23.12 71.40 0.64
N VAL A 1096 24.09 70.76 1.30
CA VAL A 1096 23.79 69.81 2.37
C VAL A 1096 23.30 70.55 3.61
N ILE A 1097 22.56 69.84 4.46
CA ILE A 1097 22.06 70.39 5.71
C ILE A 1097 22.81 69.69 6.84
N GLY A 1098 23.27 70.46 7.81
CA GLY A 1098 24.03 69.92 8.92
C GLY A 1098 25.49 70.34 8.88
N ILE A 1099 25.78 71.41 8.14
CA ILE A 1099 27.14 71.90 8.05
C ILE A 1099 27.61 72.45 9.39
N VAL A 1100 28.86 72.18 9.72
CA VAL A 1100 29.55 72.78 10.85
C VAL A 1100 30.91 73.25 10.36
N ASN A 1101 31.45 74.29 11.01
CA ASN A 1101 32.75 74.85 10.66
C ASN A 1101 33.82 74.38 11.64
N ASN A 1102 34.99 74.06 11.11
CA ASN A 1102 36.11 73.58 11.90
C ASN A 1102 37.39 73.53 11.06
N THR A 1103 38.52 73.19 11.67
CA THR A 1103 39.79 73.15 10.97
C THR A 1103 40.07 71.75 10.43
N VAL A 1104 40.72 71.72 9.26
CA VAL A 1104 41.11 70.43 8.64
C VAL A 1104 42.63 70.53 8.68
N TYR A 1105 43.36 70.10 9.73
CA TYR A 1105 44.87 70.18 9.69
C TYR A 1105 45.31 69.64 8.33
N GLN B 3 9.70 -63.93 -23.18
CA GLN B 3 8.56 -64.71 -22.73
C GLN B 3 8.76 -66.20 -22.95
N ASP B 4 10.01 -66.60 -23.24
CA ASP B 4 10.31 -68.01 -23.45
C ASP B 4 10.73 -68.69 -22.15
N GLY B 5 11.78 -68.18 -21.52
CA GLY B 5 12.12 -68.64 -20.19
C GLY B 5 13.39 -69.47 -20.07
N CYS B 6 13.96 -69.47 -18.87
CA CYS B 6 15.09 -70.32 -18.48
C CYS B 6 16.40 -69.88 -19.13
N ALA B 7 17.50 -69.93 -18.37
CA ALA B 7 18.80 -69.60 -18.99
C ALA B 7 19.97 -70.01 -18.10
N THR B 8 20.48 -71.24 -18.28
CA THR B 8 21.70 -71.62 -17.53
C THR B 8 22.70 -70.49 -17.79
N LEU B 9 23.03 -69.69 -16.77
CA LEU B 9 23.86 -68.51 -17.07
C LEU B 9 25.33 -68.87 -17.28
N SER B 10 25.92 -69.74 -16.44
CA SER B 10 27.34 -70.22 -16.57
C SER B 10 28.02 -70.15 -15.21
N THR B 11 28.89 -69.15 -15.02
CA THR B 11 29.69 -69.11 -13.77
C THR B 11 29.10 -68.09 -12.78
N LYS B 12 29.12 -66.80 -13.13
CA LYS B 12 28.61 -65.75 -12.25
C LYS B 12 29.61 -65.38 -11.15
N LEU B 13 30.74 -64.80 -11.53
CA LEU B 13 31.78 -64.41 -10.59
C LEU B 13 31.38 -63.07 -9.95
N THR B 14 32.25 -62.41 -9.18
CA THR B 14 31.88 -61.28 -8.33
C THR B 14 31.70 -60.01 -9.16
N PRO B 15 30.65 -59.22 -8.91
CA PRO B 15 30.45 -57.96 -9.64
C PRO B 15 31.53 -56.93 -9.38
N THR B 16 31.66 -55.95 -10.28
CA THR B 16 32.68 -54.91 -10.17
C THR B 16 32.22 -53.75 -9.29
N GLN B 17 31.15 -53.07 -9.69
CA GLN B 17 30.47 -52.09 -8.84
C GLN B 17 31.36 -50.91 -8.47
N LEU B 18 31.95 -50.21 -9.45
CA LEU B 18 32.94 -49.23 -9.02
C LEU B 18 32.38 -47.81 -9.06
N GLN B 19 33.17 -46.86 -8.56
CA GLN B 19 32.71 -45.51 -8.26
C GLN B 19 33.49 -44.49 -9.09
N VAL B 20 32.76 -43.60 -9.76
CA VAL B 20 33.36 -42.65 -10.69
C VAL B 20 32.76 -41.27 -10.44
N ASN B 21 33.14 -40.31 -11.26
CA ASN B 21 32.73 -38.89 -11.08
C ASN B 21 31.37 -38.71 -11.75
N SER B 22 30.91 -37.46 -11.82
CA SER B 22 29.63 -37.12 -12.45
C SER B 22 29.65 -35.75 -13.13
N THR B 23 30.82 -35.15 -13.23
CA THR B 23 31.02 -33.84 -13.93
C THR B 23 29.92 -32.82 -13.71
N ARG B 24 29.37 -32.29 -14.80
CA ARG B 24 28.30 -31.30 -14.77
C ARG B 24 27.12 -31.78 -15.59
N ARG B 25 26.84 -33.08 -15.52
CA ARG B 25 25.82 -33.68 -16.35
C ARG B 25 24.55 -33.92 -15.53
N GLY B 26 23.42 -34.00 -16.22
CA GLY B 26 22.17 -34.37 -15.56
C GLY B 26 21.18 -33.26 -15.32
N PHE B 27 21.00 -32.38 -16.29
CA PHE B 27 20.00 -31.33 -16.20
C PHE B 27 18.98 -31.48 -17.33
N TYR B 28 17.73 -31.15 -17.04
CA TYR B 28 16.65 -31.40 -17.99
C TYR B 28 15.67 -30.22 -18.00
N TYR B 29 14.77 -30.25 -18.97
CA TYR B 29 13.73 -29.24 -19.12
C TYR B 29 12.63 -29.56 -18.12
N PHE B 30 12.58 -28.80 -17.03
CA PHE B 30 11.75 -29.14 -15.89
C PHE B 30 10.27 -28.89 -16.10
N ASP B 31 9.89 -28.00 -17.02
CA ASP B 31 8.48 -27.70 -17.24
C ASP B 31 8.26 -27.44 -18.73
N ASP B 32 7.03 -27.08 -19.08
CA ASP B 32 6.61 -26.93 -20.47
C ASP B 32 6.22 -25.50 -20.80
N ILE B 33 6.93 -24.52 -20.27
CA ILE B 33 6.62 -23.11 -20.49
C ILE B 33 7.71 -22.52 -21.38
N TYR B 34 7.29 -21.78 -22.41
CA TYR B 34 8.23 -21.15 -23.33
C TYR B 34 8.66 -19.80 -22.76
N ARG B 35 9.96 -19.62 -22.58
CA ARG B 35 10.52 -18.40 -22.02
C ARG B 35 11.60 -17.87 -22.94
N SER B 36 11.90 -16.57 -22.83
CA SER B 36 12.88 -15.92 -23.69
C SER B 36 13.64 -14.86 -22.91
N SER B 37 14.95 -15.07 -22.76
CA SER B 37 15.86 -14.08 -22.20
C SER B 37 15.54 -13.73 -20.75
N LEU B 38 15.39 -14.73 -19.89
CA LEU B 38 15.09 -14.51 -18.48
C LEU B 38 16.06 -15.30 -17.62
N ARG B 39 16.18 -14.88 -16.36
CA ARG B 39 16.86 -15.66 -15.33
C ARG B 39 15.85 -16.03 -14.25
N VAL B 40 15.80 -17.31 -13.89
CA VAL B 40 14.78 -17.80 -12.97
C VAL B 40 15.43 -18.63 -11.87
N LEU B 41 14.72 -18.74 -10.75
CA LEU B 41 15.08 -19.63 -9.65
C LEU B 41 14.10 -20.79 -9.62
N VAL B 42 14.61 -22.01 -9.59
CA VAL B 42 13.76 -23.19 -9.66
C VAL B 42 14.14 -24.17 -8.56
N PRO B 43 13.23 -24.49 -7.64
CA PRO B 43 13.45 -25.62 -6.73
C PRO B 43 13.06 -26.92 -7.39
N GLY B 44 13.76 -28.01 -7.11
CA GLY B 44 13.41 -29.26 -7.76
C GLY B 44 14.31 -30.38 -7.31
N TYR B 45 14.30 -31.45 -8.09
CA TYR B 45 15.06 -32.65 -7.80
C TYR B 45 16.11 -32.81 -8.88
N PHE B 46 17.35 -32.43 -8.55
CA PHE B 46 18.42 -32.37 -9.53
C PHE B 46 19.63 -33.14 -9.01
N LEU B 47 20.52 -33.47 -9.93
CA LEU B 47 21.75 -34.17 -9.60
C LEU B 47 22.84 -33.14 -9.32
N PRO B 48 23.38 -33.08 -8.11
CA PRO B 48 24.25 -31.96 -7.74
C PRO B 48 25.59 -32.02 -8.47
N PHE B 49 26.19 -30.85 -8.65
CA PHE B 49 27.46 -30.76 -9.34
C PHE B 49 28.60 -31.22 -8.44
N GLY B 50 29.47 -32.07 -8.97
CA GLY B 50 30.62 -32.54 -8.23
C GLY B 50 30.43 -33.83 -7.47
N THR B 51 29.20 -34.36 -7.48
CA THR B 51 28.89 -35.59 -6.77
C THR B 51 29.52 -36.76 -7.51
N ASN B 52 29.62 -37.91 -6.85
CA ASN B 52 30.10 -39.09 -7.59
C ASN B 52 28.95 -40.04 -7.87
N ILE B 53 29.09 -40.83 -8.92
CA ILE B 53 28.08 -41.79 -9.34
C ILE B 53 28.72 -43.15 -9.49
N THR B 54 27.95 -44.15 -9.90
CA THR B 54 28.43 -45.52 -9.89
C THR B 54 28.41 -46.10 -11.30
N ARG B 55 29.41 -46.95 -11.52
CA ARG B 55 29.58 -47.56 -12.84
C ARG B 55 29.45 -49.07 -12.77
N TYR B 56 29.01 -49.68 -13.84
CA TYR B 56 28.90 -51.12 -13.97
C TYR B 56 29.42 -51.53 -15.34
N GLN B 57 30.00 -52.73 -15.39
CA GLN B 57 30.84 -53.20 -16.49
C GLN B 57 30.34 -54.55 -17.01
N ALA B 58 30.70 -54.85 -18.26
CA ALA B 58 30.48 -56.16 -18.86
C ALA B 58 31.59 -56.49 -19.85
N GLN B 59 32.47 -57.42 -19.47
CA GLN B 59 33.57 -57.85 -20.37
C GLN B 59 33.83 -59.33 -20.10
N VAL B 60 34.79 -59.91 -20.82
CA VAL B 60 35.03 -61.38 -20.72
C VAL B 60 36.43 -61.74 -20.17
N ILE B 61 36.50 -62.07 -18.89
CA ILE B 61 37.82 -62.28 -18.20
C ILE B 61 38.65 -63.37 -18.87
N ASN B 62 39.98 -63.24 -18.77
CA ASN B 62 40.89 -64.31 -19.29
C ASN B 62 40.58 -65.59 -18.53
N TRP B 63 39.97 -65.46 -17.34
CA TRP B 63 39.48 -66.65 -16.59
C TRP B 63 38.49 -67.41 -17.47
N THR B 64 38.20 -66.85 -18.65
CA THR B 64 37.11 -67.35 -19.53
C THR B 64 35.96 -67.86 -18.65
N ALA B 65 35.48 -67.01 -17.75
CA ALA B 65 34.19 -67.22 -17.05
C ALA B 65 33.38 -65.94 -17.17
N ILE B 66 32.04 -66.03 -17.18
CA ILE B 66 31.24 -64.77 -17.27
C ILE B 66 30.87 -64.30 -15.86
N PHE B 67 31.29 -63.10 -15.49
CA PHE B 67 30.54 -62.45 -14.42
C PHE B 67 29.74 -61.31 -15.02
N PHE B 68 28.52 -61.11 -14.54
CA PHE B 68 27.74 -59.95 -14.95
C PHE B 68 27.66 -58.94 -13.82
N ASP B 69 26.90 -57.87 -14.04
CA ASP B 69 26.61 -56.91 -12.99
C ASP B 69 25.20 -56.38 -13.16
N ASN B 70 24.23 -57.04 -12.52
CA ASN B 70 22.82 -56.68 -12.66
C ASN B 70 22.18 -56.68 -11.28
N PRO B 71 22.53 -55.74 -10.42
CA PRO B 71 21.92 -55.70 -9.09
C PRO B 71 20.54 -55.04 -9.11
N VAL B 72 19.88 -55.02 -7.95
CA VAL B 72 18.62 -54.31 -7.77
C VAL B 72 18.90 -53.03 -7.01
N ILE B 73 18.54 -51.91 -7.59
CA ILE B 73 18.98 -50.60 -7.10
C ILE B 73 17.74 -49.78 -6.78
N PRO B 74 17.76 -49.02 -5.69
CA PRO B 74 16.60 -48.21 -5.30
C PRO B 74 16.32 -47.07 -6.28
N PHE B 75 15.07 -46.61 -6.25
CA PHE B 75 14.58 -45.58 -7.14
C PHE B 75 14.54 -44.21 -6.49
N ASN B 76 14.22 -44.15 -5.20
CA ASN B 76 14.17 -42.92 -4.43
C ASN B 76 13.31 -41.85 -5.11
N ASP B 77 13.91 -40.70 -5.42
CA ASP B 77 13.19 -39.56 -5.97
C ASP B 77 13.58 -39.24 -7.41
N GLY B 78 13.93 -40.26 -8.19
CA GLY B 78 14.32 -40.07 -9.57
C GLY B 78 15.75 -40.54 -9.82
N VAL B 79 16.01 -40.85 -11.09
CA VAL B 79 17.27 -41.50 -11.43
C VAL B 79 17.88 -40.84 -12.67
N TYR B 80 19.18 -40.61 -12.62
CA TYR B 80 19.99 -40.28 -13.78
C TYR B 80 20.73 -41.52 -14.27
N PHE B 81 20.57 -41.83 -15.56
CA PHE B 81 21.08 -43.06 -16.14
C PHE B 81 21.87 -42.71 -17.39
N ALA B 82 22.99 -43.40 -17.61
CA ALA B 82 23.79 -43.22 -18.81
C ALA B 82 24.36 -44.55 -19.26
N ALA B 83 24.55 -44.69 -20.57
CA ALA B 83 25.10 -45.92 -21.12
C ALA B 83 26.17 -45.60 -22.15
N LEU B 84 27.33 -46.26 -22.03
CA LEU B 84 28.39 -46.22 -23.01
C LEU B 84 28.45 -47.59 -23.68
N GLU B 85 28.11 -47.63 -24.97
CA GLU B 85 27.93 -48.88 -25.69
C GLU B 85 28.28 -48.68 -27.16
N HIS B 86 28.53 -49.81 -27.83
CA HIS B 86 28.81 -49.80 -29.26
C HIS B 86 28.04 -50.84 -30.05
N SER B 87 27.37 -51.80 -29.40
CA SER B 87 26.71 -52.88 -30.13
C SER B 87 25.30 -53.15 -29.62
N ASN B 88 24.60 -52.12 -29.16
CA ASN B 88 23.19 -52.23 -28.76
C ASN B 88 22.99 -53.25 -27.67
N VAL B 89 23.68 -53.03 -26.56
CA VAL B 89 23.58 -53.96 -25.39
C VAL B 89 22.34 -53.57 -24.58
N VAL B 90 22.41 -52.45 -23.82
CA VAL B 90 21.25 -52.01 -23.00
C VAL B 90 20.06 -52.07 -23.94
N ARG B 91 19.03 -52.82 -23.56
CA ARG B 91 17.80 -52.88 -24.38
C ARG B 91 16.64 -52.27 -23.57
N GLY B 92 16.78 -52.13 -22.24
CA GLY B 92 15.73 -51.45 -21.45
C GLY B 92 15.76 -51.79 -19.97
N TRP B 93 14.66 -51.54 -19.25
CA TRP B 93 14.65 -51.77 -17.78
C TRP B 93 13.39 -52.44 -17.24
N ILE B 94 13.34 -52.73 -15.94
CA ILE B 94 12.21 -53.32 -15.24
C ILE B 94 11.93 -52.45 -14.02
N PHE B 95 10.70 -51.99 -13.87
CA PHE B 95 10.31 -51.13 -12.74
C PHE B 95 9.27 -51.85 -11.88
N GLY B 96 9.44 -51.78 -10.56
CA GLY B 96 8.50 -52.42 -9.66
C GLY B 96 8.83 -52.30 -8.19
N THR B 97 8.19 -53.09 -7.34
CA THR B 97 8.46 -53.10 -5.91
C THR B 97 9.03 -54.43 -5.45
N THR B 98 8.34 -55.54 -5.68
CA THR B 98 8.81 -56.85 -5.29
C THR B 98 9.39 -57.65 -6.44
N LEU B 99 9.22 -57.18 -7.68
CA LEU B 99 9.89 -57.69 -8.85
C LEU B 99 9.46 -59.11 -9.21
N ASP B 100 8.47 -59.66 -8.52
CA ASP B 100 8.11 -61.06 -8.76
C ASP B 100 6.64 -61.24 -9.09
N ASN B 101 6.13 -62.45 -9.00
CA ASN B 101 4.81 -62.72 -9.64
C ASN B 101 3.63 -62.35 -8.74
N THR B 102 3.89 -61.94 -7.50
CA THR B 102 2.79 -61.50 -6.66
C THR B 102 2.50 -60.00 -6.74
N THR B 103 3.26 -59.24 -7.53
CA THR B 103 3.05 -57.80 -7.61
C THR B 103 3.19 -57.35 -9.04
N GLN B 104 2.40 -56.33 -9.41
CA GLN B 104 2.38 -55.77 -10.75
C GLN B 104 3.70 -55.09 -11.09
N SER B 105 4.11 -55.19 -12.35
CA SER B 105 5.41 -54.69 -12.79
C SER B 105 5.32 -54.09 -14.19
N ALA B 106 6.29 -53.23 -14.49
CA ALA B 106 6.37 -52.52 -15.75
C ALA B 106 7.67 -52.87 -16.48
N ILE B 107 7.53 -53.24 -17.75
CA ILE B 107 8.65 -53.59 -18.63
C ILE B 107 8.71 -52.56 -19.74
N VAL B 108 9.85 -51.88 -19.86
CA VAL B 108 10.09 -50.89 -20.89
C VAL B 108 11.34 -51.34 -21.65
N VAL B 109 11.14 -52.10 -22.73
CA VAL B 109 12.24 -52.78 -23.38
C VAL B 109 12.21 -52.54 -24.89
N ASN B 110 13.21 -53.10 -25.55
CA ASN B 110 13.32 -53.11 -27.01
C ASN B 110 13.55 -54.55 -27.45
N ASN B 111 12.75 -55.02 -28.39
CA ASN B 111 12.89 -56.38 -28.91
C ASN B 111 13.69 -56.39 -30.22
N ALA B 112 14.59 -55.41 -30.33
CA ALA B 112 15.42 -55.17 -31.52
C ALA B 112 14.58 -54.67 -32.68
N THR B 113 13.26 -54.56 -32.48
CA THR B 113 12.36 -54.08 -33.52
C THR B 113 11.36 -53.03 -33.06
N HIS B 114 10.94 -53.05 -31.79
CA HIS B 114 10.00 -52.06 -31.29
C HIS B 114 10.31 -51.75 -29.83
N ILE B 115 9.81 -50.60 -29.37
CA ILE B 115 9.79 -50.23 -27.96
C ILE B 115 8.49 -50.77 -27.37
N LEU B 116 8.59 -51.58 -26.34
CA LEU B 116 7.44 -52.17 -25.68
C LEU B 116 7.35 -51.65 -24.25
N ILE B 117 6.19 -51.08 -23.91
CA ILE B 117 5.87 -50.68 -22.55
C ILE B 117 4.66 -51.52 -22.10
N SER B 118 4.87 -52.35 -21.10
CA SER B 118 3.80 -53.23 -20.62
C SER B 118 3.74 -53.20 -19.09
N VAL B 119 2.52 -53.30 -18.56
CA VAL B 119 2.29 -53.49 -17.10
C VAL B 119 1.42 -54.72 -16.89
N CYS B 120 2.02 -55.82 -16.42
CA CYS B 120 1.24 -56.97 -15.90
C CYS B 120 1.87 -57.53 -14.63
N TYR B 121 1.35 -58.67 -14.20
CA TYR B 121 2.01 -59.54 -13.20
C TYR B 121 2.88 -60.55 -13.95
N PHE B 122 4.18 -60.33 -13.86
CA PHE B 122 5.27 -61.06 -14.49
C PHE B 122 5.91 -62.06 -13.54
N ASN B 123 6.33 -63.21 -14.08
CA ASN B 123 7.18 -64.15 -13.36
C ASN B 123 8.56 -64.07 -14.01
N VAL B 124 9.45 -63.32 -13.39
CA VAL B 124 10.77 -63.07 -13.95
C VAL B 124 11.64 -64.30 -13.80
N CYS B 125 12.57 -64.48 -14.74
CA CYS B 125 13.55 -65.55 -14.63
C CYS B 125 14.74 -65.09 -13.79
N LYS B 126 15.65 -66.04 -13.53
CA LYS B 126 16.84 -65.73 -12.73
C LYS B 126 17.74 -64.73 -13.45
N GLU B 127 17.88 -64.86 -14.77
CA GLU B 127 18.77 -63.99 -15.53
C GLU B 127 18.10 -63.57 -16.84
N PRO B 128 17.52 -62.36 -16.90
CA PRO B 128 16.81 -61.93 -18.11
C PRO B 128 17.74 -61.35 -19.16
N MET B 129 17.35 -61.59 -20.41
CA MET B 129 18.08 -60.96 -21.52
C MET B 129 17.49 -61.46 -22.83
N PHE B 130 17.99 -60.96 -23.93
CA PHE B 130 17.59 -61.37 -25.26
C PHE B 130 18.71 -62.22 -25.86
N ALA B 131 18.35 -63.40 -26.38
CA ALA B 131 19.36 -64.34 -26.88
C ALA B 131 18.97 -64.69 -28.31
N VAL B 132 19.80 -64.26 -29.26
CA VAL B 132 19.48 -64.39 -30.68
C VAL B 132 20.47 -65.33 -31.35
N SER B 133 20.35 -65.50 -32.66
CA SER B 133 21.12 -66.48 -33.40
C SER B 133 22.09 -65.77 -34.34
N ASN B 134 22.69 -66.50 -35.28
CA ASN B 134 23.79 -65.98 -36.07
C ASN B 134 23.07 -64.91 -36.89
N PHE B 135 23.25 -63.65 -36.45
CA PHE B 135 22.56 -62.51 -37.11
C PHE B 135 21.10 -62.82 -37.44
N LYS B 136 20.31 -63.15 -36.42
CA LYS B 136 18.86 -63.41 -36.62
C LYS B 136 18.18 -63.60 -35.26
N PRO B 137 17.25 -62.71 -34.83
CA PRO B 137 16.59 -62.86 -33.52
C PRO B 137 16.05 -64.26 -33.28
N TYR B 138 16.30 -64.82 -32.10
CA TYR B 138 15.90 -66.20 -31.82
C TYR B 138 14.92 -66.29 -30.66
N LYS B 139 15.39 -65.83 -29.48
CA LYS B 139 14.58 -65.98 -28.24
C LYS B 139 14.74 -64.78 -27.31
N SER B 140 13.78 -64.59 -26.40
CA SER B 140 13.82 -63.55 -25.38
C SER B 140 13.53 -64.20 -24.04
N TRP B 141 14.54 -64.30 -23.19
CA TRP B 141 14.42 -65.01 -21.92
C TRP B 141 14.39 -64.00 -20.78
N VAL B 142 13.19 -63.48 -20.51
CA VAL B 142 13.01 -62.43 -19.51
C VAL B 142 12.02 -62.89 -18.44
N TYR B 143 10.90 -63.46 -18.87
CA TYR B 143 9.90 -63.98 -17.94
C TYR B 143 9.24 -65.19 -18.57
N ASP B 144 8.94 -66.19 -17.74
CA ASP B 144 8.29 -67.38 -18.26
C ASP B 144 6.77 -67.34 -18.18
N ARG B 145 6.19 -66.32 -17.53
CA ARG B 145 4.73 -66.24 -17.42
C ARG B 145 4.32 -64.78 -17.23
N ALA B 146 3.21 -64.41 -17.86
CA ALA B 146 2.66 -63.07 -17.75
C ALA B 146 1.15 -63.17 -17.66
N ASN B 147 0.58 -62.67 -16.57
CA ASN B 147 -0.84 -62.86 -16.28
C ASN B 147 -1.50 -61.55 -15.87
N ASN B 148 -2.82 -61.50 -16.09
CA ASN B 148 -3.74 -60.48 -15.52
C ASN B 148 -3.22 -59.09 -15.88
N CYS B 149 -3.06 -58.83 -17.17
CA CYS B 149 -2.31 -57.66 -17.56
C CYS B 149 -3.21 -56.44 -17.60
N THR B 150 -2.63 -55.25 -17.44
CA THR B 150 -3.40 -54.02 -17.36
C THR B 150 -2.98 -52.93 -18.34
N PHE B 151 -1.78 -52.98 -18.89
CA PHE B 151 -1.37 -51.93 -19.82
C PHE B 151 -0.39 -52.49 -20.84
N ASN B 152 -0.51 -52.05 -22.08
CA ASN B 152 0.33 -52.55 -23.15
C ASN B 152 0.38 -51.54 -24.29
N ARG B 153 1.57 -51.24 -24.76
CA ARG B 153 1.72 -50.28 -25.84
C ARG B 153 3.07 -50.48 -26.52
N ALA B 154 3.14 -50.17 -27.81
CA ALA B 154 4.32 -50.40 -28.62
C ALA B 154 4.59 -49.20 -29.51
N TYR B 155 5.86 -49.03 -29.88
CA TYR B 155 6.29 -48.02 -30.83
C TYR B 155 7.32 -48.60 -31.79
N PRO B 156 7.19 -48.40 -33.10
CA PRO B 156 8.13 -49.02 -34.03
C PRO B 156 9.46 -48.27 -34.05
N LEU B 157 10.56 -49.02 -33.86
CA LEU B 157 11.90 -48.47 -33.94
C LEU B 157 12.86 -49.63 -34.14
N ASN B 158 13.43 -49.71 -35.34
CA ASN B 158 14.33 -50.84 -35.67
C ASN B 158 15.77 -50.48 -35.30
N ILE B 159 16.52 -51.46 -34.80
CA ILE B 159 17.92 -51.27 -34.45
C ILE B 159 18.72 -52.48 -34.95
N SER B 160 20.03 -52.31 -35.10
CA SER B 160 20.90 -53.34 -35.64
C SER B 160 21.41 -54.26 -34.54
N THR B 161 22.06 -55.35 -34.94
CA THR B 161 22.61 -56.32 -34.01
C THR B 161 23.98 -56.85 -34.45
N THR B 162 24.71 -56.09 -35.28
CA THR B 162 26.03 -56.51 -35.72
C THR B 162 27.09 -55.87 -34.84
N PRO B 163 27.85 -56.64 -34.08
CA PRO B 163 28.80 -56.05 -33.13
C PRO B 163 29.96 -55.37 -33.85
N GLU B 164 30.54 -54.39 -33.16
CA GLU B 164 31.78 -53.75 -33.57
C GLU B 164 32.71 -53.74 -32.36
N PRO B 165 33.32 -54.88 -32.04
CA PRO B 165 34.09 -54.99 -30.80
C PRO B 165 35.28 -54.04 -30.75
N GLY B 166 35.58 -53.58 -29.54
CA GLY B 166 36.66 -52.64 -29.33
C GLY B 166 36.24 -51.39 -28.60
N LYS B 167 36.32 -50.27 -29.32
CA LYS B 167 36.02 -48.95 -28.70
C LYS B 167 34.52 -48.76 -28.50
N PHE B 168 34.15 -47.79 -27.67
CA PHE B 168 32.75 -47.47 -27.37
C PHE B 168 32.36 -46.22 -28.14
N LYS B 169 31.32 -46.33 -28.96
CA LYS B 169 31.00 -45.31 -29.95
C LYS B 169 29.72 -44.53 -29.66
N ALA B 170 29.05 -44.63 -28.50
CA ALA B 170 27.86 -43.73 -28.30
C ALA B 170 27.43 -43.47 -26.85
N LEU B 171 27.04 -42.24 -26.51
CA LEU B 171 26.48 -41.97 -25.14
C LEU B 171 24.98 -41.81 -25.30
N ARG B 172 24.21 -42.47 -24.44
CA ARG B 172 22.73 -42.34 -24.47
C ARG B 172 22.29 -41.98 -23.05
N GLU B 173 22.04 -40.71 -22.77
CA GLU B 173 21.69 -40.28 -21.40
C GLU B 173 20.18 -40.22 -21.21
N GLN B 174 19.68 -40.53 -20.01
CA GLN B 174 18.27 -40.58 -19.68
C GLN B 174 18.04 -40.11 -18.25
N VAL B 175 16.85 -39.56 -18.01
CA VAL B 175 16.41 -39.18 -16.67
C VAL B 175 15.00 -39.73 -16.45
N PHE B 176 14.79 -40.41 -15.32
CA PHE B 176 13.54 -41.09 -14.97
C PHE B 176 12.92 -40.42 -13.77
N ARG B 177 11.63 -40.06 -13.89
CA ARG B 177 10.88 -39.42 -12.82
C ARG B 177 9.52 -40.10 -12.68
N TYR B 178 8.92 -40.00 -11.49
CA TYR B 178 7.58 -40.53 -11.24
C TYR B 178 6.80 -39.56 -10.39
N GLN B 179 5.62 -39.15 -10.88
CA GLN B 179 4.78 -38.20 -10.17
C GLN B 179 3.32 -38.36 -10.57
N ASP B 180 2.45 -38.52 -9.58
CA ASP B 180 1.00 -38.51 -9.75
C ASP B 180 0.55 -39.54 -10.77
N GLY B 181 1.12 -40.73 -10.68
CA GLY B 181 0.78 -41.82 -11.57
C GLY B 181 1.46 -41.78 -12.92
N PHE B 182 2.25 -40.76 -13.20
CA PHE B 182 2.88 -40.58 -14.50
C PHE B 182 4.38 -40.87 -14.40
N LEU B 183 4.88 -41.65 -15.34
CA LEU B 183 6.31 -41.93 -15.48
C LEU B 183 6.86 -41.04 -16.58
N TYR B 184 7.83 -40.18 -16.24
CA TYR B 184 8.45 -39.23 -17.15
C TYR B 184 9.82 -39.73 -17.57
N ILE B 185 10.06 -39.76 -18.88
CA ILE B 185 11.37 -40.10 -19.45
C ILE B 185 11.89 -38.93 -20.26
N TYR B 186 13.08 -38.42 -19.93
CA TYR B 186 13.76 -37.32 -20.66
C TYR B 186 15.00 -37.92 -21.36
N HIS B 187 15.39 -37.46 -22.56
CA HIS B 187 16.48 -38.14 -23.33
C HIS B 187 17.57 -37.23 -23.91
N SER B 188 18.69 -37.83 -24.36
CA SER B 188 19.82 -37.13 -25.04
C SER B 188 20.80 -38.20 -25.52
N TYR B 189 21.20 -38.22 -26.79
CA TYR B 189 22.10 -39.19 -27.42
C TYR B 189 23.25 -38.46 -28.08
N GLU B 190 24.43 -39.07 -28.06
CA GLU B 190 25.60 -38.48 -28.71
C GLU B 190 26.61 -39.57 -29.07
N SER B 191 27.56 -39.20 -29.93
CA SER B 191 28.61 -40.12 -30.38
C SER B 191 29.96 -39.62 -29.88
N ILE B 192 30.70 -40.50 -29.20
CA ILE B 192 32.04 -40.19 -28.71
C ILE B 192 32.94 -41.39 -28.95
N ASN B 193 34.25 -41.18 -28.79
CA ASN B 193 35.26 -42.23 -28.84
C ASN B 193 36.09 -42.12 -27.56
N SER B 194 35.65 -42.82 -26.52
CA SER B 194 36.36 -42.82 -25.25
C SER B 194 35.92 -44.02 -24.43
N ASP B 195 36.61 -44.24 -23.32
CA ASP B 195 36.24 -45.22 -22.32
C ASP B 195 35.94 -44.53 -20.99
N THR B 196 35.70 -43.22 -21.04
CA THR B 196 35.45 -42.44 -19.83
C THR B 196 34.19 -41.59 -19.98
N LEU B 197 33.94 -40.72 -19.01
CA LEU B 197 32.74 -39.90 -19.00
C LEU B 197 33.09 -38.48 -19.45
N PRO B 198 32.66 -37.99 -20.63
CA PRO B 198 33.00 -36.63 -21.04
C PRO B 198 32.59 -35.60 -19.99
N PRO B 199 33.26 -34.43 -19.92
CA PRO B 199 32.79 -33.31 -19.10
C PRO B 199 31.86 -32.38 -19.89
N GLY B 200 31.09 -31.54 -19.19
CA GLY B 200 30.33 -30.47 -19.86
C GLY B 200 28.87 -30.39 -19.41
N PHE B 201 28.23 -29.25 -19.69
CA PHE B 201 26.82 -28.97 -19.32
C PHE B 201 25.90 -29.44 -20.44
N SER B 202 25.31 -30.63 -20.28
CA SER B 202 24.24 -31.11 -21.19
C SER B 202 22.88 -30.72 -20.62
N VAL B 203 21.86 -30.61 -21.47
CA VAL B 203 20.50 -30.45 -20.99
C VAL B 203 19.61 -31.45 -21.71
N LEU B 204 18.86 -32.24 -20.95
CA LEU B 204 18.03 -33.31 -21.49
C LEU B 204 16.69 -32.77 -21.93
N LYS B 205 16.06 -33.46 -22.87
CA LYS B 205 14.81 -33.02 -23.48
C LYS B 205 13.71 -34.06 -23.27
N PRO B 206 12.45 -33.62 -23.12
CA PRO B 206 11.36 -34.56 -22.83
C PRO B 206 11.13 -35.60 -23.92
N MET B 207 10.86 -36.84 -23.54
CA MET B 207 10.53 -37.85 -24.53
C MET B 207 9.15 -38.44 -24.29
N LEU B 208 8.84 -38.85 -23.06
CA LEU B 208 7.59 -39.58 -22.83
C LEU B 208 7.01 -39.30 -21.45
N LYS B 209 5.69 -39.50 -21.38
CA LYS B 209 4.86 -39.33 -20.19
C LYS B 209 3.81 -40.44 -20.20
N LEU B 210 4.02 -41.48 -19.41
CA LEU B 210 3.14 -42.65 -19.45
C LEU B 210 2.27 -42.74 -18.20
N PRO B 211 0.95 -42.92 -18.36
CA PRO B 211 0.03 -43.14 -17.21
C PRO B 211 0.01 -44.59 -16.74
N LEU B 212 0.99 -44.97 -15.94
CA LEU B 212 1.08 -46.36 -15.49
C LEU B 212 0.31 -46.62 -14.20
N GLY B 213 0.52 -45.81 -13.17
CA GLY B 213 -0.22 -45.93 -11.94
C GLY B 213 0.10 -47.12 -11.05
N LEU B 214 1.38 -47.42 -10.83
CA LEU B 214 1.77 -48.46 -9.90
C LEU B 214 2.78 -47.90 -8.90
N ASN B 215 3.14 -48.70 -7.90
CA ASN B 215 4.16 -48.34 -6.90
C ASN B 215 5.52 -48.73 -7.46
N ILE B 216 6.44 -47.76 -7.54
CA ILE B 216 7.81 -47.95 -8.00
C ILE B 216 8.77 -47.51 -6.91
N THR B 217 9.61 -48.45 -6.44
CA THR B 217 10.71 -48.08 -5.55
C THR B 217 12.01 -48.79 -5.91
N ARG B 218 12.01 -49.65 -6.93
CA ARG B 218 13.18 -50.44 -7.31
C ARG B 218 13.17 -50.59 -8.83
N PHE B 219 14.35 -50.82 -9.40
CA PHE B 219 14.49 -51.08 -10.82
C PHE B 219 15.80 -51.82 -11.08
N ARG B 220 15.91 -52.41 -12.26
CA ARG B 220 17.15 -53.06 -12.68
C ARG B 220 17.20 -53.08 -14.21
N VAL B 221 18.41 -53.30 -14.76
CA VAL B 221 18.62 -53.24 -16.24
C VAL B 221 18.58 -54.62 -16.90
N VAL B 222 18.30 -54.64 -18.19
CA VAL B 222 18.21 -55.90 -18.96
C VAL B 222 19.21 -55.86 -20.12
N MET B 223 20.48 -56.18 -19.82
CA MET B 223 21.52 -56.35 -20.87
C MET B 223 21.28 -57.67 -21.58
N ALA B 224 20.74 -57.60 -22.79
CA ALA B 224 20.51 -58.81 -23.60
C ALA B 224 21.88 -59.37 -24.05
N MET B 225 22.93 -59.17 -23.25
CA MET B 225 24.28 -59.36 -23.76
C MET B 225 24.45 -60.72 -24.44
N HIS B 226 24.07 -61.80 -23.75
CA HIS B 226 24.34 -63.13 -24.29
C HIS B 226 23.39 -63.43 -25.44
N SER B 227 23.74 -63.03 -26.65
CA SER B 227 22.91 -63.33 -27.81
C SER B 227 23.71 -63.65 -29.06
N LEU B 228 25.04 -63.65 -28.98
CA LEU B 228 25.83 -63.58 -30.20
C LEU B 228 26.78 -64.76 -30.36
N THR B 229 26.34 -65.97 -30.00
CA THR B 229 27.08 -67.18 -30.32
C THR B 229 26.07 -68.31 -30.50
N THR B 230 26.53 -69.52 -30.80
CA THR B 230 25.61 -70.64 -31.01
C THR B 230 25.79 -71.70 -29.94
N SER B 231 24.70 -72.04 -29.24
CA SER B 231 24.65 -73.12 -28.27
C SER B 231 25.47 -72.83 -27.02
N ASN B 232 26.16 -71.70 -26.99
CA ASN B 232 26.90 -71.30 -25.78
C ASN B 232 26.65 -69.84 -25.44
N PHE B 233 26.36 -69.02 -26.46
CA PHE B 233 25.87 -67.65 -26.25
C PHE B 233 26.84 -66.82 -25.42
N ASN B 234 27.99 -66.48 -26.01
CA ASN B 234 29.03 -65.72 -25.31
C ASN B 234 28.62 -64.26 -25.23
N THR B 235 29.41 -63.48 -24.49
CA THR B 235 29.07 -62.12 -24.11
C THR B 235 29.91 -61.09 -24.87
N HIS B 236 29.67 -59.81 -24.59
CA HIS B 236 30.45 -58.71 -25.12
C HIS B 236 30.76 -57.66 -24.05
N SER B 237 31.21 -56.47 -24.44
CA SER B 237 31.65 -55.45 -23.51
C SER B 237 30.74 -54.22 -23.58
N VAL B 238 30.41 -53.66 -22.42
CA VAL B 238 29.55 -52.49 -22.32
C VAL B 238 29.69 -51.92 -20.93
N ASN B 239 29.32 -50.64 -20.74
CA ASN B 239 29.29 -50.12 -19.38
C ASN B 239 28.22 -49.03 -19.24
N TYR B 240 27.84 -48.77 -17.98
CA TYR B 240 26.78 -47.79 -17.75
C TYR B 240 26.93 -47.16 -16.37
N PHE B 241 26.32 -45.98 -16.22
CA PHE B 241 26.49 -45.10 -15.08
C PHE B 241 25.13 -44.77 -14.48
N VAL B 242 25.08 -44.67 -13.15
CA VAL B 242 23.83 -44.42 -12.44
C VAL B 242 24.08 -43.43 -11.30
N GLY B 243 23.15 -42.48 -11.15
CA GLY B 243 23.19 -41.55 -10.04
C GLY B 243 21.77 -41.18 -9.62
N HIS B 244 21.67 -40.59 -8.43
CA HIS B 244 20.40 -40.25 -7.81
C HIS B 244 20.19 -38.74 -7.79
N LEU B 245 18.95 -38.34 -7.54
CA LEU B 245 18.55 -36.95 -7.53
C LEU B 245 18.26 -36.49 -6.11
N LYS B 246 18.46 -35.21 -5.87
CA LYS B 246 18.31 -34.71 -4.51
C LYS B 246 17.58 -33.39 -4.61
N PRO B 247 16.93 -32.94 -3.55
CA PRO B 247 16.14 -31.70 -3.60
C PRO B 247 17.02 -30.49 -3.36
N LEU B 248 17.04 -29.58 -4.33
CA LEU B 248 17.86 -28.39 -4.25
C LEU B 248 17.30 -27.34 -5.21
N THR B 249 17.75 -26.10 -5.04
CA THR B 249 17.28 -24.98 -5.83
C THR B 249 18.42 -24.47 -6.70
N MET B 250 18.10 -24.11 -7.94
CA MET B 250 19.11 -23.69 -8.90
C MET B 250 18.69 -22.41 -9.59
N LEU B 251 19.67 -21.72 -10.17
CA LEU B 251 19.43 -20.51 -10.95
C LEU B 251 19.72 -20.82 -12.41
N VAL B 252 18.76 -20.53 -13.29
CA VAL B 252 18.81 -20.97 -14.67
C VAL B 252 18.64 -19.77 -15.59
N GLU B 253 19.43 -19.76 -16.67
CA GLU B 253 19.42 -18.68 -17.65
C GLU B 253 19.12 -19.25 -19.03
N PHE B 254 18.13 -18.64 -19.69
CA PHE B 254 17.58 -19.08 -20.97
C PHE B 254 18.15 -18.28 -22.12
N SER B 255 18.02 -18.81 -23.33
CA SER B 255 18.44 -18.19 -24.59
C SER B 255 17.32 -17.31 -25.14
N PRO B 256 17.64 -16.34 -26.02
CA PRO B 256 16.55 -15.56 -26.63
C PRO B 256 15.62 -16.39 -27.49
N ASN B 257 16.09 -17.52 -28.01
CA ASN B 257 15.22 -18.43 -28.80
C ASN B 257 14.53 -19.43 -27.88
N GLY B 258 15.00 -19.60 -26.65
CA GLY B 258 14.34 -20.49 -25.72
C GLY B 258 15.06 -21.78 -25.37
N THR B 259 16.39 -21.80 -25.38
CA THR B 259 17.16 -22.94 -24.93
C THR B 259 17.92 -22.62 -23.65
N ILE B 260 18.02 -23.61 -22.76
CA ILE B 260 18.77 -23.50 -21.53
C ILE B 260 20.26 -23.32 -21.89
N ILE B 261 20.84 -22.21 -21.48
CA ILE B 261 22.27 -21.98 -21.71
C ILE B 261 23.08 -21.93 -20.42
N ASP B 262 22.46 -21.73 -19.26
CA ASP B 262 23.28 -21.76 -18.05
C ASP B 262 22.46 -22.18 -16.84
N ALA B 263 23.16 -22.74 -15.84
CA ALA B 263 22.54 -23.12 -14.58
C ALA B 263 23.59 -23.25 -13.50
N ILE B 264 23.26 -22.74 -12.30
CA ILE B 264 24.14 -22.82 -11.14
C ILE B 264 23.37 -23.43 -9.97
N ASP B 265 24.10 -24.13 -9.10
CA ASP B 265 23.58 -24.65 -7.84
C ASP B 265 23.89 -23.65 -6.74
N CYS B 266 22.86 -23.30 -5.96
CA CYS B 266 23.00 -22.22 -5.00
C CYS B 266 23.57 -22.64 -3.66
N SER B 267 23.74 -23.94 -3.40
CA SER B 267 24.18 -24.40 -2.09
C SER B 267 25.63 -24.85 -2.10
N GLN B 268 26.39 -24.50 -3.14
CA GLN B 268 27.72 -25.06 -3.34
C GLN B 268 28.81 -24.25 -2.65
N ASP B 269 28.90 -22.96 -2.96
CA ASP B 269 29.97 -22.11 -2.45
C ASP B 269 29.45 -20.69 -2.24
N PRO B 270 30.17 -19.85 -1.48
CA PRO B 270 29.70 -18.48 -1.25
C PRO B 270 29.47 -17.67 -2.51
N LEU B 271 30.30 -17.83 -3.54
CA LEU B 271 30.10 -17.09 -4.78
C LEU B 271 28.77 -17.46 -5.44
N SER B 272 28.44 -18.75 -5.47
CA SER B 272 27.17 -19.18 -6.02
C SER B 272 26.00 -18.65 -5.20
N GLU B 273 26.16 -18.58 -3.88
CA GLU B 273 25.13 -17.98 -3.04
C GLU B 273 24.92 -16.52 -3.38
N LEU B 274 26.00 -15.77 -3.61
CA LEU B 274 25.87 -14.38 -4.01
C LEU B 274 25.19 -14.25 -5.36
N LYS B 275 25.55 -15.11 -6.32
CA LYS B 275 24.91 -15.08 -7.63
C LYS B 275 23.41 -15.35 -7.52
N CYS B 276 23.04 -16.36 -6.73
CA CYS B 276 21.63 -16.68 -6.57
C CYS B 276 20.86 -15.59 -5.84
N THR B 277 21.48 -14.94 -4.86
CA THR B 277 20.81 -13.83 -4.18
C THR B 277 20.61 -12.64 -5.10
N THR B 278 21.63 -12.27 -5.89
CA THR B 278 21.54 -11.13 -6.77
C THR B 278 20.71 -11.40 -8.03
N LYS B 279 20.57 -12.67 -8.41
CA LYS B 279 19.89 -13.08 -9.64
C LYS B 279 20.63 -12.55 -10.87
N SER B 280 21.91 -12.89 -10.97
CA SER B 280 22.72 -12.55 -12.14
C SER B 280 23.90 -13.50 -12.18
N PHE B 281 24.48 -13.66 -13.35
CA PHE B 281 25.65 -14.52 -13.51
C PHE B 281 26.97 -13.76 -13.42
N SER B 282 26.94 -12.43 -13.40
CA SER B 282 28.14 -11.62 -13.28
C SER B 282 27.90 -10.56 -12.21
N VAL B 283 28.86 -10.42 -11.30
CA VAL B 283 28.73 -9.53 -10.16
C VAL B 283 29.79 -8.44 -10.25
N GLU B 284 29.38 -7.22 -9.90
CA GLU B 284 30.29 -6.10 -9.83
C GLU B 284 31.08 -6.15 -8.52
N LYS B 285 31.94 -5.16 -8.32
CA LYS B 285 32.81 -5.12 -7.15
C LYS B 285 32.06 -4.57 -5.94
N GLY B 286 32.31 -5.18 -4.79
CA GLY B 286 31.78 -4.65 -3.56
C GLY B 286 31.46 -5.74 -2.56
N ILE B 287 30.66 -5.35 -1.56
CA ILE B 287 30.27 -6.21 -0.45
C ILE B 287 28.75 -6.30 -0.42
N TYR B 288 28.22 -7.51 -0.30
CA TYR B 288 26.79 -7.75 -0.37
C TYR B 288 26.32 -8.61 0.78
N GLN B 289 25.02 -8.54 1.05
CA GLN B 289 24.37 -9.37 2.10
C GLN B 289 23.62 -10.49 1.39
N THR B 290 23.78 -11.72 1.83
CA THR B 290 23.21 -12.89 1.18
C THR B 290 22.17 -13.55 2.06
N SER B 291 21.24 -14.25 1.41
CA SER B 291 20.27 -15.08 2.09
C SER B 291 20.89 -16.43 2.42
N ASN B 292 20.07 -17.32 2.96
CA ASN B 292 20.56 -18.63 3.39
C ASN B 292 20.21 -19.67 2.35
N PHE B 293 21.22 -20.27 1.73
CA PHE B 293 21.07 -21.46 0.91
C PHE B 293 22.02 -22.56 1.36
N ARG B 294 22.61 -22.42 2.55
CA ARG B 294 23.65 -23.34 3.01
C ARG B 294 23.04 -24.61 3.59
N VAL B 295 22.29 -24.47 4.67
CA VAL B 295 21.83 -25.60 5.48
C VAL B 295 20.35 -25.82 5.21
N SER B 296 19.97 -27.08 5.02
CA SER B 296 18.59 -27.51 4.92
C SER B 296 18.39 -28.71 5.84
N PRO B 297 17.21 -28.85 6.43
CA PRO B 297 17.00 -29.97 7.35
C PRO B 297 17.01 -31.31 6.63
N SER B 298 17.45 -32.34 7.34
CA SER B 298 17.56 -33.67 6.80
C SER B 298 16.63 -34.68 7.44
N LEU B 299 16.61 -34.77 8.77
CA LEU B 299 15.77 -35.76 9.42
C LEU B 299 14.59 -35.09 10.13
N ASP B 300 13.72 -35.92 10.71
CA ASP B 300 12.47 -35.46 11.30
C ASP B 300 12.36 -35.94 12.74
N VAL B 301 11.90 -35.05 13.61
CA VAL B 301 11.67 -35.37 15.02
C VAL B 301 10.17 -35.25 15.28
N VAL B 302 9.53 -36.35 15.65
CA VAL B 302 8.10 -36.38 15.94
C VAL B 302 7.91 -37.09 17.27
N ARG B 303 7.28 -36.43 18.23
CA ARG B 303 7.02 -37.03 19.53
C ARG B 303 5.62 -36.72 20.01
N PHE B 304 4.92 -37.75 20.45
CA PHE B 304 3.50 -37.75 20.82
C PHE B 304 3.38 -38.42 22.18
N PRO B 305 2.22 -38.29 22.85
CA PRO B 305 2.06 -38.93 24.17
C PRO B 305 2.21 -40.44 24.14
N ASN B 306 2.17 -41.04 25.33
CA ASN B 306 2.52 -42.48 25.52
C ASN B 306 1.29 -43.37 25.33
N MET B 307 0.07 -42.83 25.30
CA MET B 307 -1.13 -43.67 25.33
C MET B 307 -1.28 -44.47 24.04
N THR B 308 -2.00 -45.58 24.15
CA THR B 308 -2.19 -46.49 23.01
C THR B 308 -3.63 -46.93 22.81
N ASN B 309 -4.48 -46.89 23.84
CA ASN B 309 -5.85 -47.40 23.72
C ASN B 309 -6.67 -46.57 22.75
N ILE B 310 -7.52 -47.26 21.98
CA ILE B 310 -8.30 -46.68 20.88
C ILE B 310 -9.59 -46.09 21.43
N CYS B 311 -10.05 -45.01 20.80
CA CYS B 311 -11.25 -44.32 21.26
C CYS B 311 -12.48 -45.20 21.13
N PRO B 312 -13.50 -44.99 21.98
CA PRO B 312 -14.70 -45.84 21.94
C PRO B 312 -15.62 -45.56 20.76
N PHE B 313 -15.24 -46.01 19.57
CA PHE B 313 -16.14 -45.88 18.43
C PHE B 313 -17.29 -46.86 18.44
N ASP B 314 -17.10 -48.04 19.03
CA ASP B 314 -18.19 -49.05 18.99
C ASP B 314 -19.31 -48.60 19.94
N GLN B 315 -18.94 -48.10 21.10
CA GLN B 315 -19.94 -47.78 22.16
C GLN B 315 -20.90 -46.71 21.65
N VAL B 316 -20.41 -45.73 20.90
CA VAL B 316 -21.27 -44.58 20.53
C VAL B 316 -21.87 -44.78 19.14
N PHE B 317 -21.47 -45.82 18.42
CA PHE B 317 -21.97 -45.98 17.03
C PHE B 317 -22.79 -47.28 16.84
N ASN B 318 -22.56 -48.29 17.66
CA ASN B 318 -23.24 -49.59 17.43
C ASN B 318 -23.99 -49.96 18.69
N LYS B 319 -23.71 -49.30 19.79
CA LYS B 319 -24.24 -49.86 21.06
C LYS B 319 -25.40 -49.00 21.57
N THR B 320 -25.15 -47.72 21.82
CA THR B 320 -26.14 -46.92 22.58
C THR B 320 -27.48 -46.99 21.85
N GLN B 321 -28.60 -46.94 22.59
CA GLN B 321 -29.94 -46.65 22.03
C GLN B 321 -30.10 -45.15 21.94
N PHE B 322 -30.68 -44.63 20.87
CA PHE B 322 -30.50 -43.21 20.62
C PHE B 322 -31.73 -42.42 21.05
N PRO B 323 -31.58 -41.17 21.48
CA PRO B 323 -32.73 -40.40 21.96
C PRO B 323 -33.44 -39.60 20.90
N SER B 324 -34.54 -38.96 21.29
CA SER B 324 -35.24 -38.05 20.39
C SER B 324 -34.47 -36.74 20.25
N VAL B 325 -34.93 -35.90 19.32
CA VAL B 325 -34.17 -34.70 19.00
C VAL B 325 -34.40 -33.59 20.03
N TYR B 326 -35.60 -33.50 20.62
CA TYR B 326 -35.80 -32.45 21.62
C TYR B 326 -35.01 -32.76 22.88
N ALA B 327 -34.91 -34.02 23.26
CA ALA B 327 -34.09 -34.47 24.37
C ALA B 327 -32.80 -35.10 23.85
N TRP B 328 -31.90 -34.25 23.38
CA TRP B 328 -30.65 -34.74 22.82
C TRP B 328 -29.59 -34.90 23.90
N GLU B 329 -28.64 -35.80 23.65
CA GLU B 329 -27.66 -36.19 24.65
C GLU B 329 -26.25 -35.88 24.22
N ARG B 330 -25.40 -35.61 25.22
CA ARG B 330 -24.00 -35.23 25.05
C ARG B 330 -23.11 -36.12 25.90
N VAL B 331 -21.94 -36.48 25.35
CA VAL B 331 -20.95 -37.25 26.08
C VAL B 331 -19.56 -36.68 25.81
N ARG B 332 -18.64 -36.96 26.73
CA ARG B 332 -17.27 -36.48 26.69
C ARG B 332 -16.30 -37.60 26.33
N ILE B 333 -15.30 -37.27 25.54
CA ILE B 333 -14.27 -38.21 25.11
C ILE B 333 -12.92 -37.71 25.61
N SER B 334 -12.16 -38.59 26.26
CA SER B 334 -10.86 -38.21 26.81
C SER B 334 -9.94 -39.41 26.87
N ASP B 335 -8.64 -39.16 26.71
CA ASP B 335 -7.56 -40.14 26.86
C ASP B 335 -7.68 -41.34 25.94
N CYS B 336 -7.56 -41.12 24.63
CA CYS B 336 -7.65 -42.21 23.68
C CYS B 336 -7.02 -41.77 22.36
N VAL B 337 -6.66 -42.76 21.54
CA VAL B 337 -6.12 -42.50 20.20
C VAL B 337 -7.23 -42.62 19.18
N SER B 338 -7.31 -41.64 18.29
CA SER B 338 -8.43 -41.51 17.35
C SER B 338 -8.07 -42.14 16.01
N ASP B 339 -8.01 -43.47 16.00
CA ASP B 339 -7.84 -44.22 14.77
C ASP B 339 -9.22 -44.62 14.26
N TYR B 340 -9.76 -43.83 13.34
CA TYR B 340 -11.13 -44.02 12.88
C TYR B 340 -11.25 -45.03 11.74
N THR B 341 -10.14 -45.59 11.28
CA THR B 341 -10.17 -46.66 10.28
C THR B 341 -10.97 -47.86 10.76
N VAL B 342 -11.10 -48.05 12.09
CA VAL B 342 -11.92 -49.13 12.62
C VAL B 342 -13.40 -48.96 12.32
N LEU B 343 -13.81 -47.83 11.76
CA LEU B 343 -15.20 -47.62 11.37
C LEU B 343 -15.52 -48.13 9.99
N TYR B 344 -14.52 -48.58 9.23
CA TYR B 344 -14.76 -49.10 7.89
C TYR B 344 -15.30 -50.52 7.90
N ASN B 345 -15.20 -51.20 9.04
CA ASN B 345 -15.55 -52.64 9.09
C ASN B 345 -16.91 -52.76 9.79
N SER B 346 -17.57 -51.62 10.02
CA SER B 346 -18.83 -51.57 10.73
C SER B 346 -19.99 -51.45 9.75
N SER B 347 -21.21 -51.34 10.28
CA SER B 347 -22.42 -51.27 9.49
C SER B 347 -23.03 -49.87 9.46
N ALA B 348 -22.26 -48.84 9.78
CA ALA B 348 -22.78 -47.48 9.84
C ALA B 348 -23.21 -46.97 8.47
N SER B 349 -22.33 -47.11 7.46
CA SER B 349 -22.63 -46.69 6.09
C SER B 349 -23.00 -45.22 6.00
N PHE B 350 -22.04 -44.33 6.27
CA PHE B 350 -22.28 -42.91 6.36
C PHE B 350 -22.72 -42.33 5.02
N SER B 351 -23.76 -41.51 5.06
CA SER B 351 -24.27 -40.80 3.89
C SER B 351 -23.93 -39.33 3.88
N THR B 352 -23.75 -38.73 5.06
CA THR B 352 -23.33 -37.34 5.19
C THR B 352 -22.16 -37.27 6.14
N PHE B 353 -21.02 -36.80 5.65
CA PHE B 353 -19.83 -36.55 6.45
C PHE B 353 -19.29 -35.20 6.02
N LYS B 354 -19.51 -34.17 6.84
CA LYS B 354 -19.09 -32.84 6.43
C LYS B 354 -18.62 -32.11 7.68
N CYS B 355 -17.43 -31.44 7.54
CA CYS B 355 -16.66 -30.77 8.63
C CYS B 355 -16.34 -29.27 8.43
N TYR B 356 -16.38 -28.42 9.49
CA TYR B 356 -16.10 -26.99 9.43
C TYR B 356 -15.03 -26.68 10.45
N GLY B 357 -14.06 -25.93 9.94
CA GLY B 357 -12.89 -25.53 10.74
C GLY B 357 -11.94 -26.68 10.82
N VAL B 358 -12.00 -27.61 9.85
CA VAL B 358 -11.13 -28.83 9.84
C VAL B 358 -11.05 -29.39 8.43
N SER B 359 -9.89 -29.86 8.00
CA SER B 359 -9.78 -30.58 6.72
C SER B 359 -9.73 -32.08 7.03
N PRO B 360 -10.53 -32.93 6.36
CA PRO B 360 -10.51 -34.38 6.56
C PRO B 360 -9.14 -35.02 6.44
N THR B 361 -8.25 -34.48 5.61
CA THR B 361 -6.96 -35.09 5.37
C THR B 361 -5.93 -34.80 6.44
N LYS B 362 -6.22 -33.93 7.40
CA LYS B 362 -5.31 -33.62 8.50
C LYS B 362 -5.75 -34.20 9.83
N LEU B 363 -6.90 -34.87 9.88
CA LEU B 363 -7.41 -35.42 11.13
C LEU B 363 -6.45 -36.41 11.78
N ASN B 364 -5.57 -37.03 10.99
CA ASN B 364 -4.61 -37.99 11.54
C ASN B 364 -3.38 -37.33 12.13
N ASP B 365 -3.15 -36.04 11.89
CA ASP B 365 -1.95 -35.36 12.38
C ASP B 365 -2.27 -34.31 13.45
N LEU B 366 -3.44 -34.40 14.08
CA LEU B 366 -3.90 -33.37 15.00
C LEU B 366 -4.10 -33.95 16.39
N CYS B 367 -3.88 -33.10 17.40
CA CYS B 367 -4.14 -33.42 18.79
C CYS B 367 -5.09 -32.38 19.35
N PHE B 368 -6.06 -32.83 20.14
CA PHE B 368 -7.13 -31.98 20.62
C PHE B 368 -7.09 -31.84 22.13
N SER B 369 -7.41 -30.63 22.60
CA SER B 369 -7.54 -30.36 24.03
C SER B 369 -8.87 -30.79 24.62
N GLY B 370 -9.91 -30.91 23.80
CA GLY B 370 -11.21 -31.35 24.29
C GLY B 370 -12.12 -31.73 23.15
N VAL B 371 -12.90 -32.79 23.35
CA VAL B 371 -13.84 -33.30 22.35
C VAL B 371 -15.18 -33.58 23.02
N TYR B 372 -16.27 -33.11 22.41
CA TYR B 372 -17.62 -33.44 22.82
C TYR B 372 -18.39 -34.11 21.68
N ALA B 373 -19.32 -35.00 22.04
CA ALA B 373 -20.12 -35.71 21.04
C ALA B 373 -21.60 -35.63 21.42
N ASP B 374 -22.40 -35.05 20.54
CA ASP B 374 -23.85 -34.99 20.68
C ASP B 374 -24.49 -35.99 19.72
N TYR B 375 -25.55 -36.66 20.14
CA TYR B 375 -26.15 -37.66 19.28
C TYR B 375 -27.67 -37.68 19.41
N PHE B 376 -28.35 -37.88 18.26
CA PHE B 376 -29.81 -37.97 18.26
C PHE B 376 -30.36 -38.57 16.96
N VAL B 377 -31.68 -38.52 16.80
CA VAL B 377 -32.39 -39.13 15.67
C VAL B 377 -33.28 -38.08 15.03
N VAL B 378 -33.22 -37.98 13.70
CA VAL B 378 -34.13 -37.13 12.93
C VAL B 378 -34.66 -37.93 11.75
N LYS B 379 -35.40 -37.28 10.86
CA LYS B 379 -35.86 -37.93 9.64
C LYS B 379 -35.05 -37.46 8.44
N GLY B 380 -35.31 -38.08 7.29
CA GLY B 380 -34.47 -37.88 6.12
C GLY B 380 -34.45 -36.46 5.59
N ASP B 381 -35.59 -35.78 5.56
CA ASP B 381 -35.66 -34.42 5.05
C ASP B 381 -35.17 -33.39 6.05
N HIS B 382 -34.91 -33.78 7.29
CA HIS B 382 -34.43 -32.87 8.31
C HIS B 382 -32.92 -32.91 8.50
N VAL B 383 -32.21 -33.77 7.77
CA VAL B 383 -30.77 -33.92 7.98
C VAL B 383 -30.02 -32.68 7.54
N HIS B 384 -30.46 -32.03 6.46
CA HIS B 384 -29.76 -30.86 5.96
C HIS B 384 -29.88 -29.65 6.88
N GLN B 385 -30.72 -29.71 7.91
CA GLN B 385 -30.88 -28.61 8.85
C GLN B 385 -29.84 -28.62 9.97
N ILE B 386 -29.02 -29.66 10.07
CA ILE B 386 -27.98 -29.73 11.11
C ILE B 386 -26.72 -29.14 10.51
N ALA B 387 -26.64 -27.82 10.54
CA ALA B 387 -25.49 -27.08 10.04
C ALA B 387 -25.58 -25.65 10.57
N PRO B 388 -24.45 -25.00 10.80
CA PRO B 388 -24.48 -23.62 11.30
C PRO B 388 -25.18 -22.69 10.33
N GLY B 389 -25.96 -21.76 10.89
CA GLY B 389 -26.59 -20.71 10.11
C GLY B 389 -27.80 -21.11 9.30
N GLN B 390 -28.56 -22.10 9.74
CA GLN B 390 -29.74 -22.56 9.03
C GLN B 390 -31.02 -22.16 9.74
N THR B 391 -32.14 -22.30 9.04
CA THR B 391 -33.47 -22.12 9.59
C THR B 391 -34.30 -23.36 9.32
N GLY B 392 -35.50 -23.38 9.87
CA GLY B 392 -36.39 -24.51 9.82
C GLY B 392 -36.94 -24.78 11.20
N VAL B 393 -37.63 -25.92 11.34
CA VAL B 393 -38.23 -26.23 12.62
C VAL B 393 -37.21 -26.83 13.58
N ILE B 394 -36.31 -27.68 13.08
CA ILE B 394 -35.29 -28.28 13.93
C ILE B 394 -34.25 -27.27 14.37
N ALA B 395 -33.77 -26.43 13.46
CA ALA B 395 -32.74 -25.45 13.78
C ALA B 395 -33.26 -24.30 14.63
N ASP B 396 -34.57 -24.14 14.76
CA ASP B 396 -35.13 -23.07 15.57
C ASP B 396 -35.69 -23.54 16.90
N TYR B 397 -36.29 -24.72 16.96
CA TYR B 397 -36.94 -25.17 18.17
C TYR B 397 -36.28 -26.36 18.83
N ASN B 398 -35.34 -27.04 18.18
CA ASN B 398 -34.84 -28.31 18.72
C ASN B 398 -33.33 -28.30 18.99
N TYR B 399 -32.52 -28.01 17.99
CA TYR B 399 -31.07 -28.13 18.10
C TYR B 399 -30.42 -27.08 17.23
N LYS B 400 -29.62 -26.19 17.82
CA LYS B 400 -28.97 -25.11 17.11
C LYS B 400 -27.48 -25.09 17.39
N LEU B 401 -26.68 -24.97 16.34
CA LEU B 401 -25.23 -24.89 16.35
C LEU B 401 -24.78 -23.44 16.33
N PRO B 402 -23.71 -23.08 17.03
CA PRO B 402 -23.21 -21.70 16.99
C PRO B 402 -22.57 -21.37 15.65
N SER B 403 -22.53 -20.08 15.34
CA SER B 403 -22.02 -19.63 14.07
C SER B 403 -20.53 -19.91 13.89
N GLU B 404 -19.76 -19.91 14.99
CA GLU B 404 -18.32 -20.14 14.94
C GLU B 404 -17.99 -21.58 15.27
N PHE B 405 -18.79 -22.51 14.79
CA PHE B 405 -18.61 -23.94 15.05
C PHE B 405 -17.31 -24.45 14.44
N VAL B 406 -16.62 -25.32 15.18
CA VAL B 406 -15.47 -26.07 14.69
C VAL B 406 -15.67 -27.53 15.08
N GLY B 407 -15.74 -28.41 14.08
CA GLY B 407 -15.99 -29.81 14.34
C GLY B 407 -16.63 -30.48 13.14
N CYS B 408 -16.92 -31.76 13.26
CA CYS B 408 -17.47 -32.57 12.15
C CYS B 408 -18.90 -33.04 12.42
N ILE B 409 -19.63 -33.41 11.39
CA ILE B 409 -21.03 -33.84 11.42
C ILE B 409 -21.17 -35.12 10.59
N LEU B 410 -21.76 -36.16 11.20
CA LEU B 410 -21.96 -37.49 10.63
C LEU B 410 -23.43 -37.88 10.68
N ALA B 411 -23.93 -38.48 9.62
CA ALA B 411 -25.32 -38.96 9.59
C ALA B 411 -25.43 -40.27 8.81
N TRP B 412 -26.31 -41.17 9.27
CA TRP B 412 -26.50 -42.42 8.56
C TRP B 412 -27.90 -43.01 8.80
N ASN B 413 -28.36 -43.78 7.82
CA ASN B 413 -29.71 -44.36 7.82
C ASN B 413 -29.78 -45.57 8.76
N THR B 414 -30.91 -45.69 9.46
CA THR B 414 -31.15 -46.76 10.43
C THR B 414 -32.56 -47.30 10.29
N ARG B 415 -32.97 -47.59 9.05
CA ARG B 415 -34.32 -48.07 8.76
C ARG B 415 -34.67 -49.35 9.48
N THR B 416 -33.74 -50.30 9.58
CA THR B 416 -34.04 -51.64 10.05
C THR B 416 -34.04 -51.77 11.57
N ILE B 417 -33.70 -50.72 12.32
CA ILE B 417 -33.60 -50.79 13.77
C ILE B 417 -34.47 -49.74 14.45
N ASP B 418 -34.85 -48.69 13.74
CA ASP B 418 -35.53 -47.55 14.34
C ASP B 418 -36.87 -47.23 13.69
N SER B 419 -37.52 -48.22 13.09
CA SER B 419 -38.81 -48.01 12.44
C SER B 419 -39.94 -48.36 13.41
N LYS B 420 -40.05 -47.51 14.43
CA LYS B 420 -41.02 -47.76 15.50
C LYS B 420 -41.59 -46.45 15.99
N ARG B 421 -42.53 -46.49 16.91
CA ARG B 421 -43.16 -45.31 17.50
C ARG B 421 -42.40 -44.87 18.74
N GLY B 422 -42.46 -43.58 19.03
CA GLY B 422 -41.82 -43.07 20.23
C GLY B 422 -40.75 -42.02 20.00
N PHE B 423 -40.60 -41.56 18.76
CA PHE B 423 -39.66 -40.49 18.44
C PHE B 423 -40.42 -39.20 18.14
N TYR B 424 -40.11 -38.14 18.89
CA TYR B 424 -40.86 -36.90 18.81
C TYR B 424 -39.95 -35.73 18.47
N TYR B 425 -40.56 -34.67 17.96
CA TYR B 425 -39.91 -33.38 17.81
C TYR B 425 -40.87 -32.25 18.15
N ARG B 426 -40.31 -31.14 18.63
CA ARG B 426 -41.12 -30.00 19.00
C ARG B 426 -41.51 -29.20 17.77
N LEU B 427 -42.77 -28.76 17.72
CA LEU B 427 -43.33 -28.12 16.55
C LEU B 427 -43.90 -26.73 16.81
N PHE B 428 -44.28 -26.42 18.06
CA PHE B 428 -44.77 -25.10 18.44
C PHE B 428 -43.95 -24.58 19.61
N ARG B 429 -43.58 -23.29 19.54
CA ARG B 429 -42.81 -22.67 20.61
C ARG B 429 -42.82 -21.16 20.41
N HIS B 430 -42.72 -20.43 21.52
CA HIS B 430 -42.67 -18.96 21.50
C HIS B 430 -41.22 -18.53 21.48
N GLY B 431 -40.72 -18.17 20.31
CA GLY B 431 -39.36 -17.71 20.17
C GLY B 431 -38.39 -18.85 19.88
N ASN B 432 -37.19 -18.49 19.46
CA ASN B 432 -36.18 -19.47 19.11
C ASN B 432 -35.27 -19.77 20.30
N ILE B 433 -34.63 -20.93 20.25
CA ILE B 433 -33.68 -21.32 21.27
C ILE B 433 -32.29 -20.78 20.93
N ARG B 434 -31.44 -20.72 21.93
CA ARG B 434 -30.07 -20.23 21.71
C ARG B 434 -29.16 -21.44 21.48
N PRO B 435 -27.95 -21.26 20.92
CA PRO B 435 -27.05 -22.37 20.58
C PRO B 435 -26.73 -23.26 21.79
N TYR B 436 -26.68 -24.57 21.53
CA TYR B 436 -26.40 -25.59 22.53
C TYR B 436 -27.36 -25.51 23.73
N GLU B 437 -28.65 -25.38 23.45
CA GLU B 437 -29.67 -25.34 24.48
C GLU B 437 -30.70 -26.44 24.27
N ARG B 438 -31.34 -26.84 25.37
CA ARG B 438 -32.31 -27.92 25.39
C ARG B 438 -33.63 -27.44 25.99
N ASP B 439 -34.73 -27.98 25.49
CA ASP B 439 -36.06 -27.74 26.05
C ASP B 439 -36.79 -29.07 26.13
N THR B 440 -37.05 -29.54 27.35
CA THR B 440 -37.68 -30.83 27.57
C THR B 440 -39.09 -30.70 28.14
N SER B 441 -39.62 -29.48 28.22
CA SER B 441 -40.96 -29.26 28.76
C SER B 441 -42.02 -29.84 27.82
N ASN B 442 -43.17 -30.20 28.41
CA ASN B 442 -44.28 -30.79 27.68
C ASN B 442 -45.60 -30.15 28.13
N VAL B 443 -45.62 -28.82 28.15
CA VAL B 443 -46.76 -28.03 28.61
C VAL B 443 -47.65 -27.68 27.41
N PRO B 444 -48.97 -27.64 27.58
CA PRO B 444 -49.86 -27.27 26.46
C PRO B 444 -49.54 -25.90 25.90
N TYR B 445 -49.74 -25.77 24.59
CA TYR B 445 -49.37 -24.56 23.84
C TYR B 445 -50.63 -23.81 23.41
N ASN B 446 -50.66 -22.51 23.70
CA ASN B 446 -51.78 -21.65 23.34
C ASN B 446 -51.29 -20.68 22.28
N ALA B 447 -52.02 -20.60 21.16
CA ALA B 447 -51.57 -19.85 20.00
C ALA B 447 -51.80 -18.35 20.13
N ALA B 448 -52.46 -17.90 21.19
CA ALA B 448 -52.67 -16.48 21.43
C ALA B 448 -51.60 -15.85 22.31
N GLY B 449 -50.94 -16.63 23.17
CA GLY B 449 -49.80 -16.12 23.90
C GLY B 449 -49.74 -16.47 25.37
N GLY B 450 -50.69 -17.24 25.87
CA GLY B 450 -50.72 -17.55 27.28
C GLY B 450 -50.49 -19.01 27.60
N THR B 451 -51.38 -19.60 28.39
CA THR B 451 -51.34 -21.01 28.74
C THR B 451 -52.70 -21.65 28.52
N CYS B 452 -52.81 -22.92 28.90
CA CYS B 452 -54.07 -23.64 28.87
C CYS B 452 -54.12 -24.60 30.05
N ASN B 453 -55.22 -25.34 30.13
CA ASN B 453 -55.32 -26.48 31.03
C ASN B 453 -55.69 -27.78 30.36
N GLN B 454 -56.07 -27.79 29.08
CA GLN B 454 -56.26 -29.07 28.40
C GLN B 454 -56.09 -28.93 26.88
N PRO B 455 -55.22 -29.74 26.29
CA PRO B 455 -55.04 -29.67 24.83
C PRO B 455 -56.25 -30.21 24.09
N GLY B 456 -56.40 -29.79 22.84
CA GLY B 456 -57.43 -30.28 21.96
C GLY B 456 -58.58 -29.33 21.73
N THR B 457 -58.74 -28.32 22.57
CA THR B 457 -59.84 -27.33 22.43
C THR B 457 -59.34 -26.17 21.58
N HIS B 458 -60.14 -25.12 21.48
CA HIS B 458 -59.86 -23.99 20.59
C HIS B 458 -58.56 -23.28 20.96
N ASN B 459 -57.64 -23.19 19.99
CA ASN B 459 -56.35 -22.52 20.10
C ASN B 459 -55.42 -23.14 21.12
N CYS B 460 -55.59 -24.42 21.45
CA CYS B 460 -54.62 -25.13 22.28
C CYS B 460 -54.23 -26.45 21.62
N TYR B 461 -52.93 -26.70 21.54
CA TYR B 461 -52.36 -27.83 20.82
C TYR B 461 -51.29 -28.48 21.68
N GLU B 462 -51.00 -29.75 21.37
CA GLU B 462 -49.82 -30.41 21.91
C GLU B 462 -48.56 -29.88 21.22
N PRO B 463 -47.49 -29.59 21.97
CA PRO B 463 -46.29 -29.03 21.35
C PRO B 463 -45.36 -30.05 20.70
N LEU B 464 -45.55 -31.35 20.93
CA LEU B 464 -44.67 -32.38 20.41
C LEU B 464 -45.40 -33.23 19.39
N GLN B 465 -44.71 -33.58 18.30
CA GLN B 465 -45.27 -34.39 17.23
C GLN B 465 -44.43 -35.63 17.04
N ASP B 466 -45.11 -36.77 16.87
CA ASP B 466 -44.49 -38.05 16.60
C ASP B 466 -44.13 -38.18 15.12
N TYR B 467 -42.94 -38.72 14.87
CA TYR B 467 -42.47 -38.94 13.50
C TYR B 467 -43.29 -40.00 12.78
N GLY B 468 -43.80 -40.99 13.49
CA GLY B 468 -44.62 -42.03 12.89
C GLY B 468 -43.89 -42.92 11.90
N PHE B 469 -42.70 -43.39 12.28
CA PHE B 469 -41.91 -44.24 11.42
C PHE B 469 -42.59 -45.59 11.22
N THR B 470 -42.69 -46.02 9.96
CA THR B 470 -43.23 -47.31 9.59
C THR B 470 -42.27 -47.99 8.62
N SER B 471 -42.46 -49.30 8.43
CA SER B 471 -41.56 -50.09 7.62
C SER B 471 -41.71 -49.83 6.13
N THR B 472 -42.75 -49.12 5.69
CA THR B 472 -43.01 -48.90 4.27
C THR B 472 -42.97 -47.42 3.90
N SER B 473 -42.18 -46.63 4.61
CA SER B 473 -42.10 -45.20 4.35
C SER B 473 -41.18 -44.90 3.17
N GLY B 474 -41.31 -43.70 2.64
CA GLY B 474 -40.42 -43.25 1.59
C GLY B 474 -39.07 -42.84 2.13
N VAL B 475 -38.14 -42.60 1.21
CA VAL B 475 -36.74 -42.39 1.59
C VAL B 475 -36.59 -41.11 2.41
N GLY B 476 -37.52 -40.17 2.24
CA GLY B 476 -37.46 -38.95 3.01
C GLY B 476 -38.14 -39.01 4.35
N TYR B 477 -38.79 -40.12 4.68
CA TYR B 477 -39.48 -40.27 5.95
C TYR B 477 -38.83 -41.34 6.83
N GLN B 478 -37.66 -41.85 6.44
CA GLN B 478 -36.91 -42.84 7.20
C GLN B 478 -36.21 -42.21 8.38
N PRO B 479 -35.90 -42.99 9.41
CA PRO B 479 -35.08 -42.47 10.52
C PRO B 479 -33.60 -42.45 10.18
N PHE B 480 -32.95 -41.39 10.66
CA PHE B 480 -31.52 -41.18 10.48
C PHE B 480 -30.89 -40.85 11.82
N ARG B 481 -29.76 -41.48 12.10
CA ARG B 481 -28.97 -41.18 13.30
C ARG B 481 -27.91 -40.14 12.97
N VAL B 482 -27.75 -39.16 13.86
CA VAL B 482 -26.86 -38.03 13.67
C VAL B 482 -25.92 -37.90 14.87
N VAL B 483 -24.63 -37.71 14.58
CA VAL B 483 -23.61 -37.45 15.59
C VAL B 483 -22.87 -36.17 15.20
N VAL B 484 -22.69 -35.27 16.16
CA VAL B 484 -21.95 -34.03 15.98
C VAL B 484 -20.78 -34.02 16.95
N LEU B 485 -19.57 -33.84 16.42
CA LEU B 485 -18.35 -33.78 17.23
C LEU B 485 -17.80 -32.37 17.26
N SER B 486 -17.55 -31.85 18.45
CA SER B 486 -17.04 -30.51 18.68
C SER B 486 -15.63 -30.58 19.26
N PHE B 487 -14.74 -29.74 18.73
CA PHE B 487 -13.31 -29.79 19.00
C PHE B 487 -12.85 -28.50 19.68
N GLU B 488 -11.82 -28.64 20.52
CA GLU B 488 -11.15 -27.50 21.14
C GLU B 488 -9.64 -27.63 20.93
N LEU B 489 -8.98 -26.52 20.62
CA LEU B 489 -7.54 -26.48 20.37
C LEU B 489 -6.94 -25.29 21.14
N LEU B 490 -6.37 -25.58 22.32
CA LEU B 490 -5.86 -24.55 23.21
C LEU B 490 -4.49 -24.94 23.76
N ASN B 491 -3.93 -24.06 24.59
CA ASN B 491 -2.73 -24.34 25.39
C ASN B 491 -3.11 -25.16 26.62
N ALA B 492 -3.21 -26.46 26.41
CA ALA B 492 -3.66 -27.38 27.45
C ALA B 492 -3.18 -28.77 27.09
N PRO B 493 -3.15 -29.69 28.07
CA PRO B 493 -2.71 -31.05 27.77
C PRO B 493 -3.60 -31.71 26.72
N ALA B 494 -2.97 -32.50 25.85
CA ALA B 494 -3.70 -33.22 24.83
C ALA B 494 -4.44 -34.41 25.43
N THR B 495 -5.71 -34.55 25.08
CA THR B 495 -6.52 -35.67 25.53
C THR B 495 -6.86 -36.67 24.44
N VAL B 496 -6.98 -36.23 23.19
CA VAL B 496 -7.25 -37.12 22.06
C VAL B 496 -6.22 -36.81 20.99
N CYS B 497 -5.50 -37.83 20.52
CA CYS B 497 -4.46 -37.66 19.52
C CYS B 497 -4.55 -38.74 18.45
N GLY B 498 -3.99 -38.43 17.28
CA GLY B 498 -4.02 -39.33 16.16
C GLY B 498 -2.92 -40.37 16.21
N PRO B 499 -3.02 -41.37 15.35
CA PRO B 499 -2.07 -42.50 15.35
C PRO B 499 -0.77 -42.21 14.60
N LYS B 500 0.19 -41.62 15.32
CA LYS B 500 1.50 -41.33 14.76
C LYS B 500 2.59 -42.05 15.56
N GLN B 501 3.67 -42.38 14.88
CA GLN B 501 4.82 -43.04 15.49
C GLN B 501 5.86 -42.01 15.91
N SER B 502 6.37 -42.15 17.13
CA SER B 502 7.35 -41.22 17.67
C SER B 502 8.77 -41.66 17.34
N THR B 503 9.67 -40.69 17.29
CA THR B 503 11.08 -40.91 16.99
C THR B 503 11.95 -40.43 18.14
N ASP B 504 13.26 -40.32 17.91
CA ASP B 504 14.21 -39.94 18.93
C ASP B 504 14.46 -38.44 18.93
N LEU B 505 14.77 -37.92 20.12
CA LEU B 505 15.15 -36.51 20.27
C LEU B 505 16.56 -36.31 19.71
N VAL B 506 16.65 -35.51 18.66
CA VAL B 506 17.93 -35.11 18.08
C VAL B 506 18.14 -33.64 18.41
N LYS B 507 19.30 -33.32 18.96
CA LYS B 507 19.55 -32.02 19.57
C LYS B 507 20.70 -31.35 18.84
N ASN B 508 20.68 -30.02 18.80
CA ASN B 508 21.77 -29.21 18.23
C ASN B 508 21.96 -29.46 16.74
N LYS B 509 20.86 -29.52 16.00
CA LYS B 509 20.89 -29.70 14.56
C LYS B 509 19.65 -29.04 13.96
N CYS B 510 19.76 -28.57 12.72
CA CYS B 510 18.63 -27.95 12.04
C CYS B 510 17.72 -29.05 11.50
N VAL B 511 16.54 -29.19 12.11
CA VAL B 511 15.64 -30.32 11.85
C VAL B 511 14.21 -29.81 11.72
N ASN B 512 13.35 -30.68 11.20
CA ASN B 512 11.91 -30.49 11.21
C ASN B 512 11.33 -31.21 12.43
N PHE B 513 10.41 -30.57 13.13
CA PHE B 513 9.88 -31.14 14.37
C PHE B 513 8.35 -31.06 14.41
N ASN B 514 7.78 -31.99 15.19
CA ASN B 514 6.34 -32.10 15.41
C ASN B 514 6.11 -32.49 16.87
N PHE B 515 5.70 -31.52 17.68
CA PHE B 515 5.38 -31.73 19.09
C PHE B 515 3.87 -31.59 19.26
N ASN B 516 3.18 -32.73 19.37
CA ASN B 516 1.74 -32.77 19.64
C ASN B 516 0.93 -32.04 18.56
N GLY B 517 1.42 -32.04 17.33
CA GLY B 517 0.78 -31.33 16.24
C GLY B 517 1.33 -29.95 15.98
N LEU B 518 2.18 -29.42 16.84
CA LEU B 518 2.85 -28.15 16.62
C LEU B 518 4.11 -28.42 15.79
N THR B 519 4.14 -27.92 14.57
CA THR B 519 5.17 -28.26 13.60
C THR B 519 6.09 -27.07 13.35
N GLY B 520 7.32 -27.38 12.94
CA GLY B 520 8.25 -26.31 12.64
C GLY B 520 9.58 -26.82 12.16
N THR B 521 10.54 -25.89 12.08
CA THR B 521 11.90 -26.16 11.66
C THR B 521 12.86 -25.29 12.46
N GLY B 522 13.93 -25.88 12.95
CA GLY B 522 14.92 -25.12 13.69
C GLY B 522 15.86 -26.02 14.47
N VAL B 523 16.46 -25.42 15.50
CA VAL B 523 17.44 -26.07 16.36
C VAL B 523 16.88 -26.15 17.78
N LEU B 524 16.95 -27.34 18.37
CA LEU B 524 16.43 -27.62 19.70
C LEU B 524 17.55 -27.77 20.70
N THR B 525 17.46 -27.02 21.80
CA THR B 525 18.48 -27.06 22.85
C THR B 525 17.78 -27.13 24.21
N ASP B 526 18.56 -27.35 25.26
CA ASP B 526 18.06 -27.33 26.63
C ASP B 526 17.68 -25.92 27.05
N SER B 527 16.81 -25.84 28.06
CA SER B 527 16.21 -24.58 28.48
C SER B 527 16.31 -24.41 29.98
N ASN B 528 16.39 -23.16 30.39
CA ASN B 528 16.29 -22.77 31.80
C ASN B 528 15.04 -21.96 32.10
N LYS B 529 14.01 -22.07 31.25
CA LYS B 529 12.75 -21.38 31.46
C LYS B 529 11.82 -22.18 32.35
N LYS B 530 10.81 -21.50 32.88
CA LYS B 530 9.83 -22.11 33.77
C LYS B 530 8.43 -21.92 33.22
N PHE B 531 7.63 -22.98 33.26
CA PHE B 531 6.27 -22.98 32.77
C PHE B 531 5.28 -23.14 33.92
N GLN B 532 4.03 -22.77 33.67
CA GLN B 532 2.93 -23.08 34.56
C GLN B 532 2.49 -24.53 34.34
N PRO B 533 1.81 -25.14 35.34
CA PRO B 533 1.64 -26.60 35.31
C PRO B 533 0.87 -27.14 34.12
N PHE B 534 -0.01 -26.35 33.51
CA PHE B 534 -0.85 -26.83 32.40
C PHE B 534 -0.55 -26.07 31.12
N GLN B 535 0.69 -25.64 30.94
CA GLN B 535 1.12 -24.88 29.78
C GLN B 535 2.01 -25.76 28.91
N GLN B 536 1.84 -25.63 27.60
CA GLN B 536 2.52 -26.52 26.66
C GLN B 536 3.57 -25.84 25.79
N PHE B 537 3.47 -24.54 25.52
CA PHE B 537 4.49 -23.85 24.76
C PHE B 537 4.50 -22.37 25.13
N GLY B 538 5.57 -21.69 24.73
CA GLY B 538 5.74 -20.28 25.02
C GLY B 538 6.05 -19.49 23.76
N ARG B 539 5.49 -18.29 23.70
CA ARG B 539 5.61 -17.42 22.53
C ARG B 539 6.12 -16.04 22.94
N ASP B 540 6.92 -15.43 22.07
CA ASP B 540 7.53 -14.14 22.34
C ASP B 540 6.71 -13.01 21.71
N SER B 541 7.27 -11.81 21.67
CA SER B 541 6.53 -10.62 21.24
C SER B 541 6.16 -10.64 19.76
N ALA B 542 6.88 -11.40 18.95
CA ALA B 542 6.57 -11.53 17.53
C ALA B 542 5.76 -12.79 17.22
N ASP B 543 5.21 -13.45 18.24
CA ASP B 543 4.44 -14.68 18.09
C ASP B 543 5.30 -15.80 17.49
N PHE B 544 6.58 -15.80 17.83
CA PHE B 544 7.48 -16.88 17.45
C PHE B 544 7.60 -17.84 18.61
N THR B 545 7.22 -19.09 18.40
CA THR B 545 7.24 -20.10 19.45
C THR B 545 8.69 -20.39 19.81
N ASP B 546 9.10 -20.03 21.03
CA ASP B 546 10.49 -20.21 21.43
C ASP B 546 10.73 -21.35 22.39
N SER B 547 9.70 -21.85 23.07
CA SER B 547 9.87 -22.93 24.03
C SER B 547 8.76 -23.96 23.86
N VAL B 548 9.08 -25.21 24.18
CA VAL B 548 8.08 -26.28 24.17
C VAL B 548 8.54 -27.39 25.09
N LYS B 549 7.58 -28.07 25.73
CA LYS B 549 7.88 -29.20 26.59
C LYS B 549 7.68 -30.51 25.84
N ASP B 550 8.48 -31.49 26.19
CA ASP B 550 8.40 -32.84 25.64
C ASP B 550 7.29 -33.62 26.32
N PRO B 551 6.34 -34.19 25.57
CA PRO B 551 5.24 -34.94 26.20
C PRO B 551 5.65 -36.26 26.83
N LYS B 552 6.88 -36.72 26.61
CA LYS B 552 7.35 -37.97 27.18
C LYS B 552 8.26 -37.77 28.37
N THR B 553 9.30 -36.95 28.23
CA THR B 553 10.26 -36.73 29.30
C THR B 553 9.97 -35.51 30.15
N LEU B 554 8.97 -34.71 29.79
CA LEU B 554 8.45 -33.59 30.58
C LEU B 554 9.46 -32.47 30.77
N GLU B 555 10.43 -32.30 29.88
CA GLU B 555 11.43 -31.25 30.01
C GLU B 555 11.17 -30.14 29.00
N ILE B 556 11.50 -28.92 29.41
CA ILE B 556 11.30 -27.74 28.59
C ILE B 556 12.54 -27.50 27.76
N LEU B 557 12.33 -27.36 26.45
CA LEU B 557 13.41 -27.15 25.47
C LEU B 557 13.19 -25.82 24.74
N ASP B 558 14.24 -25.27 24.14
CA ASP B 558 14.18 -24.03 23.38
C ASP B 558 14.46 -24.25 21.89
N ILE B 559 13.78 -23.43 21.10
CA ILE B 559 13.89 -23.50 19.62
C ILE B 559 14.52 -22.21 19.11
N THR B 560 15.59 -22.33 18.31
CA THR B 560 16.26 -21.17 17.70
C THR B 560 16.25 -21.38 16.19
N PRO B 561 16.11 -20.32 15.39
CA PRO B 561 16.16 -20.45 13.94
C PRO B 561 17.49 -21.01 13.41
N CYS B 562 17.48 -21.53 12.18
CA CYS B 562 18.67 -22.20 11.61
C CYS B 562 19.68 -21.18 11.07
N SER B 563 19.25 -19.96 10.75
CA SER B 563 20.18 -18.88 10.33
C SER B 563 19.76 -17.64 11.11
N TYR B 564 20.55 -17.24 12.08
CA TYR B 564 20.11 -16.17 13.00
C TYR B 564 20.89 -14.89 12.69
N GLY B 565 22.15 -15.01 12.36
CA GLY B 565 22.94 -13.79 12.13
C GLY B 565 23.15 -13.53 10.65
N GLY B 566 23.51 -12.30 10.29
CA GLY B 566 23.76 -11.97 8.87
C GLY B 566 25.12 -12.38 8.37
N VAL B 567 25.21 -12.84 7.13
CA VAL B 567 26.52 -13.17 6.48
C VAL B 567 26.71 -12.21 5.30
N SER B 568 27.93 -11.68 5.10
CA SER B 568 28.21 -10.82 3.97
C SER B 568 29.38 -11.37 3.15
N VAL B 569 29.36 -11.09 1.86
CA VAL B 569 30.34 -11.61 0.92
C VAL B 569 31.02 -10.44 0.21
N ILE B 570 32.35 -10.48 0.15
CA ILE B 570 33.16 -9.44 -0.45
C ILE B 570 33.78 -10.00 -1.73
N THR B 571 33.59 -9.28 -2.84
CA THR B 571 34.09 -9.70 -4.13
C THR B 571 34.72 -8.54 -4.89
N PRO B 572 35.76 -8.79 -5.68
CA PRO B 572 36.36 -7.75 -6.52
C PRO B 572 35.84 -7.70 -7.95
N GLY B 573 34.88 -8.53 -8.29
CA GLY B 573 34.34 -8.58 -9.64
C GLY B 573 34.62 -9.92 -10.30
N THR B 574 33.61 -10.42 -10.99
CA THR B 574 33.73 -11.70 -11.68
C THR B 574 34.53 -11.60 -12.97
N ASN B 575 34.77 -10.39 -13.48
CA ASN B 575 35.65 -10.20 -14.62
C ASN B 575 37.12 -10.19 -14.23
N THR B 576 37.42 -10.26 -12.95
CA THR B 576 38.79 -10.17 -12.46
C THR B 576 39.25 -11.45 -11.77
N SER B 577 38.45 -11.99 -10.86
CA SER B 577 38.81 -13.23 -10.18
C SER B 577 37.54 -13.88 -9.65
N ASP B 578 37.67 -15.15 -9.24
CA ASP B 578 36.59 -15.88 -8.60
C ASP B 578 36.80 -16.02 -7.10
N SER B 579 37.74 -15.27 -6.53
CA SER B 579 38.00 -15.33 -5.10
C SER B 579 37.07 -14.40 -4.33
N VAL B 580 36.55 -14.87 -3.20
CA VAL B 580 35.65 -14.10 -2.37
C VAL B 580 36.09 -14.20 -0.92
N ALA B 581 35.62 -13.27 -0.10
CA ALA B 581 35.81 -13.32 1.34
C ALA B 581 34.47 -13.27 2.05
N VAL B 582 34.42 -13.80 3.28
CA VAL B 582 33.17 -13.92 4.02
C VAL B 582 33.30 -13.24 5.38
N LEU B 583 32.30 -12.43 5.71
CA LEU B 583 32.22 -11.74 6.99
C LEU B 583 31.01 -12.26 7.78
N TYR B 584 31.26 -12.69 9.02
CA TYR B 584 30.20 -13.12 9.94
C TYR B 584 30.02 -12.02 10.98
N GLN B 585 28.88 -11.32 10.90
CA GLN B 585 28.67 -10.11 11.70
C GLN B 585 28.40 -10.47 13.15
N ASP B 586 29.10 -9.77 14.06
CA ASP B 586 28.89 -9.90 15.51
C ASP B 586 29.10 -11.34 16.00
N VAL B 587 30.12 -12.00 15.45
CA VAL B 587 30.43 -13.38 15.81
C VAL B 587 31.93 -13.49 16.05
N ASN B 588 32.31 -14.09 17.19
CA ASN B 588 33.74 -14.31 17.53
C ASN B 588 34.25 -15.51 16.75
N CYS B 589 35.51 -15.46 16.35
CA CYS B 589 36.07 -16.48 15.47
C CYS B 589 36.15 -17.85 16.12
N THR B 590 35.91 -17.94 17.44
CA THR B 590 35.98 -19.23 18.11
C THR B 590 34.70 -20.03 17.99
N ASP B 591 33.55 -19.38 17.81
CA ASP B 591 32.27 -20.08 17.67
C ASP B 591 31.67 -19.95 16.28
N VAL B 592 32.50 -19.69 15.26
CA VAL B 592 32.02 -19.79 13.89
C VAL B 592 31.58 -21.20 13.54
N PRO B 593 32.32 -22.27 13.85
CA PRO B 593 31.88 -23.61 13.43
C PRO B 593 30.52 -24.01 13.99
N THR B 594 30.19 -23.62 15.21
CA THR B 594 28.91 -23.98 15.80
C THR B 594 27.78 -23.08 15.38
N MET B 595 28.07 -21.98 14.67
CA MET B 595 27.04 -21.10 14.14
C MET B 595 26.67 -21.40 12.70
N LEU B 596 27.63 -21.87 11.90
CA LEU B 596 27.38 -22.22 10.52
C LEU B 596 26.88 -23.65 10.34
N HIS B 597 26.90 -24.46 11.39
CA HIS B 597 26.57 -25.89 11.32
C HIS B 597 27.48 -26.60 10.30
N MET B 598 28.76 -26.65 10.68
CA MET B 598 29.78 -27.20 9.79
C MET B 598 29.45 -28.61 9.33
N ASP B 599 28.91 -29.45 10.21
CA ASP B 599 28.67 -30.83 9.86
C ASP B 599 27.47 -31.03 8.95
N GLN B 600 26.92 -29.95 8.38
CA GLN B 600 25.71 -30.04 7.57
C GLN B 600 25.79 -29.15 6.34
N VAL B 601 26.98 -28.69 5.97
CA VAL B 601 27.18 -27.87 4.78
C VAL B 601 28.07 -28.63 3.82
N SER B 602 28.25 -28.05 2.63
CA SER B 602 29.06 -28.68 1.60
C SER B 602 30.53 -28.64 1.98
N ASN B 603 31.32 -29.47 1.29
CA ASN B 603 32.76 -29.56 1.56
C ASN B 603 33.47 -28.24 1.29
N ASP B 604 33.11 -27.55 0.20
CA ASP B 604 33.70 -26.27 -0.11
C ASP B 604 33.41 -25.22 0.94
N TRP B 605 32.30 -25.34 1.67
CA TRP B 605 31.93 -24.36 2.68
C TRP B 605 32.74 -24.49 3.96
N ARG B 606 33.22 -25.69 4.30
CA ARG B 606 34.04 -25.85 5.50
C ARG B 606 35.41 -25.20 5.37
N VAL B 607 35.82 -24.83 4.16
CA VAL B 607 37.07 -24.10 4.00
C VAL B 607 36.98 -22.74 4.66
N TYR B 608 35.80 -22.12 4.64
CA TYR B 608 35.60 -20.79 5.20
C TYR B 608 35.21 -20.83 6.67
N ALA B 609 35.58 -21.90 7.38
CA ALA B 609 35.28 -21.98 8.80
C ALA B 609 36.45 -22.48 9.63
N VAL B 610 37.64 -22.63 9.08
CA VAL B 610 38.80 -23.15 9.78
C VAL B 610 39.98 -22.23 9.52
N ASN B 611 40.83 -22.06 10.53
CA ASN B 611 41.87 -21.03 10.48
C ASN B 611 42.89 -21.31 9.39
N THR B 612 43.43 -22.53 9.36
CA THR B 612 44.45 -22.95 8.38
C THR B 612 45.63 -21.97 8.48
N ASP B 613 46.09 -21.44 7.35
CA ASP B 613 47.32 -20.67 7.27
C ASP B 613 47.02 -19.17 7.38
N GLY B 614 46.49 -18.76 8.52
CA GLY B 614 46.25 -17.36 8.79
C GLY B 614 45.38 -16.63 7.79
N ASN B 615 44.19 -17.16 7.50
CA ASN B 615 43.21 -16.49 6.66
C ASN B 615 41.92 -16.23 7.42
N MET B 616 42.01 -16.22 8.74
CA MET B 616 40.88 -15.98 9.63
C MET B 616 41.29 -14.94 10.67
N PHE B 617 40.63 -13.79 10.69
CA PHE B 617 41.00 -12.80 11.69
C PHE B 617 39.80 -11.97 12.09
N GLN B 618 39.93 -11.33 13.25
CA GLN B 618 38.81 -10.72 13.95
C GLN B 618 38.87 -9.20 13.83
N THR B 619 37.72 -8.60 13.50
CA THR B 619 37.53 -7.16 13.50
C THR B 619 36.41 -6.80 14.48
N GLN B 620 36.07 -5.53 14.54
CA GLN B 620 35.00 -5.07 15.42
C GLN B 620 33.62 -5.23 14.79
N ALA B 621 33.54 -5.55 13.51
CA ALA B 621 32.28 -5.83 12.86
C ALA B 621 31.96 -7.32 12.82
N GLY B 622 32.94 -8.17 13.04
CA GLY B 622 32.74 -9.60 12.99
C GLY B 622 34.02 -10.30 12.59
N CYS B 623 33.91 -11.59 12.33
CA CYS B 623 35.05 -12.42 11.99
C CYS B 623 35.12 -12.55 10.47
N LEU B 624 36.30 -12.32 9.91
CA LEU B 624 36.49 -12.28 8.46
C LEU B 624 37.40 -13.42 8.03
N VAL B 625 36.97 -14.16 7.01
CA VAL B 625 37.66 -15.36 6.55
C VAL B 625 37.89 -15.25 5.05
N GLY B 626 39.11 -15.55 4.62
CA GLY B 626 39.45 -15.55 3.21
C GLY B 626 40.34 -14.40 2.79
N ALA B 627 40.84 -13.63 3.75
CA ALA B 627 41.67 -12.47 3.45
C ALA B 627 42.88 -12.45 4.36
N THR B 628 43.95 -11.82 3.89
CA THR B 628 45.19 -11.67 4.64
C THR B 628 45.35 -10.24 5.11
N TYR B 629 45.69 -10.09 6.39
CA TYR B 629 45.80 -8.76 6.99
C TYR B 629 47.16 -8.16 6.70
N ASP B 630 47.17 -6.87 6.39
CA ASP B 630 48.39 -6.11 6.14
C ASP B 630 48.58 -5.07 7.24
N ASN B 631 49.81 -4.87 7.70
CA ASN B 631 50.00 -3.94 8.85
C ASN B 631 50.21 -2.51 8.37
N THR B 632 50.27 -2.29 7.06
CA THR B 632 50.33 -0.93 6.56
C THR B 632 48.95 -0.44 6.15
N SER B 633 48.81 0.88 6.02
CA SER B 633 47.53 1.53 5.78
C SER B 633 47.51 2.15 4.39
N TYR B 634 46.37 2.05 3.72
CA TYR B 634 46.16 2.59 2.39
C TYR B 634 44.91 3.46 2.40
N GLU B 635 44.45 3.82 1.21
CA GLU B 635 43.18 4.50 1.01
C GLU B 635 42.09 3.49 0.67
N CYS B 636 40.90 3.71 1.23
CA CYS B 636 39.85 2.69 1.20
C CYS B 636 39.36 2.42 -0.22
N ASP B 637 39.14 1.14 -0.53
CA ASP B 637 38.57 0.71 -1.79
C ASP B 637 37.19 0.08 -1.61
N ILE B 638 37.07 -0.97 -0.83
CA ILE B 638 35.80 -1.62 -0.52
C ILE B 638 35.58 -1.51 0.98
N PRO B 639 34.53 -0.84 1.44
CA PRO B 639 34.32 -0.71 2.89
C PRO B 639 33.81 -1.99 3.54
N VAL B 640 34.59 -2.56 4.45
CA VAL B 640 34.14 -3.69 5.25
C VAL B 640 33.46 -3.23 6.52
N GLY B 641 34.09 -2.34 7.27
CA GLY B 641 33.45 -1.73 8.42
C GLY B 641 34.41 -1.54 9.59
N ALA B 642 34.01 -0.66 10.51
CA ALA B 642 34.72 -0.38 11.74
C ALA B 642 36.19 -0.03 11.48
N GLY B 643 36.46 0.74 10.45
CA GLY B 643 37.80 1.14 10.09
C GLY B 643 38.60 0.14 9.29
N VAL B 644 37.96 -0.89 8.74
CA VAL B 644 38.64 -1.92 7.95
C VAL B 644 38.10 -1.91 6.54
N CYS B 645 39.01 -1.92 5.56
CA CYS B 645 38.71 -1.98 4.14
C CYS B 645 39.46 -3.15 3.50
N ALA B 646 39.12 -3.42 2.23
CA ALA B 646 39.70 -4.53 1.48
C ALA B 646 39.99 -4.11 0.05
N LYS B 647 41.02 -4.75 -0.55
CA LYS B 647 41.37 -4.50 -1.97
C LYS B 647 41.93 -5.79 -2.59
N PHE B 648 42.16 -5.80 -3.89
CA PHE B 648 42.67 -6.93 -4.65
C PHE B 648 44.18 -6.87 -4.79
N GLN B 649 44.83 -8.04 -4.77
CA GLN B 649 46.27 -8.17 -4.90
C GLN B 649 46.58 -9.43 -5.71
N THR B 650 47.59 -9.31 -6.57
CA THR B 650 48.08 -10.47 -7.35
C THR B 650 49.12 -11.16 -6.47
N THR B 651 49.05 -12.49 -6.33
CA THR B 651 49.92 -13.11 -5.30
C THR B 651 51.13 -13.84 -5.87
N THR B 652 52.12 -14.08 -4.99
CA THR B 652 53.33 -14.83 -5.39
C THR B 652 53.57 -15.88 -4.31
N ARG B 653 53.95 -15.42 -3.12
CA ARG B 653 54.12 -16.36 -1.99
C ARG B 653 52.85 -17.20 -1.87
N ALA B 654 52.98 -18.54 -1.87
CA ALA B 654 51.80 -19.42 -1.69
C ALA B 654 51.45 -19.46 -0.20
N LYS B 655 50.45 -20.26 0.19
CA LYS B 655 49.87 -20.11 1.53
C LYS B 655 49.59 -18.64 1.87
N GLN B 656 49.10 -17.87 0.90
CA GLN B 656 48.74 -16.47 1.10
C GLN B 656 47.59 -16.12 0.19
N SER B 657 46.60 -15.41 0.74
CA SER B 657 45.36 -15.15 0.02
C SER B 657 45.53 -14.03 -0.99
N SER B 658 44.50 -13.86 -1.82
CA SER B 658 44.54 -12.92 -2.93
C SER B 658 43.71 -11.67 -2.69
N ILE B 659 43.03 -11.56 -1.55
CA ILE B 659 42.30 -10.36 -1.15
C ILE B 659 42.95 -9.83 0.11
N LEU B 660 43.25 -8.53 0.11
CA LEU B 660 44.01 -7.89 1.19
C LEU B 660 43.09 -7.04 2.04
N ALA B 661 43.17 -7.21 3.35
CA ALA B 661 42.42 -6.41 4.31
C ALA B 661 43.36 -5.51 5.09
N TYR B 662 42.91 -4.29 5.36
CA TYR B 662 43.78 -3.30 6.01
C TYR B 662 42.94 -2.27 6.74
N THR B 663 43.64 -1.45 7.53
CA THR B 663 43.04 -0.32 8.23
C THR B 663 43.21 0.96 7.41
N MET B 664 42.13 1.72 7.31
CA MET B 664 42.09 2.90 6.46
C MET B 664 42.97 4.01 7.01
N SER B 665 43.61 4.74 6.10
CA SER B 665 44.50 5.84 6.45
C SER B 665 43.77 7.18 6.39
N LEU B 666 44.00 8.01 7.39
CA LEU B 666 43.33 9.31 7.50
C LEU B 666 44.09 10.43 6.80
N GLY B 667 45.33 10.22 6.40
CA GLY B 667 46.13 11.23 5.73
C GLY B 667 47.57 11.22 6.21
N GLU B 668 48.35 12.11 5.62
CA GLU B 668 49.77 12.21 5.91
C GLU B 668 50.04 13.23 7.02
N ASP B 669 51.02 12.91 7.85
CA ASP B 669 51.36 13.77 8.98
C ASP B 669 52.09 15.02 8.51
N SER B 670 52.02 16.06 9.32
CA SER B 670 52.67 17.34 9.04
C SER B 670 53.60 17.69 10.19
N ASN B 671 54.71 18.34 9.86
CA ASN B 671 55.74 18.71 10.84
C ASN B 671 55.84 20.21 11.05
N VAL B 672 54.72 20.92 10.96
CA VAL B 672 54.70 22.35 11.24
C VAL B 672 54.66 22.54 12.74
N ALA B 673 55.57 23.36 13.26
CA ALA B 673 55.70 23.61 14.69
C ALA B 673 55.33 25.05 15.01
N TYR B 674 54.90 25.26 16.24
CA TYR B 674 54.51 26.58 16.71
C TYR B 674 55.72 27.48 16.89
N SER B 675 55.53 28.77 16.59
CA SER B 675 56.54 29.78 16.82
C SER B 675 55.86 31.07 17.27
N ASN B 676 56.55 31.81 18.12
CA ASN B 676 56.01 33.03 18.76
C ASN B 676 56.69 34.29 18.23
N ASN B 677 57.62 34.15 17.28
CA ASN B 677 58.27 35.31 16.71
C ASN B 677 58.55 35.22 15.22
N SER B 678 58.02 34.25 14.50
CA SER B 678 58.32 34.07 13.08
C SER B 678 57.03 33.88 12.28
N ILE B 679 57.09 34.25 11.01
CA ILE B 679 55.93 34.19 10.11
C ILE B 679 56.38 33.76 8.72
N ALA B 680 55.56 32.96 8.06
CA ALA B 680 55.82 32.48 6.70
C ALA B 680 54.93 33.21 5.73
N ILE B 681 55.53 33.74 4.65
CA ILE B 681 54.83 34.52 3.64
C ILE B 681 55.13 33.94 2.28
N PRO B 682 54.14 33.76 1.41
CA PRO B 682 54.40 33.20 0.08
C PRO B 682 55.18 34.15 -0.82
N THR B 683 55.84 33.57 -1.81
CA THR B 683 56.65 34.31 -2.77
C THR B 683 56.12 34.20 -4.19
N ASN B 684 55.59 33.07 -4.62
CA ASN B 684 55.04 32.93 -5.98
C ASN B 684 53.60 32.41 -5.83
N PHE B 685 52.92 32.11 -6.94
CA PHE B 685 51.57 31.60 -6.92
C PHE B 685 51.35 30.64 -8.07
N THR B 686 50.15 30.09 -8.12
CA THR B 686 49.72 29.14 -9.14
C THR B 686 48.28 29.41 -9.51
N ILE B 687 47.97 29.33 -10.79
CA ILE B 687 46.62 29.47 -11.29
C ILE B 687 46.08 28.08 -11.59
N SER B 688 45.02 27.68 -10.90
CA SER B 688 44.46 26.34 -11.01
C SER B 688 43.04 26.38 -11.55
N VAL B 689 42.65 25.34 -12.29
CA VAL B 689 41.32 25.20 -12.84
C VAL B 689 40.76 23.85 -12.40
N THR B 690 39.54 23.85 -11.86
CA THR B 690 38.91 22.63 -11.37
C THR B 690 37.49 22.54 -11.90
N THR B 691 36.95 21.32 -11.89
CA THR B 691 35.62 21.05 -12.42
C THR B 691 34.67 20.64 -11.31
N GLU B 692 33.40 21.00 -11.48
CA GLU B 692 32.35 20.59 -10.53
C GLU B 692 31.09 20.27 -11.31
N VAL B 693 30.53 19.08 -11.09
CA VAL B 693 29.40 18.55 -11.86
C VAL B 693 28.16 18.55 -10.97
N LEU B 694 27.05 19.04 -11.49
CA LEU B 694 25.81 19.08 -10.74
C LEU B 694 24.63 18.71 -11.63
N PRO B 695 23.80 17.76 -11.20
CA PRO B 695 22.56 17.45 -11.93
C PRO B 695 21.44 18.46 -11.68
N VAL B 696 20.67 18.73 -12.73
CA VAL B 696 19.58 19.69 -12.65
C VAL B 696 18.23 19.13 -13.06
N SER B 697 18.13 18.09 -13.88
CA SER B 697 16.83 17.62 -14.33
C SER B 697 16.88 16.13 -14.60
N MET B 698 15.69 15.51 -14.63
CA MET B 698 15.56 14.09 -14.93
C MET B 698 14.43 13.87 -15.93
N THR B 699 14.30 12.62 -16.36
CA THR B 699 13.37 12.26 -17.42
C THR B 699 11.93 12.48 -16.98
N LYS B 700 11.09 12.95 -17.89
CA LYS B 700 9.67 13.16 -17.65
C LYS B 700 8.89 11.97 -18.21
N THR B 701 8.06 11.36 -17.38
CA THR B 701 7.29 10.18 -17.74
C THR B 701 5.80 10.40 -17.55
N ALA B 702 5.01 9.57 -18.24
CA ALA B 702 3.56 9.61 -18.14
C ALA B 702 3.02 8.19 -18.23
N VAL B 703 1.85 7.98 -17.63
CA VAL B 703 1.27 6.64 -17.44
C VAL B 703 -0.23 6.72 -17.69
N ASP B 704 -0.77 5.73 -18.38
CA ASP B 704 -2.21 5.56 -18.57
C ASP B 704 -2.71 4.48 -17.61
N CYS B 705 -3.83 4.75 -16.91
CA CYS B 705 -4.39 3.77 -15.99
C CYS B 705 -4.80 2.49 -16.69
N ASN B 706 -5.79 2.60 -17.58
CA ASN B 706 -6.44 1.42 -18.13
C ASN B 706 -5.47 0.55 -18.90
N MET B 707 -4.58 1.18 -19.67
CA MET B 707 -3.62 0.41 -20.44
C MET B 707 -2.73 -0.44 -19.55
N TYR B 708 -2.36 0.07 -18.37
CA TYR B 708 -1.45 -0.68 -17.52
C TYR B 708 -2.19 -1.74 -16.71
N ILE B 709 -3.35 -1.38 -16.16
CA ILE B 709 -4.04 -2.30 -15.25
C ILE B 709 -4.91 -3.30 -16.01
N CYS B 710 -5.72 -2.82 -16.95
CA CYS B 710 -6.72 -3.66 -17.59
C CYS B 710 -6.44 -3.94 -19.06
N GLY B 711 -5.44 -3.29 -19.65
CA GLY B 711 -5.18 -3.50 -21.07
C GLY B 711 -6.35 -3.04 -21.91
N ASP B 712 -6.80 -3.92 -22.81
CA ASP B 712 -8.01 -3.69 -23.59
C ASP B 712 -9.01 -4.75 -23.16
N SER B 713 -9.82 -4.40 -22.15
CA SER B 713 -10.78 -5.35 -21.58
C SER B 713 -11.90 -4.51 -20.95
N THR B 714 -13.09 -4.59 -21.54
CA THR B 714 -14.21 -3.81 -21.05
C THR B 714 -14.65 -4.24 -19.66
N GLU B 715 -14.62 -5.54 -19.38
CA GLU B 715 -15.03 -6.03 -18.07
C GLU B 715 -14.10 -5.50 -16.98
N CYS B 716 -12.79 -5.56 -17.20
CA CYS B 716 -11.85 -5.02 -16.23
C CYS B 716 -12.02 -3.51 -16.08
N SER B 717 -12.26 -2.82 -17.18
CA SER B 717 -12.45 -1.37 -17.11
C SER B 717 -13.67 -1.01 -16.29
N SER B 718 -14.76 -1.76 -16.46
CA SER B 718 -15.96 -1.57 -15.64
C SER B 718 -15.71 -1.89 -14.18
N LEU B 719 -14.93 -2.93 -13.88
CA LEU B 719 -14.58 -3.24 -12.50
C LEU B 719 -13.65 -2.21 -11.87
N LEU B 720 -12.86 -1.50 -12.66
CA LEU B 720 -11.90 -0.55 -12.12
C LEU B 720 -12.55 0.76 -11.69
N LEU B 721 -13.73 1.08 -12.21
CA LEU B 721 -14.40 2.31 -11.81
C LEU B 721 -14.88 2.27 -10.36
N GLN B 722 -14.93 1.10 -9.74
CA GLN B 722 -15.38 0.95 -8.37
C GLN B 722 -14.28 1.17 -7.35
N TYR B 723 -13.05 1.43 -7.79
CA TYR B 723 -11.95 1.70 -6.88
C TYR B 723 -11.73 3.19 -6.66
N GLY B 724 -12.57 4.04 -7.22
CA GLY B 724 -12.53 5.46 -6.92
C GLY B 724 -11.67 6.27 -7.88
N SER B 725 -10.93 7.22 -7.32
CA SER B 725 -10.05 8.09 -8.07
C SER B 725 -8.59 7.78 -7.83
N PHE B 726 -8.25 6.49 -7.81
CA PHE B 726 -6.93 6.01 -7.44
C PHE B 726 -5.85 6.34 -8.44
N CYS B 727 -6.17 6.58 -9.71
CA CYS B 727 -5.12 6.92 -10.65
C CYS B 727 -5.29 8.29 -11.28
N GLN B 728 -6.47 8.91 -11.21
CA GLN B 728 -6.56 10.35 -11.40
C GLN B 728 -5.66 11.09 -10.42
N GLN B 729 -5.48 10.55 -9.22
CA GLN B 729 -4.46 10.98 -8.29
C GLN B 729 -3.05 10.69 -8.77
N LEU B 730 -2.82 9.55 -9.40
CA LEU B 730 -1.49 9.17 -9.87
C LEU B 730 -1.09 9.87 -11.16
N ASN B 731 -2.00 10.61 -11.79
CA ASN B 731 -1.67 11.42 -12.95
C ASN B 731 -1.32 12.85 -12.60
N ARG B 732 -2.02 13.43 -11.62
CA ARG B 732 -1.68 14.79 -11.18
C ARG B 732 -0.28 14.86 -10.59
N ALA B 733 0.09 13.90 -9.76
CA ALA B 733 1.42 13.90 -9.16
C ALA B 733 2.51 13.73 -10.20
N LEU B 734 2.31 12.77 -11.11
CA LEU B 734 3.29 12.48 -12.14
C LEU B 734 3.36 13.59 -13.18
N ALA B 735 2.32 14.41 -13.30
CA ALA B 735 2.36 15.61 -14.12
C ALA B 735 3.04 16.79 -13.44
N GLY B 736 2.85 16.95 -12.13
CA GLY B 736 3.61 17.95 -11.40
C GLY B 736 5.10 17.69 -11.42
N VAL B 737 5.50 16.43 -11.26
CA VAL B 737 6.92 16.10 -11.37
C VAL B 737 7.48 16.48 -12.74
N SER B 738 6.72 16.27 -13.80
CA SER B 738 7.16 16.62 -15.15
C SER B 738 7.20 18.11 -15.41
N VAL B 739 6.25 18.89 -14.88
CA VAL B 739 6.30 20.34 -15.12
C VAL B 739 7.39 21.00 -14.28
N GLU B 740 7.77 20.41 -13.15
CA GLU B 740 8.85 20.98 -12.34
C GLU B 740 10.23 20.82 -12.98
N GLN B 741 10.43 19.77 -13.77
CA GLN B 741 11.73 19.52 -14.39
C GLN B 741 12.12 20.61 -15.40
N ASP B 742 11.15 21.31 -15.98
CA ASP B 742 11.43 22.38 -16.92
C ASP B 742 11.75 23.69 -16.22
N LYS B 743 11.04 24.00 -15.14
CA LYS B 743 11.38 25.14 -14.31
C LYS B 743 12.76 24.97 -13.70
N ASN B 744 13.17 23.73 -13.43
CA ASN B 744 14.52 23.49 -12.93
C ASN B 744 15.58 24.02 -13.90
N THR B 745 15.47 23.68 -15.19
CA THR B 745 16.47 24.16 -16.14
C THR B 745 16.32 25.64 -16.46
N GLN B 746 15.08 26.15 -16.45
CA GLN B 746 14.89 27.58 -16.66
C GLN B 746 15.53 28.42 -15.56
N ASP B 747 15.47 27.97 -14.31
CA ASP B 747 16.08 28.72 -13.22
C ASP B 747 17.60 28.75 -13.34
N VAL B 748 18.20 27.67 -13.82
CA VAL B 748 19.66 27.60 -13.90
C VAL B 748 20.21 28.33 -15.11
N PHE B 749 19.65 28.11 -16.30
CA PHE B 749 20.32 28.56 -17.51
C PHE B 749 19.82 29.88 -18.07
N ALA B 750 18.60 30.31 -17.75
CA ALA B 750 17.96 31.40 -18.47
C ALA B 750 17.75 32.64 -17.61
N GLN B 751 18.72 33.00 -16.76
CA GLN B 751 18.57 34.20 -15.94
C GLN B 751 19.14 35.46 -16.58
N VAL B 752 19.80 35.35 -17.73
CA VAL B 752 20.25 36.51 -18.49
C VAL B 752 19.48 36.54 -19.80
N LYS B 753 18.88 37.69 -20.12
CA LYS B 753 17.97 37.80 -21.24
C LYS B 753 18.51 38.67 -22.37
N SER B 754 19.82 38.64 -22.59
CA SER B 754 20.44 39.26 -23.76
C SER B 754 21.45 38.29 -24.33
N ILE B 755 21.63 38.32 -25.64
CA ILE B 755 22.51 37.38 -26.34
C ILE B 755 23.74 38.16 -26.77
N TYR B 756 24.85 37.93 -26.08
CA TYR B 756 26.13 38.49 -26.48
C TYR B 756 26.92 37.48 -27.29
N LYS B 757 27.71 38.02 -28.23
CA LYS B 757 28.53 37.17 -29.13
C LYS B 757 29.94 37.76 -29.25
N VAL B 758 30.96 36.92 -29.31
CA VAL B 758 32.34 37.35 -29.51
C VAL B 758 33.10 36.23 -30.20
N SER B 759 34.14 36.59 -30.93
CA SER B 759 34.92 35.62 -31.68
C SER B 759 35.86 34.84 -30.74
N ALA B 760 36.33 33.70 -31.22
CA ALA B 760 37.21 32.83 -30.48
C ALA B 760 38.68 33.03 -30.82
N ILE B 761 38.97 33.54 -32.02
CA ILE B 761 40.33 33.67 -32.50
C ILE B 761 40.92 35.02 -32.09
N LYS B 762 40.22 35.75 -31.23
CA LYS B 762 40.70 37.04 -30.74
C LYS B 762 41.90 36.82 -29.82
N ASP B 763 42.52 37.91 -29.38
CA ASP B 763 43.74 37.83 -28.59
C ASP B 763 43.43 37.79 -27.11
N PHE B 764 42.70 38.78 -26.61
CA PHE B 764 42.29 38.95 -25.22
C PHE B 764 43.49 39.12 -24.30
N GLY B 765 44.66 39.47 -24.82
CA GLY B 765 45.83 39.65 -23.97
C GLY B 765 46.61 38.39 -23.70
N GLY B 766 46.39 37.34 -24.48
CA GLY B 766 47.10 36.08 -24.30
C GLY B 766 46.25 34.92 -23.84
N PHE B 767 45.00 35.15 -23.46
CA PHE B 767 44.10 34.08 -23.02
C PHE B 767 43.36 33.50 -24.21
N ASN B 768 43.44 32.19 -24.39
CA ASN B 768 43.10 31.54 -25.67
C ASN B 768 41.56 31.43 -25.81
N PHE B 769 40.86 31.02 -24.76
CA PHE B 769 39.40 30.93 -24.76
C PHE B 769 38.83 30.05 -25.86
N SER B 770 39.39 28.86 -26.07
CA SER B 770 38.76 27.86 -26.93
C SER B 770 37.94 26.86 -26.11
N GLN B 771 37.08 27.41 -25.24
CA GLN B 771 35.92 26.73 -24.68
C GLN B 771 34.65 27.46 -25.06
N ILE B 772 34.75 28.34 -26.04
CA ILE B 772 33.62 28.99 -26.66
C ILE B 772 33.43 28.30 -28.02
N LEU B 773 32.33 28.62 -28.68
CA LEU B 773 31.96 27.93 -29.92
C LEU B 773 33.06 28.06 -30.95
N PRO B 774 33.80 26.98 -31.23
CA PRO B 774 35.00 27.10 -32.07
C PRO B 774 34.63 27.16 -33.54
N ASP B 775 35.53 27.76 -34.32
CA ASP B 775 35.57 27.75 -35.78
C ASP B 775 34.17 27.64 -36.36
N PRO B 776 33.32 28.67 -36.16
CA PRO B 776 31.89 28.54 -36.47
C PRO B 776 31.54 27.90 -37.82
N ALA B 777 32.47 27.87 -38.76
CA ALA B 777 32.22 27.27 -40.07
C ALA B 777 32.47 25.76 -40.01
N LYS B 778 31.98 25.14 -38.93
CA LYS B 778 31.86 23.69 -38.80
C LYS B 778 30.59 23.38 -38.02
N PRO B 779 29.93 22.25 -38.29
CA PRO B 779 28.69 21.93 -37.59
C PRO B 779 28.93 21.32 -36.22
N SER B 780 29.45 22.11 -35.28
CA SER B 780 29.60 21.66 -33.91
C SER B 780 28.67 22.46 -33.00
N LYS B 781 28.81 23.79 -33.02
CA LYS B 781 27.92 24.72 -32.35
C LYS B 781 27.83 24.48 -30.84
N ARG B 782 28.68 23.59 -30.34
CA ARG B 782 28.82 23.42 -28.90
C ARG B 782 30.33 23.49 -28.74
N SER B 783 30.83 24.21 -27.76
CA SER B 783 32.28 24.29 -27.51
C SER B 783 32.97 22.92 -27.56
N PRO B 784 34.24 22.84 -27.97
CA PRO B 784 34.98 21.59 -27.95
C PRO B 784 34.96 20.75 -26.66
N ILE B 785 34.72 21.34 -25.50
CA ILE B 785 34.67 20.61 -24.19
C ILE B 785 33.25 20.08 -23.95
N GLU B 786 32.22 20.75 -24.43
CA GLU B 786 30.87 20.21 -24.31
C GLU B 786 30.66 19.05 -25.26
N ASP B 787 31.37 19.04 -26.40
CA ASP B 787 31.35 17.87 -27.27
C ASP B 787 31.91 16.63 -26.57
N LEU B 788 33.00 16.79 -25.83
CA LEU B 788 33.53 15.68 -25.04
C LEU B 788 32.56 15.25 -23.97
N LEU B 789 31.92 16.21 -23.30
CA LEU B 789 30.96 15.87 -22.26
C LEU B 789 29.77 15.10 -22.82
N TYR B 790 29.33 15.44 -24.03
CA TYR B 790 28.21 14.75 -24.66
C TYR B 790 28.58 13.42 -25.28
N ASN B 791 29.77 12.89 -25.00
CA ASN B 791 30.19 11.59 -25.53
C ASN B 791 30.63 10.62 -24.44
N LYS B 792 30.66 11.04 -23.18
CA LYS B 792 30.94 10.12 -22.09
C LYS B 792 29.72 9.83 -21.21
N VAL B 793 28.55 10.25 -21.65
CA VAL B 793 27.31 10.02 -20.87
C VAL B 793 26.36 9.21 -21.73
N THR B 794 26.61 7.91 -21.84
CA THR B 794 25.74 7.02 -22.65
C THR B 794 24.30 7.18 -22.20
N LEU B 795 23.47 7.86 -23.00
CA LEU B 795 22.06 8.10 -22.63
C LEU B 795 21.26 6.82 -22.86
N ALA B 796 19.93 6.91 -22.78
CA ALA B 796 19.07 5.72 -22.97
C ALA B 796 18.36 5.81 -24.33
N ASP B 797 17.69 4.73 -24.73
CA ASP B 797 16.97 4.72 -26.03
C ASP B 797 16.42 6.11 -26.31
N PRO B 798 16.88 6.78 -27.38
CA PRO B 798 16.40 8.13 -27.72
C PRO B 798 14.89 8.21 -27.93
N GLY B 799 14.33 7.40 -28.84
CA GLY B 799 12.89 7.49 -29.15
C GLY B 799 12.53 6.74 -30.42
N PHE B 800 12.19 5.45 -30.32
CA PHE B 800 11.85 4.59 -31.48
C PHE B 800 11.44 5.39 -32.71
N MET B 801 10.15 5.72 -32.80
CA MET B 801 9.63 6.38 -34.03
C MET B 801 10.30 7.74 -34.27
N LYS B 802 11.04 8.29 -33.31
CA LYS B 802 11.75 9.57 -33.62
C LYS B 802 13.24 9.29 -33.74
N GLN B 803 13.62 8.00 -33.78
CA GLN B 803 15.05 7.64 -34.00
C GLN B 803 15.05 6.59 -35.10
N TYR B 804 14.17 6.76 -36.09
CA TYR B 804 14.05 5.76 -37.19
C TYR B 804 13.80 4.40 -36.56
N GLY B 805 12.60 4.20 -36.02
CA GLY B 805 12.27 2.92 -35.36
C GLY B 805 10.78 2.63 -35.41
N ASP B 806 10.42 1.35 -35.40
CA ASP B 806 9.00 0.95 -35.44
C ASP B 806 8.84 -0.23 -34.49
N CYS B 807 7.64 -0.42 -33.95
CA CYS B 807 7.43 -1.50 -32.95
C CYS B 807 6.82 -2.70 -33.66
N LEU B 808 6.65 -2.62 -34.98
CA LEU B 808 5.98 -3.73 -35.71
C LEU B 808 6.97 -4.37 -36.68
N GLY B 809 7.41 -5.59 -36.36
CA GLY B 809 8.36 -6.30 -37.23
C GLY B 809 9.77 -5.84 -36.98
N GLY B 810 9.95 -4.63 -36.44
CA GLY B 810 11.29 -4.10 -36.13
C GLY B 810 11.53 -3.98 -34.64
N VAL B 811 10.84 -4.80 -33.84
CA VAL B 811 11.02 -4.80 -32.35
C VAL B 811 12.18 -5.72 -32.02
N ASN B 812 13.12 -5.91 -32.95
CA ASN B 812 14.21 -6.88 -32.70
C ASN B 812 13.53 -8.15 -32.22
N ALA B 813 14.07 -8.81 -31.20
CA ALA B 813 13.34 -9.95 -30.62
C ALA B 813 12.21 -9.32 -29.82
N ARG B 814 12.54 -8.34 -28.98
CA ARG B 814 11.51 -7.62 -28.20
C ARG B 814 12.20 -6.42 -27.55
N ASP B 815 12.23 -5.28 -28.23
CA ASP B 815 12.86 -4.05 -27.68
C ASP B 815 12.22 -3.76 -26.32
N LEU B 816 12.83 -2.87 -25.55
CA LEU B 816 12.25 -2.49 -24.24
C LEU B 816 11.29 -1.32 -24.46
N ILE B 817 11.73 -0.31 -25.21
CA ILE B 817 10.88 0.88 -25.44
C ILE B 817 9.49 0.41 -25.89
N CYS B 818 9.44 -0.69 -26.62
CA CYS B 818 8.17 -1.10 -27.26
C CYS B 818 7.28 -1.78 -26.22
N ALA B 819 7.86 -2.59 -25.35
CA ALA B 819 7.08 -3.21 -24.27
C ALA B 819 6.54 -2.11 -23.35
N GLN B 820 7.27 -1.02 -23.21
CA GLN B 820 6.78 0.11 -22.40
C GLN B 820 5.63 0.78 -23.15
N LYS B 821 5.77 1.03 -24.44
CA LYS B 821 4.71 1.73 -25.15
C LYS B 821 3.43 0.91 -25.21
N PHE B 822 3.54 -0.39 -25.41
CA PHE B 822 2.39 -1.28 -25.49
C PHE B 822 1.65 -1.40 -24.17
N ASN B 823 2.23 -0.93 -23.07
CA ASN B 823 1.62 -1.09 -21.76
C ASN B 823 1.33 0.24 -21.09
N GLY B 824 1.43 1.35 -21.81
CA GLY B 824 0.94 2.62 -21.32
C GLY B 824 1.95 3.55 -20.68
N LEU B 825 3.24 3.27 -20.80
CA LEU B 825 4.29 4.09 -20.19
C LEU B 825 4.98 4.86 -21.31
N THR B 826 5.01 6.19 -21.20
CA THR B 826 5.56 7.04 -22.25
C THR B 826 6.54 8.05 -21.66
N VAL B 827 7.51 8.46 -22.48
CA VAL B 827 8.55 9.40 -22.09
C VAL B 827 8.39 10.68 -22.91
N LEU B 828 8.44 11.83 -22.24
CA LEU B 828 8.19 13.11 -22.88
C LEU B 828 9.50 13.88 -23.08
N PRO B 829 9.59 14.68 -24.13
CA PRO B 829 10.85 15.40 -24.43
C PRO B 829 10.94 16.71 -23.67
N PRO B 830 12.15 17.20 -23.43
CA PRO B 830 12.30 18.47 -22.71
C PRO B 830 11.79 19.66 -23.53
N LEU B 831 11.42 20.73 -22.82
CA LEU B 831 10.99 21.95 -23.48
C LEU B 831 12.14 22.65 -24.18
N LEU B 832 13.30 22.74 -23.55
CA LEU B 832 14.48 23.40 -24.12
C LEU B 832 15.36 22.33 -24.77
N THR B 833 15.70 22.56 -26.04
CA THR B 833 16.56 21.63 -26.76
C THR B 833 18.02 21.82 -26.37
N ASP B 834 18.84 20.85 -26.77
CA ASP B 834 20.27 20.93 -26.47
C ASP B 834 20.92 22.14 -27.13
N ASP B 835 20.57 22.41 -28.38
CA ASP B 835 21.07 23.59 -29.08
C ASP B 835 20.56 24.89 -28.48
N MET B 836 19.52 24.84 -27.66
CA MET B 836 19.01 26.01 -26.98
C MET B 836 19.72 26.28 -25.66
N ILE B 837 20.06 25.23 -24.90
CA ILE B 837 20.91 25.41 -23.74
C ILE B 837 22.35 25.74 -24.11
N ALA B 838 22.83 25.25 -25.26
CA ALA B 838 24.17 25.63 -25.72
C ALA B 838 24.24 27.07 -26.17
N ALA B 839 23.10 27.67 -26.53
CA ALA B 839 23.08 29.09 -26.87
C ALA B 839 23.10 29.96 -25.61
N TYR B 840 22.59 29.44 -24.50
CA TYR B 840 22.61 30.20 -23.26
C TYR B 840 24.01 30.26 -22.67
N THR B 841 24.73 29.13 -22.67
CA THR B 841 26.10 29.11 -22.19
C THR B 841 27.06 29.81 -23.15
N SER B 842 26.61 30.12 -24.36
CA SER B 842 27.28 31.02 -25.27
C SER B 842 27.33 32.44 -24.77
N ALA B 843 26.26 32.94 -24.18
CA ALA B 843 26.16 34.32 -23.78
C ALA B 843 26.68 34.58 -22.38
N LEU B 844 26.73 33.57 -21.53
CA LEU B 844 27.33 33.71 -20.21
C LEU B 844 28.85 33.71 -20.25
N VAL B 845 29.46 33.09 -21.26
CA VAL B 845 30.91 33.10 -21.39
C VAL B 845 31.40 34.29 -22.21
N SER B 846 30.63 34.76 -23.18
CA SER B 846 30.98 35.93 -23.97
C SER B 846 30.56 37.23 -23.30
N GLY B 847 29.96 37.17 -22.13
CA GLY B 847 29.61 38.36 -21.39
C GLY B 847 30.64 38.65 -20.32
N THR B 848 31.39 37.63 -19.91
CA THR B 848 32.50 37.80 -18.97
C THR B 848 33.82 38.07 -19.68
N ALA B 849 33.84 37.99 -21.00
CA ALA B 849 35.01 38.38 -21.79
C ALA B 849 34.80 39.74 -22.44
N LEU B 850 33.74 40.43 -22.06
CA LEU B 850 33.35 41.66 -22.73
C LEU B 850 32.97 42.71 -21.70
N SER B 851 32.45 42.27 -20.55
CA SER B 851 31.89 43.20 -19.58
C SER B 851 32.38 42.94 -18.17
N GLY B 852 32.83 41.74 -17.90
CA GLY B 852 33.21 41.37 -16.54
C GLY B 852 32.08 40.62 -15.85
N PHE B 853 31.61 41.14 -14.73
CA PHE B 853 30.42 40.65 -14.07
C PHE B 853 29.41 41.78 -13.85
N THR B 854 29.52 42.82 -14.66
CA THR B 854 28.59 43.95 -14.59
C THR B 854 27.30 43.70 -15.35
N PHE B 855 27.22 42.64 -16.14
CA PHE B 855 25.99 42.34 -16.87
C PHE B 855 24.99 41.56 -16.04
N GLY B 856 25.39 41.08 -14.86
CA GLY B 856 24.48 40.48 -13.92
C GLY B 856 23.82 41.43 -12.95
N ALA B 857 24.13 42.73 -13.03
CA ALA B 857 23.52 43.74 -12.17
C ALA B 857 22.91 44.89 -12.96
N GLY B 858 22.75 44.73 -14.27
CA GLY B 858 22.24 45.79 -15.10
C GLY B 858 22.74 45.68 -16.52
N PRO B 859 22.89 46.82 -17.19
CA PRO B 859 23.41 46.80 -18.57
C PRO B 859 24.90 46.50 -18.61
N ALA B 860 25.32 45.98 -19.76
CA ALA B 860 26.72 45.60 -19.94
C ALA B 860 27.59 46.83 -20.12
N LEU B 861 28.72 46.85 -19.41
CA LEU B 861 29.70 47.93 -19.47
C LEU B 861 31.01 47.32 -19.96
N GLN B 862 31.48 47.76 -21.13
CA GLN B 862 32.64 47.12 -21.74
C GLN B 862 33.92 47.47 -21.00
N ILE B 863 34.89 46.57 -21.05
CA ILE B 863 36.15 46.72 -20.34
C ILE B 863 37.20 45.81 -20.98
N PRO B 864 38.47 46.21 -21.03
CA PRO B 864 39.50 45.29 -21.51
C PRO B 864 39.70 44.12 -20.56
N PHE B 865 40.06 42.97 -21.13
CA PHE B 865 40.25 41.77 -20.29
C PHE B 865 41.38 41.92 -19.29
N PRO B 866 42.59 42.39 -19.68
CA PRO B 866 43.66 42.53 -18.67
C PRO B 866 43.33 43.52 -17.57
N MET B 867 42.40 44.44 -17.82
CA MET B 867 41.94 45.30 -16.75
C MET B 867 40.88 44.62 -15.89
N GLN B 868 40.27 43.55 -16.39
CA GLN B 868 39.36 42.73 -15.60
C GLN B 868 40.08 41.84 -14.59
N MET B 869 41.23 41.29 -14.96
CA MET B 869 41.99 40.43 -14.06
C MET B 869 42.78 41.21 -13.03
N ALA B 870 42.73 42.53 -13.09
CA ALA B 870 43.35 43.37 -12.08
C ALA B 870 42.37 43.85 -11.03
N TYR B 871 41.10 44.01 -11.38
CA TYR B 871 40.07 44.26 -10.39
C TYR B 871 39.74 43.00 -9.60
N ARG B 872 39.88 41.83 -10.22
CA ARG B 872 39.72 40.55 -9.53
C ARG B 872 40.91 40.18 -8.67
N PHE B 873 42.11 40.60 -9.06
CA PHE B 873 43.29 40.44 -8.20
C PHE B 873 43.22 41.34 -6.98
N ASN B 874 42.59 42.50 -7.08
CA ASN B 874 42.36 43.35 -5.92
C ASN B 874 41.27 42.81 -5.01
N GLY B 875 40.43 41.91 -5.51
CA GLY B 875 39.39 41.33 -4.69
C GLY B 875 39.83 40.24 -3.76
N ILE B 876 40.99 39.63 -4.02
CA ILE B 876 41.55 38.63 -3.13
C ILE B 876 42.66 39.17 -2.25
N GLY B 877 42.84 40.49 -2.21
CA GLY B 877 43.78 41.13 -1.29
C GLY B 877 45.15 41.40 -1.85
N VAL B 878 45.39 41.10 -3.12
CA VAL B 878 46.69 41.30 -3.72
C VAL B 878 46.66 42.57 -4.56
N THR B 879 47.76 43.31 -4.55
CA THR B 879 47.88 44.58 -5.25
C THR B 879 47.88 44.37 -6.75
N GLN B 880 47.61 45.41 -7.56
CA GLN B 880 47.35 45.28 -9.04
C GLN B 880 48.57 45.12 -9.94
N ASN B 881 49.74 45.52 -9.49
CA ASN B 881 50.99 45.40 -10.27
C ASN B 881 51.26 43.94 -10.51
N VAL B 882 50.99 43.07 -9.54
CA VAL B 882 51.39 41.65 -9.66
C VAL B 882 50.83 40.99 -10.91
N LEU B 883 49.77 41.55 -11.50
CA LEU B 883 49.19 40.97 -12.73
C LEU B 883 49.85 41.57 -13.96
N TYR B 884 49.96 42.88 -14.00
CA TYR B 884 50.56 43.59 -15.13
C TYR B 884 52.00 43.14 -15.37
N GLU B 885 52.76 42.96 -14.30
CA GLU B 885 54.17 42.59 -14.44
C GLU B 885 54.38 41.12 -14.78
N ASN B 886 53.48 40.22 -14.39
CA ASN B 886 53.67 38.80 -14.65
C ASN B 886 52.59 38.27 -15.60
N GLN B 887 52.01 39.15 -16.40
CA GLN B 887 50.97 38.75 -17.35
C GLN B 887 51.37 37.61 -18.28
N LYS B 888 52.64 37.54 -18.71
CA LYS B 888 52.96 36.48 -19.70
C LYS B 888 52.93 35.10 -19.07
N GLN B 889 53.22 34.95 -17.78
CA GLN B 889 53.13 33.62 -17.20
C GLN B 889 51.75 33.33 -16.62
N ILE B 890 51.04 34.35 -16.14
CA ILE B 890 49.65 34.19 -15.76
C ILE B 890 48.78 33.75 -16.94
N ALA B 891 49.03 34.27 -18.14
CA ALA B 891 48.29 33.84 -19.31
C ALA B 891 48.72 32.48 -19.83
N ASN B 892 49.88 31.98 -19.42
CA ASN B 892 50.36 30.68 -19.84
C ASN B 892 49.94 29.54 -18.93
N GLN B 893 49.98 29.72 -17.61
CA GLN B 893 49.46 28.67 -16.75
C GLN B 893 47.95 28.51 -16.94
N PHE B 894 47.24 29.61 -17.18
CA PHE B 894 45.82 29.52 -17.44
C PHE B 894 45.54 28.76 -18.72
N ASN B 895 46.33 29.01 -19.76
CA ASN B 895 46.19 28.27 -21.01
C ASN B 895 46.55 26.80 -20.86
N LYS B 896 47.54 26.47 -20.08
CA LYS B 896 47.93 25.08 -19.90
C LYS B 896 46.97 24.30 -19.00
N ALA B 897 46.36 24.95 -18.03
CA ALA B 897 45.44 24.25 -17.14
C ALA B 897 44.11 23.99 -17.82
N ILE B 898 43.75 24.81 -18.80
CA ILE B 898 42.43 24.71 -19.45
C ILE B 898 42.54 23.71 -20.59
N SER B 899 43.76 23.26 -20.87
CA SER B 899 44.01 22.27 -21.92
C SER B 899 44.37 20.92 -21.34
N GLN B 900 44.59 20.84 -20.04
CA GLN B 900 44.83 19.57 -19.37
C GLN B 900 43.58 19.00 -18.72
N ILE B 901 42.43 19.65 -18.86
CA ILE B 901 41.18 19.05 -18.44
C ILE B 901 40.59 18.17 -19.53
N GLN B 902 41.08 18.29 -20.76
CA GLN B 902 40.75 17.30 -21.79
C GLN B 902 41.36 15.94 -21.44
N GLU B 903 42.65 15.92 -21.12
CA GLU B 903 43.29 14.67 -20.70
C GLU B 903 43.11 14.41 -19.22
N SER B 904 41.88 14.56 -18.74
CA SER B 904 41.49 14.11 -17.41
C SER B 904 40.15 13.43 -17.55
N LEU B 905 39.47 13.74 -18.64
CA LEU B 905 38.16 13.16 -18.94
C LEU B 905 38.24 12.03 -19.96
N THR B 906 39.23 12.07 -20.85
CA THR B 906 39.40 11.02 -21.84
C THR B 906 40.21 9.84 -21.33
N THR B 907 40.74 9.92 -20.10
CA THR B 907 41.48 8.81 -19.53
C THR B 907 40.69 8.19 -18.38
N THR B 908 40.28 9.01 -17.43
CA THR B 908 39.47 8.51 -16.32
C THR B 908 38.03 8.34 -16.79
N PRO B 909 37.48 7.12 -16.75
CA PRO B 909 36.11 6.92 -17.21
C PRO B 909 35.08 7.38 -16.19
N THR B 910 35.52 7.56 -14.95
CA THR B 910 34.62 7.95 -13.87
C THR B 910 34.57 9.46 -13.68
N ALA B 911 33.99 9.88 -12.55
CA ALA B 911 33.95 11.25 -12.07
C ALA B 911 32.99 12.13 -12.86
N LEU B 912 32.51 11.65 -14.00
CA LEU B 912 31.26 12.12 -14.59
C LEU B 912 30.14 11.16 -14.26
N GLY B 913 30.04 10.78 -12.98
CA GLY B 913 29.22 9.66 -12.57
C GLY B 913 28.01 10.01 -11.72
N LYS B 914 27.82 11.27 -11.36
CA LYS B 914 26.58 11.70 -10.73
C LYS B 914 25.52 12.08 -11.76
N LEU B 915 25.87 12.06 -13.04
CA LEU B 915 24.91 12.25 -14.11
C LEU B 915 24.46 10.92 -14.71
N GLN B 916 25.39 9.97 -14.85
CA GLN B 916 25.06 8.67 -15.39
C GLN B 916 24.13 7.87 -14.48
N ASP B 917 24.32 7.97 -13.17
CA ASP B 917 23.43 7.30 -12.21
C ASP B 917 22.00 7.79 -12.33
N VAL B 918 21.80 9.08 -12.63
CA VAL B 918 20.45 9.60 -12.81
C VAL B 918 19.73 8.91 -13.95
N ILE B 919 20.43 8.67 -15.06
CA ILE B 919 19.83 7.95 -16.18
C ILE B 919 19.58 6.49 -15.81
N ASN B 920 20.57 5.86 -15.18
CA ASN B 920 20.47 4.44 -14.89
C ASN B 920 19.34 4.10 -13.92
N GLN B 921 19.16 4.88 -12.86
CA GLN B 921 18.12 4.53 -11.90
C GLN B 921 16.72 4.88 -12.38
N ASN B 922 16.60 5.64 -13.45
CA ASN B 922 15.31 5.81 -14.10
C ASN B 922 15.02 4.67 -15.07
N ALA B 923 16.04 4.21 -15.79
CA ALA B 923 15.85 3.05 -16.65
C ALA B 923 15.50 1.79 -15.87
N ILE B 924 16.23 1.52 -14.77
CA ILE B 924 15.97 0.30 -14.00
C ILE B 924 14.67 0.38 -13.22
N ALA B 925 14.10 1.56 -13.05
CA ALA B 925 12.80 1.71 -12.41
C ALA B 925 11.65 1.64 -13.39
N LEU B 926 11.84 2.10 -14.62
CA LEU B 926 10.82 1.92 -15.64
C LEU B 926 10.77 0.48 -16.15
N ASN B 927 11.88 -0.25 -16.08
CA ASN B 927 11.87 -1.64 -16.55
C ASN B 927 11.34 -2.62 -15.51
N THR B 928 11.43 -2.32 -14.22
CA THR B 928 10.84 -3.18 -13.20
C THR B 928 9.34 -2.99 -13.07
N LEU B 929 8.79 -1.91 -13.61
CA LEU B 929 7.35 -1.74 -13.66
C LEU B 929 6.71 -2.56 -14.77
N VAL B 930 7.49 -3.07 -15.70
CA VAL B 930 6.97 -3.87 -16.80
C VAL B 930 7.13 -5.36 -16.53
N LYS B 931 8.18 -5.75 -15.82
CA LYS B 931 8.37 -7.15 -15.48
C LYS B 931 7.55 -7.53 -14.27
N GLN B 932 6.57 -6.71 -13.89
CA GLN B 932 5.68 -7.00 -12.73
C GLN B 932 4.30 -7.38 -13.24
N LEU B 933 3.99 -7.03 -14.47
CA LEU B 933 2.74 -7.45 -15.10
C LEU B 933 2.81 -8.96 -15.41
N SER B 934 3.90 -9.64 -15.05
CA SER B 934 4.05 -11.10 -15.24
C SER B 934 3.88 -11.87 -13.94
N SER B 935 3.28 -11.25 -12.93
CA SER B 935 3.09 -11.88 -11.60
C SER B 935 1.62 -12.27 -11.37
N ASN B 936 1.38 -13.40 -10.70
CA ASN B 936 0.02 -13.93 -10.43
C ASN B 936 -0.65 -13.23 -9.26
N PHE B 937 0.10 -12.89 -8.23
CA PHE B 937 -0.44 -12.24 -7.01
C PHE B 937 -1.39 -13.23 -6.32
N GLY B 938 -1.20 -14.51 -6.56
CA GLY B 938 -2.07 -15.54 -5.94
C GLY B 938 -3.12 -16.11 -6.88
N ALA B 939 -3.58 -15.34 -7.87
CA ALA B 939 -4.64 -15.79 -8.80
C ALA B 939 -4.16 -16.94 -9.67
N ILE B 940 -5.05 -17.50 -10.50
CA ILE B 940 -4.72 -18.69 -11.33
C ILE B 940 -3.79 -18.38 -12.49
N SER B 941 -3.77 -17.14 -12.98
CA SER B 941 -2.84 -16.72 -14.05
C SER B 941 -2.60 -15.21 -13.96
N SER B 942 -1.65 -14.69 -14.71
CA SER B 942 -1.34 -13.24 -14.79
C SER B 942 -2.03 -12.67 -16.02
N VAL B 943 -2.53 -13.53 -16.90
CA VAL B 943 -3.27 -13.10 -18.12
C VAL B 943 -4.77 -13.01 -17.81
N LEU B 944 -5.33 -11.80 -17.80
CA LEU B 944 -6.74 -11.55 -17.47
C LEU B 944 -7.67 -12.23 -18.46
N ASN B 945 -7.16 -12.62 -19.62
CA ASN B 945 -8.04 -13.19 -20.66
C ASN B 945 -7.95 -14.71 -20.62
N ASP B 946 -7.37 -15.27 -19.57
CA ASP B 946 -7.33 -16.73 -19.38
C ASP B 946 -8.20 -17.02 -18.16
N ILE B 947 -8.67 -15.95 -17.52
CA ILE B 947 -9.56 -16.09 -16.35
C ILE B 947 -10.97 -15.84 -16.87
N LEU B 948 -11.12 -14.96 -17.84
CA LEU B 948 -12.45 -14.59 -18.38
C LEU B 948 -12.83 -15.58 -19.47
N SER B 949 -11.96 -16.50 -19.82
CA SER B 949 -12.26 -17.56 -20.82
C SER B 949 -12.66 -18.85 -20.13
N ARG B 950 -12.27 -19.06 -18.87
CA ARG B 950 -12.49 -20.35 -18.19
C ARG B 950 -13.45 -20.21 -17.03
N LEU B 951 -13.68 -19.00 -16.56
CA LEU B 951 -14.52 -18.79 -15.35
C LEU B 951 -15.70 -17.89 -15.71
N ASP B 952 -16.79 -17.94 -14.94
CA ASP B 952 -18.04 -17.19 -15.25
C ASP B 952 -18.17 -15.94 -14.40
N PRO B 953 -18.99 -14.94 -14.81
CA PRO B 953 -19.06 -13.66 -14.11
C PRO B 953 -18.93 -13.71 -12.59
N PRO B 954 -19.64 -14.55 -11.80
CA PRO B 954 -19.45 -14.53 -10.36
C PRO B 954 -18.05 -14.88 -9.80
N GLU B 955 -17.42 -15.97 -10.24
CA GLU B 955 -16.12 -16.43 -9.66
C GLU B 955 -14.91 -15.89 -10.42
N ALA B 956 -15.12 -14.96 -11.34
CA ALA B 956 -13.98 -14.35 -12.03
C ALA B 956 -13.61 -13.05 -11.30
N GLU B 957 -14.59 -12.34 -10.76
CA GLU B 957 -14.34 -11.08 -10.03
C GLU B 957 -13.65 -11.39 -8.70
N VAL B 958 -13.61 -12.63 -8.28
CA VAL B 958 -12.80 -12.94 -7.06
C VAL B 958 -11.33 -13.09 -7.47
N GLN B 959 -11.05 -13.33 -8.75
CA GLN B 959 -9.66 -13.55 -9.21
C GLN B 959 -9.14 -12.31 -9.94
N ILE B 960 -10.01 -11.46 -10.50
CA ILE B 960 -9.57 -10.20 -11.16
C ILE B 960 -9.19 -9.20 -10.09
N ASP B 961 -9.86 -9.20 -8.97
CA ASP B 961 -9.58 -8.21 -7.94
C ASP B 961 -8.18 -8.37 -7.40
N ARG B 962 -7.71 -9.61 -7.30
CA ARG B 962 -6.37 -9.88 -6.79
C ARG B 962 -5.26 -9.48 -7.75
N LEU B 963 -5.57 -9.26 -9.03
CA LEU B 963 -4.63 -8.65 -9.96
C LEU B 963 -4.71 -7.12 -9.93
N ILE B 964 -5.92 -6.57 -9.84
CA ILE B 964 -6.08 -5.13 -9.77
C ILE B 964 -5.38 -4.58 -8.54
N THR B 965 -5.51 -5.27 -7.41
CA THR B 965 -4.92 -4.79 -6.17
C THR B 965 -3.40 -4.73 -6.26
N GLY B 966 -2.78 -5.78 -6.79
CA GLY B 966 -1.34 -5.77 -6.95
C GLY B 966 -0.83 -4.78 -7.98
N ARG B 967 -1.54 -4.66 -9.10
CA ARG B 967 -1.14 -3.75 -10.16
C ARG B 967 -1.31 -2.29 -9.77
N LEU B 968 -2.23 -1.98 -8.87
CA LEU B 968 -2.31 -0.65 -8.29
C LEU B 968 -1.19 -0.38 -7.28
N GLN B 969 -0.83 -1.37 -6.48
CA GLN B 969 0.28 -1.24 -5.54
C GLN B 969 1.61 -0.99 -6.23
N SER B 970 1.87 -1.67 -7.36
CA SER B 970 3.09 -1.39 -8.11
C SER B 970 3.16 0.04 -8.60
N LEU B 971 2.06 0.56 -9.16
CA LEU B 971 2.04 1.95 -9.62
C LEU B 971 2.24 2.91 -8.46
N GLN B 972 1.60 2.63 -7.32
CA GLN B 972 1.77 3.48 -6.15
C GLN B 972 3.23 3.53 -5.72
N THR B 973 3.90 2.37 -5.68
CA THR B 973 5.31 2.35 -5.33
C THR B 973 6.14 3.16 -6.30
N TYR B 974 5.90 3.01 -7.61
CA TYR B 974 6.68 3.76 -8.59
C TYR B 974 6.50 5.26 -8.42
N VAL B 975 5.27 5.73 -8.25
CA VAL B 975 5.03 7.16 -8.07
C VAL B 975 5.62 7.73 -6.78
N THR B 976 5.50 7.01 -5.67
CA THR B 976 6.09 7.55 -4.43
C THR B 976 7.62 7.48 -4.41
N GLN B 977 8.25 6.57 -5.16
CA GLN B 977 9.70 6.65 -5.28
C GLN B 977 10.14 7.73 -6.26
N GLN B 978 9.30 8.08 -7.22
CA GLN B 978 9.64 9.17 -8.13
C GLN B 978 9.49 10.55 -7.50
N LEU B 979 8.45 10.74 -6.68
CA LEU B 979 8.31 12.00 -5.95
C LEU B 979 9.47 12.27 -5.01
N ILE B 980 9.97 11.24 -4.32
CA ILE B 980 11.11 11.41 -3.42
C ILE B 980 12.37 11.80 -4.17
N ARG B 981 12.63 11.21 -5.33
CA ARG B 981 13.78 11.55 -6.16
C ARG B 981 13.69 12.95 -6.74
N ALA B 982 12.50 13.40 -7.11
CA ALA B 982 12.33 14.77 -7.58
C ALA B 982 12.76 15.79 -6.54
N ALA B 983 12.47 15.53 -5.26
CA ALA B 983 12.90 16.43 -4.19
C ALA B 983 14.41 16.52 -4.08
N ASP B 984 15.13 15.41 -4.26
CA ASP B 984 16.58 15.43 -4.24
C ASP B 984 17.15 16.15 -5.47
N ILE B 985 16.52 16.01 -6.62
CA ILE B 985 16.99 16.74 -7.79
C ILE B 985 16.77 18.25 -7.64
N ARG B 986 15.65 18.66 -7.04
CA ARG B 986 15.36 20.07 -6.82
C ARG B 986 16.38 20.78 -5.94
N ALA B 987 16.86 20.14 -4.88
CA ALA B 987 17.88 20.75 -4.05
C ALA B 987 19.18 21.02 -4.80
N SER B 988 19.66 20.05 -5.57
CA SER B 988 20.82 20.25 -6.41
C SER B 988 20.62 21.30 -7.50
N ALA B 989 19.43 21.36 -8.09
CA ALA B 989 19.14 22.42 -9.05
C ALA B 989 19.17 23.79 -8.40
N ASN B 990 18.63 23.92 -7.19
CA ASN B 990 18.70 25.19 -6.47
C ASN B 990 20.14 25.57 -6.15
N LEU B 991 20.96 24.59 -5.75
CA LEU B 991 22.38 24.87 -5.51
C LEU B 991 23.08 25.32 -6.78
N ALA B 992 22.80 24.69 -7.91
CA ALA B 992 23.38 25.11 -9.18
C ALA B 992 22.94 26.52 -9.57
N ALA B 993 21.67 26.84 -9.36
CA ALA B 993 21.20 28.20 -9.66
C ALA B 993 21.87 29.24 -8.77
N THR B 994 22.06 28.93 -7.49
CA THR B 994 22.78 29.86 -6.62
C THR B 994 24.23 30.02 -7.06
N LYS B 995 24.89 28.92 -7.39
CA LYS B 995 26.28 28.95 -7.80
C LYS B 995 26.50 29.66 -9.12
N MET B 996 25.53 29.59 -10.03
CA MET B 996 25.64 30.32 -11.29
C MET B 996 25.49 31.81 -11.12
N SER B 997 24.68 32.27 -10.18
CA SER B 997 24.57 33.69 -9.91
C SER B 997 25.73 34.23 -9.09
N GLU B 998 26.29 33.42 -8.18
CA GLU B 998 27.34 33.89 -7.29
C GLU B 998 28.75 33.61 -7.78
N CYS B 999 29.04 32.38 -8.21
CA CYS B 999 30.38 32.01 -8.63
C CYS B 999 30.73 32.51 -10.03
N VAL B 1000 29.75 32.69 -10.95
CA VAL B 1000 29.94 33.07 -12.41
C VAL B 1000 29.55 34.52 -12.74
N LEU B 1001 28.45 35.03 -12.22
CA LEU B 1001 28.07 36.45 -12.42
C LEU B 1001 28.60 37.31 -11.28
N GLY B 1002 29.67 36.90 -10.60
CA GLY B 1002 30.28 37.66 -9.50
C GLY B 1002 31.52 36.99 -8.96
N GLN B 1003 32.22 37.61 -8.01
CA GLN B 1003 33.39 36.98 -7.35
C GLN B 1003 32.98 36.73 -5.90
N SER B 1004 33.13 35.49 -5.42
CA SER B 1004 32.65 35.14 -4.06
C SER B 1004 33.76 35.16 -3.03
N LYS B 1005 33.42 35.54 -1.82
CA LYS B 1005 34.39 35.53 -0.71
C LYS B 1005 34.12 34.32 0.20
N ARG B 1006 33.04 33.55 -0.01
CA ARG B 1006 32.94 32.34 0.80
C ARG B 1006 33.94 31.30 0.32
N VAL B 1007 34.59 30.64 1.26
CA VAL B 1007 35.89 30.01 0.99
C VAL B 1007 35.77 28.82 0.03
N ASP B 1008 35.12 27.74 0.44
CA ASP B 1008 35.03 26.55 -0.41
C ASP B 1008 33.72 26.49 -1.19
N PHE B 1009 33.39 27.56 -1.91
CA PHE B 1009 32.15 27.58 -2.67
C PHE B 1009 32.40 27.56 -4.17
N CYS B 1010 33.48 28.18 -4.62
CA CYS B 1010 33.85 28.15 -6.03
C CYS B 1010 35.24 27.55 -6.21
N GLY B 1011 35.55 26.50 -5.49
CA GLY B 1011 36.80 25.77 -5.66
C GLY B 1011 37.72 25.93 -4.47
N LYS B 1012 38.85 25.22 -4.57
CA LYS B 1012 39.86 25.26 -3.50
C LYS B 1012 40.87 26.34 -3.81
N GLY B 1013 40.84 27.41 -3.04
CA GLY B 1013 41.74 28.52 -3.21
C GLY B 1013 41.03 29.85 -3.08
N TYR B 1014 41.62 30.91 -3.62
CA TYR B 1014 40.99 32.21 -3.67
C TYR B 1014 40.35 32.37 -5.04
N HIS B 1015 39.04 32.58 -5.07
CA HIS B 1015 38.27 32.48 -6.30
C HIS B 1015 38.51 33.69 -7.19
N LEU B 1016 38.67 33.45 -8.48
CA LEU B 1016 38.83 34.50 -9.48
C LEU B 1016 37.68 34.54 -10.48
N MET B 1017 37.36 33.40 -11.11
CA MET B 1017 36.38 33.35 -12.18
C MET B 1017 35.81 31.95 -12.29
N SER B 1018 34.71 31.83 -13.02
CA SER B 1018 34.11 30.54 -13.34
C SER B 1018 33.43 30.60 -14.70
N PHE B 1019 33.40 29.44 -15.36
CA PHE B 1019 32.78 29.28 -16.68
C PHE B 1019 31.82 28.10 -16.66
N PRO B 1020 30.58 28.26 -17.11
CA PRO B 1020 29.65 27.14 -17.18
C PRO B 1020 29.70 26.41 -18.51
N GLN B 1021 29.44 25.11 -18.46
CA GLN B 1021 29.35 24.28 -19.64
C GLN B 1021 28.18 23.31 -19.48
N ALA B 1022 27.49 23.04 -20.59
CA ALA B 1022 26.31 22.20 -20.57
C ALA B 1022 26.67 20.73 -20.71
N ALA B 1023 26.01 19.90 -19.91
CA ALA B 1023 26.16 18.46 -19.93
C ALA B 1023 24.78 17.83 -19.88
N PRO B 1024 24.63 16.60 -20.39
CA PRO B 1024 23.32 15.95 -20.39
C PRO B 1024 22.70 15.80 -19.01
N HIS B 1025 21.54 16.45 -18.82
CA HIS B 1025 20.81 16.52 -17.56
C HIS B 1025 21.54 17.27 -16.46
N GLY B 1026 22.55 18.06 -16.78
CA GLY B 1026 23.33 18.72 -15.76
C GLY B 1026 24.14 19.91 -16.23
N VAL B 1027 25.05 20.35 -15.37
CA VAL B 1027 25.93 21.47 -15.67
C VAL B 1027 27.29 21.16 -15.08
N VAL B 1028 28.34 21.72 -15.70
CA VAL B 1028 29.72 21.56 -15.25
C VAL B 1028 30.34 22.95 -15.13
N PHE B 1029 30.85 23.28 -13.95
CA PHE B 1029 31.50 24.56 -13.70
C PHE B 1029 33.01 24.38 -13.73
N LEU B 1030 33.69 25.29 -14.44
CA LEU B 1030 35.16 25.37 -14.43
C LEU B 1030 35.54 26.57 -13.57
N HIS B 1031 36.19 26.29 -12.44
CA HIS B 1031 36.59 27.32 -11.47
C HIS B 1031 38.07 27.64 -11.63
N VAL B 1032 38.40 28.93 -11.69
CA VAL B 1032 39.79 29.41 -11.74
C VAL B 1032 40.15 30.02 -10.39
N THR B 1033 41.25 29.55 -9.81
CA THR B 1033 41.61 29.93 -8.45
C THR B 1033 43.10 30.25 -8.35
N TYR B 1034 43.42 31.03 -7.32
CA TYR B 1034 44.77 31.52 -7.02
C TYR B 1034 45.28 30.76 -5.80
N VAL B 1035 46.42 30.08 -5.93
CA VAL B 1035 46.99 29.25 -4.88
C VAL B 1035 48.40 29.72 -4.57
N PRO B 1036 48.70 30.16 -3.35
CA PRO B 1036 50.07 30.59 -3.03
C PRO B 1036 51.05 29.42 -3.00
N SER B 1037 52.33 29.74 -3.24
CA SER B 1037 53.39 28.73 -3.23
C SER B 1037 54.74 29.38 -2.98
N GLN B 1038 55.72 28.55 -2.64
CA GLN B 1038 57.10 28.93 -2.34
C GLN B 1038 57.19 29.91 -1.18
N ASP B 1039 56.83 29.46 0.02
CA ASP B 1039 56.87 30.29 1.21
C ASP B 1039 58.29 30.38 1.75
N LYS B 1040 58.53 31.46 2.50
CA LYS B 1040 59.84 31.70 3.16
C LYS B 1040 59.55 32.31 4.53
N ASN B 1041 60.41 32.12 5.52
CA ASN B 1041 60.17 32.58 6.88
C ASN B 1041 60.90 33.89 7.18
N PHE B 1042 60.27 34.73 7.99
CA PHE B 1042 60.81 36.01 8.40
C PHE B 1042 60.53 36.20 9.89
N THR B 1043 61.26 37.12 10.50
CA THR B 1043 61.02 37.48 11.89
C THR B 1043 60.14 38.73 11.96
N THR B 1044 59.22 38.71 12.91
CA THR B 1044 58.15 39.69 12.98
C THR B 1044 58.11 40.34 14.36
N ALA B 1045 57.31 41.40 14.46
CA ALA B 1045 57.09 42.13 15.68
C ALA B 1045 55.70 42.74 15.61
N PRO B 1046 55.01 42.89 16.75
CA PRO B 1046 53.70 43.50 16.76
C PRO B 1046 53.70 45.00 16.44
N ALA B 1047 54.50 45.80 17.13
CA ALA B 1047 54.60 47.23 16.81
C ALA B 1047 56.05 47.70 16.66
N ILE B 1048 56.25 48.91 16.15
CA ILE B 1048 57.61 49.52 16.03
C ILE B 1048 57.60 50.83 16.81
N CYS B 1049 58.49 50.99 17.79
CA CYS B 1049 58.54 52.20 18.68
C CYS B 1049 59.44 53.32 18.14
N HIS B 1050 58.94 54.56 18.09
CA HIS B 1050 59.73 55.74 17.62
C HIS B 1050 59.35 56.94 18.46
N LYS B 1051 60.34 57.59 19.07
CA LYS B 1051 60.07 58.82 19.84
C LYS B 1051 58.96 58.56 20.83
N GLY B 1052 59.04 57.47 21.60
CA GLY B 1052 58.08 57.23 22.68
C GLY B 1052 56.71 56.76 22.23
N LYS B 1053 56.21 57.29 21.11
CA LYS B 1053 54.89 56.88 20.57
C LYS B 1053 54.98 55.47 19.97
N ALA B 1054 53.85 54.76 19.82
CA ALA B 1054 53.83 53.37 19.30
C ALA B 1054 53.11 53.30 17.96
N TYR B 1055 53.66 52.57 17.00
CA TYR B 1055 53.09 52.53 15.64
C TYR B 1055 52.68 51.11 15.27
N PHE B 1056 51.37 50.89 15.12
CA PHE B 1056 50.82 49.56 14.76
C PHE B 1056 50.39 49.59 13.30
N PRO B 1057 50.46 48.45 12.58
CA PRO B 1057 50.12 48.40 11.16
C PRO B 1057 48.63 48.64 10.85
N ARG B 1058 48.30 49.36 9.77
CA ARG B 1058 46.89 49.59 9.33
C ARG B 1058 46.30 48.31 8.73
N GLU B 1059 47.02 47.63 7.85
CA GLU B 1059 46.61 46.32 7.30
C GLU B 1059 47.88 45.66 6.80
N GLY B 1060 48.35 44.60 7.45
CA GLY B 1060 49.63 43.98 7.05
C GLY B 1060 50.46 43.55 8.23
N VAL B 1061 51.68 43.09 7.97
CA VAL B 1061 52.59 42.61 9.04
C VAL B 1061 53.93 43.34 8.98
N PHE B 1062 54.67 43.47 10.11
CA PHE B 1062 56.00 44.06 10.04
C PHE B 1062 57.00 42.93 9.86
N VAL B 1063 57.96 43.10 8.96
CA VAL B 1063 58.97 42.09 8.71
C VAL B 1063 60.34 42.75 8.71
N THR B 1064 61.38 41.93 8.85
CA THR B 1064 62.75 42.44 8.81
C THR B 1064 63.64 41.43 8.11
N ASN B 1065 64.66 41.98 7.42
CA ASN B 1065 65.76 41.25 6.73
C ASN B 1065 66.99 41.13 7.63
N GLY B 1066 67.02 41.88 8.74
CA GLY B 1066 68.23 42.16 9.48
C GLY B 1066 68.52 43.64 9.54
N THR B 1067 68.19 44.26 10.69
CA THR B 1067 68.44 45.68 10.95
C THR B 1067 67.79 46.57 9.89
N HIS B 1068 66.62 46.11 9.45
CA HIS B 1068 65.83 46.86 8.46
C HIS B 1068 64.37 46.39 8.52
N TRP B 1069 63.43 47.31 8.71
CA TRP B 1069 62.05 46.97 9.00
C TRP B 1069 61.13 47.47 7.90
N PHE B 1070 60.22 46.61 7.44
CA PHE B 1070 59.26 46.93 6.39
C PHE B 1070 57.88 46.47 6.82
N VAL B 1071 56.87 46.88 6.04
CA VAL B 1071 55.49 46.42 6.20
C VAL B 1071 55.07 45.73 4.91
N THR B 1072 54.41 44.58 5.02
CA THR B 1072 53.99 43.90 3.80
C THR B 1072 52.64 43.23 3.97
N GLN B 1073 52.06 42.85 2.83
CA GLN B 1073 50.78 42.16 2.76
C GLN B 1073 51.01 40.65 2.92
N ARG B 1074 49.98 39.95 3.38
CA ARG B 1074 50.16 38.57 3.82
C ARG B 1074 50.09 37.56 2.67
N ASN B 1075 49.62 37.95 1.50
CA ASN B 1075 49.40 37.00 0.42
C ASN B 1075 50.49 37.03 -0.64
N PHE B 1076 51.36 38.03 -0.61
CA PHE B 1076 52.44 38.13 -1.58
C PHE B 1076 53.54 39.03 -1.03
N TYR B 1077 54.77 38.56 -1.03
CA TYR B 1077 55.85 39.30 -0.39
C TYR B 1077 56.20 40.55 -1.18
N GLN B 1078 55.87 41.71 -0.62
CA GLN B 1078 56.17 43.00 -1.24
C GLN B 1078 56.51 43.98 -0.14
N PRO B 1079 57.77 44.06 0.26
CA PRO B 1079 58.16 44.96 1.35
C PRO B 1079 58.09 46.42 0.94
N GLU B 1080 57.45 47.23 1.76
CA GLU B 1080 57.35 48.68 1.57
C GLU B 1080 57.96 49.40 2.76
N VAL B 1081 58.35 50.65 2.55
CA VAL B 1081 59.08 51.41 3.57
C VAL B 1081 58.07 52.01 4.53
N ILE B 1082 58.46 52.12 5.80
CA ILE B 1082 57.53 52.57 6.83
C ILE B 1082 57.30 54.06 6.70
N THR B 1083 56.03 54.46 6.66
CA THR B 1083 55.64 55.85 6.47
C THR B 1083 54.22 56.11 6.98
N THR B 1084 53.69 57.31 6.76
CA THR B 1084 52.57 57.82 7.55
C THR B 1084 51.19 57.52 6.98
N GLU B 1085 51.07 56.71 5.92
CA GLU B 1085 49.73 56.30 5.54
C GLU B 1085 49.50 54.80 5.64
N ASN B 1086 50.56 53.99 5.72
CA ASN B 1086 50.45 52.57 6.00
C ASN B 1086 50.81 52.25 7.44
N THR B 1087 50.61 53.18 8.36
CA THR B 1087 50.93 52.98 9.76
C THR B 1087 50.05 53.88 10.59
N PHE B 1088 49.56 53.35 11.71
CA PHE B 1088 48.63 54.04 12.58
C PHE B 1088 49.29 54.19 13.95
N GLU B 1089 49.34 55.44 14.40
CA GLU B 1089 50.04 55.75 15.65
C GLU B 1089 49.05 55.91 16.77
N SER B 1090 49.30 55.20 17.86
CA SER B 1090 48.45 55.39 19.03
C SER B 1090 49.01 54.75 20.30
N GLY B 1091 49.52 55.56 21.21
CA GLY B 1091 49.91 55.08 22.52
C GLY B 1091 51.37 55.36 22.87
N ASN B 1092 51.81 54.72 23.95
CA ASN B 1092 53.17 54.84 24.46
C ASN B 1092 53.89 53.50 24.34
N CYS B 1093 55.21 53.58 24.33
CA CYS B 1093 56.05 52.41 24.10
C CYS B 1093 56.18 51.55 25.36
N ASP B 1094 55.07 51.02 25.86
CA ASP B 1094 55.09 50.11 26.99
C ASP B 1094 53.90 49.16 26.87
N VAL B 1095 53.66 48.41 27.95
CA VAL B 1095 52.49 47.53 28.07
C VAL B 1095 52.57 46.38 27.08
N VAL B 1096 52.54 46.68 25.78
CA VAL B 1096 52.55 45.67 24.73
C VAL B 1096 53.83 44.85 24.82
N ILE B 1097 53.74 43.59 24.44
CA ILE B 1097 54.83 42.63 24.62
C ILE B 1097 55.35 42.26 23.23
N GLY B 1098 56.66 42.35 23.05
CA GLY B 1098 57.27 42.02 21.78
C GLY B 1098 57.61 43.25 20.97
N ILE B 1099 57.30 44.42 21.53
CA ILE B 1099 57.53 45.67 20.84
C ILE B 1099 59.02 45.88 20.61
N VAL B 1100 59.38 46.30 19.40
CA VAL B 1100 60.76 46.55 19.03
C VAL B 1100 60.89 48.00 18.58
N ASN B 1101 62.12 48.50 18.66
CA ASN B 1101 62.43 49.90 18.40
C ASN B 1101 63.18 50.04 17.10
N ASN B 1102 62.72 50.98 16.26
CA ASN B 1102 63.36 51.25 14.98
C ASN B 1102 62.84 52.56 14.41
N THR B 1103 63.38 52.98 13.27
CA THR B 1103 62.97 54.22 12.65
C THR B 1103 61.58 54.07 12.03
N VAL B 1104 60.76 55.11 12.21
CA VAL B 1104 59.39 55.12 11.72
C VAL B 1104 59.25 56.30 10.77
N TYR B 1105 60.25 56.49 9.92
CA TYR B 1105 60.24 57.59 8.91
C TYR B 1105 58.82 58.15 8.73
N GLN C 3 -59.41 -6.94 -32.09
CA GLN C 3 -59.97 -7.90 -31.10
C GLN C 3 -61.31 -8.42 -31.60
N ASP C 4 -61.98 -7.62 -32.44
CA ASP C 4 -63.39 -7.87 -32.86
C ASP C 4 -63.38 -8.61 -34.19
N GLY C 5 -63.01 -7.92 -35.27
CA GLY C 5 -62.89 -8.57 -36.59
C GLY C 5 -61.74 -7.98 -37.37
N CYS C 6 -61.85 -8.01 -38.70
CA CYS C 6 -60.79 -7.43 -39.57
C CYS C 6 -61.29 -6.15 -40.25
N ALA C 7 -60.65 -5.79 -41.36
CA ALA C 7 -60.95 -4.54 -42.10
C ALA C 7 -60.05 -4.49 -43.35
N THR C 8 -60.48 -3.76 -44.38
CA THR C 8 -59.71 -3.69 -45.66
C THR C 8 -59.47 -2.22 -46.03
N LEU C 9 -58.27 -1.93 -46.54
CA LEU C 9 -57.88 -0.51 -46.74
C LEU C 9 -58.20 -0.11 -48.18
N SER C 10 -58.07 -1.04 -49.12
CA SER C 10 -57.91 -0.69 -50.55
C SER C 10 -56.84 0.40 -50.65
N THR C 11 -57.13 1.50 -51.36
CA THR C 11 -56.28 2.71 -51.32
C THR C 11 -54.81 2.29 -51.25
N LYS C 12 -54.08 2.84 -50.27
CA LYS C 12 -52.75 2.30 -49.85
C LYS C 12 -51.69 2.66 -50.90
N LEU C 13 -50.83 3.62 -50.58
CA LEU C 13 -49.61 3.86 -51.39
C LEU C 13 -48.40 3.32 -50.65
N THR C 14 -47.25 4.01 -50.76
CA THR C 14 -45.99 3.47 -50.20
C THR C 14 -45.47 4.39 -49.09
N PRO C 15 -44.82 3.83 -48.05
CA PRO C 15 -43.98 4.60 -47.13
C PRO C 15 -43.04 5.62 -47.78
N THR C 16 -43.07 6.85 -47.25
CA THR C 16 -42.06 7.89 -47.55
C THR C 16 -40.67 7.37 -47.20
N GLN C 17 -40.45 7.10 -45.91
CA GLN C 17 -39.10 7.01 -45.37
C GLN C 17 -38.25 8.25 -45.58
N LEU C 18 -38.63 9.38 -44.99
CA LEU C 18 -37.70 10.50 -44.96
C LEU C 18 -36.64 10.30 -43.87
N GLN C 19 -35.64 11.17 -43.89
CA GLN C 19 -34.56 11.12 -42.90
C GLN C 19 -34.34 12.51 -42.31
N VAL C 20 -34.25 12.57 -40.98
CA VAL C 20 -34.30 13.85 -40.26
C VAL C 20 -33.19 13.85 -39.22
N ASN C 21 -32.86 15.03 -38.71
CA ASN C 21 -31.81 15.27 -37.70
C ASN C 21 -32.43 15.15 -36.31
N SER C 22 -31.69 14.54 -35.39
CA SER C 22 -32.20 14.13 -34.09
C SER C 22 -31.86 15.12 -32.97
N THR C 23 -31.13 16.18 -33.30
CA THR C 23 -30.70 17.19 -32.34
C THR C 23 -30.00 16.57 -31.13
N ARG C 24 -30.53 16.84 -29.93
CA ARG C 24 -30.01 16.31 -28.68
C ARG C 24 -31.12 15.62 -27.90
N ARG C 25 -31.88 14.78 -28.58
CA ARG C 25 -33.06 14.16 -28.01
C ARG C 25 -32.84 12.67 -27.78
N GLY C 26 -33.51 12.14 -26.75
CA GLY C 26 -33.52 10.71 -26.53
C GLY C 26 -32.70 10.20 -25.37
N PHE C 27 -32.68 10.94 -24.27
CA PHE C 27 -31.98 10.54 -23.07
C PHE C 27 -32.98 10.17 -21.98
N TYR C 28 -32.53 9.34 -21.04
CA TYR C 28 -33.43 8.79 -20.04
C TYR C 28 -32.67 8.49 -18.76
N TYR C 29 -33.43 8.28 -17.69
CA TYR C 29 -32.88 7.97 -16.37
C TYR C 29 -32.49 6.50 -16.36
N PHE C 30 -31.19 6.24 -16.31
CA PHE C 30 -30.67 4.90 -16.59
C PHE C 30 -30.69 3.98 -15.39
N ASP C 31 -30.90 4.49 -14.18
CA ASP C 31 -30.87 3.65 -12.99
C ASP C 31 -31.81 4.23 -11.94
N ASP C 32 -31.89 3.56 -10.79
CA ASP C 32 -32.82 3.89 -9.73
C ASP C 32 -32.13 4.46 -8.49
N ILE C 33 -30.95 5.05 -8.65
CA ILE C 33 -30.18 5.60 -7.55
C ILE C 33 -30.38 7.11 -7.52
N TYR C 34 -30.72 7.65 -6.35
CA TYR C 34 -30.86 9.09 -6.18
C TYR C 34 -29.50 9.72 -5.94
N ARG C 35 -29.17 10.72 -6.73
CA ARG C 35 -27.85 11.39 -6.61
C ARG C 35 -28.09 12.88 -6.43
N SER C 36 -27.11 13.61 -5.91
CA SER C 36 -27.24 15.08 -5.81
C SER C 36 -25.86 15.73 -5.99
N SER C 37 -25.77 16.68 -6.90
CA SER C 37 -24.51 17.45 -7.09
C SER C 37 -23.35 16.49 -7.32
N LEU C 38 -23.28 15.90 -8.51
CA LEU C 38 -22.23 14.91 -8.85
C LEU C 38 -22.13 14.81 -10.35
N ARG C 39 -20.92 14.59 -10.87
CA ARG C 39 -20.73 14.21 -12.29
C ARG C 39 -20.25 12.76 -12.33
N VAL C 40 -20.72 11.99 -13.31
CA VAL C 40 -20.50 10.52 -13.33
C VAL C 40 -20.24 10.08 -14.76
N LEU C 41 -19.46 9.02 -14.93
CA LEU C 41 -19.19 8.48 -16.27
C LEU C 41 -19.97 7.17 -16.36
N VAL C 42 -20.90 7.04 -17.30
CA VAL C 42 -21.78 5.85 -17.33
C VAL C 42 -21.79 5.19 -18.70
N PRO C 43 -21.40 3.91 -18.85
CA PRO C 43 -21.57 3.23 -20.13
C PRO C 43 -22.97 2.66 -20.29
N GLY C 44 -23.50 2.63 -21.50
CA GLY C 44 -24.86 2.16 -21.68
C GLY C 44 -25.24 2.14 -23.14
N TYR C 45 -26.55 2.04 -23.37
CA TYR C 45 -27.13 2.03 -24.71
C TYR C 45 -27.94 3.30 -24.89
N PHE C 46 -27.45 4.21 -25.73
CA PHE C 46 -28.03 5.53 -25.89
C PHE C 46 -28.16 5.87 -27.37
N LEU C 47 -28.98 6.88 -27.65
CA LEU C 47 -29.12 7.39 -29.00
C LEU C 47 -28.10 8.51 -29.21
N PRO C 48 -27.15 8.35 -30.13
CA PRO C 48 -26.06 9.33 -30.23
C PRO C 48 -26.54 10.69 -30.71
N PHE C 49 -25.87 11.73 -30.20
CA PHE C 49 -26.24 13.09 -30.53
C PHE C 49 -25.81 13.46 -31.94
N GLY C 50 -26.73 14.07 -32.68
CA GLY C 50 -26.44 14.54 -34.02
C GLY C 50 -26.63 13.51 -35.11
N THR C 51 -26.96 12.27 -34.71
CA THR C 51 -27.17 11.20 -35.68
C THR C 51 -28.48 11.45 -36.41
N ASN C 52 -28.69 10.71 -37.52
CA ASN C 52 -29.98 10.97 -38.18
C ASN C 52 -30.91 9.79 -37.98
N ILE C 53 -32.19 10.09 -37.87
CA ILE C 53 -33.25 9.13 -37.58
C ILE C 53 -34.24 9.14 -38.74
N THR C 54 -35.20 8.21 -38.73
CA THR C 54 -36.07 8.00 -39.88
C THR C 54 -37.48 8.48 -39.55
N ARG C 55 -38.15 8.97 -40.58
CA ARG C 55 -39.44 9.64 -40.46
C ARG C 55 -40.48 8.96 -41.35
N TYR C 56 -41.64 8.68 -40.74
CA TYR C 56 -42.78 8.10 -41.41
C TYR C 56 -43.98 9.01 -41.14
N GLN C 57 -44.93 9.01 -42.08
CA GLN C 57 -46.04 9.95 -42.06
C GLN C 57 -47.32 9.23 -42.44
N ALA C 58 -48.45 9.92 -42.29
CA ALA C 58 -49.74 9.35 -42.74
C ALA C 58 -50.70 10.49 -43.15
N GLN C 59 -50.89 10.75 -44.46
CA GLN C 59 -51.75 11.89 -44.93
C GLN C 59 -52.78 11.45 -45.95
N VAL C 60 -54.03 11.90 -45.80
CA VAL C 60 -55.10 11.59 -46.81
C VAL C 60 -54.54 12.34 -48.01
N ILE C 61 -54.04 11.61 -49.01
CA ILE C 61 -53.54 12.20 -50.25
C ILE C 61 -54.75 12.29 -51.15
N ASN C 62 -54.69 13.19 -52.13
CA ASN C 62 -55.87 13.52 -52.93
C ASN C 62 -56.44 12.46 -53.86
N TRP C 63 -55.60 11.65 -54.50
CA TRP C 63 -56.06 10.81 -55.59
C TRP C 63 -56.89 9.67 -55.02
N THR C 64 -58.10 9.99 -54.52
CA THR C 64 -59.04 9.01 -53.97
C THR C 64 -58.37 7.83 -53.29
N ALA C 65 -57.42 8.10 -52.40
CA ALA C 65 -56.67 7.02 -51.74
C ALA C 65 -56.03 7.49 -50.44
N ILE C 66 -55.70 6.54 -49.58
CA ILE C 66 -54.95 6.78 -48.35
C ILE C 66 -53.80 5.80 -48.28
N PHE C 67 -52.62 6.30 -47.97
CA PHE C 67 -51.46 5.45 -47.73
C PHE C 67 -51.04 5.58 -46.27
N PHE C 68 -50.93 4.45 -45.57
CA PHE C 68 -50.37 4.36 -44.23
C PHE C 68 -48.88 4.09 -44.26
N ASP C 69 -48.27 4.08 -43.09
CA ASP C 69 -46.90 3.61 -42.93
C ASP C 69 -46.84 2.61 -41.78
N ASN C 70 -47.07 1.33 -42.09
CA ASN C 70 -46.93 0.25 -41.12
C ASN C 70 -46.00 -0.82 -41.69
N PRO C 71 -44.72 -0.50 -41.87
CA PRO C 71 -43.77 -1.56 -42.19
C PRO C 71 -43.33 -2.30 -40.94
N VAL C 72 -42.41 -3.24 -41.07
CA VAL C 72 -41.87 -3.97 -39.93
C VAL C 72 -40.45 -3.50 -39.70
N ILE C 73 -40.19 -2.96 -38.52
CA ILE C 73 -38.91 -2.36 -38.18
C ILE C 73 -38.21 -3.29 -37.19
N PRO C 74 -36.92 -3.56 -37.39
CA PRO C 74 -36.17 -4.35 -36.41
C PRO C 74 -36.04 -3.64 -35.08
N PHE C 75 -35.86 -4.45 -34.04
CA PHE C 75 -35.80 -3.96 -32.66
C PHE C 75 -34.37 -3.78 -32.16
N ASN C 76 -33.46 -4.68 -32.54
CA ASN C 76 -32.07 -4.63 -32.13
C ASN C 76 -31.91 -4.47 -30.62
N ASP C 77 -31.25 -3.39 -30.20
CA ASP C 77 -30.92 -3.17 -28.79
C ASP C 77 -31.70 -2.01 -28.18
N GLY C 78 -32.95 -1.82 -28.56
CA GLY C 78 -33.76 -0.77 -28.02
C GLY C 78 -34.12 0.28 -29.07
N VAL C 79 -35.16 1.03 -28.76
CA VAL C 79 -35.75 1.93 -29.76
C VAL C 79 -36.14 3.25 -29.10
N TYR C 80 -35.88 4.35 -29.81
CA TYR C 80 -36.46 5.65 -29.50
C TYR C 80 -37.57 5.94 -30.50
N PHE C 81 -38.74 6.29 -30.00
CA PHE C 81 -39.94 6.46 -30.81
C PHE C 81 -40.60 7.79 -30.47
N ALA C 82 -40.88 8.60 -31.48
CA ALA C 82 -41.50 9.90 -31.28
C ALA C 82 -42.76 10.01 -32.12
N ALA C 83 -43.77 10.70 -31.58
CA ALA C 83 -45.03 10.92 -32.28
C ALA C 83 -45.41 12.39 -32.21
N LEU C 84 -45.72 12.96 -33.37
CA LEU C 84 -46.13 14.35 -33.49
C LEU C 84 -47.56 14.34 -34.02
N GLU C 85 -48.50 14.79 -33.19
CA GLU C 85 -49.91 14.53 -33.45
C GLU C 85 -50.79 15.51 -32.69
N HIS C 86 -52.08 15.56 -33.12
CA HIS C 86 -53.07 16.52 -32.55
C HIS C 86 -54.50 15.99 -32.43
N SER C 87 -54.78 14.70 -32.67
CA SER C 87 -56.20 14.25 -32.59
C SER C 87 -56.31 12.83 -32.03
N ASN C 88 -55.25 12.32 -31.37
CA ASN C 88 -55.26 10.96 -30.78
C ASN C 88 -55.22 9.92 -31.90
N VAL C 89 -54.19 9.95 -32.72
CA VAL C 89 -54.07 9.06 -33.90
C VAL C 89 -53.39 7.73 -33.55
N VAL C 90 -52.07 7.73 -33.29
CA VAL C 90 -51.29 6.48 -33.01
C VAL C 90 -51.76 5.89 -31.69
N ARG C 91 -51.87 4.57 -31.56
CA ARG C 91 -52.48 3.99 -30.34
C ARG C 91 -51.95 2.57 -30.00
N GLY C 92 -50.66 2.36 -29.69
CA GLY C 92 -50.06 1.10 -29.33
C GLY C 92 -49.13 0.54 -30.39
N TRP C 93 -48.63 -0.67 -30.12
CA TRP C 93 -47.58 -1.32 -30.89
C TRP C 93 -47.76 -2.83 -30.75
N ILE C 94 -47.12 -3.58 -31.65
CA ILE C 94 -47.05 -5.04 -31.56
C ILE C 94 -45.59 -5.45 -31.58
N PHE C 95 -45.18 -6.24 -30.59
CA PHE C 95 -43.81 -6.75 -30.50
C PHE C 95 -43.82 -8.27 -30.63
N GLY C 96 -42.87 -8.81 -31.40
CA GLY C 96 -42.76 -10.23 -31.60
C GLY C 96 -41.58 -10.66 -32.44
N THR C 97 -41.63 -11.85 -33.03
CA THR C 97 -40.62 -12.31 -33.98
C THR C 97 -41.19 -12.51 -35.38
N THR C 98 -42.21 -13.33 -35.53
CA THR C 98 -42.82 -13.59 -36.83
C THR C 98 -44.17 -12.91 -37.00
N LEU C 99 -44.77 -12.42 -35.92
CA LEU C 99 -46.01 -11.65 -35.96
C LEU C 99 -47.15 -12.39 -36.63
N ASP C 100 -47.26 -13.70 -36.40
CA ASP C 100 -48.38 -14.49 -36.88
C ASP C 100 -48.84 -15.47 -35.80
N ASN C 101 -49.66 -16.44 -36.15
CA ASN C 101 -50.31 -17.33 -35.14
C ASN C 101 -49.38 -18.48 -34.72
N THR C 102 -48.16 -18.55 -35.21
CA THR C 102 -47.24 -19.59 -34.78
C THR C 102 -46.30 -19.17 -33.67
N THR C 103 -46.26 -17.89 -33.31
CA THR C 103 -45.36 -17.41 -32.26
C THR C 103 -46.12 -16.45 -31.37
N GLN C 104 -45.72 -16.40 -30.11
CA GLN C 104 -46.35 -15.53 -29.13
C GLN C 104 -46.00 -14.08 -29.42
N SER C 105 -46.98 -13.19 -29.21
CA SER C 105 -46.81 -11.77 -29.48
C SER C 105 -47.39 -10.94 -28.35
N ALA C 106 -46.91 -9.70 -28.25
CA ALA C 106 -47.30 -8.76 -27.21
C ALA C 106 -47.89 -7.51 -27.84
N ILE C 107 -49.04 -7.07 -27.31
CA ILE C 107 -49.73 -5.89 -27.79
C ILE C 107 -49.84 -4.90 -26.63
N VAL C 108 -49.31 -3.71 -26.85
CA VAL C 108 -49.36 -2.61 -25.88
C VAL C 108 -50.15 -1.50 -26.54
N VAL C 109 -51.45 -1.44 -26.25
CA VAL C 109 -52.33 -0.48 -26.97
C VAL C 109 -53.22 0.32 -26.05
N ASN C 110 -53.88 1.29 -26.64
CA ASN C 110 -54.85 2.15 -25.97
C ASN C 110 -56.21 1.96 -26.63
N ASN C 111 -57.27 1.76 -25.82
CA ASN C 111 -58.63 1.46 -26.37
C ASN C 111 -59.59 2.58 -25.98
N ALA C 112 -59.07 3.78 -25.78
CA ALA C 112 -59.84 4.97 -25.45
C ALA C 112 -60.42 4.89 -24.05
N THR C 113 -60.23 3.75 -23.37
CA THR C 113 -60.64 3.59 -21.99
C THR C 113 -59.52 3.12 -21.07
N HIS C 114 -58.63 2.23 -21.51
CA HIS C 114 -57.52 1.77 -20.68
C HIS C 114 -56.26 1.63 -21.55
N ILE C 115 -55.13 1.47 -20.89
CA ILE C 115 -53.91 0.96 -21.52
C ILE C 115 -53.88 -0.54 -21.30
N LEU C 116 -53.90 -1.31 -22.39
CA LEU C 116 -53.96 -2.76 -22.31
C LEU C 116 -52.65 -3.36 -22.78
N ILE C 117 -52.12 -4.30 -22.00
CA ILE C 117 -50.97 -5.10 -22.37
C ILE C 117 -51.39 -6.56 -22.37
N SER C 118 -51.27 -7.20 -23.53
CA SER C 118 -51.68 -8.60 -23.70
C SER C 118 -50.57 -9.39 -24.39
N VAL C 119 -50.27 -10.56 -23.84
CA VAL C 119 -49.33 -11.52 -24.49
C VAL C 119 -50.07 -12.81 -24.80
N CYS C 120 -50.17 -13.17 -26.08
CA CYS C 120 -50.87 -14.40 -26.52
C CYS C 120 -50.32 -14.86 -27.87
N TYR C 121 -50.96 -15.87 -28.44
CA TYR C 121 -50.81 -16.23 -29.87
C TYR C 121 -51.96 -15.59 -30.64
N PHE C 122 -51.62 -14.52 -31.37
CA PHE C 122 -52.55 -13.58 -31.99
C PHE C 122 -52.65 -13.85 -33.49
N ASN C 123 -53.86 -13.80 -34.03
CA ASN C 123 -54.09 -13.87 -35.47
C ASN C 123 -54.25 -12.44 -35.98
N VAL C 124 -53.14 -11.78 -36.23
CA VAL C 124 -53.14 -10.34 -36.53
C VAL C 124 -53.77 -10.10 -37.88
N CYS C 125 -54.58 -9.05 -37.97
CA CYS C 125 -55.15 -8.63 -39.23
C CYS C 125 -54.06 -8.02 -40.12
N LYS C 126 -54.37 -7.93 -41.41
CA LYS C 126 -53.38 -7.41 -42.35
C LYS C 126 -53.04 -5.95 -42.06
N GLU C 127 -53.98 -5.19 -41.50
CA GLU C 127 -53.70 -3.84 -41.02
C GLU C 127 -54.40 -3.59 -39.70
N PRO C 128 -53.66 -3.42 -38.60
CA PRO C 128 -54.29 -3.15 -37.30
C PRO C 128 -54.98 -1.80 -37.29
N MET C 129 -56.06 -1.71 -36.51
CA MET C 129 -56.93 -0.55 -36.58
C MET C 129 -57.86 -0.54 -35.37
N PHE C 130 -58.22 0.65 -34.93
CA PHE C 130 -59.42 0.88 -34.16
C PHE C 130 -60.36 1.75 -34.98
N ALA C 131 -61.61 1.32 -35.07
CA ALA C 131 -62.62 2.07 -35.84
C ALA C 131 -63.83 2.24 -34.94
N VAL C 132 -64.06 3.47 -34.50
CA VAL C 132 -65.16 3.71 -33.57
C VAL C 132 -66.28 4.41 -34.31
N SER C 133 -67.41 4.60 -33.64
CA SER C 133 -68.57 5.25 -34.23
C SER C 133 -68.41 6.76 -34.06
N ASN C 134 -69.50 7.51 -34.24
CA ASN C 134 -69.42 8.96 -34.20
C ASN C 134 -69.09 9.21 -32.73
N PHE C 135 -67.80 9.40 -32.48
CA PHE C 135 -67.25 9.76 -31.17
C PHE C 135 -67.68 8.83 -30.03
N LYS C 136 -67.91 7.57 -30.38
CA LYS C 136 -68.14 6.52 -29.38
C LYS C 136 -67.37 5.26 -29.79
N PRO C 137 -66.63 4.64 -28.87
CA PRO C 137 -65.92 3.40 -29.21
C PRO C 137 -66.84 2.34 -29.78
N TYR C 138 -66.57 1.90 -31.02
CA TYR C 138 -67.47 0.97 -31.67
C TYR C 138 -66.78 -0.39 -31.88
N LYS C 139 -65.64 -0.41 -32.58
CA LYS C 139 -64.95 -1.66 -32.85
C LYS C 139 -63.44 -1.46 -32.84
N SER C 140 -62.72 -2.55 -32.59
CA SER C 140 -61.26 -2.59 -32.63
C SER C 140 -60.84 -3.82 -33.42
N TRP C 141 -60.28 -3.60 -34.60
CA TRP C 141 -59.86 -4.67 -35.49
C TRP C 141 -58.33 -4.72 -35.54
N VAL C 142 -57.75 -5.45 -34.60
CA VAL C 142 -56.32 -5.68 -34.58
C VAL C 142 -56.06 -7.16 -34.80
N TYR C 143 -57.00 -7.99 -34.37
CA TYR C 143 -56.91 -9.43 -34.52
C TYR C 143 -58.31 -10.01 -34.42
N ASP C 144 -58.48 -11.21 -34.95
CA ASP C 144 -59.76 -11.90 -34.85
C ASP C 144 -59.74 -13.08 -33.89
N ARG C 145 -58.58 -13.70 -33.66
CA ARG C 145 -58.48 -14.81 -32.72
C ARG C 145 -57.25 -14.66 -31.83
N ALA C 146 -57.41 -15.09 -30.59
CA ALA C 146 -56.35 -15.03 -29.59
C ALA C 146 -56.37 -16.32 -28.79
N ASN C 147 -55.22 -17.00 -28.73
CA ASN C 147 -55.11 -18.29 -28.07
C ASN C 147 -54.00 -18.29 -27.04
N ASN C 148 -54.26 -19.00 -25.95
CA ASN C 148 -53.26 -19.39 -24.92
C ASN C 148 -52.67 -18.13 -24.30
N CYS C 149 -53.49 -17.33 -23.64
CA CYS C 149 -53.05 -16.01 -23.23
C CYS C 149 -52.38 -16.05 -21.87
N THR C 150 -51.09 -15.71 -21.84
CA THR C 150 -50.29 -15.81 -20.63
C THR C 150 -50.04 -14.49 -19.93
N PHE C 151 -50.35 -13.35 -20.54
CA PHE C 151 -50.27 -12.10 -19.78
C PHE C 151 -51.38 -11.17 -20.21
N ASN C 152 -51.98 -10.48 -19.22
CA ASN C 152 -53.09 -9.58 -19.49
C ASN C 152 -53.19 -8.58 -18.35
N ARG C 153 -53.07 -7.29 -18.66
CA ARG C 153 -53.12 -6.27 -17.62
C ARG C 153 -53.55 -4.93 -18.20
N ALA C 154 -54.48 -4.26 -17.52
CA ALA C 154 -55.04 -2.99 -17.97
C ALA C 154 -54.90 -1.92 -16.91
N TYR C 155 -54.41 -0.75 -17.33
CA TYR C 155 -54.31 0.42 -16.46
C TYR C 155 -55.33 1.45 -16.92
N PRO C 156 -56.29 1.83 -16.09
CA PRO C 156 -57.37 2.73 -16.55
C PRO C 156 -56.85 4.13 -16.84
N LEU C 157 -57.09 4.62 -18.06
CA LEU C 157 -56.69 5.97 -18.45
C LEU C 157 -57.64 6.43 -19.55
N ASN C 158 -58.57 7.30 -19.19
CA ASN C 158 -59.55 7.80 -20.15
C ASN C 158 -58.93 8.90 -21.00
N ILE C 159 -59.12 8.80 -22.32
CA ILE C 159 -58.57 9.77 -23.27
C ILE C 159 -59.70 10.29 -24.13
N SER C 160 -59.50 11.46 -24.72
CA SER C 160 -60.49 12.06 -25.60
C SER C 160 -60.49 11.36 -26.95
N THR C 161 -61.59 11.51 -27.69
CA THR C 161 -61.73 10.89 -29.00
C THR C 161 -62.41 11.82 -30.00
N THR C 162 -62.39 13.13 -29.76
CA THR C 162 -63.04 14.09 -30.64
C THR C 162 -62.03 14.67 -31.61
N PRO C 163 -62.28 14.64 -32.92
CA PRO C 163 -61.35 15.24 -33.87
C PRO C 163 -61.06 16.69 -33.52
N GLU C 164 -59.88 17.15 -33.96
CA GLU C 164 -59.46 18.53 -33.76
C GLU C 164 -58.41 18.88 -34.80
N PRO C 165 -58.79 18.94 -36.07
CA PRO C 165 -57.79 19.14 -37.13
C PRO C 165 -57.21 20.55 -37.11
N GLY C 166 -55.99 20.65 -37.64
CA GLY C 166 -55.26 21.91 -37.62
C GLY C 166 -53.77 21.69 -37.45
N LYS C 167 -53.16 22.43 -36.53
CA LYS C 167 -51.75 22.28 -36.21
C LYS C 167 -51.51 21.09 -35.29
N PHE C 168 -50.26 20.65 -35.24
CA PHE C 168 -49.84 19.55 -34.39
C PHE C 168 -49.62 20.08 -32.97
N LYS C 169 -50.46 19.68 -32.04
CA LYS C 169 -50.46 20.26 -30.70
C LYS C 169 -49.69 19.45 -29.67
N ALA C 170 -49.18 18.26 -30.02
CA ALA C 170 -48.61 17.39 -29.01
C ALA C 170 -47.43 16.61 -29.54
N LEU C 171 -46.39 16.50 -28.71
CA LEU C 171 -45.23 15.65 -28.97
C LEU C 171 -45.12 14.62 -27.85
N ARG C 172 -45.09 13.35 -28.22
CA ARG C 172 -44.89 12.25 -27.29
C ARG C 172 -43.59 11.54 -27.63
N GLU C 173 -42.78 11.23 -26.62
CA GLU C 173 -41.53 10.53 -26.80
C GLU C 173 -41.48 9.31 -25.89
N GLN C 174 -40.88 8.22 -26.39
CA GLN C 174 -40.84 6.96 -25.68
C GLN C 174 -39.55 6.22 -26.00
N VAL C 175 -39.07 5.46 -25.02
CA VAL C 175 -37.90 4.60 -25.18
C VAL C 175 -38.26 3.19 -24.72
N PHE C 176 -37.96 2.21 -25.56
CA PHE C 176 -38.24 0.80 -25.31
C PHE C 176 -36.93 0.04 -25.16
N ARG C 177 -36.84 -0.73 -24.06
CA ARG C 177 -35.69 -1.57 -23.76
C ARG C 177 -36.15 -2.96 -23.34
N TYR C 178 -35.31 -3.96 -23.56
CA TYR C 178 -35.61 -5.34 -23.16
C TYR C 178 -34.42 -5.94 -22.45
N GLN C 179 -34.64 -6.50 -21.26
CA GLN C 179 -33.57 -7.10 -20.47
C GLN C 179 -34.13 -8.10 -19.48
N ASP C 180 -33.62 -9.33 -19.53
CA ASP C 180 -33.93 -10.39 -18.56
C ASP C 180 -35.44 -10.58 -18.40
N GLY C 181 -36.14 -10.66 -19.53
CA GLY C 181 -37.56 -10.88 -19.51
C GLY C 181 -38.40 -9.67 -19.16
N PHE C 182 -37.79 -8.51 -18.99
CA PHE C 182 -38.51 -7.29 -18.64
C PHE C 182 -38.48 -6.30 -19.79
N LEU C 183 -39.65 -5.76 -20.12
CA LEU C 183 -39.80 -4.66 -21.07
C LEU C 183 -39.87 -3.35 -20.29
N TYR C 184 -38.92 -2.46 -20.56
CA TYR C 184 -38.82 -1.17 -19.92
C TYR C 184 -39.36 -0.10 -20.85
N ILE C 185 -40.27 0.73 -20.34
CA ILE C 185 -40.91 1.80 -21.10
C ILE C 185 -40.65 3.10 -20.37
N TYR C 186 -39.93 4.02 -21.03
CA TYR C 186 -39.68 5.37 -20.54
C TYR C 186 -40.46 6.36 -21.39
N HIS C 187 -41.03 7.38 -20.75
CA HIS C 187 -42.02 8.24 -21.39
C HIS C 187 -41.77 9.71 -21.11
N SER C 188 -42.10 10.55 -22.09
CA SER C 188 -42.18 12.00 -21.89
C SER C 188 -43.20 12.59 -22.85
N TYR C 189 -43.73 13.76 -22.48
CA TYR C 189 -44.75 14.43 -23.28
C TYR C 189 -44.60 15.94 -23.15
N GLU C 190 -44.89 16.66 -24.23
CA GLU C 190 -44.80 18.11 -24.23
C GLU C 190 -45.74 18.71 -25.27
N SER C 191 -46.06 19.99 -25.07
CA SER C 191 -47.05 20.70 -25.87
C SER C 191 -46.36 21.82 -26.65
N ILE C 192 -46.27 21.65 -27.97
CA ILE C 192 -45.62 22.62 -28.84
C ILE C 192 -46.48 22.85 -30.09
N ASN C 193 -46.18 23.93 -30.82
CA ASN C 193 -46.82 24.27 -32.10
C ASN C 193 -45.73 24.44 -33.16
N SER C 194 -45.37 23.32 -33.80
CA SER C 194 -44.40 23.29 -34.88
C SER C 194 -44.54 21.96 -35.62
N ASP C 195 -44.01 21.92 -36.84
CA ASP C 195 -44.08 20.73 -37.67
C ASP C 195 -42.68 20.17 -37.95
N THR C 196 -41.75 20.36 -37.01
CA THR C 196 -40.46 19.68 -37.08
C THR C 196 -40.11 19.10 -35.72
N LEU C 197 -38.87 18.69 -35.54
CA LEU C 197 -38.39 18.28 -34.23
C LEU C 197 -37.63 19.42 -33.58
N PRO C 198 -38.18 20.08 -32.57
CA PRO C 198 -37.50 21.20 -31.94
C PRO C 198 -36.19 20.76 -31.33
N PRO C 199 -35.13 21.53 -31.51
CA PRO C 199 -33.88 21.24 -30.80
C PRO C 199 -34.06 21.40 -29.31
N GLY C 200 -33.36 20.57 -28.55
CA GLY C 200 -33.49 20.62 -27.12
C GLY C 200 -32.93 19.37 -26.48
N PHE C 201 -32.93 19.39 -25.16
CA PHE C 201 -32.37 18.30 -24.35
C PHE C 201 -33.48 17.84 -23.41
N SER C 202 -34.20 16.80 -23.81
CA SER C 202 -35.27 16.23 -23.01
C SER C 202 -34.82 14.90 -22.42
N VAL C 203 -35.08 14.73 -21.12
CA VAL C 203 -34.73 13.51 -20.40
C VAL C 203 -36.04 12.82 -20.03
N LEU C 204 -36.15 11.54 -20.36
CA LEU C 204 -37.38 10.79 -20.19
C LEU C 204 -37.40 10.06 -18.86
N LYS C 205 -38.58 9.97 -18.27
CA LYS C 205 -38.78 9.38 -16.94
C LYS C 205 -39.33 7.97 -17.03
N PRO C 206 -38.98 7.11 -16.08
CA PRO C 206 -39.47 5.71 -16.11
C PRO C 206 -40.98 5.60 -15.97
N MET C 207 -41.59 4.74 -16.77
CA MET C 207 -43.04 4.55 -16.68
C MET C 207 -43.38 3.11 -16.30
N LEU C 208 -42.91 2.13 -17.06
CA LEU C 208 -43.36 0.76 -16.84
C LEU C 208 -42.21 -0.23 -16.92
N LYS C 209 -42.36 -1.32 -16.16
CA LYS C 209 -41.42 -2.44 -16.09
C LYS C 209 -42.24 -3.72 -16.13
N LEU C 210 -42.44 -4.30 -17.32
CA LEU C 210 -43.38 -5.41 -17.48
C LEU C 210 -42.67 -6.74 -17.64
N PRO C 211 -43.06 -7.77 -16.87
CA PRO C 211 -42.52 -9.15 -17.01
C PRO C 211 -43.18 -9.98 -18.09
N LEU C 212 -42.72 -9.81 -19.33
CA LEU C 212 -43.35 -10.47 -20.47
C LEU C 212 -42.76 -11.84 -20.77
N GLY C 213 -41.44 -11.96 -20.76
CA GLY C 213 -40.78 -13.25 -20.94
C GLY C 213 -40.95 -13.91 -22.29
N LEU C 214 -40.81 -13.15 -23.38
CA LEU C 214 -40.87 -13.70 -24.72
C LEU C 214 -39.70 -13.19 -25.55
N ASN C 215 -39.57 -13.72 -26.76
CA ASN C 215 -38.52 -13.26 -27.71
C ASN C 215 -39.07 -12.09 -28.51
N ILE C 216 -38.38 -10.95 -28.47
CA ILE C 216 -38.74 -9.74 -29.19
C ILE C 216 -37.62 -9.40 -30.16
N THR C 217 -37.94 -9.34 -31.46
CA THR C 217 -36.93 -8.96 -32.44
C THR C 217 -37.47 -8.01 -33.52
N ARG C 218 -38.74 -7.65 -33.49
CA ARG C 218 -39.37 -6.84 -34.52
C ARG C 218 -40.62 -6.20 -33.93
N PHE C 219 -41.08 -5.12 -34.55
CA PHE C 219 -42.32 -4.47 -34.13
C PHE C 219 -42.91 -3.67 -35.27
N ARG C 220 -44.18 -3.29 -35.12
CA ARG C 220 -44.84 -2.41 -36.09
C ARG C 220 -45.95 -1.65 -35.37
N VAL C 221 -46.35 -0.53 -35.96
CA VAL C 221 -47.19 0.48 -35.32
C VAL C 221 -48.65 0.18 -35.60
N VAL C 222 -49.45 0.15 -34.55
CA VAL C 222 -50.90 -0.06 -34.68
C VAL C 222 -51.48 1.32 -34.92
N MET C 223 -51.88 1.59 -36.16
CA MET C 223 -52.33 2.93 -36.56
C MET C 223 -53.85 2.93 -36.58
N ALA C 224 -54.43 3.42 -35.49
CA ALA C 224 -55.86 3.37 -35.30
C ALA C 224 -56.53 4.60 -35.90
N MET C 225 -55.89 5.15 -36.92
CA MET C 225 -56.37 6.36 -37.59
C MET C 225 -57.81 6.28 -38.06
N HIS C 226 -58.16 5.24 -38.81
CA HIS C 226 -59.50 5.17 -39.35
C HIS C 226 -60.51 4.88 -38.25
N SER C 227 -60.84 5.90 -37.46
CA SER C 227 -61.76 5.73 -36.35
C SER C 227 -62.69 6.92 -36.24
N LEU C 228 -62.58 7.87 -37.16
CA LEU C 228 -63.26 9.15 -37.01
C LEU C 228 -64.25 9.40 -38.13
N THR C 229 -64.72 8.35 -38.80
CA THR C 229 -65.76 8.47 -39.81
C THR C 229 -66.72 7.29 -39.63
N THR C 230 -67.79 7.22 -40.45
CA THR C 230 -68.74 6.13 -40.30
C THR C 230 -68.96 5.38 -41.62
N SER C 231 -68.85 4.05 -41.56
CA SER C 231 -69.20 3.14 -42.65
C SER C 231 -68.19 3.24 -43.80
N ASN C 232 -67.28 4.20 -43.72
CA ASN C 232 -66.17 4.28 -44.66
C ASN C 232 -64.86 4.49 -43.92
N PHE C 233 -64.93 5.09 -42.73
CA PHE C 233 -63.82 5.09 -41.78
C PHE C 233 -62.55 5.68 -42.37
N ASN C 234 -62.54 7.00 -42.62
CA ASN C 234 -61.40 7.66 -43.23
C ASN C 234 -60.45 8.16 -42.15
N THR C 235 -59.50 9.01 -42.57
CA THR C 235 -58.25 9.25 -41.89
C THR C 235 -58.00 10.73 -41.59
N HIS C 236 -56.95 10.98 -40.82
CA HIS C 236 -56.34 12.29 -40.60
C HIS C 236 -54.83 12.20 -40.77
N SER C 237 -54.09 13.22 -40.34
CA SER C 237 -52.64 13.29 -40.54
C SER C 237 -51.89 13.11 -39.22
N VAL C 238 -50.68 12.56 -39.30
CA VAL C 238 -49.83 12.33 -38.13
C VAL C 238 -48.43 12.05 -38.62
N ASN C 239 -47.42 12.35 -37.79
CA ASN C 239 -46.04 11.98 -38.11
C ASN C 239 -45.43 11.19 -36.96
N TYR C 240 -44.47 10.32 -37.28
CA TYR C 240 -43.73 9.64 -36.23
C TYR C 240 -42.31 9.33 -36.70
N PHE C 241 -41.44 9.12 -35.71
CA PHE C 241 -40.00 9.10 -35.88
C PHE C 241 -39.43 7.90 -35.15
N VAL C 242 -38.41 7.28 -35.76
CA VAL C 242 -37.80 6.08 -35.20
C VAL C 242 -36.29 6.21 -35.23
N GLY C 243 -35.66 5.82 -34.12
CA GLY C 243 -34.21 5.72 -34.06
C GLY C 243 -33.79 4.54 -33.21
N HIS C 244 -32.56 4.10 -33.44
CA HIS C 244 -32.00 2.94 -32.76
C HIS C 244 -30.90 3.35 -31.79
N LEU C 245 -30.77 2.59 -30.73
CA LEU C 245 -29.79 2.89 -29.66
C LEU C 245 -28.50 2.15 -29.97
N LYS C 246 -27.40 2.59 -29.39
CA LYS C 246 -26.09 2.00 -29.74
C LYS C 246 -25.19 2.04 -28.52
N PRO C 247 -24.23 1.12 -28.38
CA PRO C 247 -23.30 1.16 -27.27
C PRO C 247 -22.47 2.45 -27.23
N LEU C 248 -22.41 3.15 -26.10
CA LEU C 248 -21.71 4.45 -25.96
C LEU C 248 -21.44 4.76 -24.49
N THR C 249 -20.49 5.63 -24.18
CA THR C 249 -20.13 6.07 -22.84
C THR C 249 -20.45 7.56 -22.74
N MET C 250 -20.98 7.97 -21.59
CA MET C 250 -21.58 9.27 -21.46
C MET C 250 -21.13 9.91 -20.15
N LEU C 251 -20.96 11.22 -20.17
CA LEU C 251 -20.67 11.99 -18.97
C LEU C 251 -21.91 12.78 -18.59
N VAL C 252 -22.45 12.53 -17.40
CA VAL C 252 -23.72 13.08 -16.97
C VAL C 252 -23.52 13.92 -15.72
N GLU C 253 -24.26 15.02 -15.64
CA GLU C 253 -24.17 15.94 -14.52
C GLU C 253 -25.56 16.18 -13.94
N PHE C 254 -25.65 16.03 -12.62
CA PHE C 254 -26.87 16.03 -11.83
C PHE C 254 -26.99 17.33 -11.05
N SER C 255 -28.22 17.71 -10.72
CA SER C 255 -28.51 18.93 -9.98
C SER C 255 -28.61 18.64 -8.49
N PRO C 256 -28.65 19.66 -7.62
CA PRO C 256 -28.78 19.38 -6.18
C PRO C 256 -30.04 18.61 -5.80
N ASN C 257 -31.12 18.77 -6.56
CA ASN C 257 -32.41 18.11 -6.25
C ASN C 257 -32.55 16.80 -7.03
N GLY C 258 -31.48 16.35 -7.68
CA GLY C 258 -31.48 15.05 -8.32
C GLY C 258 -31.95 15.00 -9.76
N THR C 259 -32.00 16.13 -10.46
CA THR C 259 -32.44 16.16 -11.84
C THR C 259 -31.25 16.17 -12.77
N ILE C 260 -31.32 15.36 -13.83
CA ILE C 260 -30.27 15.32 -14.84
C ILE C 260 -30.31 16.64 -15.61
N ILE C 261 -29.20 17.36 -15.63
CA ILE C 261 -29.15 18.64 -16.31
C ILE C 261 -28.09 18.70 -17.42
N ASP C 262 -27.12 17.78 -17.45
CA ASP C 262 -26.21 17.83 -18.58
C ASP C 262 -25.72 16.44 -18.98
N ALA C 263 -25.38 16.30 -20.26
CA ALA C 263 -24.82 15.06 -20.79
C ALA C 263 -23.90 15.36 -21.97
N ILE C 264 -22.83 14.57 -22.08
CA ILE C 264 -21.88 14.67 -23.19
C ILE C 264 -21.49 13.27 -23.66
N ASP C 265 -21.38 13.11 -24.98
CA ASP C 265 -20.89 11.90 -25.61
C ASP C 265 -19.38 11.99 -25.73
N CYS C 266 -18.69 10.94 -25.26
CA CYS C 266 -17.23 10.97 -25.15
C CYS C 266 -16.51 10.62 -26.44
N SER C 267 -17.21 10.13 -27.46
CA SER C 267 -16.56 9.66 -28.68
C SER C 267 -16.89 10.52 -29.89
N GLN C 268 -17.04 11.83 -29.70
CA GLN C 268 -17.53 12.68 -30.78
C GLN C 268 -16.42 13.58 -31.35
N ASP C 269 -15.72 14.30 -30.49
CA ASP C 269 -14.66 15.21 -30.91
C ASP C 269 -13.58 15.25 -29.83
N PRO C 270 -12.38 15.75 -30.14
CA PRO C 270 -11.33 15.80 -29.10
C PRO C 270 -11.71 16.58 -27.85
N LEU C 271 -12.52 17.65 -27.97
CA LEU C 271 -12.94 18.37 -26.78
C LEU C 271 -13.78 17.51 -25.84
N SER C 272 -14.69 16.70 -26.38
CA SER C 272 -15.46 15.79 -25.55
C SER C 272 -14.59 14.74 -24.89
N GLU C 273 -13.58 14.23 -25.59
CA GLU C 273 -12.62 13.32 -24.99
C GLU C 273 -11.87 14.00 -23.84
N LEU C 274 -11.49 15.26 -24.01
CA LEU C 274 -10.82 15.98 -22.93
C LEU C 274 -11.73 16.14 -21.73
N LYS C 275 -13.00 16.47 -21.96
CA LYS C 275 -13.94 16.61 -20.85
C LYS C 275 -14.17 15.28 -20.13
N CYS C 276 -14.26 14.19 -20.88
CA CYS C 276 -14.45 12.88 -20.24
C CYS C 276 -13.21 12.40 -19.53
N THR C 277 -12.01 12.84 -19.96
CA THR C 277 -10.79 12.51 -19.25
C THR C 277 -10.62 13.31 -17.97
N THR C 278 -10.91 14.61 -17.99
CA THR C 278 -10.83 15.41 -16.78
C THR C 278 -12.09 15.34 -15.93
N LYS C 279 -13.14 14.69 -16.42
CA LYS C 279 -14.38 14.49 -15.67
C LYS C 279 -14.98 15.81 -15.20
N SER C 280 -14.97 16.82 -16.07
CA SER C 280 -15.50 18.12 -15.74
C SER C 280 -16.10 18.74 -17.01
N PHE C 281 -17.02 19.66 -16.82
CA PHE C 281 -17.75 20.27 -17.92
C PHE C 281 -17.11 21.57 -18.40
N SER C 282 -16.15 22.11 -17.67
CA SER C 282 -15.38 23.26 -18.09
C SER C 282 -13.90 23.00 -17.84
N VAL C 283 -13.06 23.40 -18.79
CA VAL C 283 -11.64 23.10 -18.76
C VAL C 283 -10.85 24.40 -18.76
N GLU C 284 -9.72 24.39 -18.08
CA GLU C 284 -8.81 25.53 -18.04
C GLU C 284 -7.81 25.47 -19.20
N LYS C 285 -6.96 26.47 -19.29
CA LYS C 285 -6.01 26.61 -20.37
C LYS C 285 -4.81 25.69 -20.18
N GLY C 286 -4.36 25.07 -21.26
CA GLY C 286 -3.14 24.29 -21.21
C GLY C 286 -3.17 23.13 -22.19
N ILE C 287 -2.38 22.11 -21.85
CA ILE C 287 -2.22 20.91 -22.65
C ILE C 287 -2.42 19.70 -21.75
N TYR C 288 -3.10 18.67 -22.27
CA TYR C 288 -3.50 17.53 -21.45
C TYR C 288 -3.31 16.24 -22.22
N GLN C 289 -3.14 15.15 -21.49
CA GLN C 289 -3.08 13.81 -22.07
C GLN C 289 -4.44 13.14 -21.92
N THR C 290 -4.87 12.45 -22.98
CA THR C 290 -6.22 11.90 -23.03
C THR C 290 -6.18 10.38 -23.15
N SER C 291 -7.18 9.74 -22.56
CA SER C 291 -7.43 8.32 -22.73
C SER C 291 -8.23 8.08 -24.00
N ASN C 292 -8.26 6.83 -24.44
CA ASN C 292 -8.83 6.47 -25.73
C ASN C 292 -10.34 6.25 -25.60
N PHE C 293 -11.12 7.20 -26.12
CA PHE C 293 -12.55 7.02 -26.30
C PHE C 293 -12.94 7.06 -27.77
N ARG C 294 -11.97 7.00 -28.69
CA ARG C 294 -12.23 7.21 -30.10
C ARG C 294 -12.80 5.97 -30.77
N VAL C 295 -12.03 4.89 -30.80
CA VAL C 295 -12.32 3.72 -31.61
C VAL C 295 -12.65 2.55 -30.70
N SER C 296 -13.74 1.85 -31.01
CA SER C 296 -14.17 0.66 -30.29
C SER C 296 -14.40 -0.47 -31.28
N PRO C 297 -14.15 -1.71 -30.87
CA PRO C 297 -14.34 -2.84 -31.80
C PRO C 297 -15.81 -3.09 -32.11
N SER C 298 -16.08 -3.56 -33.31
CA SER C 298 -17.43 -3.90 -33.74
C SER C 298 -17.55 -5.32 -34.27
N LEU C 299 -16.55 -5.82 -34.99
CA LEU C 299 -16.61 -7.15 -35.56
C LEU C 299 -16.10 -8.21 -34.57
N ASP C 300 -16.36 -9.47 -34.92
CA ASP C 300 -15.85 -10.61 -34.16
C ASP C 300 -15.21 -11.59 -35.14
N VAL C 301 -13.97 -11.98 -34.86
CA VAL C 301 -13.25 -12.98 -35.63
C VAL C 301 -13.12 -14.24 -34.79
N VAL C 302 -13.70 -15.34 -35.27
CA VAL C 302 -13.67 -16.62 -34.58
C VAL C 302 -13.11 -17.64 -35.55
N ARG C 303 -12.01 -18.30 -35.17
CA ARG C 303 -11.41 -19.34 -35.99
C ARG C 303 -11.05 -20.55 -35.15
N PHE C 304 -11.53 -21.71 -35.59
CA PHE C 304 -11.42 -23.00 -34.93
C PHE C 304 -10.97 -24.04 -35.96
N PRO C 305 -10.45 -25.19 -35.51
CA PRO C 305 -10.00 -26.20 -36.46
C PRO C 305 -11.09 -26.73 -37.39
N ASN C 306 -10.71 -27.60 -38.31
CA ASN C 306 -11.55 -27.99 -39.46
C ASN C 306 -12.38 -29.23 -39.13
N MET C 307 -12.11 -29.91 -38.00
CA MET C 307 -12.74 -31.20 -37.75
C MET C 307 -14.22 -31.05 -37.48
N THR C 308 -14.98 -32.11 -37.77
CA THR C 308 -16.43 -32.09 -37.66
C THR C 308 -17.00 -33.26 -36.85
N ASN C 309 -16.32 -34.40 -36.78
CA ASN C 309 -16.85 -35.56 -36.08
C ASN C 309 -16.94 -35.33 -34.58
N ILE C 310 -17.91 -35.98 -33.95
CA ILE C 310 -18.25 -35.78 -32.54
C ILE C 310 -17.62 -36.87 -31.68
N CYS C 311 -17.36 -36.55 -30.42
CA CYS C 311 -16.66 -37.46 -29.52
C CYS C 311 -17.51 -38.70 -29.19
N PRO C 312 -16.87 -39.83 -28.86
CA PRO C 312 -17.57 -41.11 -28.62
C PRO C 312 -18.38 -41.11 -27.32
N PHE C 313 -19.51 -40.43 -27.34
CA PHE C 313 -20.37 -40.32 -26.17
C PHE C 313 -21.19 -41.57 -25.92
N ASP C 314 -21.19 -42.52 -26.86
CA ASP C 314 -21.90 -43.78 -26.72
C ASP C 314 -21.00 -44.94 -26.39
N GLN C 315 -19.74 -44.86 -26.77
CA GLN C 315 -18.84 -45.97 -26.39
C GLN C 315 -18.62 -45.89 -24.88
N VAL C 316 -18.51 -44.69 -24.34
CA VAL C 316 -18.11 -44.53 -22.91
C VAL C 316 -19.35 -44.68 -22.04
N PHE C 317 -20.44 -44.03 -22.39
CA PHE C 317 -21.59 -43.92 -21.46
C PHE C 317 -22.71 -44.90 -21.81
N ASN C 318 -22.49 -45.93 -22.64
CA ASN C 318 -23.62 -46.85 -22.95
C ASN C 318 -23.17 -48.26 -23.36
N LYS C 319 -21.99 -48.41 -23.94
CA LYS C 319 -21.62 -49.69 -24.61
C LYS C 319 -20.32 -50.23 -24.02
N THR C 320 -20.14 -50.09 -22.71
CA THR C 320 -18.93 -50.68 -22.09
C THR C 320 -19.31 -51.25 -20.72
N GLN C 321 -19.16 -52.57 -20.50
CA GLN C 321 -19.42 -53.11 -19.14
C GLN C 321 -18.48 -52.36 -18.22
N PHE C 322 -18.93 -52.00 -17.02
CA PHE C 322 -18.03 -51.17 -16.23
C PHE C 322 -17.29 -52.02 -15.21
N PRO C 323 -16.09 -51.62 -14.82
CA PRO C 323 -15.30 -52.43 -13.88
C PRO C 323 -15.58 -52.14 -12.41
N SER C 324 -14.89 -52.86 -11.52
CA SER C 324 -14.95 -52.60 -10.10
C SER C 324 -14.11 -51.37 -9.75
N VAL C 325 -14.27 -50.90 -8.51
CA VAL C 325 -13.60 -49.67 -8.11
C VAL C 325 -12.11 -49.89 -7.86
N TYR C 326 -11.70 -51.09 -7.44
CA TYR C 326 -10.28 -51.32 -7.20
C TYR C 326 -9.52 -51.49 -8.52
N ALA C 327 -10.15 -52.12 -9.50
CA ALA C 327 -9.58 -52.25 -10.84
C ALA C 327 -10.29 -51.28 -11.80
N TRP C 328 -9.95 -50.01 -11.69
CA TRP C 328 -10.58 -48.97 -12.49
C TRP C 328 -9.79 -48.71 -13.77
N GLU C 329 -10.51 -48.32 -14.83
CA GLU C 329 -9.92 -48.13 -16.15
C GLU C 329 -9.96 -46.69 -16.61
N ARG C 330 -8.98 -46.36 -17.45
CA ARG C 330 -8.75 -45.04 -18.02
C ARG C 330 -8.66 -45.14 -19.54
N VAL C 331 -9.28 -44.19 -20.22
CA VAL C 331 -9.28 -44.10 -21.67
C VAL C 331 -8.91 -42.68 -22.09
N ARG C 332 -8.37 -42.56 -23.29
CA ARG C 332 -7.92 -41.27 -23.83
C ARG C 332 -8.83 -40.84 -24.97
N ILE C 333 -9.20 -39.56 -24.96
CA ILE C 333 -10.09 -38.96 -25.95
C ILE C 333 -9.28 -38.00 -26.79
N SER C 334 -9.38 -38.12 -28.12
CA SER C 334 -8.61 -37.24 -28.99
C SER C 334 -9.30 -37.07 -30.34
N ASP C 335 -9.08 -35.90 -30.94
CA ASP C 335 -9.52 -35.56 -32.31
C ASP C 335 -11.03 -35.65 -32.49
N CYS C 336 -11.78 -34.81 -31.79
CA CYS C 336 -13.24 -34.85 -31.85
C CYS C 336 -13.80 -33.53 -31.37
N VAL C 337 -15.07 -33.28 -31.71
CA VAL C 337 -15.79 -32.09 -31.28
C VAL C 337 -16.72 -32.45 -30.13
N SER C 338 -16.66 -31.68 -29.06
CA SER C 338 -17.34 -32.00 -27.82
C SER C 338 -18.71 -31.32 -27.78
N ASP C 339 -19.67 -31.91 -28.49
CA ASP C 339 -21.05 -31.45 -28.47
C ASP C 339 -21.83 -32.37 -27.54
N TYR C 340 -21.99 -31.96 -26.28
CA TYR C 340 -22.54 -32.86 -25.28
C TYR C 340 -24.05 -32.90 -25.27
N THR C 341 -24.73 -32.08 -26.06
CA THR C 341 -26.18 -32.09 -26.11
C THR C 341 -26.74 -33.39 -26.68
N VAL C 342 -25.90 -34.21 -27.30
CA VAL C 342 -26.33 -35.55 -27.70
C VAL C 342 -26.56 -36.47 -26.53
N LEU C 343 -26.18 -36.05 -25.32
CA LEU C 343 -26.42 -36.84 -24.12
C LEU C 343 -27.81 -36.63 -23.53
N TYR C 344 -28.57 -35.65 -24.02
CA TYR C 344 -29.90 -35.39 -23.50
C TYR C 344 -30.91 -36.44 -23.98
N ASN C 345 -30.56 -37.19 -24.98
CA ASN C 345 -31.52 -38.13 -25.61
C ASN C 345 -31.14 -39.55 -25.21
N SER C 346 -30.36 -39.70 -24.13
CA SER C 346 -29.90 -41.00 -23.67
C SER C 346 -30.63 -41.39 -22.40
N SER C 347 -30.24 -42.54 -21.84
CA SER C 347 -30.84 -43.07 -20.62
C SER C 347 -29.97 -42.87 -19.40
N ALA C 348 -28.98 -41.97 -19.47
CA ALA C 348 -28.04 -41.79 -18.37
C ALA C 348 -28.71 -41.28 -17.10
N SER C 349 -29.46 -40.18 -17.21
CA SER C 349 -30.16 -39.59 -16.08
C SER C 349 -29.21 -39.23 -14.95
N PHE C 350 -28.31 -38.28 -15.19
CA PHE C 350 -27.28 -37.91 -14.23
C PHE C 350 -27.88 -37.31 -12.97
N SER C 351 -27.44 -37.82 -11.83
CA SER C 351 -27.83 -37.31 -10.53
C SER C 351 -26.80 -36.35 -9.95
N THR C 352 -25.52 -36.64 -10.13
CA THR C 352 -24.43 -35.78 -9.70
C THR C 352 -23.64 -35.33 -10.93
N PHE C 353 -23.52 -34.01 -11.08
CA PHE C 353 -22.56 -33.35 -12.02
C PHE C 353 -21.89 -32.14 -11.38
N LYS C 354 -20.57 -32.19 -11.18
CA LYS C 354 -19.82 -31.08 -10.56
C LYS C 354 -18.49 -30.86 -11.28
N CYS C 355 -18.15 -29.60 -11.54
CA CYS C 355 -16.96 -29.27 -12.36
C CYS C 355 -16.02 -28.39 -11.54
N TYR C 356 -14.82 -28.91 -11.33
CA TYR C 356 -13.79 -28.28 -10.48
C TYR C 356 -12.77 -27.70 -11.43
N GLY C 357 -12.46 -26.45 -11.20
CA GLY C 357 -11.52 -25.77 -12.05
C GLY C 357 -12.07 -25.40 -13.39
N VAL C 358 -13.19 -26.00 -13.80
CA VAL C 358 -13.91 -25.68 -15.01
C VAL C 358 -15.37 -25.45 -14.67
N SER C 359 -15.95 -24.37 -15.22
CA SER C 359 -17.30 -23.89 -15.03
C SER C 359 -18.20 -24.34 -16.17
N PRO C 360 -19.42 -24.78 -15.85
CA PRO C 360 -20.26 -25.44 -16.85
C PRO C 360 -20.60 -24.58 -18.05
N THR C 361 -20.77 -23.29 -17.87
CA THR C 361 -21.23 -22.39 -18.92
C THR C 361 -20.20 -22.19 -20.02
N LYS C 362 -18.91 -22.16 -19.69
CA LYS C 362 -17.86 -21.86 -20.64
C LYS C 362 -17.37 -23.09 -21.41
N LEU C 363 -17.83 -24.29 -21.04
CA LEU C 363 -17.35 -25.52 -21.66
C LEU C 363 -17.56 -25.56 -23.16
N ASN C 364 -18.48 -24.75 -23.67
CA ASN C 364 -18.79 -24.77 -25.09
C ASN C 364 -17.88 -23.88 -25.92
N ASP C 365 -17.03 -23.07 -25.29
CA ASP C 365 -16.15 -22.16 -26.02
C ASP C 365 -14.67 -22.48 -25.80
N LEU C 366 -14.35 -23.68 -25.35
CA LEU C 366 -12.99 -24.02 -24.97
C LEU C 366 -12.44 -25.14 -25.84
N CYS C 367 -11.13 -25.14 -26.02
CA CYS C 367 -10.40 -26.23 -26.65
C CYS C 367 -9.37 -26.75 -25.66
N PHE C 368 -9.15 -28.06 -25.67
CA PHE C 368 -8.25 -28.69 -24.72
C PHE C 368 -7.10 -29.36 -25.44
N SER C 369 -6.00 -29.53 -24.71
CA SER C 369 -4.81 -30.22 -25.20
C SER C 369 -4.80 -31.70 -24.88
N GLY C 370 -5.48 -32.13 -23.83
CA GLY C 370 -5.53 -33.53 -23.49
C GLY C 370 -6.68 -33.81 -22.54
N VAL C 371 -7.41 -34.88 -22.83
CA VAL C 371 -8.58 -35.27 -22.04
C VAL C 371 -8.45 -36.74 -21.68
N TYR C 372 -8.63 -37.05 -20.40
CA TYR C 372 -8.64 -38.43 -19.92
C TYR C 372 -9.98 -38.73 -19.24
N ALA C 373 -10.39 -40.00 -19.29
CA ALA C 373 -11.64 -40.43 -18.68
C ALA C 373 -11.43 -41.70 -17.88
N ASP C 374 -11.69 -41.64 -16.58
CA ASP C 374 -11.66 -42.80 -15.68
C ASP C 374 -13.09 -43.22 -15.35
N TYR C 375 -13.37 -44.51 -15.42
CA TYR C 375 -14.75 -44.95 -15.19
C TYR C 375 -14.81 -46.14 -14.25
N PHE C 376 -15.86 -46.18 -13.42
CA PHE C 376 -16.10 -47.33 -12.54
C PHE C 376 -17.50 -47.37 -11.91
N VAL C 377 -17.70 -48.31 -10.98
CA VAL C 377 -18.99 -48.58 -10.35
C VAL C 377 -18.82 -48.51 -8.84
N VAL C 378 -19.71 -47.77 -8.17
CA VAL C 378 -19.74 -47.70 -6.71
C VAL C 378 -21.15 -47.90 -6.20
N LYS C 379 -21.33 -47.79 -4.88
CA LYS C 379 -22.67 -47.79 -4.29
C LYS C 379 -23.07 -46.36 -3.92
N GLY C 380 -24.37 -46.18 -3.69
CA GLY C 380 -24.92 -44.84 -3.58
C GLY C 380 -24.34 -43.99 -2.47
N ASP C 381 -23.98 -44.61 -1.35
CA ASP C 381 -23.41 -43.86 -0.24
C ASP C 381 -21.96 -43.48 -0.46
N HIS C 382 -21.28 -44.11 -1.41
CA HIS C 382 -19.86 -43.84 -1.66
C HIS C 382 -19.63 -42.81 -2.76
N VAL C 383 -20.69 -42.28 -3.37
CA VAL C 383 -20.51 -41.32 -4.46
C VAL C 383 -19.92 -40.02 -3.95
N HIS C 384 -20.24 -39.61 -2.74
CA HIS C 384 -19.74 -38.34 -2.22
C HIS C 384 -18.26 -38.38 -1.89
N GLN C 385 -17.62 -39.54 -1.93
CA GLN C 385 -16.19 -39.65 -1.67
C GLN C 385 -15.34 -39.38 -2.90
N ILE C 386 -15.96 -39.15 -4.06
CA ILE C 386 -15.22 -38.87 -5.29
C ILE C 386 -15.14 -37.37 -5.42
N ALA C 387 -14.14 -36.78 -4.78
CA ALA C 387 -13.90 -35.34 -4.77
C ALA C 387 -12.54 -35.10 -4.14
N PRO C 388 -11.85 -34.04 -4.55
CA PRO C 388 -10.52 -33.76 -3.95
C PRO C 388 -10.65 -33.40 -2.48
N GLY C 389 -9.79 -33.99 -1.66
CA GLY C 389 -9.74 -33.68 -0.25
C GLY C 389 -10.62 -34.51 0.66
N GLN C 390 -11.08 -35.67 0.22
CA GLN C 390 -11.99 -36.49 1.02
C GLN C 390 -11.24 -37.59 1.76
N THR C 391 -11.91 -38.17 2.75
CA THR C 391 -11.46 -39.35 3.45
C THR C 391 -12.56 -40.38 3.51
N GLY C 392 -12.18 -41.63 3.69
CA GLY C 392 -13.07 -42.76 3.67
C GLY C 392 -12.38 -43.94 3.04
N VAL C 393 -13.09 -45.06 2.94
CA VAL C 393 -12.46 -46.26 2.42
C VAL C 393 -12.11 -46.12 0.94
N ILE C 394 -13.00 -45.54 0.14
CA ILE C 394 -12.72 -45.38 -1.29
C ILE C 394 -11.64 -44.33 -1.54
N ALA C 395 -11.69 -43.19 -0.87
CA ALA C 395 -10.70 -42.15 -1.08
C ALA C 395 -9.33 -42.51 -0.52
N ASP C 396 -9.24 -43.49 0.37
CA ASP C 396 -7.96 -43.86 0.98
C ASP C 396 -7.36 -45.13 0.40
N TYR C 397 -8.17 -46.09 -0.03
CA TYR C 397 -7.65 -47.37 -0.47
C TYR C 397 -7.93 -47.70 -1.93
N ASN C 398 -8.84 -46.98 -2.59
CA ASN C 398 -9.34 -47.43 -3.89
C ASN C 398 -9.05 -46.45 -5.02
N TYR C 399 -9.45 -45.19 -4.87
CA TYR C 399 -9.30 -44.19 -5.91
C TYR C 399 -9.17 -42.83 -5.26
N LYS C 400 -8.07 -42.13 -5.54
CA LYS C 400 -7.83 -40.82 -4.94
C LYS C 400 -7.37 -39.83 -5.99
N LEU C 401 -7.82 -38.59 -5.88
CA LEU C 401 -7.67 -37.42 -6.73
C LEU C 401 -6.65 -36.44 -6.14
N PRO C 402 -5.89 -35.75 -6.98
CA PRO C 402 -4.98 -34.73 -6.50
C PRO C 402 -5.70 -33.48 -6.01
N SER C 403 -5.00 -32.72 -5.17
CA SER C 403 -5.59 -31.51 -4.60
C SER C 403 -5.67 -30.36 -5.60
N GLU C 404 -4.99 -30.47 -6.75
CA GLU C 404 -5.02 -29.45 -7.77
C GLU C 404 -5.72 -29.99 -9.02
N PHE C 405 -6.84 -30.67 -8.80
CA PHE C 405 -7.57 -31.30 -9.89
C PHE C 405 -8.30 -30.27 -10.72
N VAL C 406 -8.31 -30.48 -12.04
CA VAL C 406 -9.07 -29.66 -12.98
C VAL C 406 -9.83 -30.61 -13.89
N GLY C 407 -11.15 -30.61 -13.81
CA GLY C 407 -11.93 -31.56 -14.58
C GLY C 407 -13.38 -31.57 -14.15
N CYS C 408 -14.12 -32.56 -14.61
CA CYS C 408 -15.56 -32.68 -14.29
C CYS C 408 -15.86 -34.11 -13.78
N ILE C 409 -16.90 -34.30 -13.00
CA ILE C 409 -17.28 -35.58 -12.39
C ILE C 409 -18.78 -35.81 -12.58
N LEU C 410 -19.15 -37.01 -13.08
CA LEU C 410 -20.52 -37.38 -13.39
C LEU C 410 -20.87 -38.73 -12.77
N ALA C 411 -22.12 -38.88 -12.31
CA ALA C 411 -22.58 -40.13 -11.73
C ALA C 411 -24.06 -40.35 -12.01
N TRP C 412 -24.46 -41.61 -12.16
CA TRP C 412 -25.87 -41.92 -12.41
C TRP C 412 -26.24 -43.34 -12.00
N ASN C 413 -27.52 -43.53 -11.64
CA ASN C 413 -28.06 -44.82 -11.21
C ASN C 413 -28.16 -45.82 -12.35
N THR C 414 -27.86 -47.08 -12.06
CA THR C 414 -27.96 -48.21 -12.99
C THR C 414 -28.54 -49.43 -12.30
N ARG C 415 -29.65 -49.26 -11.58
CA ARG C 415 -30.22 -50.36 -10.81
C ARG C 415 -30.75 -51.49 -11.69
N THR C 416 -31.06 -51.23 -12.95
CA THR C 416 -31.62 -52.24 -13.84
C THR C 416 -30.59 -52.95 -14.70
N ILE C 417 -29.30 -52.69 -14.50
CA ILE C 417 -28.23 -53.31 -15.27
C ILE C 417 -27.28 -54.07 -14.37
N ASP C 418 -26.60 -53.39 -13.46
CA ASP C 418 -25.57 -53.99 -12.61
C ASP C 418 -26.11 -54.43 -11.25
N SER C 419 -27.23 -55.14 -11.23
CA SER C 419 -27.76 -55.71 -10.01
C SER C 419 -27.42 -57.20 -9.92
N LYS C 420 -26.14 -57.47 -9.73
CA LYS C 420 -25.63 -58.83 -9.68
C LYS C 420 -24.37 -58.88 -8.85
N ARG C 421 -23.85 -60.09 -8.64
CA ARG C 421 -22.63 -60.30 -7.87
C ARG C 421 -21.41 -60.18 -8.78
N GLY C 422 -20.32 -59.67 -8.23
CA GLY C 422 -19.09 -59.54 -8.99
C GLY C 422 -18.38 -58.21 -8.83
N PHE C 423 -18.97 -57.29 -8.06
CA PHE C 423 -18.40 -55.98 -7.84
C PHE C 423 -17.78 -55.90 -6.45
N TYR C 424 -16.50 -55.55 -6.39
CA TYR C 424 -15.75 -55.58 -5.15
C TYR C 424 -15.12 -54.22 -4.86
N TYR C 425 -14.81 -54.00 -3.59
CA TYR C 425 -13.92 -52.92 -3.19
C TYR C 425 -12.96 -53.39 -2.10
N ARG C 426 -11.80 -52.75 -2.03
CA ARG C 426 -10.80 -53.10 -1.03
C ARG C 426 -11.16 -52.49 0.32
N LEU C 427 -11.16 -53.31 1.35
CA LEU C 427 -11.59 -52.88 2.69
C LEU C 427 -10.44 -52.76 3.68
N PHE C 428 -9.39 -53.57 3.55
CA PHE C 428 -8.25 -53.55 4.43
C PHE C 428 -6.98 -53.24 3.63
N ARG C 429 -6.12 -52.40 4.19
CA ARG C 429 -4.85 -52.09 3.56
C ARG C 429 -3.91 -51.47 4.59
N HIS C 430 -2.61 -51.64 4.36
CA HIS C 430 -1.57 -51.14 5.26
C HIS C 430 -1.04 -49.83 4.69
N GLY C 431 -1.69 -48.73 5.02
CA GLY C 431 -1.24 -47.45 4.52
C GLY C 431 -2.12 -46.93 3.40
N ASN C 432 -2.11 -45.61 3.25
CA ASN C 432 -2.94 -44.93 2.27
C ASN C 432 -2.35 -45.07 0.86
N ILE C 433 -3.23 -44.93 -0.12
CA ILE C 433 -2.81 -44.93 -1.52
C ILE C 433 -2.48 -43.50 -1.94
N ARG C 434 -1.76 -43.37 -3.04
CA ARG C 434 -1.35 -42.09 -3.59
C ARG C 434 -2.25 -41.71 -4.77
N PRO C 435 -2.25 -40.44 -5.18
CA PRO C 435 -3.12 -40.05 -6.29
C PRO C 435 -2.82 -40.80 -7.57
N TYR C 436 -3.90 -41.21 -8.25
CA TYR C 436 -3.83 -41.88 -9.55
C TYR C 436 -2.98 -43.15 -9.51
N GLU C 437 -3.27 -44.07 -8.59
CA GLU C 437 -2.66 -45.39 -8.68
C GLU C 437 -3.67 -46.48 -8.39
N ARG C 438 -3.26 -47.71 -8.70
CA ARG C 438 -4.10 -48.90 -8.61
C ARG C 438 -3.49 -49.90 -7.66
N ASP C 439 -4.33 -50.74 -7.08
CA ASP C 439 -3.91 -51.90 -6.29
C ASP C 439 -4.80 -53.06 -6.69
N THR C 440 -4.25 -54.00 -7.46
CA THR C 440 -5.00 -55.17 -7.93
C THR C 440 -4.60 -56.44 -7.19
N SER C 441 -3.82 -56.31 -6.12
CA SER C 441 -3.35 -57.48 -5.37
C SER C 441 -4.51 -58.13 -4.63
N ASN C 442 -4.36 -59.44 -4.38
CA ASN C 442 -5.36 -60.22 -3.66
C ASN C 442 -4.66 -61.21 -2.71
N VAL C 443 -3.68 -60.72 -1.97
CA VAL C 443 -2.98 -61.54 -0.99
C VAL C 443 -3.66 -61.38 0.36
N PRO C 444 -3.62 -62.39 1.23
CA PRO C 444 -4.29 -62.28 2.53
C PRO C 444 -3.69 -61.19 3.40
N TYR C 445 -4.55 -60.60 4.23
CA TYR C 445 -4.22 -59.44 5.04
C TYR C 445 -4.13 -59.84 6.51
N ASN C 446 -3.05 -59.42 7.16
CA ASN C 446 -2.80 -59.74 8.57
C ASN C 446 -2.86 -58.44 9.36
N ALA C 447 -3.62 -58.45 10.46
CA ALA C 447 -3.81 -57.25 11.26
C ALA C 447 -2.64 -56.94 12.19
N ALA C 448 -1.73 -57.90 12.38
CA ALA C 448 -0.53 -57.68 13.17
C ALA C 448 0.53 -56.87 12.43
N GLY C 449 0.62 -56.98 11.11
CA GLY C 449 1.54 -56.17 10.35
C GLY C 449 2.42 -56.91 9.37
N GLY C 450 2.34 -58.23 9.34
CA GLY C 450 3.19 -59.01 8.47
C GLY C 450 2.47 -59.64 7.30
N THR C 451 2.71 -60.94 7.11
CA THR C 451 2.05 -61.73 6.08
C THR C 451 1.32 -62.90 6.74
N CYS C 452 0.42 -63.51 5.98
CA CYS C 452 -0.35 -64.65 6.47
C CYS C 452 -0.69 -65.55 5.29
N ASN C 453 -0.94 -66.82 5.60
CA ASN C 453 -1.14 -67.82 4.56
C ASN C 453 -2.58 -68.28 4.39
N GLN C 454 -3.33 -68.38 5.48
CA GLN C 454 -4.68 -68.95 5.37
C GLN C 454 -5.73 -67.97 5.89
N PRO C 455 -6.54 -67.32 5.02
CA PRO C 455 -7.62 -66.46 5.52
C PRO C 455 -8.64 -67.26 6.32
N GLY C 456 -9.29 -66.59 7.25
CA GLY C 456 -10.31 -67.20 8.10
C GLY C 456 -9.82 -67.62 9.46
N THR C 457 -8.51 -67.75 9.65
CA THR C 457 -7.94 -68.07 10.94
C THR C 457 -7.81 -66.79 11.78
N HIS C 458 -7.06 -66.87 12.86
CA HIS C 458 -6.90 -65.71 13.75
C HIS C 458 -6.15 -64.58 13.08
N ASN C 459 -6.76 -63.40 13.04
CA ASN C 459 -6.16 -62.15 12.59
C ASN C 459 -5.81 -62.16 11.11
N CYS C 460 -6.32 -63.11 10.33
CA CYS C 460 -6.14 -63.15 8.89
C CYS C 460 -7.48 -62.90 8.21
N TYR C 461 -7.49 -61.94 7.28
CA TYR C 461 -8.73 -61.49 6.66
C TYR C 461 -8.57 -61.42 5.15
N GLU C 462 -9.69 -61.55 4.46
CA GLU C 462 -9.72 -61.34 3.02
C GLU C 462 -9.83 -59.85 2.72
N PRO C 463 -8.96 -59.32 1.84
CA PRO C 463 -8.90 -57.87 1.65
C PRO C 463 -10.02 -57.27 0.82
N LEU C 464 -10.72 -58.04 0.00
CA LEU C 464 -11.73 -57.52 -0.90
C LEU C 464 -13.12 -57.91 -0.40
N GLN C 465 -14.05 -56.95 -0.46
CA GLN C 465 -15.42 -57.16 -0.03
C GLN C 465 -16.36 -56.96 -1.20
N ASP C 466 -17.32 -57.88 -1.34
CA ASP C 466 -18.33 -57.84 -2.37
C ASP C 466 -19.45 -56.89 -1.97
N TYR C 467 -19.94 -56.14 -2.97
CA TYR C 467 -20.99 -55.15 -2.71
C TYR C 467 -22.34 -55.80 -2.49
N GLY C 468 -22.59 -56.96 -3.08
CA GLY C 468 -23.82 -57.69 -2.88
C GLY C 468 -25.07 -57.01 -3.38
N PHE C 469 -25.04 -56.49 -4.60
CA PHE C 469 -26.20 -55.83 -5.17
C PHE C 469 -27.31 -56.83 -5.46
N THR C 470 -28.52 -56.52 -5.00
CA THR C 470 -29.71 -57.30 -5.30
C THR C 470 -30.82 -56.36 -5.75
N SER C 471 -31.92 -56.96 -6.21
CA SER C 471 -33.05 -56.19 -6.74
C SER C 471 -33.89 -55.52 -5.66
N THR C 472 -33.69 -55.83 -4.39
CA THR C 472 -34.52 -55.32 -3.31
C THR C 472 -33.75 -54.39 -2.37
N SER C 473 -32.65 -53.81 -2.86
CA SER C 473 -31.83 -52.95 -2.01
C SER C 473 -32.46 -51.57 -1.85
N GLY C 474 -32.01 -50.84 -0.83
CA GLY C 474 -32.39 -49.46 -0.66
C GLY C 474 -31.63 -48.55 -1.60
N VAL C 475 -31.94 -47.26 -1.52
CA VAL C 475 -31.35 -46.29 -2.43
C VAL C 475 -29.84 -46.19 -2.21
N GLY C 476 -29.41 -46.17 -0.95
CA GLY C 476 -28.01 -46.05 -0.65
C GLY C 476 -27.18 -47.28 -0.89
N TYR C 477 -27.80 -48.43 -1.14
CA TYR C 477 -27.09 -49.67 -1.41
C TYR C 477 -27.17 -50.07 -2.87
N GLN C 478 -27.68 -49.22 -3.73
CA GLN C 478 -27.87 -49.49 -5.14
C GLN C 478 -26.64 -49.08 -5.94
N PRO C 479 -26.43 -49.67 -7.12
CA PRO C 479 -25.22 -49.35 -7.90
C PRO C 479 -25.32 -48.06 -8.69
N PHE C 480 -24.17 -47.39 -8.80
CA PHE C 480 -24.02 -46.14 -9.54
C PHE C 480 -22.79 -46.21 -10.44
N ARG C 481 -22.93 -45.73 -11.66
CA ARG C 481 -21.81 -45.60 -12.59
C ARG C 481 -21.25 -44.19 -12.52
N VAL C 482 -19.93 -44.07 -12.50
CA VAL C 482 -19.25 -42.80 -12.31
C VAL C 482 -18.10 -42.63 -13.30
N VAL C 483 -18.02 -41.43 -13.88
CA VAL C 483 -17.00 -41.06 -14.86
C VAL C 483 -16.32 -39.76 -14.40
N VAL C 484 -14.99 -39.77 -14.40
CA VAL C 484 -14.17 -38.62 -14.02
C VAL C 484 -13.37 -38.19 -15.25
N LEU C 485 -13.53 -36.93 -15.65
CA LEU C 485 -12.86 -36.37 -16.82
C LEU C 485 -11.80 -35.37 -16.38
N SER C 486 -10.57 -35.55 -16.87
CA SER C 486 -9.46 -34.67 -16.55
C SER C 486 -8.99 -33.92 -17.79
N PHE C 487 -8.72 -32.64 -17.62
CA PHE C 487 -8.38 -31.72 -18.71
C PHE C 487 -6.98 -31.18 -18.54
N GLU C 488 -6.31 -30.94 -19.68
CA GLU C 488 -5.04 -30.22 -19.71
C GLU C 488 -5.16 -29.03 -20.66
N LEU C 489 -4.58 -27.90 -20.26
CA LEU C 489 -4.66 -26.65 -21.01
C LEU C 489 -3.25 -26.07 -21.13
N LEU C 490 -2.53 -26.48 -22.18
CA LEU C 490 -1.14 -26.10 -22.40
C LEU C 490 -0.99 -25.35 -23.71
N ASN C 491 0.26 -24.98 -24.02
CA ASN C 491 0.59 -24.35 -25.30
C ASN C 491 0.98 -25.46 -26.28
N ALA C 492 -0.05 -26.09 -26.84
CA ALA C 492 0.11 -27.30 -27.63
C ALA C 492 -1.09 -27.42 -28.54
N PRO C 493 -1.00 -28.26 -29.59
CA PRO C 493 -2.13 -28.41 -30.50
C PRO C 493 -3.39 -28.88 -29.80
N ALA C 494 -4.53 -28.37 -30.26
CA ALA C 494 -5.81 -28.74 -29.68
C ALA C 494 -6.29 -30.07 -30.25
N THR C 495 -6.71 -30.98 -29.36
CA THR C 495 -7.28 -32.25 -29.78
C THR C 495 -8.78 -32.35 -29.58
N VAL C 496 -9.34 -31.62 -28.62
CA VAL C 496 -10.78 -31.61 -28.37
C VAL C 496 -11.24 -30.15 -28.35
N CYS C 497 -12.26 -29.83 -29.13
CA CYS C 497 -12.73 -28.47 -29.28
C CYS C 497 -14.26 -28.43 -29.23
N GLY C 498 -14.78 -27.26 -28.86
CA GLY C 498 -16.21 -27.06 -28.78
C GLY C 498 -16.86 -26.79 -30.12
N PRO C 499 -18.18 -26.86 -30.16
CA PRO C 499 -18.94 -26.68 -31.41
C PRO C 499 -19.24 -25.22 -31.74
N LYS C 500 -18.19 -24.47 -32.06
CA LYS C 500 -18.38 -23.04 -32.42
C LYS C 500 -18.27 -22.87 -33.94
N GLN C 501 -18.98 -21.90 -34.48
CA GLN C 501 -19.00 -21.61 -35.91
C GLN C 501 -17.98 -20.55 -36.25
N SER C 502 -17.24 -20.77 -37.32
CA SER C 502 -16.09 -19.94 -37.66
C SER C 502 -16.50 -18.82 -38.62
N THR C 503 -15.78 -17.71 -38.53
CA THR C 503 -16.01 -16.57 -39.40
C THR C 503 -14.78 -16.32 -40.27
N ASP C 504 -14.79 -15.22 -41.02
CA ASP C 504 -13.71 -14.90 -41.95
C ASP C 504 -12.64 -14.08 -41.25
N LEU C 505 -11.44 -14.09 -41.82
CA LEU C 505 -10.28 -13.45 -41.20
C LEU C 505 -10.19 -12.00 -41.67
N VAL C 506 -10.44 -11.06 -40.76
CA VAL C 506 -10.40 -9.63 -41.06
C VAL C 506 -9.21 -9.04 -40.33
N LYS C 507 -8.37 -8.31 -41.05
CA LYS C 507 -7.11 -7.80 -40.52
C LYS C 507 -6.97 -6.33 -40.85
N ASN C 508 -6.13 -5.63 -40.08
CA ASN C 508 -5.89 -4.19 -40.14
C ASN C 508 -7.06 -3.37 -39.60
N LYS C 509 -7.84 -3.94 -38.68
CA LYS C 509 -8.89 -3.21 -37.96
C LYS C 509 -8.88 -3.67 -36.51
N CYS C 510 -9.39 -2.81 -35.61
CA CYS C 510 -9.52 -3.17 -34.21
C CYS C 510 -10.76 -4.04 -34.03
N VAL C 511 -10.55 -5.31 -33.68
CA VAL C 511 -11.61 -6.30 -33.63
C VAL C 511 -11.51 -7.08 -32.32
N ASN C 512 -12.53 -7.90 -32.07
CA ASN C 512 -12.48 -8.95 -31.06
C ASN C 512 -12.18 -10.28 -31.74
N PHE C 513 -11.29 -11.06 -31.16
CA PHE C 513 -10.85 -12.30 -31.78
C PHE C 513 -10.85 -13.46 -30.80
N ASN C 514 -10.94 -14.67 -31.38
CA ASN C 514 -11.01 -15.94 -30.65
C ASN C 514 -10.25 -16.99 -31.48
N PHE C 515 -9.03 -17.32 -31.04
CA PHE C 515 -8.22 -18.36 -31.68
C PHE C 515 -8.12 -19.54 -30.73
N ASN C 516 -8.89 -20.60 -31.02
CA ASN C 516 -8.87 -21.84 -30.25
C ASN C 516 -9.09 -21.61 -28.76
N GLY C 517 -9.98 -20.67 -28.42
CA GLY C 517 -10.26 -20.35 -27.04
C GLY C 517 -9.41 -19.24 -26.46
N LEU C 518 -8.41 -18.77 -27.19
CA LEU C 518 -7.62 -17.62 -26.77
C LEU C 518 -8.30 -16.36 -27.27
N THR C 519 -8.82 -15.57 -26.36
CA THR C 519 -9.66 -14.42 -26.68
C THR C 519 -8.92 -13.11 -26.48
N GLY C 520 -9.30 -12.11 -27.26
CA GLY C 520 -8.66 -10.83 -27.12
C GLY C 520 -9.30 -9.77 -27.98
N THR C 521 -8.67 -8.60 -28.00
CA THR C 521 -9.10 -7.49 -28.83
C THR C 521 -7.89 -6.70 -29.29
N GLY C 522 -7.86 -6.34 -30.56
CA GLY C 522 -6.74 -5.59 -31.09
C GLY C 522 -6.71 -5.64 -32.61
N VAL C 523 -5.51 -5.41 -33.14
CA VAL C 523 -5.26 -5.30 -34.57
C VAL C 523 -4.34 -6.45 -34.99
N LEU C 524 -4.72 -7.11 -36.08
CA LEU C 524 -4.05 -8.30 -36.58
C LEU C 524 -3.31 -7.98 -37.87
N THR C 525 -2.03 -8.34 -37.95
CA THR C 525 -1.27 -8.17 -39.18
C THR C 525 -0.40 -9.40 -39.41
N ASP C 526 0.25 -9.44 -40.56
CA ASP C 526 1.19 -10.51 -40.90
C ASP C 526 2.48 -10.33 -40.12
N SER C 527 3.20 -11.43 -39.94
CA SER C 527 4.36 -11.44 -39.06
C SER C 527 5.52 -12.16 -39.73
N ASN C 528 6.71 -11.92 -39.18
CA ASN C 528 7.94 -12.56 -39.64
C ASN C 528 8.58 -13.42 -38.57
N LYS C 529 7.90 -13.67 -37.46
CA LYS C 529 8.45 -14.48 -36.39
C LYS C 529 8.50 -15.95 -36.80
N LYS C 530 9.27 -16.73 -36.05
CA LYS C 530 9.40 -18.16 -36.27
C LYS C 530 9.04 -18.91 -35.00
N PHE C 531 8.22 -19.94 -35.13
CA PHE C 531 7.77 -20.75 -34.01
C PHE C 531 8.39 -22.15 -34.06
N GLN C 532 8.36 -22.81 -32.91
CA GLN C 532 8.65 -24.24 -32.83
C GLN C 532 7.52 -25.03 -33.47
N PRO C 533 7.77 -26.27 -33.87
CA PRO C 533 6.76 -27.01 -34.66
C PRO C 533 5.45 -27.24 -33.93
N PHE C 534 5.43 -27.23 -32.60
CA PHE C 534 4.21 -27.49 -31.83
C PHE C 534 3.82 -26.29 -30.97
N GLN C 535 4.14 -25.09 -31.42
CA GLN C 535 3.87 -23.88 -30.68
C GLN C 535 2.65 -23.17 -31.25
N GLN C 536 1.90 -22.51 -30.37
CA GLN C 536 0.63 -21.90 -30.76
C GLN C 536 0.56 -20.40 -30.56
N PHE C 537 1.16 -19.84 -29.52
CA PHE C 537 1.14 -18.40 -29.33
C PHE C 537 2.46 -17.96 -28.73
N GLY C 538 2.76 -16.68 -28.92
CA GLY C 538 3.97 -16.09 -28.38
C GLY C 538 3.67 -15.00 -27.38
N ARG C 539 4.47 -14.96 -26.32
CA ARG C 539 4.29 -14.01 -25.23
C ARG C 539 5.60 -13.28 -24.95
N ASP C 540 5.49 -12.00 -24.59
CA ASP C 540 6.63 -11.13 -24.38
C ASP C 540 6.96 -11.01 -22.89
N SER C 541 7.81 -10.04 -22.55
CA SER C 541 8.32 -9.92 -21.18
C SER C 541 7.27 -9.48 -20.19
N ALA C 542 6.26 -8.74 -20.61
CA ALA C 542 5.15 -8.36 -19.76
C ALA C 542 4.01 -9.37 -19.78
N ASP C 543 4.24 -10.57 -20.30
CA ASP C 543 3.16 -11.59 -20.42
C ASP C 543 2.03 -11.04 -21.31
N PHE C 544 2.35 -10.18 -22.27
CA PHE C 544 1.37 -9.70 -23.23
C PHE C 544 1.51 -10.51 -24.50
N THR C 545 0.43 -11.18 -24.92
CA THR C 545 0.49 -12.11 -26.04
C THR C 545 0.57 -11.30 -27.33
N ASP C 546 1.61 -11.55 -28.12
CA ASP C 546 1.89 -10.72 -29.28
C ASP C 546 1.82 -11.46 -30.61
N SER C 547 1.88 -12.78 -30.62
CA SER C 547 1.80 -13.55 -31.84
C SER C 547 0.81 -14.69 -31.66
N VAL C 548 0.10 -15.01 -32.74
CA VAL C 548 -0.80 -16.16 -32.76
C VAL C 548 -0.61 -16.91 -34.07
N LYS C 549 -1.09 -18.15 -34.08
CA LYS C 549 -1.02 -19.03 -35.24
C LYS C 549 -2.42 -19.44 -35.66
N ASP C 550 -2.73 -19.26 -36.93
CA ASP C 550 -4.06 -19.55 -37.45
C ASP C 550 -4.25 -21.05 -37.60
N PRO C 551 -5.30 -21.63 -37.02
CA PRO C 551 -5.50 -23.08 -37.10
C PRO C 551 -5.87 -23.61 -38.47
N LYS C 552 -6.26 -22.76 -39.42
CA LYS C 552 -6.59 -23.22 -40.76
C LYS C 552 -5.46 -23.00 -41.77
N THR C 553 -5.01 -21.76 -41.95
CA THR C 553 -3.99 -21.46 -42.93
C THR C 553 -2.57 -21.65 -42.41
N LEU C 554 -2.40 -21.91 -41.11
CA LEU C 554 -1.11 -22.14 -40.47
C LEU C 554 -0.14 -20.98 -40.63
N GLU C 555 -0.62 -19.74 -40.68
CA GLU C 555 0.24 -18.58 -40.80
C GLU C 555 0.34 -17.85 -39.47
N ILE C 556 1.44 -17.15 -39.29
CA ILE C 556 1.73 -16.46 -38.03
C ILE C 556 1.30 -15.01 -38.16
N LEU C 557 0.51 -14.55 -37.20
CA LEU C 557 0.02 -13.18 -37.18
C LEU C 557 0.48 -12.50 -35.91
N ASP C 558 0.62 -11.18 -35.97
CA ASP C 558 0.99 -10.39 -34.81
C ASP C 558 -0.14 -9.44 -34.42
N ILE C 559 -0.21 -9.16 -33.12
CA ILE C 559 -1.31 -8.44 -32.50
C ILE C 559 -0.76 -7.16 -31.89
N THR C 560 -1.39 -6.04 -32.21
CA THR C 560 -1.04 -4.79 -31.55
C THR C 560 -2.31 -4.12 -31.03
N PRO C 561 -2.24 -3.44 -29.89
CA PRO C 561 -3.40 -2.68 -29.41
C PRO C 561 -3.79 -1.59 -30.40
N CYS C 562 -5.09 -1.36 -30.53
CA CYS C 562 -5.54 -0.42 -31.54
C CYS C 562 -5.28 1.03 -31.15
N SER C 563 -5.13 1.32 -29.87
CA SER C 563 -4.71 2.65 -29.41
C SER C 563 -3.42 2.50 -28.62
N TYR C 564 -2.33 3.04 -29.16
CA TYR C 564 -1.06 3.07 -28.44
C TYR C 564 -0.20 4.20 -29.00
N GLY C 565 0.52 4.88 -28.12
CA GLY C 565 1.43 5.92 -28.54
C GLY C 565 1.28 7.23 -27.78
N GLY C 566 0.05 7.61 -27.45
CA GLY C 566 -0.17 8.84 -26.72
C GLY C 566 -0.66 9.98 -27.58
N VAL C 567 -1.75 10.62 -27.15
CA VAL C 567 -2.36 11.74 -27.85
C VAL C 567 -2.57 12.87 -26.85
N SER C 568 -2.20 14.08 -27.23
CA SER C 568 -2.38 15.24 -26.36
C SER C 568 -3.31 16.25 -27.01
N VAL C 569 -3.99 17.02 -26.18
CA VAL C 569 -4.95 18.03 -26.63
C VAL C 569 -4.60 19.37 -26.01
N ILE C 570 -4.57 20.41 -26.84
CA ILE C 570 -4.22 21.78 -26.46
C ILE C 570 -5.45 22.65 -26.54
N THR C 571 -5.74 23.37 -25.45
CA THR C 571 -6.92 24.22 -25.36
C THR C 571 -6.58 25.57 -24.72
N PRO C 572 -7.18 26.65 -25.22
CA PRO C 572 -7.04 27.97 -24.58
C PRO C 572 -8.05 28.26 -23.48
N GLY C 573 -8.88 27.32 -23.11
CA GLY C 573 -9.89 27.54 -22.09
C GLY C 573 -11.28 27.62 -22.69
N THR C 574 -12.20 26.84 -22.12
CA THR C 574 -13.57 26.79 -22.60
C THR C 574 -14.35 28.06 -22.33
N ASN C 575 -13.82 28.97 -21.51
CA ASN C 575 -14.50 30.27 -21.28
C ASN C 575 -14.07 31.28 -22.33
N THR C 576 -13.17 30.90 -23.21
CA THR C 576 -12.67 31.78 -24.25
C THR C 576 -12.98 31.28 -25.66
N SER C 577 -12.82 29.99 -25.91
CA SER C 577 -13.05 29.43 -27.24
C SER C 577 -13.35 27.94 -27.11
N ASP C 578 -13.86 27.36 -28.18
CA ASP C 578 -14.08 25.92 -28.27
C ASP C 578 -13.15 25.25 -29.27
N SER C 579 -12.09 25.93 -29.70
CA SER C 579 -11.14 25.36 -30.64
C SER C 579 -10.07 24.57 -29.90
N VAL C 580 -9.62 23.47 -30.51
CA VAL C 580 -8.62 22.62 -29.91
C VAL C 580 -7.56 22.27 -30.96
N ALA C 581 -6.38 21.90 -30.48
CA ALA C 581 -5.34 21.34 -31.33
C ALA C 581 -4.92 19.98 -30.80
N VAL C 582 -4.47 19.12 -31.70
CA VAL C 582 -4.15 17.74 -31.36
C VAL C 582 -2.69 17.45 -31.68
N LEU C 583 -1.98 16.87 -30.72
CA LEU C 583 -0.59 16.45 -30.89
C LEU C 583 -0.52 14.93 -30.88
N TYR C 584 0.05 14.36 -31.93
CA TYR C 584 0.26 12.91 -32.03
C TYR C 584 1.73 12.65 -31.75
N GLN C 585 2.02 12.14 -30.56
CA GLN C 585 3.39 12.13 -30.06
C GLN C 585 4.21 11.04 -30.73
N ASP C 586 5.39 11.42 -31.22
CA ASP C 586 6.38 10.48 -31.76
C ASP C 586 5.83 9.67 -32.93
N VAL C 587 5.07 10.32 -33.80
CA VAL C 587 4.54 9.68 -35.00
C VAL C 587 4.93 10.54 -36.19
N ASN C 588 5.49 9.92 -37.23
CA ASN C 588 5.77 10.76 -38.42
C ASN C 588 4.41 11.08 -38.98
N CYS C 589 4.32 12.26 -39.51
CA CYS C 589 3.03 12.91 -39.61
C CYS C 589 2.29 12.52 -40.89
N THR C 590 2.91 11.71 -41.75
CA THR C 590 2.20 11.09 -42.86
C THR C 590 1.60 9.73 -42.48
N ASP C 591 1.84 9.23 -41.27
CA ASP C 591 1.25 7.99 -40.80
C ASP C 591 0.07 8.21 -39.86
N VAL C 592 -0.43 9.44 -39.74
CA VAL C 592 -1.56 9.69 -38.85
C VAL C 592 -2.79 8.89 -39.22
N PRO C 593 -3.22 8.82 -40.49
CA PRO C 593 -4.43 8.04 -40.79
C PRO C 593 -4.34 6.58 -40.42
N THR C 594 -3.16 5.98 -40.55
CA THR C 594 -2.99 4.56 -40.29
C THR C 594 -3.07 4.21 -38.81
N MET C 595 -2.59 5.11 -37.95
CA MET C 595 -2.50 4.89 -36.48
C MET C 595 -3.80 5.29 -35.81
N LEU C 596 -4.47 6.31 -36.30
CA LEU C 596 -5.70 6.80 -35.71
C LEU C 596 -6.90 5.93 -36.07
N HIS C 597 -6.76 5.05 -37.08
CA HIS C 597 -7.85 4.23 -37.60
C HIS C 597 -8.99 5.11 -38.12
N MET C 598 -8.67 5.83 -39.20
CA MET C 598 -9.56 6.84 -39.75
C MET C 598 -10.89 6.24 -40.20
N ASP C 599 -10.90 4.98 -40.60
CA ASP C 599 -12.13 4.36 -41.11
C ASP C 599 -13.13 4.01 -40.01
N GLN C 600 -12.73 4.05 -38.74
CA GLN C 600 -13.60 3.63 -37.65
C GLN C 600 -13.88 4.74 -36.64
N VAL C 601 -13.58 5.99 -36.98
CA VAL C 601 -13.80 7.09 -36.07
C VAL C 601 -14.99 7.93 -36.57
N SER C 602 -15.45 8.82 -35.71
CA SER C 602 -16.57 9.69 -36.04
C SER C 602 -16.15 10.70 -37.11
N ASN C 603 -17.16 11.33 -37.71
CA ASN C 603 -16.92 12.30 -38.77
C ASN C 603 -16.17 13.52 -38.28
N ASP C 604 -16.46 13.96 -37.05
CA ASP C 604 -15.78 15.13 -36.49
C ASP C 604 -14.33 14.83 -36.12
N TRP C 605 -13.93 13.56 -36.09
CA TRP C 605 -12.56 13.21 -35.76
C TRP C 605 -11.65 13.17 -36.96
N ARG C 606 -12.18 12.97 -38.16
CA ARG C 606 -11.35 12.85 -39.35
C ARG C 606 -10.84 14.18 -39.87
N VAL C 607 -11.48 15.31 -39.51
CA VAL C 607 -10.94 16.59 -39.89
C VAL C 607 -9.57 16.81 -39.27
N TYR C 608 -9.30 16.18 -38.13
CA TYR C 608 -7.99 16.24 -37.48
C TYR C 608 -7.06 15.15 -37.98
N ALA C 609 -7.30 14.60 -39.18
CA ALA C 609 -6.38 13.62 -39.73
C ALA C 609 -6.00 13.89 -41.17
N VAL C 610 -6.37 15.03 -41.76
CA VAL C 610 -6.05 15.34 -43.14
C VAL C 610 -5.42 16.72 -43.20
N ASN C 611 -4.59 16.95 -44.20
CA ASN C 611 -3.77 18.16 -44.25
C ASN C 611 -4.63 19.42 -44.36
N THR C 612 -5.61 19.40 -45.24
CA THR C 612 -6.47 20.55 -45.53
C THR C 612 -5.56 21.71 -45.96
N ASP C 613 -5.77 22.91 -45.44
CA ASP C 613 -5.06 24.10 -45.89
C ASP C 613 -3.83 24.34 -45.02
N GLY C 614 -2.90 23.40 -45.06
CA GLY C 614 -1.68 23.53 -44.28
C GLY C 614 -1.94 23.65 -42.78
N ASN C 615 -2.79 22.77 -42.24
CA ASN C 615 -3.14 22.79 -40.83
C ASN C 615 -2.44 21.68 -40.06
N MET C 616 -1.50 20.98 -40.69
CA MET C 616 -0.69 19.99 -39.99
C MET C 616 0.77 20.31 -40.23
N PHE C 617 1.58 20.22 -39.19
CA PHE C 617 3.02 20.35 -39.42
C PHE C 617 3.78 19.51 -38.41
N GLN C 618 5.02 19.19 -38.78
CA GLN C 618 5.84 18.25 -38.02
C GLN C 618 6.77 19.01 -37.08
N THR C 619 6.86 18.53 -35.85
CA THR C 619 7.79 18.99 -34.84
C THR C 619 8.67 17.83 -34.41
N GLN C 620 9.59 18.11 -33.49
CA GLN C 620 10.40 17.04 -32.93
C GLN C 620 9.67 16.26 -31.84
N ALA C 621 8.48 16.70 -31.44
CA ALA C 621 7.62 15.96 -30.54
C ALA C 621 6.56 15.14 -31.27
N GLY C 622 6.21 15.51 -32.49
CA GLY C 622 5.24 14.77 -33.27
C GLY C 622 4.57 15.69 -34.27
N CYS C 623 3.51 15.17 -34.89
CA CYS C 623 2.68 15.97 -35.80
C CYS C 623 1.64 16.74 -34.99
N LEU C 624 1.55 18.04 -35.26
CA LEU C 624 0.57 18.90 -34.64
C LEU C 624 -0.47 19.28 -35.68
N VAL C 625 -1.75 19.14 -35.33
CA VAL C 625 -2.85 19.34 -36.26
C VAL C 625 -3.86 20.29 -35.63
N GLY C 626 -4.29 21.28 -36.40
CA GLY C 626 -5.30 22.22 -35.94
C GLY C 626 -4.76 23.59 -35.59
N ALA C 627 -3.49 23.85 -35.92
CA ALA C 627 -2.87 25.12 -35.64
C ALA C 627 -2.03 25.55 -36.83
N THR C 628 -1.85 26.86 -36.97
CA THR C 628 -1.05 27.43 -38.05
C THR C 628 0.31 27.86 -37.53
N TYR C 629 1.34 27.60 -38.31
CA TYR C 629 2.71 27.93 -37.92
C TYR C 629 3.04 29.36 -38.28
N ASP C 630 3.76 30.04 -37.39
CA ASP C 630 4.21 31.40 -37.58
C ASP C 630 5.73 31.46 -37.54
N ASN C 631 6.30 32.36 -38.34
CA ASN C 631 7.75 32.48 -38.44
C ASN C 631 8.34 33.47 -37.45
N THR C 632 7.53 34.20 -36.69
CA THR C 632 8.03 35.08 -35.66
C THR C 632 8.14 34.34 -34.33
N SER C 633 8.84 34.96 -33.39
CA SER C 633 9.08 34.38 -32.08
C SER C 633 8.50 35.27 -31.00
N TYR C 634 7.92 34.65 -29.97
CA TYR C 634 7.39 35.36 -28.82
C TYR C 634 7.79 34.61 -27.55
N GLU C 635 7.29 35.07 -26.41
CA GLU C 635 7.48 34.39 -25.15
C GLU C 635 6.41 33.33 -24.99
N CYS C 636 6.79 32.20 -24.40
CA CYS C 636 6.00 30.99 -24.54
C CYS C 636 4.78 31.05 -23.62
N ASP C 637 3.62 30.63 -24.14
CA ASP C 637 2.37 30.65 -23.40
C ASP C 637 1.93 29.26 -22.95
N ILE C 638 1.73 28.33 -23.86
CA ILE C 638 1.44 26.94 -23.55
C ILE C 638 2.54 26.09 -24.13
N PRO C 639 3.29 25.34 -23.33
CA PRO C 639 4.46 24.62 -23.85
C PRO C 639 4.10 23.32 -24.55
N VAL C 640 4.29 23.25 -25.85
CA VAL C 640 4.06 22.02 -26.59
C VAL C 640 5.25 21.08 -26.47
N GLY C 641 6.45 21.58 -26.71
CA GLY C 641 7.65 20.79 -26.52
C GLY C 641 8.64 20.98 -27.65
N ALA C 642 9.88 20.55 -27.39
CA ALA C 642 10.99 20.63 -28.34
C ALA C 642 11.18 22.02 -28.90
N GLY C 643 10.99 23.04 -28.08
CA GLY C 643 11.12 24.42 -28.52
C GLY C 643 9.91 25.00 -29.23
N VAL C 644 8.76 24.36 -29.15
CA VAL C 644 7.53 24.84 -29.79
C VAL C 644 6.51 25.15 -28.71
N CYS C 645 5.89 26.33 -28.79
CA CYS C 645 4.80 26.73 -27.92
C CYS C 645 3.63 27.23 -28.75
N ALA C 646 2.50 27.43 -28.08
CA ALA C 646 1.25 27.78 -28.75
C ALA C 646 0.49 28.83 -27.95
N LYS C 647 -0.37 29.57 -28.64
CA LYS C 647 -1.16 30.62 -28.01
C LYS C 647 -2.44 30.86 -28.82
N PHE C 648 -3.29 31.74 -28.32
CA PHE C 648 -4.59 32.04 -28.93
C PHE C 648 -4.56 33.37 -29.66
N GLN C 649 -5.20 33.40 -30.83
CA GLN C 649 -5.27 34.59 -31.66
C GLN C 649 -6.71 34.85 -32.09
N THR C 650 -7.10 36.13 -32.11
CA THR C 650 -8.39 36.52 -32.65
C THR C 650 -8.25 36.67 -34.15
N THR C 651 -8.71 35.67 -34.90
CA THR C 651 -8.45 35.56 -36.32
C THR C 651 -9.55 36.22 -37.14
N THR C 652 -9.17 36.71 -38.32
CA THR C 652 -10.10 37.42 -39.20
C THR C 652 -10.04 36.85 -40.61
N ARG C 653 -8.86 36.38 -41.02
CA ARG C 653 -8.67 35.86 -42.37
C ARG C 653 -9.48 34.59 -42.58
N ALA C 654 -9.36 34.03 -43.78
CA ALA C 654 -10.01 32.77 -44.08
C ALA C 654 -8.97 31.65 -44.18
N LYS C 655 -9.44 30.41 -43.98
CA LYS C 655 -8.60 29.23 -44.02
C LYS C 655 -7.42 29.32 -43.04
N GLN C 656 -7.71 29.66 -41.78
CA GLN C 656 -6.71 29.77 -40.73
C GLN C 656 -7.27 29.21 -39.43
N SER C 657 -6.37 28.84 -38.52
CA SER C 657 -6.78 28.36 -37.22
C SER C 657 -6.79 29.51 -36.21
N SER C 658 -7.45 29.27 -35.09
CA SER C 658 -7.46 30.23 -33.99
C SER C 658 -6.32 30.02 -33.01
N ILE C 659 -5.56 28.94 -33.18
CA ILE C 659 -4.40 28.65 -32.34
C ILE C 659 -3.15 28.84 -33.18
N LEU C 660 -2.19 29.58 -32.64
CA LEU C 660 -0.97 29.93 -33.35
C LEU C 660 0.21 29.24 -32.67
N ALA C 661 1.01 28.53 -33.45
CA ALA C 661 2.16 27.77 -32.95
C ALA C 661 3.45 28.40 -33.45
N TYR C 662 4.45 28.48 -32.57
CA TYR C 662 5.67 29.21 -32.89
C TYR C 662 6.84 28.59 -32.14
N THR C 663 8.03 29.08 -32.47
CA THR C 663 9.27 28.70 -31.80
C THR C 663 9.63 29.73 -30.75
N MET C 664 9.99 29.25 -29.57
CA MET C 664 10.28 30.09 -28.41
C MET C 664 11.49 30.99 -28.67
N SER C 665 11.44 32.20 -28.12
CA SER C 665 12.51 33.17 -28.24
C SER C 665 13.34 33.20 -26.97
N LEU C 666 14.66 33.13 -27.14
CA LEU C 666 15.60 33.13 -26.02
C LEU C 666 15.86 34.51 -25.44
N GLY C 667 15.58 35.57 -26.18
CA GLY C 667 15.86 36.92 -25.75
C GLY C 667 16.34 37.78 -26.90
N GLU C 668 16.76 38.99 -26.56
CA GLU C 668 17.19 39.97 -27.55
C GLU C 668 18.69 39.91 -27.78
N ASP C 669 19.11 40.35 -28.96
CA ASP C 669 20.52 40.39 -29.29
C ASP C 669 21.13 41.73 -28.89
N SER C 670 22.41 41.69 -28.55
CA SER C 670 23.15 42.87 -28.12
C SER C 670 24.29 43.15 -29.09
N ASN C 671 24.59 44.43 -29.28
CA ASN C 671 25.62 44.86 -30.21
C ASN C 671 26.84 45.42 -29.48
N VAL C 672 27.13 44.94 -28.28
CA VAL C 672 28.31 45.37 -27.55
C VAL C 672 29.53 44.65 -28.12
N ALA C 673 30.56 45.41 -28.44
CA ALA C 673 31.76 44.89 -29.09
C ALA C 673 32.97 45.06 -28.18
N TYR C 674 33.97 44.21 -28.41
CA TYR C 674 35.19 44.21 -27.61
C TYR C 674 36.05 45.43 -27.90
N SER C 675 36.81 45.85 -26.88
CA SER C 675 37.75 46.95 -27.01
C SER C 675 38.95 46.67 -26.13
N ASN C 676 40.07 47.30 -26.48
CA ASN C 676 41.36 47.09 -25.78
C ASN C 676 41.92 48.41 -25.24
N ASN C 677 41.19 49.52 -25.37
CA ASN C 677 41.66 50.78 -24.82
C ASN C 677 40.55 51.68 -24.29
N SER C 678 39.30 51.24 -24.25
CA SER C 678 38.19 52.08 -23.81
C SER C 678 37.39 51.39 -22.71
N ILE C 679 36.69 52.20 -21.93
CA ILE C 679 35.85 51.74 -20.84
C ILE C 679 34.57 52.56 -20.80
N ALA C 680 33.54 52.01 -20.18
CA ALA C 680 32.26 52.69 -20.01
C ALA C 680 31.97 52.82 -18.52
N ILE C 681 31.67 54.03 -18.08
CA ILE C 681 31.45 54.34 -16.67
C ILE C 681 30.11 55.04 -16.54
N PRO C 682 29.25 54.63 -15.61
CA PRO C 682 27.94 55.26 -15.48
C PRO C 682 28.00 56.66 -14.89
N THR C 683 26.93 57.41 -15.15
CA THR C 683 26.77 58.79 -14.70
C THR C 683 25.60 58.98 -13.76
N ASN C 684 24.48 58.31 -13.97
CA ASN C 684 23.38 58.44 -12.98
C ASN C 684 23.08 57.06 -12.39
N PHE C 685 21.98 56.97 -11.65
CA PHE C 685 21.53 55.74 -11.03
C PHE C 685 20.02 55.76 -10.88
N THR C 686 19.47 54.61 -10.54
CA THR C 686 18.04 54.43 -10.30
C THR C 686 17.86 53.61 -9.02
N ILE C 687 16.85 53.98 -8.24
CA ILE C 687 16.46 53.22 -7.05
C ILE C 687 15.24 52.39 -7.41
N SER C 688 15.38 51.07 -7.27
CA SER C 688 14.32 50.13 -7.63
C SER C 688 13.84 49.38 -6.40
N VAL C 689 12.56 49.00 -6.40
CA VAL C 689 11.97 48.17 -5.35
C VAL C 689 11.35 46.95 -6.00
N THR C 690 11.70 45.76 -5.49
CA THR C 690 11.29 44.49 -6.07
C THR C 690 10.68 43.61 -4.99
N THR C 691 9.71 42.79 -5.37
CA THR C 691 9.00 41.93 -4.43
C THR C 691 9.43 40.47 -4.58
N GLU C 692 9.40 39.74 -3.46
CA GLU C 692 9.68 38.31 -3.47
C GLU C 692 8.77 37.63 -2.47
N VAL C 693 8.02 36.61 -2.91
CA VAL C 693 7.04 35.93 -2.06
C VAL C 693 7.55 34.52 -1.74
N LEU C 694 7.35 34.09 -0.50
CA LEU C 694 7.77 32.76 -0.06
C LEU C 694 6.79 32.18 0.94
N PRO C 695 6.32 30.96 0.71
CA PRO C 695 5.50 30.26 1.71
C PRO C 695 6.31 29.72 2.88
N VAL C 696 5.69 29.71 4.04
CA VAL C 696 6.35 29.21 5.26
C VAL C 696 5.57 28.14 6.00
N SER C 697 4.25 28.02 5.83
CA SER C 697 3.49 27.10 6.68
C SER C 697 2.31 26.53 5.91
N MET C 698 1.80 25.41 6.42
CA MET C 698 0.64 24.72 5.86
C MET C 698 -0.42 24.56 6.94
N THR C 699 -1.66 24.35 6.50
CA THR C 699 -2.72 24.07 7.46
C THR C 699 -2.50 22.70 8.08
N LYS C 700 -2.74 22.61 9.39
CA LYS C 700 -2.51 21.37 10.12
C LYS C 700 -3.84 20.66 10.35
N THR C 701 -3.85 19.37 10.05
CA THR C 701 -5.04 18.54 10.10
C THR C 701 -4.84 17.35 11.03
N ALA C 702 -5.95 16.77 11.46
CA ALA C 702 -5.96 15.57 12.28
C ALA C 702 -7.04 14.62 11.78
N VAL C 703 -6.78 13.32 11.93
CA VAL C 703 -7.71 12.28 11.49
C VAL C 703 -8.03 11.40 12.68
N ASP C 704 -9.24 10.87 12.70
CA ASP C 704 -9.66 9.81 13.62
C ASP C 704 -9.68 8.50 12.83
N CYS C 705 -8.85 7.54 13.25
CA CYS C 705 -8.84 6.24 12.61
C CYS C 705 -10.19 5.56 12.67
N ASN C 706 -10.74 5.42 13.88
CA ASN C 706 -11.97 4.66 14.07
C ASN C 706 -13.14 5.32 13.36
N MET C 707 -13.27 6.64 13.50
CA MET C 707 -14.38 7.34 12.89
C MET C 707 -14.33 7.25 11.37
N TYR C 708 -13.15 7.39 10.77
CA TYR C 708 -13.05 7.35 9.31
C TYR C 708 -13.27 5.94 8.78
N ILE C 709 -12.63 4.94 9.38
CA ILE C 709 -12.67 3.60 8.84
C ILE C 709 -13.99 2.89 9.16
N CYS C 710 -14.42 2.92 10.43
CA CYS C 710 -15.51 2.08 10.87
C CYS C 710 -16.76 2.85 11.27
N GLY C 711 -16.74 4.18 11.21
CA GLY C 711 -17.90 4.96 11.60
C GLY C 711 -18.24 4.74 13.06
N ASP C 712 -19.50 4.38 13.32
CA ASP C 712 -19.96 4.00 14.65
C ASP C 712 -20.54 2.59 14.52
N SER C 713 -19.73 1.60 14.87
CA SER C 713 -20.09 0.20 14.69
C SER C 713 -19.18 -0.64 15.58
N THR C 714 -19.79 -1.40 16.49
CA THR C 714 -19.02 -2.22 17.41
C THR C 714 -18.27 -3.34 16.71
N GLU C 715 -18.92 -3.99 15.74
CA GLU C 715 -18.28 -5.13 15.08
C GLU C 715 -17.09 -4.70 14.26
N CYS C 716 -17.22 -3.60 13.50
CA CYS C 716 -16.09 -3.08 12.75
C CYS C 716 -14.95 -2.67 13.67
N SER C 717 -15.28 -2.03 14.79
CA SER C 717 -14.24 -1.63 15.73
C SER C 717 -13.50 -2.83 16.31
N SER C 718 -14.23 -3.87 16.70
CA SER C 718 -13.61 -5.07 17.23
C SER C 718 -12.82 -5.83 16.16
N LEU C 719 -13.14 -5.62 14.88
CA LEU C 719 -12.36 -6.20 13.80
C LEU C 719 -11.15 -5.36 13.41
N LEU C 720 -11.14 -4.08 13.76
CA LEU C 720 -10.00 -3.23 13.41
C LEU C 720 -8.85 -3.37 14.39
N LEU C 721 -9.09 -3.96 15.56
CA LEU C 721 -8.02 -4.17 16.53
C LEU C 721 -7.01 -5.22 16.10
N GLN C 722 -7.39 -6.12 15.19
CA GLN C 722 -6.49 -7.19 14.76
C GLN C 722 -5.67 -6.81 13.54
N TYR C 723 -5.75 -5.57 13.08
CA TYR C 723 -4.86 -5.08 12.03
C TYR C 723 -3.65 -4.37 12.59
N GLY C 724 -3.49 -4.33 13.91
CA GLY C 724 -2.27 -3.84 14.51
C GLY C 724 -2.29 -2.38 14.92
N SER C 725 -1.14 -1.73 14.83
CA SER C 725 -0.97 -0.32 15.15
C SER C 725 -0.90 0.54 13.91
N PHE C 726 -1.67 0.20 12.88
CA PHE C 726 -1.59 0.90 11.60
C PHE C 726 -2.11 2.33 11.66
N CYS C 727 -2.86 2.69 12.70
CA CYS C 727 -3.26 4.08 12.85
C CYS C 727 -2.88 4.72 14.17
N GLN C 728 -2.36 3.97 15.14
CA GLN C 728 -1.55 4.60 16.16
C GLN C 728 -0.31 5.21 15.55
N GLN C 729 0.29 4.54 14.57
CA GLN C 729 1.45 5.02 13.85
C GLN C 729 1.10 6.08 12.81
N LEU C 730 -0.13 6.07 12.32
CA LEU C 730 -0.62 7.05 11.37
C LEU C 730 -1.00 8.37 12.03
N ASN C 731 -1.03 8.42 13.36
CA ASN C 731 -1.32 9.63 14.11
C ASN C 731 -0.07 10.40 14.49
N ARG C 732 1.01 9.71 14.84
CA ARG C 732 2.25 10.39 15.20
C ARG C 732 2.83 11.16 14.03
N ALA C 733 2.71 10.62 12.82
CA ALA C 733 3.22 11.31 11.64
C ALA C 733 2.52 12.63 11.42
N LEU C 734 1.19 12.62 11.45
CA LEU C 734 0.42 13.84 11.27
C LEU C 734 0.58 14.81 12.44
N ALA C 735 0.80 14.32 13.65
CA ALA C 735 1.10 15.19 14.78
C ALA C 735 2.45 15.87 14.65
N GLY C 736 3.48 15.16 14.19
CA GLY C 736 4.75 15.79 13.94
C GLY C 736 4.70 16.83 12.83
N VAL C 737 3.97 16.53 11.75
CA VAL C 737 3.79 17.52 10.70
C VAL C 737 3.13 18.77 11.24
N SER C 738 2.15 18.62 12.14
CA SER C 738 1.46 19.75 12.74
C SER C 738 2.31 20.56 13.70
N VAL C 739 3.14 19.90 14.52
CA VAL C 739 4.00 20.63 15.44
C VAL C 739 5.17 21.29 14.72
N GLU C 740 5.51 20.84 13.52
CA GLU C 740 6.57 21.49 12.75
C GLU C 740 6.14 22.81 12.12
N GLN C 741 4.84 22.97 11.83
CA GLN C 741 4.35 24.16 11.15
C GLN C 741 4.48 25.42 12.02
N ASP C 742 4.28 25.29 13.33
CA ASP C 742 4.48 26.41 14.24
C ASP C 742 5.94 26.77 14.40
N LYS C 743 6.83 25.78 14.42
CA LYS C 743 8.26 26.07 14.43
C LYS C 743 8.68 26.79 13.16
N ASN C 744 8.07 26.46 12.03
CA ASN C 744 8.39 27.14 10.78
C ASN C 744 8.13 28.65 10.90
N THR C 745 6.98 29.03 11.46
CA THR C 745 6.66 30.44 11.64
C THR C 745 7.51 31.10 12.71
N GLN C 746 7.81 30.39 13.79
CA GLN C 746 8.67 30.90 14.85
C GLN C 746 10.07 31.25 14.36
N ASP C 747 10.68 30.38 13.53
CA ASP C 747 12.04 30.67 13.08
C ASP C 747 12.09 31.84 12.10
N VAL C 748 10.98 32.17 11.46
CA VAL C 748 10.99 33.25 10.48
C VAL C 748 10.66 34.59 11.11
N PHE C 749 9.65 34.66 11.97
CA PHE C 749 9.21 35.98 12.42
C PHE C 749 9.75 36.39 13.79
N ALA C 750 9.95 35.44 14.70
CA ALA C 750 10.33 35.78 16.07
C ALA C 750 11.83 35.61 16.33
N GLN C 751 12.68 36.36 15.63
CA GLN C 751 14.10 36.33 15.96
C GLN C 751 14.61 37.58 16.69
N VAL C 752 13.79 38.62 16.81
CA VAL C 752 14.08 39.74 17.71
C VAL C 752 13.07 39.69 18.85
N LYS C 753 13.55 39.97 20.07
CA LYS C 753 12.75 39.82 21.27
C LYS C 753 12.38 41.16 21.89
N SER C 754 12.61 42.26 21.18
CA SER C 754 12.29 43.59 21.64
C SER C 754 11.30 44.22 20.67
N ILE C 755 10.32 44.92 21.22
CA ILE C 755 9.23 45.49 20.43
C ILE C 755 9.53 46.97 20.26
N TYR C 756 10.09 47.32 19.11
CA TYR C 756 10.42 48.69 18.77
C TYR C 756 9.21 49.40 18.18
N LYS C 757 9.01 50.64 18.59
CA LYS C 757 7.85 51.42 18.14
C LYS C 757 8.31 52.79 17.67
N VAL C 758 7.87 53.20 16.49
CA VAL C 758 8.11 54.54 15.98
C VAL C 758 6.87 55.00 15.22
N SER C 759 6.64 56.31 15.22
CA SER C 759 5.48 56.87 14.54
C SER C 759 5.71 56.88 13.03
N ALA C 760 4.60 56.98 12.29
CA ALA C 760 4.62 56.97 10.83
C ALA C 760 4.65 58.35 10.22
N ILE C 761 4.28 59.37 10.99
CA ILE C 761 4.14 60.72 10.46
C ILE C 761 5.41 61.50 10.79
N LYS C 762 6.48 60.78 11.12
CA LYS C 762 7.75 61.41 11.42
C LYS C 762 8.35 61.96 10.12
N ASP C 763 9.53 62.57 10.22
CA ASP C 763 10.11 63.23 9.05
C ASP C 763 10.95 62.25 8.22
N PHE C 764 11.99 61.70 8.81
CA PHE C 764 12.92 60.75 8.22
C PHE C 764 13.62 61.30 6.98
N GLY C 765 13.52 62.60 6.70
CA GLY C 765 14.26 63.19 5.60
C GLY C 765 13.62 63.05 4.24
N GLY C 766 12.29 63.05 4.16
CA GLY C 766 11.59 62.93 2.91
C GLY C 766 11.19 61.53 2.52
N PHE C 767 11.57 60.53 3.30
CA PHE C 767 11.15 59.15 3.05
C PHE C 767 9.81 58.92 3.75
N ASN C 768 8.82 58.43 3.01
CA ASN C 768 7.41 58.53 3.48
C ASN C 768 7.08 57.41 4.48
N PHE C 769 7.59 56.20 4.30
CA PHE C 769 7.48 55.14 5.27
C PHE C 769 6.06 54.90 5.80
N SER C 770 5.07 54.93 4.92
CA SER C 770 3.71 54.53 5.30
C SER C 770 3.45 53.06 4.96
N GLN C 771 4.27 52.17 5.55
CA GLN C 771 4.09 50.70 5.44
C GLN C 771 4.19 50.14 6.86
N ILE C 772 4.17 51.02 7.87
CA ILE C 772 4.20 50.60 9.26
C ILE C 772 2.78 50.66 9.80
N LEU C 773 2.61 50.11 11.01
CA LEU C 773 1.34 50.07 11.73
C LEU C 773 0.70 51.45 11.62
N PRO C 774 -0.37 51.59 10.83
CA PRO C 774 -0.82 52.92 10.45
C PRO C 774 -1.82 53.49 11.44
N ASP C 775 -1.51 54.68 11.94
CA ASP C 775 -2.38 55.42 12.84
C ASP C 775 -2.85 54.52 13.98
N PRO C 776 -2.01 54.25 14.98
CA PRO C 776 -2.39 53.34 16.08
C PRO C 776 -3.83 53.52 16.58
N ALA C 777 -4.38 54.72 16.40
CA ALA C 777 -5.81 54.96 16.62
C ALA C 777 -6.55 54.65 15.32
N LYS C 778 -6.61 53.36 15.00
CA LYS C 778 -7.35 52.83 13.87
C LYS C 778 -7.55 51.33 14.03
N PRO C 779 -8.68 50.78 13.52
CA PRO C 779 -8.99 49.36 13.68
C PRO C 779 -7.82 48.47 13.24
N SER C 780 -7.48 48.51 11.95
CA SER C 780 -6.43 47.59 11.45
C SER C 780 -5.11 47.80 12.20
N LYS C 781 -4.55 46.73 12.75
CA LYS C 781 -3.22 46.79 13.38
C LYS C 781 -2.25 46.26 12.33
N ARG C 782 -2.55 46.49 11.06
CA ARG C 782 -1.76 46.01 9.93
C ARG C 782 -1.55 47.18 8.98
N SER C 783 -0.44 47.22 8.25
CA SER C 783 -0.16 48.29 7.29
C SER C 783 -1.09 48.28 6.09
N PRO C 784 -1.16 49.38 5.31
CA PRO C 784 -1.94 49.41 4.08
C PRO C 784 -1.55 48.38 3.00
N ILE C 785 -0.30 47.93 2.93
CA ILE C 785 0.10 46.91 1.97
C ILE C 785 -0.32 45.52 2.45
N GLU C 786 -0.17 45.25 3.75
CA GLU C 786 -0.49 43.93 4.26
C GLU C 786 -1.98 43.63 4.21
N ASP C 787 -2.83 44.64 4.44
CA ASP C 787 -4.26 44.40 4.35
C ASP C 787 -4.68 44.16 2.91
N LEU C 788 -3.99 44.78 1.96
CA LEU C 788 -4.21 44.47 0.55
C LEU C 788 -3.80 43.04 0.22
N LEU C 789 -2.64 42.58 0.74
CA LEU C 789 -2.24 41.20 0.53
C LEU C 789 -3.20 40.21 1.16
N TYR C 790 -3.81 40.58 2.29
CA TYR C 790 -4.75 39.71 2.97
C TYR C 790 -6.13 39.72 2.33
N ASN C 791 -6.29 40.43 1.21
CA ASN C 791 -7.59 40.45 0.51
C ASN C 791 -7.45 39.77 -0.84
N LYS C 792 -6.25 39.73 -1.40
CA LYS C 792 -6.04 39.13 -2.74
C LYS C 792 -6.00 37.61 -2.62
N VAL C 793 -5.38 37.08 -1.57
CA VAL C 793 -5.25 35.60 -1.42
C VAL C 793 -6.54 35.08 -0.78
N THR C 794 -7.44 34.55 -1.58
CA THR C 794 -8.75 34.05 -1.07
C THR C 794 -8.56 32.74 -0.31
N LEU C 795 -8.89 32.73 0.98
CA LEU C 795 -8.68 31.52 1.81
C LEU C 795 -9.89 30.60 1.68
N ALA C 796 -9.95 29.56 2.52
CA ALA C 796 -11.07 28.58 2.46
C ALA C 796 -11.92 28.69 3.74
N ASP C 797 -12.96 27.87 3.86
CA ASP C 797 -13.87 27.94 5.03
C ASP C 797 -13.01 28.08 6.29
N PRO C 798 -13.17 29.16 7.09
CA PRO C 798 -12.30 29.39 8.25
C PRO C 798 -12.87 28.96 9.61
N GLY C 799 -13.72 27.94 9.65
CA GLY C 799 -14.26 27.45 10.93
C GLY C 799 -15.76 27.61 11.01
N PHE C 800 -16.50 26.50 10.94
CA PHE C 800 -17.98 26.59 10.90
C PHE C 800 -18.49 27.28 12.15
N MET C 801 -18.54 26.55 13.26
CA MET C 801 -19.13 27.14 14.48
C MET C 801 -18.29 28.36 14.90
N LYS C 802 -17.13 28.55 14.26
CA LYS C 802 -16.31 29.76 14.57
C LYS C 802 -16.75 30.91 13.65
N GLN C 803 -17.45 30.59 12.56
CA GLN C 803 -17.98 31.64 11.65
C GLN C 803 -19.50 31.49 11.57
N TYR C 804 -20.18 31.50 12.72
CA TYR C 804 -21.65 31.35 12.77
C TYR C 804 -22.05 30.22 11.80
N GLY C 805 -21.70 28.98 12.15
CA GLY C 805 -22.05 27.84 11.29
C GLY C 805 -22.55 26.67 12.12
N ASP C 806 -23.36 25.80 11.52
CA ASP C 806 -23.84 24.60 12.25
C ASP C 806 -24.04 23.48 11.24
N CYS C 807 -23.43 22.33 11.51
CA CYS C 807 -23.53 21.20 10.57
C CYS C 807 -24.91 20.57 10.73
N LEU C 808 -25.74 21.14 11.62
CA LEU C 808 -27.13 20.65 11.76
C LEU C 808 -28.07 21.72 11.20
N GLY C 809 -29.16 21.30 10.55
CA GLY C 809 -30.11 22.25 9.96
C GLY C 809 -29.46 23.02 8.82
N GLY C 810 -28.85 24.18 9.14
CA GLY C 810 -28.21 25.01 8.11
C GLY C 810 -26.89 24.45 7.64
N VAL C 811 -26.94 23.34 6.88
CA VAL C 811 -25.70 22.73 6.33
C VAL C 811 -25.74 22.87 4.81
N ASN C 812 -26.48 23.87 4.31
CA ASN C 812 -26.64 24.01 2.84
C ASN C 812 -27.22 22.69 2.33
N ALA C 813 -27.14 22.43 1.03
CA ALA C 813 -27.57 21.09 0.57
C ALA C 813 -26.68 20.11 1.32
N ARG C 814 -25.42 20.49 1.56
CA ARG C 814 -24.46 19.67 2.33
C ARG C 814 -23.22 20.56 2.45
N ASP C 815 -22.31 20.30 3.37
CA ASP C 815 -21.17 21.26 3.40
C ASP C 815 -19.87 20.47 3.34
N LEU C 816 -19.00 20.84 2.41
CA LEU C 816 -17.68 20.19 2.37
C LEU C 816 -17.18 20.08 3.80
N ILE C 817 -17.19 21.19 4.52
CA ILE C 817 -16.61 21.17 5.89
C ILE C 817 -17.45 20.27 6.79
N CYS C 818 -18.71 20.05 6.46
CA CYS C 818 -19.54 19.31 7.44
C CYS C 818 -19.39 17.81 7.20
N ALA C 819 -19.14 17.40 5.96
CA ALA C 819 -18.95 15.97 5.66
C ALA C 819 -17.57 15.54 6.17
N GLN C 820 -16.69 16.48 6.39
CA GLN C 820 -15.36 16.21 6.92
C GLN C 820 -15.40 15.88 8.41
N LYS C 821 -16.05 16.70 9.23
CA LYS C 821 -16.08 16.41 10.66
C LYS C 821 -17.06 15.30 11.00
N PHE C 822 -17.99 14.98 10.12
CA PHE C 822 -18.81 13.79 10.31
C PHE C 822 -18.03 12.52 10.06
N ASN C 823 -16.81 12.62 9.55
CA ASN C 823 -16.00 11.47 9.21
C ASN C 823 -14.62 11.50 9.86
N GLY C 824 -14.42 12.33 10.88
CA GLY C 824 -13.18 12.33 11.64
C GLY C 824 -12.04 13.14 11.08
N LEU C 825 -12.31 14.18 10.31
CA LEU C 825 -11.30 14.97 9.63
C LEU C 825 -11.38 16.40 10.14
N THR C 826 -10.39 16.83 10.92
CA THR C 826 -10.44 18.13 11.57
C THR C 826 -9.26 19.00 11.16
N VAL C 827 -9.46 20.32 11.20
CA VAL C 827 -8.43 21.30 10.90
C VAL C 827 -8.17 22.11 12.16
N LEU C 828 -6.90 22.17 12.58
CA LEU C 828 -6.48 22.85 13.80
C LEU C 828 -6.09 24.30 13.51
N PRO C 829 -6.27 25.20 14.47
CA PRO C 829 -5.89 26.60 14.25
C PRO C 829 -4.44 26.84 14.60
N PRO C 830 -3.82 27.86 14.01
CA PRO C 830 -2.42 28.17 14.32
C PRO C 830 -2.24 28.67 15.74
N LEU C 831 -0.99 28.72 16.18
CA LEU C 831 -0.68 29.19 17.53
C LEU C 831 -0.42 30.70 17.55
N LEU C 832 0.19 31.22 16.50
CA LEU C 832 0.39 32.66 16.34
C LEU C 832 -0.76 33.22 15.53
N THR C 833 -1.40 34.26 16.07
CA THR C 833 -2.54 34.85 15.37
C THR C 833 -2.05 35.83 14.31
N ASP C 834 -3.01 36.29 13.49
CA ASP C 834 -2.69 37.28 12.46
C ASP C 834 -2.17 38.56 13.08
N ASP C 835 -2.79 39.02 14.16
CA ASP C 835 -2.36 40.21 14.88
C ASP C 835 -0.98 40.05 15.51
N MET C 836 -0.61 38.85 15.96
CA MET C 836 0.72 38.61 16.49
C MET C 836 1.81 38.59 15.42
N ILE C 837 1.55 38.02 14.25
CA ILE C 837 2.53 38.12 13.17
C ILE C 837 2.60 39.54 12.61
N ALA C 838 1.52 40.29 12.65
CA ALA C 838 1.56 41.68 12.21
C ALA C 838 2.30 42.59 13.17
N ALA C 839 2.37 42.23 14.45
CA ALA C 839 3.13 43.03 15.41
C ALA C 839 4.62 42.75 15.32
N TYR C 840 4.99 41.51 15.01
CA TYR C 840 6.39 41.17 14.83
C TYR C 840 6.99 41.92 13.65
N THR C 841 6.24 42.01 12.56
CA THR C 841 6.66 42.73 11.37
C THR C 841 6.75 44.23 11.58
N SER C 842 5.80 44.83 12.30
CA SER C 842 5.83 46.25 12.60
C SER C 842 7.01 46.63 13.49
N ALA C 843 7.61 45.68 14.20
CA ALA C 843 8.80 45.92 14.99
C ALA C 843 10.08 45.64 14.24
N LEU C 844 10.05 44.84 13.18
CA LEU C 844 11.21 44.61 12.35
C LEU C 844 11.43 45.74 11.34
N VAL C 845 10.43 46.59 11.12
CA VAL C 845 10.55 47.68 10.18
C VAL C 845 10.77 48.99 10.91
N SER C 846 10.25 49.13 12.13
CA SER C 846 10.51 50.29 12.97
C SER C 846 11.87 50.24 13.65
N GLY C 847 12.59 49.14 13.52
CA GLY C 847 13.93 49.04 14.07
C GLY C 847 15.00 49.36 13.05
N THR C 848 14.65 49.31 11.77
CA THR C 848 15.53 49.75 10.70
C THR C 848 15.42 51.25 10.46
N ALA C 849 14.42 51.90 11.02
CA ALA C 849 14.27 53.35 10.96
C ALA C 849 14.73 54.01 12.24
N LEU C 850 15.40 53.27 13.12
CA LEU C 850 15.87 53.81 14.37
C LEU C 850 17.35 53.48 14.57
N SER C 851 17.81 52.36 14.03
CA SER C 851 19.13 51.86 14.36
C SER C 851 19.93 51.42 13.14
N GLY C 852 19.27 51.06 12.07
CA GLY C 852 19.94 50.46 10.92
C GLY C 852 19.92 48.94 11.01
N PHE C 853 21.08 48.33 11.19
CA PHE C 853 21.16 46.90 11.45
C PHE C 853 22.05 46.61 12.66
N THR C 854 21.99 47.46 13.66
CA THR C 854 22.69 47.24 14.92
C THR C 854 21.84 46.49 15.94
N PHE C 855 20.56 46.27 15.66
CA PHE C 855 19.72 45.52 16.58
C PHE C 855 19.75 44.02 16.30
N GLY C 856 20.41 43.60 15.21
CA GLY C 856 20.65 42.21 14.93
C GLY C 856 22.01 41.70 15.36
N ALA C 857 22.87 42.57 15.89
CA ALA C 857 24.17 42.17 16.43
C ALA C 857 24.32 42.55 17.89
N GLY C 858 23.25 42.98 18.56
CA GLY C 858 23.32 43.44 19.92
C GLY C 858 22.20 44.41 20.24
N PRO C 859 22.46 45.31 21.19
CA PRO C 859 21.44 46.29 21.55
C PRO C 859 21.27 47.37 20.50
N ALA C 860 20.07 47.95 20.47
CA ALA C 860 19.76 48.98 19.49
C ALA C 860 20.62 50.22 19.72
N LEU C 861 21.13 50.79 18.63
CA LEU C 861 22.09 51.89 18.70
C LEU C 861 21.59 52.98 17.75
N GLN C 862 20.98 54.02 18.31
CA GLN C 862 20.24 54.99 17.52
C GLN C 862 21.14 55.79 16.58
N ILE C 863 20.59 56.18 15.44
CA ILE C 863 21.31 56.90 14.39
C ILE C 863 20.29 57.61 13.50
N PRO C 864 20.59 58.79 12.97
CA PRO C 864 19.66 59.43 12.02
C PRO C 864 19.55 58.65 10.71
N PHE C 865 18.42 58.84 10.02
CA PHE C 865 18.15 58.00 8.85
C PHE C 865 18.97 58.42 7.62
N PRO C 866 19.11 59.71 7.29
CA PRO C 866 20.03 60.07 6.20
C PRO C 866 21.43 59.55 6.41
N MET C 867 21.89 59.53 7.67
CA MET C 867 23.23 59.04 7.96
C MET C 867 23.39 57.56 7.67
N GLN C 868 22.40 56.72 8.00
CA GLN C 868 22.54 55.30 7.74
C GLN C 868 22.36 54.95 6.27
N MET C 869 21.79 55.85 5.48
CA MET C 869 21.74 55.67 4.03
C MET C 869 23.04 56.09 3.36
N ALA C 870 23.97 56.65 4.13
CA ALA C 870 25.32 56.90 3.67
C ALA C 870 26.30 55.81 4.07
N TYR C 871 26.02 55.08 5.15
CA TYR C 871 26.75 53.85 5.44
C TYR C 871 26.41 52.74 4.46
N ARG C 872 25.18 52.73 3.93
CA ARG C 872 24.77 51.73 2.97
C ARG C 872 25.26 52.04 1.56
N PHE C 873 25.53 53.30 1.25
CA PHE C 873 26.18 53.68 0.00
C PHE C 873 27.67 53.37 0.00
N ASN C 874 28.31 53.36 1.17
CA ASN C 874 29.71 52.98 1.26
C ASN C 874 29.92 51.48 1.12
N GLY C 875 28.88 50.69 1.38
CA GLY C 875 28.98 49.25 1.30
C GLY C 875 28.87 48.67 -0.09
N ILE C 876 28.38 49.44 -1.06
CA ILE C 876 28.34 49.01 -2.44
C ILE C 876 29.30 49.78 -3.33
N GLY C 877 30.27 50.48 -2.76
CA GLY C 877 31.37 51.05 -3.50
C GLY C 877 31.25 52.51 -3.86
N VAL C 878 30.28 53.24 -3.31
CA VAL C 878 30.04 54.62 -3.69
C VAL C 878 30.27 55.51 -2.47
N THR C 879 30.81 56.71 -2.71
CA THR C 879 31.19 57.63 -1.65
C THR C 879 29.94 58.27 -1.02
N GLN C 880 30.14 58.85 0.16
CA GLN C 880 29.01 59.37 0.93
C GLN C 880 28.47 60.70 0.41
N ASN C 881 29.25 61.43 -0.38
CA ASN C 881 28.81 62.73 -0.84
C ASN C 881 27.65 62.65 -1.83
N VAL C 882 27.52 61.55 -2.56
CA VAL C 882 26.44 61.43 -3.54
C VAL C 882 25.07 61.38 -2.87
N LEU C 883 24.96 60.75 -1.72
CA LEU C 883 23.68 60.69 -1.02
C LEU C 883 23.28 62.07 -0.51
N TYR C 884 24.22 62.76 0.16
CA TYR C 884 23.90 64.07 0.73
C TYR C 884 23.61 65.09 -0.36
N GLU C 885 24.31 64.97 -1.50
CA GLU C 885 24.14 65.93 -2.57
C GLU C 885 22.92 65.67 -3.43
N ASN C 886 22.29 64.50 -3.34
CA ASN C 886 21.16 64.14 -4.19
C ASN C 886 20.01 63.57 -3.37
N GLN C 887 20.00 63.90 -2.08
CA GLN C 887 18.97 63.44 -1.15
C GLN C 887 17.55 63.71 -1.62
N LYS C 888 17.27 64.87 -2.22
CA LYS C 888 15.93 65.18 -2.68
C LYS C 888 15.47 64.29 -3.83
N GLN C 889 16.37 63.92 -4.74
CA GLN C 889 16.06 62.96 -5.80
C GLN C 889 15.85 61.54 -5.29
N ILE C 890 16.68 61.10 -4.34
CA ILE C 890 16.57 59.76 -3.77
C ILE C 890 15.33 59.60 -2.89
N ALA C 891 14.91 60.65 -2.19
CA ALA C 891 13.68 60.57 -1.41
C ALA C 891 12.43 60.61 -2.27
N ASN C 892 12.54 60.98 -3.55
CA ASN C 892 11.42 60.93 -4.47
C ASN C 892 11.38 59.64 -5.27
N GLN C 893 12.53 59.14 -5.74
CA GLN C 893 12.56 57.84 -6.39
C GLN C 893 12.07 56.74 -5.44
N PHE C 894 12.55 56.77 -4.19
CA PHE C 894 12.11 55.81 -3.19
C PHE C 894 10.62 55.92 -2.91
N ASN C 895 10.13 57.15 -2.71
CA ASN C 895 8.73 57.35 -2.39
C ASN C 895 7.80 56.94 -3.53
N LYS C 896 8.17 57.21 -4.77
CA LYS C 896 7.36 56.81 -5.91
C LYS C 896 7.42 55.32 -6.20
N ALA C 897 8.59 54.69 -5.99
CA ALA C 897 8.70 53.27 -6.28
C ALA C 897 7.79 52.43 -5.39
N ILE C 898 7.65 52.82 -4.12
CA ILE C 898 6.82 52.08 -3.18
C ILE C 898 5.35 52.31 -3.50
N SER C 899 5.05 53.38 -4.24
CA SER C 899 3.68 53.75 -4.54
C SER C 899 3.15 53.05 -5.79
N GLN C 900 3.99 52.25 -6.46
CA GLN C 900 3.55 51.45 -7.59
C GLN C 900 3.49 49.97 -7.25
N ILE C 901 4.05 49.55 -6.13
CA ILE C 901 3.91 48.16 -5.70
C ILE C 901 2.45 47.82 -5.41
N GLN C 902 1.72 48.70 -4.72
CA GLN C 902 0.36 48.38 -4.35
C GLN C 902 -0.59 48.52 -5.54
N GLU C 903 -0.31 49.46 -6.44
CA GLU C 903 -1.03 49.47 -7.72
C GLU C 903 -0.31 48.68 -8.80
N SER C 904 0.14 47.47 -8.47
CA SER C 904 0.63 46.50 -9.43
C SER C 904 0.10 45.14 -8.99
N LEU C 905 -0.20 45.04 -7.69
CA LEU C 905 -0.79 43.85 -7.13
C LEU C 905 -2.30 43.87 -7.20
N THR C 906 -2.89 45.06 -7.07
CA THR C 906 -4.34 45.21 -7.15
C THR C 906 -4.86 45.09 -8.56
N THR C 907 -3.98 45.01 -9.55
CA THR C 907 -4.39 44.80 -10.93
C THR C 907 -3.94 43.42 -11.42
N THR C 908 -2.65 43.13 -11.29
CA THR C 908 -2.12 41.84 -11.70
C THR C 908 -2.58 40.76 -10.71
N PRO C 909 -3.26 39.72 -11.18
CA PRO C 909 -3.77 38.70 -10.25
C PRO C 909 -2.70 37.72 -9.79
N THR C 910 -1.68 37.50 -10.62
CA THR C 910 -0.65 36.52 -10.30
C THR C 910 0.46 37.12 -9.44
N ALA C 911 1.55 36.36 -9.31
CA ALA C 911 2.74 36.67 -8.53
C ALA C 911 2.49 36.56 -7.04
N LEU C 912 1.23 36.49 -6.63
CA LEU C 912 0.84 35.82 -5.40
C LEU C 912 0.29 34.44 -5.70
N GLY C 913 1.05 33.66 -6.46
CA GLY C 913 0.61 32.37 -6.93
C GLY C 913 1.28 31.18 -6.29
N LYS C 914 2.28 31.38 -5.45
CA LYS C 914 2.83 30.27 -4.67
C LYS C 914 2.15 30.12 -3.32
N LEU C 915 1.32 31.08 -2.92
CA LEU C 915 0.55 30.96 -1.70
C LEU C 915 -0.86 30.46 -1.96
N GLN C 916 -1.43 30.77 -3.13
CA GLN C 916 -2.73 30.24 -3.49
C GLN C 916 -2.69 28.73 -3.72
N ASP C 917 -1.62 28.21 -4.31
CA ASP C 917 -1.48 26.78 -4.51
C ASP C 917 -1.37 26.00 -3.21
N VAL C 918 -0.78 26.57 -2.16
CA VAL C 918 -0.75 25.87 -0.88
C VAL C 918 -2.16 25.62 -0.37
N ILE C 919 -3.05 26.60 -0.49
CA ILE C 919 -4.42 26.40 -0.06
C ILE C 919 -5.15 25.46 -0.99
N ASN C 920 -4.98 25.64 -2.31
CA ASN C 920 -5.70 24.80 -3.25
C ASN C 920 -5.32 23.32 -3.13
N GLN C 921 -4.05 23.01 -3.00
CA GLN C 921 -3.60 21.63 -2.92
C GLN C 921 -4.11 20.90 -1.69
N ASN C 922 -4.16 21.54 -0.52
CA ASN C 922 -4.64 20.81 0.62
C ASN C 922 -6.17 20.76 0.66
N ALA C 923 -6.85 21.77 0.11
CA ALA C 923 -8.30 21.64 -0.04
C ALA C 923 -8.67 20.47 -0.94
N ILE C 924 -8.01 20.35 -2.10
CA ILE C 924 -8.24 19.23 -3.01
C ILE C 924 -7.89 17.90 -2.38
N ALA C 925 -6.81 17.83 -1.61
CA ALA C 925 -6.42 16.60 -0.92
C ALA C 925 -7.38 16.18 0.18
N LEU C 926 -7.94 17.13 0.93
CA LEU C 926 -8.93 16.79 1.92
C LEU C 926 -10.27 16.40 1.32
N ASN C 927 -10.67 17.02 0.21
CA ASN C 927 -11.94 16.66 -0.40
C ASN C 927 -11.90 15.30 -1.11
N THR C 928 -10.75 14.90 -1.64
CA THR C 928 -10.63 13.60 -2.28
C THR C 928 -10.69 12.45 -1.29
N LEU C 929 -10.22 12.64 -0.06
CA LEU C 929 -10.28 11.63 0.97
C LEU C 929 -11.70 11.36 1.44
N VAL C 930 -12.59 12.34 1.36
CA VAL C 930 -13.98 12.16 1.76
C VAL C 930 -14.79 11.52 0.64
N LYS C 931 -14.38 11.74 -0.60
CA LYS C 931 -15.12 11.23 -1.74
C LYS C 931 -14.63 9.84 -2.09
N GLN C 932 -13.76 9.30 -1.25
CA GLN C 932 -13.13 8.02 -1.53
C GLN C 932 -13.77 6.88 -0.75
N LEU C 933 -14.47 7.15 0.34
CA LEU C 933 -15.20 6.13 1.07
C LEU C 933 -16.62 5.97 0.59
N SER C 934 -16.95 6.51 -0.58
CA SER C 934 -18.16 6.16 -1.31
C SER C 934 -17.90 5.12 -2.39
N SER C 935 -16.82 4.35 -2.23
CA SER C 935 -16.41 3.28 -3.18
C SER C 935 -16.58 1.91 -2.55
N ASN C 936 -16.49 0.82 -3.30
CA ASN C 936 -16.82 -0.55 -2.83
C ASN C 936 -15.59 -1.42 -2.69
N PHE C 937 -14.56 -1.16 -3.47
CA PHE C 937 -13.29 -1.92 -3.40
C PHE C 937 -13.58 -3.38 -3.72
N GLY C 938 -14.61 -3.62 -4.53
CA GLY C 938 -14.95 -4.99 -4.95
C GLY C 938 -15.78 -5.74 -3.92
N ALA C 939 -16.86 -5.12 -3.43
CA ALA C 939 -17.70 -5.74 -2.40
C ALA C 939 -19.17 -5.43 -2.69
N ILE C 940 -20.09 -6.11 -2.03
CA ILE C 940 -21.54 -5.95 -2.35
C ILE C 940 -21.98 -4.50 -2.19
N SER C 941 -21.36 -3.70 -1.33
CA SER C 941 -21.82 -2.31 -1.10
C SER C 941 -20.76 -1.44 -0.44
N SER C 942 -20.97 -0.13 -0.46
CA SER C 942 -20.07 0.83 0.19
C SER C 942 -20.54 1.07 1.62
N VAL C 943 -21.79 0.75 1.92
CA VAL C 943 -22.36 0.97 3.28
C VAL C 943 -22.12 -0.30 4.11
N LEU C 944 -21.53 -0.13 5.31
CA LEU C 944 -21.14 -1.21 6.25
C LEU C 944 -22.27 -1.63 7.16
N ASN C 945 -23.42 -1.03 7.00
CA ASN C 945 -24.64 -1.46 7.72
C ASN C 945 -25.55 -2.23 6.77
N ASP C 946 -25.38 -2.08 5.48
CA ASP C 946 -26.17 -2.89 4.52
C ASP C 946 -25.59 -4.30 4.37
N ILE C 947 -24.33 -4.51 4.73
CA ILE C 947 -23.72 -5.86 4.70
C ILE C 947 -24.11 -6.60 5.98
N LEU C 948 -24.16 -5.90 7.08
CA LEU C 948 -24.42 -6.55 8.38
C LEU C 948 -25.93 -6.64 8.58
N SER C 949 -26.70 -6.23 7.59
CA SER C 949 -28.18 -6.33 7.65
C SER C 949 -28.69 -7.42 6.72
N ARG C 950 -27.84 -8.00 5.89
CA ARG C 950 -28.29 -8.98 4.90
C ARG C 950 -27.48 -10.25 5.00
N LEU C 951 -26.32 -10.19 5.66
CA LEU C 951 -25.39 -11.35 5.73
C LEU C 951 -25.08 -11.71 7.19
N ASP C 952 -24.65 -12.95 7.43
CA ASP C 952 -24.40 -13.44 8.81
C ASP C 952 -22.92 -13.39 9.18
N PRO C 953 -22.58 -13.44 10.49
CA PRO C 953 -21.19 -13.31 10.93
C PRO C 953 -20.08 -13.99 10.11
N PRO C 954 -20.22 -15.21 9.57
CA PRO C 954 -19.15 -15.76 8.73
C PRO C 954 -18.92 -15.27 7.28
N GLU C 955 -19.90 -14.67 6.63
CA GLU C 955 -19.75 -14.24 5.21
C GLU C 955 -19.77 -12.71 5.18
N ALA C 956 -19.97 -12.09 6.32
CA ALA C 956 -19.97 -10.63 6.44
C ALA C 956 -18.58 -10.16 6.85
N GLU C 957 -17.68 -11.08 7.20
CA GLU C 957 -16.34 -10.73 7.68
C GLU C 957 -15.35 -11.01 6.56
N VAL C 958 -15.83 -11.23 5.35
CA VAL C 958 -14.97 -11.42 4.17
C VAL C 958 -15.25 -10.22 3.28
N GLN C 959 -16.44 -9.67 3.39
CA GLN C 959 -16.83 -8.50 2.61
C GLN C 959 -16.45 -7.23 3.38
N ILE C 960 -16.26 -7.33 4.69
CA ILE C 960 -15.85 -6.16 5.50
C ILE C 960 -14.34 -6.00 5.38
N ASP C 961 -13.61 -7.10 5.27
CA ASP C 961 -12.14 -7.04 5.14
C ASP C 961 -11.77 -6.33 3.85
N ARG C 962 -12.60 -6.44 2.84
CA ARG C 962 -12.33 -5.79 1.54
C ARG C 962 -12.66 -4.31 1.61
N LEU C 963 -13.19 -3.82 2.73
CA LEU C 963 -13.52 -2.39 2.88
C LEU C 963 -12.52 -1.75 3.85
N ILE C 964 -12.05 -2.45 4.88
CA ILE C 964 -11.02 -1.90 5.74
C ILE C 964 -9.69 -1.81 5.00
N THR C 965 -9.40 -2.81 4.16
CA THR C 965 -8.15 -2.78 3.42
C THR C 965 -8.07 -1.56 2.50
N GLY C 966 -9.16 -1.25 1.80
CA GLY C 966 -9.16 -0.08 0.94
C GLY C 966 -9.08 1.22 1.69
N ARG C 967 -9.85 1.34 2.75
CA ARG C 967 -9.87 2.61 3.49
C ARG C 967 -8.53 2.82 4.20
N LEU C 968 -7.86 1.80 4.73
CA LEU C 968 -6.56 1.97 5.33
C LEU C 968 -5.53 2.49 4.35
N GLN C 969 -5.50 1.94 3.14
CA GLN C 969 -4.50 2.36 2.16
C GLN C 969 -4.80 3.73 1.57
N SER C 970 -6.07 4.13 1.50
CA SER C 970 -6.39 5.51 1.16
C SER C 970 -5.82 6.52 2.17
N LEU C 971 -6.01 6.26 3.47
CA LEU C 971 -5.43 7.10 4.50
C LEU C 971 -3.91 7.09 4.43
N GLN C 972 -3.33 5.92 4.19
CA GLN C 972 -1.88 5.83 4.09
C GLN C 972 -1.34 6.69 2.96
N THR C 973 -2.03 6.67 1.81
CA THR C 973 -1.65 7.52 0.70
C THR C 973 -1.74 9.00 1.06
N TYR C 974 -2.83 9.40 1.73
CA TYR C 974 -2.93 10.80 2.14
C TYR C 974 -1.79 11.22 3.06
N VAL C 975 -1.44 10.38 4.02
CA VAL C 975 -0.37 10.71 4.96
C VAL C 975 1.01 10.76 4.31
N THR C 976 1.34 9.79 3.45
CA THR C 976 2.62 9.83 2.78
C THR C 976 2.71 10.95 1.76
N GLN C 977 1.58 11.44 1.26
CA GLN C 977 1.59 12.62 0.41
C GLN C 977 1.78 13.90 1.22
N GLN C 978 1.23 13.98 2.43
CA GLN C 978 1.47 15.15 3.27
C GLN C 978 2.90 15.23 3.80
N LEU C 979 3.52 14.10 4.11
CA LEU C 979 4.90 14.12 4.59
C LEU C 979 5.86 14.68 3.55
N ILE C 980 5.65 14.39 2.27
CA ILE C 980 6.52 14.91 1.23
C ILE C 980 6.36 16.41 1.03
N ARG C 981 5.13 16.93 1.08
CA ARG C 981 4.89 18.37 0.98
C ARG C 981 5.42 19.15 2.17
N ALA C 982 5.35 18.57 3.37
CA ALA C 982 5.94 19.24 4.53
C ALA C 982 7.43 19.47 4.36
N ALA C 983 8.15 18.52 3.80
CA ALA C 983 9.58 18.66 3.57
C ALA C 983 9.92 19.75 2.56
N ASP C 984 9.08 19.94 1.53
CA ASP C 984 9.29 21.03 0.60
C ASP C 984 8.96 22.39 1.19
N ILE C 985 7.94 22.47 2.05
CA ILE C 985 7.66 23.73 2.72
C ILE C 985 8.76 24.09 3.72
N ARG C 986 9.36 23.09 4.36
CA ARG C 986 10.46 23.34 5.30
C ARG C 986 11.66 24.01 4.65
N ALA C 987 12.03 23.60 3.44
CA ALA C 987 13.13 24.25 2.74
C ALA C 987 12.86 25.71 2.44
N SER C 988 11.66 26.05 1.99
CA SER C 988 11.27 27.44 1.80
C SER C 988 11.25 28.24 3.09
N ALA C 989 10.81 27.64 4.20
CA ALA C 989 10.90 28.31 5.49
C ALA C 989 12.33 28.57 5.91
N ASN C 990 13.23 27.61 5.70
CA ASN C 990 14.64 27.83 6.00
C ASN C 990 15.22 28.95 5.15
N LEU C 991 14.88 28.97 3.86
CA LEU C 991 15.37 30.03 2.98
C LEU C 991 14.85 31.40 3.42
N ALA C 992 13.59 31.48 3.83
CA ALA C 992 13.04 32.73 4.32
C ALA C 992 13.69 33.18 5.64
N ALA C 993 13.97 32.23 6.53
CA ALA C 993 14.68 32.58 7.76
C ALA C 993 16.08 33.11 7.48
N THR C 994 16.79 32.51 6.52
CA THR C 994 18.09 33.03 6.12
C THR C 994 17.97 34.40 5.50
N LYS C 995 16.96 34.60 4.65
CA LYS C 995 16.74 35.87 3.97
C LYS C 995 16.40 37.01 4.93
N MET C 996 15.58 36.76 5.94
CA MET C 996 15.30 37.78 6.93
C MET C 996 16.50 38.09 7.82
N SER C 997 17.41 37.14 8.01
CA SER C 997 18.61 37.42 8.77
C SER C 997 19.64 38.21 7.98
N GLU C 998 19.83 37.92 6.70
CA GLU C 998 20.87 38.58 5.92
C GLU C 998 20.38 39.78 5.12
N CYS C 999 19.16 39.77 4.58
CA CYS C 999 18.68 40.87 3.77
C CYS C 999 18.02 41.97 4.58
N VAL C 1000 17.41 41.64 5.72
CA VAL C 1000 16.70 42.62 6.53
C VAL C 1000 17.56 43.24 7.61
N LEU C 1001 18.56 42.53 8.11
CA LEU C 1001 19.43 43.15 9.11
C LEU C 1001 20.92 42.92 8.83
N GLY C 1002 21.29 42.77 7.56
CA GLY C 1002 22.69 42.54 7.25
C GLY C 1002 23.37 43.32 6.13
N GLN C 1003 22.60 43.85 5.17
CA GLN C 1003 23.16 44.41 3.93
C GLN C 1003 24.05 43.52 3.09
N SER C 1004 23.53 42.37 2.66
CA SER C 1004 24.29 41.34 1.97
C SER C 1004 25.13 41.80 0.78
N LYS C 1005 26.28 41.15 0.55
CA LYS C 1005 27.13 41.39 -0.64
C LYS C 1005 26.88 40.26 -1.62
N ARG C 1006 26.32 39.13 -1.19
CA ARG C 1006 25.94 38.06 -2.14
C ARG C 1006 25.19 38.77 -3.25
N VAL C 1007 25.30 38.32 -4.48
CA VAL C 1007 24.84 39.06 -5.66
C VAL C 1007 23.33 38.99 -5.88
N ASP C 1008 22.81 37.83 -6.28
CA ASP C 1008 21.38 37.71 -6.55
C ASP C 1008 20.61 37.15 -5.36
N PHE C 1009 20.78 37.72 -4.18
CA PHE C 1009 20.10 37.21 -3.00
C PHE C 1009 19.03 38.15 -2.49
N CYS C 1010 19.26 39.47 -2.55
CA CYS C 1010 18.31 40.42 -2.05
C CYS C 1010 17.85 41.31 -3.19
N GLY C 1011 17.60 40.70 -4.35
CA GLY C 1011 17.09 41.45 -5.52
C GLY C 1011 18.06 41.61 -6.67
N LYS C 1012 17.64 42.26 -7.76
CA LYS C 1012 18.51 42.52 -8.95
C LYS C 1012 19.15 43.90 -8.84
N GLY C 1013 20.48 43.95 -8.74
CA GLY C 1013 21.20 45.22 -8.55
C GLY C 1013 22.08 45.15 -7.33
N TYR C 1014 22.57 46.27 -6.82
CA TYR C 1014 23.35 46.30 -5.57
C TYR C 1014 22.33 46.53 -4.46
N HIS C 1015 22.42 45.81 -3.36
CA HIS C 1015 21.38 45.79 -2.34
C HIS C 1015 21.64 46.86 -1.29
N LEU C 1016 20.59 47.58 -0.91
CA LEU C 1016 20.67 48.57 0.15
C LEU C 1016 19.92 48.13 1.41
N MET C 1017 18.64 47.81 1.30
CA MET C 1017 17.85 47.40 2.46
C MET C 1017 16.67 46.56 1.98
N SER C 1018 15.98 45.95 2.95
CA SER C 1018 14.80 45.15 2.67
C SER C 1018 13.79 45.31 3.81
N PHE C 1019 12.52 45.20 3.47
CA PHE C 1019 11.42 45.26 4.43
C PHE C 1019 10.53 44.03 4.31
N PRO C 1020 10.17 43.39 5.42
CA PRO C 1020 9.23 42.26 5.37
C PRO C 1020 7.79 42.66 5.61
N GLN C 1021 6.88 41.91 4.98
CA GLN C 1021 5.45 42.07 5.22
C GLN C 1021 4.81 40.69 5.30
N ALA C 1022 3.80 40.58 6.16
CA ALA C 1022 3.13 39.31 6.41
C ALA C 1022 2.01 39.08 5.40
N ALA C 1023 1.94 37.87 4.89
CA ALA C 1023 0.92 37.40 3.97
C ALA C 1023 0.42 36.05 4.44
N PRO C 1024 -0.83 35.68 4.10
CA PRO C 1024 -1.37 34.41 4.54
C PRO C 1024 -0.52 33.22 4.15
N HIS C 1025 -0.05 32.46 5.14
CA HIS C 1025 0.79 31.28 5.01
C HIS C 1025 2.18 31.61 4.45
N GLY C 1026 2.58 32.86 4.40
CA GLY C 1026 3.84 33.22 3.79
C GLY C 1026 4.38 34.56 4.20
N VAL C 1027 5.28 35.08 3.37
CA VAL C 1027 5.96 36.34 3.64
C VAL C 1027 6.32 36.98 2.32
N VAL C 1028 6.39 38.32 2.31
CA VAL C 1028 6.75 39.08 1.13
C VAL C 1028 7.86 40.05 1.49
N PHE C 1029 8.97 39.99 0.77
CA PHE C 1029 10.08 40.90 0.97
C PHE C 1029 10.06 41.99 -0.10
N LEU C 1030 10.25 43.24 0.34
CA LEU C 1030 10.49 44.36 -0.57
C LEU C 1030 11.97 44.70 -0.50
N HIS C 1031 12.67 44.52 -1.61
CA HIS C 1031 14.10 44.78 -1.72
C HIS C 1031 14.32 46.13 -2.40
N VAL C 1032 15.16 46.98 -1.79
CA VAL C 1032 15.54 48.26 -2.37
C VAL C 1032 16.95 48.12 -2.96
N THR C 1033 17.15 48.65 -4.16
CA THR C 1033 18.35 48.35 -4.93
C THR C 1033 18.81 49.57 -5.71
N TYR C 1034 20.13 49.68 -5.85
CA TYR C 1034 20.81 50.72 -6.61
C TYR C 1034 21.26 50.14 -7.94
N VAL C 1035 20.87 50.76 -9.06
CA VAL C 1035 21.20 50.26 -10.38
C VAL C 1035 21.77 51.37 -11.24
N PRO C 1036 22.93 51.19 -11.87
CA PRO C 1036 23.53 52.28 -12.65
C PRO C 1036 22.81 52.54 -13.97
N SER C 1037 23.00 53.75 -14.50
CA SER C 1037 22.36 54.15 -15.76
C SER C 1037 23.14 55.28 -16.40
N GLN C 1038 22.88 55.47 -17.70
CA GLN C 1038 23.49 56.52 -18.51
C GLN C 1038 25.01 56.43 -18.55
N ASP C 1039 25.53 55.38 -19.17
CA ASP C 1039 26.96 55.17 -19.28
C ASP C 1039 27.56 56.09 -20.34
N LYS C 1040 28.89 56.20 -20.32
CA LYS C 1040 29.63 57.00 -21.28
C LYS C 1040 30.99 56.34 -21.46
N ASN C 1041 31.58 56.54 -22.64
CA ASN C 1041 32.84 55.90 -22.98
C ASN C 1041 34.01 56.86 -22.83
N PHE C 1042 35.07 56.38 -22.21
CA PHE C 1042 36.33 57.10 -22.08
C PHE C 1042 37.45 56.16 -22.52
N THR C 1043 38.63 56.73 -22.76
CA THR C 1043 39.80 55.92 -23.07
C THR C 1043 40.67 55.78 -21.83
N THR C 1044 41.31 54.62 -21.70
CA THR C 1044 41.96 54.21 -20.46
C THR C 1044 43.40 53.81 -20.73
N ALA C 1045 44.14 53.59 -19.64
CA ALA C 1045 45.52 53.14 -19.70
C ALA C 1045 45.75 52.22 -18.51
N PRO C 1046 46.55 51.15 -18.66
CA PRO C 1046 46.90 50.33 -17.53
C PRO C 1046 47.69 51.08 -16.45
N ALA C 1047 48.53 52.04 -16.82
CA ALA C 1047 49.40 52.75 -15.85
C ALA C 1047 49.99 54.05 -16.39
N ILE C 1048 50.21 55.05 -15.53
CA ILE C 1048 50.81 56.35 -15.91
C ILE C 1048 52.29 56.34 -15.52
N CYS C 1049 53.16 56.94 -16.32
CA CYS C 1049 54.61 57.03 -15.93
C CYS C 1049 55.15 58.44 -15.73
N HIS C 1050 55.79 58.70 -14.58
CA HIS C 1050 56.42 60.00 -14.27
C HIS C 1050 57.82 59.74 -13.74
N LYS C 1051 58.82 60.43 -14.29
CA LYS C 1051 60.20 60.33 -13.74
C LYS C 1051 60.77 58.95 -13.95
N GLY C 1052 60.31 58.23 -14.96
CA GLY C 1052 60.98 56.94 -15.24
C GLY C 1052 60.52 55.85 -14.30
N LYS C 1053 59.54 56.14 -13.46
CA LYS C 1053 58.99 55.15 -12.49
C LYS C 1053 57.49 54.99 -12.71
N ALA C 1054 56.94 53.78 -12.53
CA ALA C 1054 55.51 53.52 -12.85
C ALA C 1054 54.59 53.81 -11.66
N TYR C 1055 53.37 54.25 -11.94
CA TYR C 1055 52.36 54.53 -10.90
C TYR C 1055 51.10 53.74 -11.27
N PHE C 1056 50.55 52.95 -10.34
CA PHE C 1056 49.40 52.08 -10.65
C PHE C 1056 48.24 52.46 -9.72
N PRO C 1057 46.97 52.33 -10.14
CA PRO C 1057 45.85 52.77 -9.32
C PRO C 1057 45.60 51.86 -8.09
N ARG C 1058 45.32 52.44 -6.93
CA ARG C 1058 45.15 51.62 -5.70
C ARG C 1058 43.80 50.94 -5.79
N GLU C 1059 42.74 51.70 -6.03
CA GLU C 1059 41.39 51.15 -6.26
C GLU C 1059 40.69 52.07 -7.25
N GLY C 1060 40.55 51.70 -8.53
CA GLY C 1060 39.96 52.63 -9.50
C GLY C 1060 40.42 52.45 -10.93
N VAL C 1061 40.32 53.49 -11.77
CA VAL C 1061 40.66 53.40 -13.21
C VAL C 1061 41.27 54.73 -13.68
N PHE C 1062 42.13 54.74 -14.72
CA PHE C 1062 42.71 55.98 -15.19
C PHE C 1062 41.90 56.42 -16.41
N VAL C 1063 41.34 57.62 -16.36
CA VAL C 1063 40.53 58.13 -17.46
C VAL C 1063 41.13 59.43 -17.97
N THR C 1064 40.77 59.78 -19.19
CA THR C 1064 41.24 61.02 -19.80
C THR C 1064 40.13 61.68 -20.59
N ASN C 1065 40.01 63.00 -20.46
CA ASN C 1065 39.06 63.85 -21.26
C ASN C 1065 39.70 64.26 -22.59
N GLY C 1066 41.03 64.25 -22.65
CA GLY C 1066 41.80 64.94 -23.67
C GLY C 1066 42.86 65.83 -23.06
N THR C 1067 44.10 65.36 -23.08
CA THR C 1067 45.26 66.06 -22.51
C THR C 1067 45.03 66.39 -21.03
N HIS C 1068 44.36 65.47 -20.36
CA HIS C 1068 44.16 65.51 -18.91
C HIS C 1068 43.86 64.10 -18.41
N TRP C 1069 44.42 63.73 -17.27
CA TRP C 1069 44.30 62.37 -16.74
C TRP C 1069 43.80 62.41 -15.30
N PHE C 1070 42.84 61.54 -14.99
CA PHE C 1070 42.19 61.49 -13.68
C PHE C 1070 42.05 60.04 -13.22
N VAL C 1071 41.74 59.89 -11.94
CA VAL C 1071 41.48 58.60 -11.31
C VAL C 1071 40.00 58.55 -10.94
N THR C 1072 39.31 57.48 -11.31
CA THR C 1072 37.87 57.40 -11.10
C THR C 1072 37.50 56.16 -10.30
N GLN C 1073 36.30 56.17 -9.74
CA GLN C 1073 35.67 54.97 -9.17
C GLN C 1073 34.74 54.37 -10.22
N ARG C 1074 34.65 53.04 -10.23
CA ARG C 1074 34.02 52.35 -11.35
C ARG C 1074 32.50 52.50 -11.39
N ASN C 1075 31.84 52.72 -10.26
CA ASN C 1075 30.38 52.68 -10.21
C ASN C 1075 29.74 54.05 -10.36
N PHE C 1076 30.53 55.10 -10.50
CA PHE C 1076 29.99 56.46 -10.63
C PHE C 1076 31.11 57.39 -11.10
N TYR C 1077 30.85 58.16 -12.16
CA TYR C 1077 31.89 59.02 -12.71
C TYR C 1077 32.19 60.17 -11.76
N GLN C 1078 33.44 60.26 -11.31
CA GLN C 1078 33.87 61.31 -10.40
C GLN C 1078 35.38 61.44 -10.50
N PRO C 1079 35.87 62.21 -11.45
CA PRO C 1079 37.32 62.30 -11.68
C PRO C 1079 38.03 63.03 -10.55
N GLU C 1080 39.19 62.51 -10.16
CA GLU C 1080 40.04 63.09 -9.13
C GLU C 1080 41.39 63.42 -9.74
N VAL C 1081 42.28 63.96 -8.92
CA VAL C 1081 43.61 64.37 -9.35
C VAL C 1081 44.63 63.40 -8.77
N ILE C 1082 45.59 62.99 -9.60
CA ILE C 1082 46.56 61.99 -9.18
C ILE C 1082 47.41 62.54 -8.06
N THR C 1083 47.52 61.79 -6.98
CA THR C 1083 48.34 62.16 -5.83
C THR C 1083 49.08 60.94 -5.31
N THR C 1084 49.61 61.02 -4.09
CA THR C 1084 50.36 59.92 -3.50
C THR C 1084 49.52 59.05 -2.58
N GLU C 1085 48.22 59.32 -2.45
CA GLU C 1085 47.34 58.48 -1.66
C GLU C 1085 46.38 57.64 -2.50
N ASN C 1086 46.06 58.07 -3.71
CA ASN C 1086 45.26 57.29 -4.63
C ASN C 1086 46.09 56.74 -5.78
N THR C 1087 47.40 56.63 -5.60
CA THR C 1087 48.29 56.06 -6.60
C THR C 1087 49.48 55.49 -5.87
N PHE C 1088 49.91 54.31 -6.31
CA PHE C 1088 50.95 53.56 -5.63
C PHE C 1088 52.08 53.26 -6.62
N GLU C 1089 53.29 53.63 -6.23
CA GLU C 1089 54.46 53.53 -7.15
C GLU C 1089 55.11 52.18 -6.98
N SER C 1090 55.44 51.58 -8.10
CA SER C 1090 56.11 50.29 -8.05
C SER C 1090 56.76 49.87 -9.37
N GLY C 1091 58.06 50.07 -9.51
CA GLY C 1091 58.78 49.66 -10.69
C GLY C 1091 59.14 50.82 -11.60
N ASN C 1092 59.69 50.46 -12.75
CA ASN C 1092 60.08 51.41 -13.78
C ASN C 1092 59.14 51.32 -14.98
N CYS C 1093 59.28 52.28 -15.90
CA CYS C 1093 58.37 52.37 -17.04
C CYS C 1093 58.72 51.36 -18.12
N ASP C 1094 58.75 50.08 -17.76
CA ASP C 1094 58.96 49.03 -18.79
C ASP C 1094 58.15 47.82 -18.33
N VAL C 1095 58.32 46.66 -18.97
CA VAL C 1095 57.49 45.47 -18.63
C VAL C 1095 56.03 45.75 -18.99
N VAL C 1096 55.33 46.60 -18.22
CA VAL C 1096 53.88 46.85 -18.44
C VAL C 1096 53.62 47.11 -19.93
N ILE C 1097 52.55 46.54 -20.49
CA ILE C 1097 52.16 46.75 -21.92
C ILE C 1097 50.97 47.70 -21.97
N GLY C 1098 51.16 48.94 -22.43
CA GLY C 1098 50.08 49.90 -22.44
C GLY C 1098 50.35 51.13 -21.61
N ILE C 1099 51.64 51.40 -21.34
CA ILE C 1099 52.02 52.52 -20.50
C ILE C 1099 51.66 53.84 -21.17
N VAL C 1100 51.44 54.87 -20.34
CA VAL C 1100 51.18 56.22 -20.79
C VAL C 1100 51.96 57.18 -19.90
N ASN C 1101 52.39 58.28 -20.50
CA ASN C 1101 53.27 59.28 -19.89
C ASN C 1101 52.43 60.43 -19.41
N ASN C 1102 52.65 60.85 -18.18
CA ASN C 1102 52.03 62.06 -17.67
C ASN C 1102 52.48 62.30 -16.23
N THR C 1103 52.08 63.42 -15.65
CA THR C 1103 52.46 63.76 -14.29
C THR C 1103 51.73 62.89 -13.27
N VAL C 1104 52.44 62.56 -12.18
CA VAL C 1104 51.93 61.72 -11.12
C VAL C 1104 51.96 62.50 -9.80
N TYR C 1105 51.74 63.81 -9.88
CA TYR C 1105 51.80 64.67 -8.70
C TYR C 1105 50.95 64.16 -7.54
#